data_3TW6
#
_entry.id   3TW6
#
_cell.length_a   370.445
_cell.length_b   91.550
_cell.length_c   261.354
_cell.angle_alpha   90.00
_cell.angle_beta   134.71
_cell.angle_gamma   90.00
#
_symmetry.space_group_name_H-M   'C 1 2 1'
#
loop_
_entity.id
_entity.type
_entity.pdbx_description
1 polymer 'Pyruvate carboxylase protein'
2 non-polymer 'CHLORIDE ION'
3 non-polymer "ADENOSINE-5'-DIPHOSPHATE"
4 non-polymer 'ZINC ION'
5 non-polymer 'MAGNESIUM ION'
6 non-polymer 'COENZYME A'
7 non-polymer 5-(HEXAHYDRO-2-OXO-1H-THIENO[3,4-D]IMIDAZOL-6-YL)PENTANAL
8 non-polymer 'PHOSPHONOACETIC ACID'
9 water water
#
_entity_poly.entity_id   1
_entity_poly.type   'polypeptide(L)'
_entity_poly.pdbx_seq_one_letter_code
;MHHHHHHHHHGGPISKILVANRSEIAIRVFRAANELGIKTVAIWAEEDKLALHRFKADESYQVGRGPHLARDLGPIESYL
SIDEVIRVAKLSGADAIHPGYGLLSESPEFVDACNKAGIIFIGPKADTMRQLGNKVAARNLAISVGVPVVPATEPLPDDM
AEVAKMAAAIGYPVMLKASWGGGGRGMRVIRSEADLAKEVTEAKREAMAAFGKDEVYLEKLVERARHVESQILGDTHGNV
VHLFERDCSVQRRNQKVVERAPAPYLSEAQRQELAAYSLKIAGATNYIGAGTVEYLMDADTGKFYFIEVNPRIQVEHTVT
EVVTGIDIVKAQIHILDGAAIGTPQSGVPNQEDIRLNGHALQCRVTTEDPEHNFIPDYGRITAYRSASGFGIRLDGGTSY
SGAIITRYYDPLLVKVTAWAPNPLEAISRMDRALREFRIRGVATNLTFLEAIIGHPKFRDNSYTTRFIDTTPELFQQVKR
QDRATKLLTYLADVTVNGHPEAKDRPKPLENAARPVVPYANGNGVKDGTKQLLDTLGPKKFGEWMRNEKRVLLTDTTMRD
GHQSLLATRMRTYDIARIAGTYSHALPNLLSLECWGGATFDVSMRFLTEDPWERLALIREGAPNLLLQMLLRGANGVGYT
NYPDNVVKYFVRQAAKGGIDLFRVFDCLNWVENMRVSMDAIAEENKLCEAAICYTGDILNSARPKYDLKYYTNLAVELEK
AGAHIIAV(KCX)DMAGLLKPAAAKVLFKALREATGLPIHFHTHDTSGIAAATVLAAVEAGVDAVDAAMDALSGNTSQPC
LGSIVEALSGSERDPGLDPAWIRRISFYWEAVRNQYAAFESDLKGPASEVYLHEMPGGQFTNLKEQARSLGLETRWHQVA
QAYADANQMFGDIVKVAPSSKVVGDMALMMVSQDLTVADVVSPDREVSFPESVVSMLKGDLGQPPSGWPEALQKKALKGE
KPYTVRPGSLLKEADLDAERKVIEKKLEREVSDFEFASYLMYPKVFTDFALASDTYGPVSVLPTPAYFYGLADGEELFAD
IEKGKTLVIVNQAVSATDSQGMVTVFFELNGQPRRIKVPDRAHGATGAAVRRKAEPGNAAHVGAPMPGVISRVFVSSGQA
VNAGDVLVSIEAMKMETAIHAEKDGTIAEVLVKAGDQIDAKDLLAVYGG
;
_entity_poly.pdbx_strand_id   A,B,C,D
#
loop_
_chem_comp.id
_chem_comp.type
_chem_comp.name
_chem_comp.formula
ADP non-polymer ADENOSINE-5'-DIPHOSPHATE 'C10 H15 N5 O10 P2'
BTI non-polymer 5-(HEXAHYDRO-2-OXO-1H-THIENO[3,4-D]IMIDAZOL-6-YL)PENTANAL 'C10 H16 N2 O2 S'
CL non-polymer 'CHLORIDE ION' 'Cl -1'
COA non-polymer 'COENZYME A' 'C21 H36 N7 O16 P3 S'
MG non-polymer 'MAGNESIUM ION' 'Mg 2'
PAE non-polymer 'PHOSPHONOACETIC ACID' 'C2 H5 O5 P'
ZN non-polymer 'ZINC ION' 'Zn 2'
#
# COMPACT_ATOMS: atom_id res chain seq x y z
N GLY A 12 -67.51 14.37 -49.10
CA GLY A 12 -67.46 15.83 -48.77
C GLY A 12 -66.89 16.03 -47.38
N PRO A 13 -67.77 15.93 -46.33
CA PRO A 13 -67.28 15.82 -44.95
C PRO A 13 -66.92 14.35 -44.64
N ILE A 14 -65.63 14.02 -44.62
CA ILE A 14 -65.20 12.61 -44.51
C ILE A 14 -65.61 12.00 -43.15
N SER A 15 -66.50 11.03 -43.21
CA SER A 15 -67.04 10.41 -42.04
C SER A 15 -66.40 9.05 -41.81
N LYS A 16 -66.10 8.34 -42.91
CA LYS A 16 -65.77 6.90 -42.91
C LYS A 16 -64.69 6.55 -43.94
N ILE A 17 -63.54 6.03 -43.46
CA ILE A 17 -62.40 5.61 -44.32
C ILE A 17 -62.17 4.07 -44.31
N LEU A 18 -62.03 3.50 -45.51
CA LEU A 18 -61.68 2.10 -45.77
C LEU A 18 -60.19 2.11 -46.08
N VAL A 19 -59.41 1.24 -45.45
CA VAL A 19 -57.95 1.22 -45.69
C VAL A 19 -57.68 -0.02 -46.52
N ALA A 20 -57.36 0.18 -47.80
CA ALA A 20 -57.18 -0.95 -48.71
C ALA A 20 -55.77 -1.47 -48.65
N ASN A 21 -55.50 -2.12 -47.52
CA ASN A 21 -54.17 -2.60 -47.14
C ASN A 21 -54.30 -3.40 -45.84
N ARG A 22 -53.18 -3.44 -45.10
CA ARG A 22 -53.00 -4.39 -44.02
C ARG A 22 -51.84 -4.02 -43.08
N SER A 23 -51.65 -4.90 -42.09
CA SER A 23 -50.54 -4.84 -41.16
C SER A 23 -50.34 -3.40 -40.62
N GLU A 24 -49.09 -2.97 -40.60
CA GLU A 24 -48.69 -1.72 -39.96
C GLU A 24 -49.22 -0.47 -40.66
N ILE A 25 -49.11 -0.45 -41.99
CA ILE A 25 -49.64 0.66 -42.79
C ILE A 25 -51.14 0.87 -42.46
N ALA A 26 -51.92 -0.23 -42.40
CA ALA A 26 -53.35 -0.13 -42.10
C ALA A 26 -53.59 0.41 -40.69
N ILE A 27 -52.77 -0.06 -39.76
CA ILE A 27 -52.93 0.37 -38.42
C ILE A 27 -52.56 1.85 -38.27
N ARG A 28 -51.48 2.25 -38.91
CA ARG A 28 -51.10 3.63 -38.90
C ARG A 28 -52.31 4.51 -39.31
N VAL A 29 -52.98 4.17 -40.42
CA VAL A 29 -54.08 5.01 -40.96
C VAL A 29 -55.28 4.99 -40.04
N PHE A 30 -55.55 3.82 -39.46
CA PHE A 30 -56.61 3.63 -38.47
C PHE A 30 -56.46 4.61 -37.27
N ARG A 31 -55.22 4.77 -36.83
CA ARG A 31 -54.90 5.63 -35.70
C ARG A 31 -55.25 7.06 -36.02
N ALA A 32 -54.75 7.59 -37.13
CA ALA A 32 -55.07 8.98 -37.53
C ALA A 32 -56.57 9.20 -37.70
N ALA A 33 -57.23 8.14 -38.19
CA ALA A 33 -58.66 8.21 -38.45
C ALA A 33 -59.36 8.38 -37.11
N ASN A 34 -59.00 7.51 -36.19
CA ASN A 34 -59.59 7.53 -34.88
C ASN A 34 -59.52 8.87 -34.22
N GLU A 35 -58.31 9.39 -34.11
CA GLU A 35 -58.06 10.61 -33.36
C GLU A 35 -58.85 11.76 -33.96
N LEU A 36 -59.12 11.68 -35.26
CA LEU A 36 -59.93 12.67 -35.98
C LEU A 36 -61.46 12.47 -35.88
N GLY A 37 -61.90 11.38 -35.24
CA GLY A 37 -63.33 11.10 -35.18
C GLY A 37 -63.87 10.49 -36.47
N ILE A 38 -62.99 10.09 -37.39
CA ILE A 38 -63.39 9.36 -38.58
C ILE A 38 -63.57 7.85 -38.28
N LYS A 39 -64.77 7.32 -38.54
CA LYS A 39 -65.01 5.85 -38.51
C LYS A 39 -64.11 5.07 -39.53
N THR A 40 -64.00 3.76 -39.33
CA THR A 40 -63.00 2.98 -40.07
C THR A 40 -63.37 1.55 -40.54
N VAL A 41 -62.85 1.21 -41.72
CA VAL A 41 -63.11 -0.09 -42.39
C VAL A 41 -61.82 -0.82 -42.84
N ALA A 42 -61.69 -2.05 -42.38
CA ALA A 42 -60.58 -2.92 -42.78
C ALA A 42 -61.06 -4.04 -43.68
N ILE A 43 -60.16 -4.43 -44.59
CA ILE A 43 -60.28 -5.58 -45.48
C ILE A 43 -59.20 -6.60 -45.09
N TRP A 44 -59.51 -7.90 -45.20
CA TRP A 44 -58.52 -8.97 -45.00
C TRP A 44 -58.73 -10.11 -45.96
N ALA A 45 -57.65 -10.73 -46.42
CA ALA A 45 -57.76 -12.01 -47.17
C ALA A 45 -57.90 -13.11 -46.15
N GLU A 46 -58.15 -14.33 -46.63
CA GLU A 46 -58.42 -15.48 -45.73
C GLU A 46 -57.20 -15.89 -44.89
N GLU A 47 -56.01 -15.58 -45.39
CA GLU A 47 -54.75 -15.91 -44.74
C GLU A 47 -54.40 -14.91 -43.63
N ASP A 48 -55.07 -13.78 -43.67
CA ASP A 48 -54.92 -12.77 -42.67
C ASP A 48 -56.15 -12.86 -41.83
N LYS A 49 -56.84 -14.00 -41.92
CA LYS A 49 -57.98 -14.27 -41.03
C LYS A 49 -57.68 -13.71 -39.63
N LEU A 50 -56.50 -14.07 -39.10
CA LEU A 50 -56.12 -13.81 -37.70
C LEU A 50 -55.46 -12.44 -37.41
N ALA A 51 -55.08 -11.72 -38.47
CA ALA A 51 -54.26 -10.44 -38.38
C ALA A 51 -54.94 -9.38 -37.50
N LEU A 52 -54.16 -8.65 -36.70
CA LEU A 52 -54.81 -7.78 -35.72
C LEU A 52 -55.48 -6.49 -36.34
N HIS A 53 -54.99 -6.06 -37.52
CA HIS A 53 -55.51 -4.91 -38.24
C HIS A 53 -56.97 -5.07 -38.61
N ARG A 54 -57.41 -6.30 -38.83
CA ARG A 54 -58.84 -6.49 -39.04
C ARG A 54 -59.71 -6.32 -37.77
N PHE A 55 -59.10 -6.39 -36.59
CA PHE A 55 -59.82 -6.18 -35.34
C PHE A 55 -59.68 -4.76 -34.93
N LYS A 56 -58.55 -4.18 -35.30
CA LYS A 56 -58.24 -2.78 -34.95
C LYS A 56 -59.10 -1.70 -35.69
N ALA A 57 -59.94 -2.14 -36.62
CA ALA A 57 -60.97 -1.27 -37.23
C ALA A 57 -62.38 -1.44 -36.59
N ASP A 58 -63.26 -0.44 -36.75
CA ASP A 58 -64.63 -0.56 -36.26
C ASP A 58 -65.49 -1.45 -37.14
N GLU A 59 -65.05 -1.71 -38.37
CA GLU A 59 -65.73 -2.64 -39.29
C GLU A 59 -64.72 -3.45 -40.09
N SER A 60 -65.08 -4.67 -40.46
CA SER A 60 -64.17 -5.56 -41.21
C SER A 60 -64.91 -6.41 -42.24
N TYR A 61 -64.30 -6.61 -43.41
CA TYR A 61 -64.84 -7.48 -44.49
C TYR A 61 -63.75 -8.29 -45.14
N GLN A 62 -64.11 -9.49 -45.55
CA GLN A 62 -63.18 -10.37 -46.22
C GLN A 62 -63.03 -9.90 -47.66
N VAL A 63 -61.84 -10.06 -48.20
CA VAL A 63 -61.64 -9.80 -49.62
C VAL A 63 -61.09 -11.06 -50.27
N GLY A 64 -61.65 -11.43 -51.41
CA GLY A 64 -61.03 -12.46 -52.23
C GLY A 64 -61.58 -13.85 -52.13
N ARG A 65 -62.77 -13.96 -51.54
CA ARG A 65 -63.49 -15.23 -51.58
C ARG A 65 -65.03 -15.02 -51.71
N GLY A 66 -65.74 -15.98 -52.33
CA GLY A 66 -67.20 -16.01 -52.26
C GLY A 66 -68.00 -16.10 -53.53
N PRO A 67 -69.30 -16.49 -53.44
CA PRO A 67 -70.33 -16.58 -54.47
C PRO A 67 -70.14 -15.71 -55.70
N HIS A 68 -69.70 -14.46 -55.52
CA HIS A 68 -69.51 -13.53 -56.66
C HIS A 68 -68.25 -13.82 -57.47
N LEU A 69 -67.38 -14.67 -56.91
CA LEU A 69 -66.15 -15.14 -57.53
C LEU A 69 -66.38 -16.65 -57.75
N ALA A 70 -66.13 -17.23 -58.94
CA ALA A 70 -65.26 -16.76 -60.03
C ALA A 70 -63.81 -16.76 -59.55
N ARG A 71 -63.36 -17.96 -59.16
CA ARG A 71 -62.02 -18.21 -58.56
C ARG A 71 -61.90 -17.82 -57.08
N ASP A 72 -61.22 -18.68 -56.33
CA ASP A 72 -60.69 -18.30 -55.03
C ASP A 72 -59.38 -17.56 -55.17
N LEU A 73 -59.35 -16.29 -54.73
CA LEU A 73 -58.20 -15.38 -54.95
C LEU A 73 -56.96 -15.61 -54.06
N GLY A 74 -55.85 -15.03 -54.52
CA GLY A 74 -54.56 -15.14 -53.84
C GLY A 74 -54.38 -14.22 -52.66
N PRO A 75 -53.36 -14.48 -51.84
CA PRO A 75 -53.24 -13.71 -50.63
C PRO A 75 -52.74 -12.29 -50.92
N ILE A 76 -51.84 -12.16 -51.89
CA ILE A 76 -51.40 -10.84 -52.29
C ILE A 76 -52.43 -10.26 -53.27
N GLU A 77 -52.73 -11.04 -54.31
CA GLU A 77 -53.79 -10.77 -55.29
C GLU A 77 -55.03 -10.18 -54.65
N SER A 78 -55.48 -10.81 -53.56
CA SER A 78 -56.69 -10.41 -52.82
C SER A 78 -56.65 -8.97 -52.40
N TYR A 79 -55.46 -8.43 -52.17
CA TYR A 79 -55.30 -7.05 -51.74
C TYR A 79 -55.09 -6.05 -52.89
N LEU A 80 -54.63 -6.57 -54.02
CA LEU A 80 -54.38 -5.77 -55.22
C LEU A 80 -55.59 -5.73 -56.15
N SER A 81 -56.70 -6.33 -55.71
CA SER A 81 -57.85 -6.45 -56.57
C SER A 81 -58.80 -5.27 -56.48
N ILE A 82 -58.73 -4.40 -57.50
CA ILE A 82 -59.65 -3.28 -57.67
C ILE A 82 -61.10 -3.67 -57.36
N ASP A 83 -61.63 -4.65 -58.10
CA ASP A 83 -63.04 -5.03 -57.96
C ASP A 83 -63.43 -5.16 -56.48
N GLU A 84 -62.73 -6.04 -55.78
CA GLU A 84 -63.01 -6.35 -54.36
C GLU A 84 -62.91 -5.12 -53.46
N VAL A 85 -61.84 -4.36 -53.65
CA VAL A 85 -61.66 -3.16 -52.87
C VAL A 85 -62.88 -2.26 -53.02
N ILE A 86 -63.25 -1.99 -54.28
CA ILE A 86 -64.41 -1.16 -54.58
C ILE A 86 -65.64 -1.78 -53.89
N ARG A 87 -65.82 -3.07 -54.13
CA ARG A 87 -66.93 -3.81 -53.54
C ARG A 87 -67.14 -3.51 -52.04
N VAL A 88 -66.05 -3.65 -51.27
CA VAL A 88 -66.13 -3.51 -49.78
C VAL A 88 -66.28 -2.03 -49.36
N ALA A 89 -65.70 -1.14 -50.15
CA ALA A 89 -66.01 0.29 -50.09
C ALA A 89 -67.51 0.61 -50.30
N LYS A 90 -68.05 0.14 -51.42
CA LYS A 90 -69.46 0.42 -51.72
C LYS A 90 -70.39 -0.22 -50.65
N LEU A 91 -70.07 -1.44 -50.20
CA LEU A 91 -70.98 -2.18 -49.29
C LEU A 91 -70.91 -1.63 -47.86
N SER A 92 -69.72 -1.14 -47.50
CA SER A 92 -69.42 -0.58 -46.18
C SER A 92 -70.00 0.81 -45.96
N GLY A 93 -70.20 1.52 -47.07
CA GLY A 93 -70.65 2.91 -47.05
C GLY A 93 -69.49 3.87 -46.82
N ALA A 94 -68.33 3.54 -47.41
CA ALA A 94 -67.12 4.36 -47.28
C ALA A 94 -67.01 5.59 -48.25
N ASP A 95 -66.96 6.82 -47.71
CA ASP A 95 -66.75 8.02 -48.56
C ASP A 95 -65.30 8.10 -49.11
N ALA A 96 -64.33 7.51 -48.42
CA ALA A 96 -62.92 7.57 -48.88
C ALA A 96 -62.11 6.27 -48.74
N ILE A 97 -61.08 6.10 -49.58
CA ILE A 97 -60.10 5.01 -49.46
C ILE A 97 -58.69 5.56 -49.29
N HIS A 98 -57.99 5.07 -48.25
CA HIS A 98 -56.53 5.22 -48.16
C HIS A 98 -55.87 3.94 -48.65
N PRO A 99 -54.98 4.03 -49.67
CA PRO A 99 -54.32 2.81 -50.18
C PRO A 99 -53.05 2.47 -49.42
N GLY A 100 -52.63 3.35 -48.50
CA GLY A 100 -51.38 3.16 -47.79
C GLY A 100 -50.25 3.22 -48.80
N TYR A 101 -49.39 2.19 -48.80
CA TYR A 101 -48.24 2.15 -49.69
C TYR A 101 -48.06 0.76 -50.31
N GLY A 102 -47.27 0.69 -51.38
CA GLY A 102 -47.11 -0.56 -52.12
C GLY A 102 -48.48 -0.98 -52.61
N LEU A 103 -48.63 -2.25 -52.93
CA LEU A 103 -49.93 -2.73 -53.39
C LEU A 103 -50.45 -1.80 -54.52
N LEU A 104 -51.65 -1.29 -54.29
CA LEU A 104 -52.36 -0.46 -55.23
C LEU A 104 -51.89 0.98 -55.33
N SER A 105 -51.54 1.58 -54.19
CA SER A 105 -51.26 3.02 -54.06
C SER A 105 -50.68 3.84 -55.25
N GLU A 106 -50.05 3.16 -56.22
CA GLU A 106 -49.61 3.86 -57.44
C GLU A 106 -50.24 3.36 -58.75
N SER A 107 -51.40 2.73 -58.60
CA SER A 107 -52.23 2.19 -59.71
C SER A 107 -53.25 3.22 -60.19
N PRO A 108 -52.96 3.90 -61.32
CA PRO A 108 -53.91 4.89 -61.82
C PRO A 108 -55.29 4.29 -62.16
N GLU A 109 -55.33 3.02 -62.58
CA GLU A 109 -56.58 2.25 -62.77
C GLU A 109 -57.47 2.26 -61.54
N PHE A 110 -56.84 2.04 -60.40
CA PHE A 110 -57.53 2.02 -59.12
C PHE A 110 -58.11 3.39 -58.73
N VAL A 111 -57.40 4.47 -59.07
CA VAL A 111 -57.85 5.83 -58.78
C VAL A 111 -59.09 6.20 -59.59
N ASP A 112 -59.03 6.10 -60.92
CA ASP A 112 -60.17 6.44 -61.78
C ASP A 112 -61.39 5.67 -61.27
N ALA A 113 -61.16 4.39 -60.88
CA ALA A 113 -62.15 3.53 -60.19
C ALA A 113 -62.74 4.13 -58.88
N CYS A 114 -61.89 4.61 -57.96
CA CYS A 114 -62.41 5.46 -56.89
C CYS A 114 -62.85 6.69 -57.61
N ASN A 115 -64.15 6.93 -57.67
CA ASN A 115 -64.66 7.96 -58.59
C ASN A 115 -65.08 7.49 -60.01
N LYS A 116 -65.13 6.17 -60.27
CA LYS A 116 -66.06 5.57 -61.26
C LYS A 116 -67.15 4.96 -60.35
N ALA A 117 -66.82 5.18 -59.03
CA ALA A 117 -67.57 4.67 -57.86
C ALA A 117 -67.80 5.82 -56.89
N GLY A 118 -67.26 7.04 -57.26
CA GLY A 118 -67.53 8.30 -56.53
C GLY A 118 -67.09 8.09 -55.12
N ILE A 119 -65.87 7.59 -54.99
CA ILE A 119 -65.27 7.39 -53.69
C ILE A 119 -63.91 8.10 -53.62
N ILE A 120 -63.85 9.05 -52.68
CA ILE A 120 -62.71 9.95 -52.52
C ILE A 120 -61.42 9.15 -52.25
N PHE A 121 -60.44 9.38 -53.09
CA PHE A 121 -59.20 8.65 -53.03
C PHE A 121 -58.12 9.47 -52.30
N ILE A 122 -57.67 9.00 -51.13
CA ILE A 122 -56.62 9.70 -50.39
C ILE A 122 -55.30 9.59 -51.15
N GLY A 123 -54.98 10.66 -51.87
CA GLY A 123 -53.75 10.70 -52.69
C GLY A 123 -53.91 11.48 -53.99
N PRO A 124 -52.89 11.44 -54.87
CA PRO A 124 -52.87 12.28 -56.09
C PRO A 124 -53.86 11.88 -57.19
N LYS A 125 -54.38 12.87 -57.94
CA LYS A 125 -55.26 12.61 -59.10
C LYS A 125 -54.57 11.69 -60.11
N ALA A 126 -55.37 11.01 -60.91
CA ALA A 126 -54.92 9.88 -61.76
C ALA A 126 -53.92 10.28 -62.84
N ASP A 127 -54.02 11.52 -63.30
CA ASP A 127 -53.09 12.12 -64.27
C ASP A 127 -51.65 12.25 -63.73
N THR A 128 -51.47 12.94 -62.61
CA THR A 128 -50.18 12.99 -61.91
C THR A 128 -49.60 11.59 -61.71
N MET A 129 -50.51 10.62 -61.48
CA MET A 129 -50.16 9.23 -61.17
C MET A 129 -49.56 8.48 -62.39
N ARG A 130 -50.08 8.81 -63.58
CA ARG A 130 -49.56 8.27 -64.85
C ARG A 130 -48.30 9.01 -65.36
N GLN A 131 -48.28 10.34 -65.24
CA GLN A 131 -47.11 11.15 -65.60
C GLN A 131 -45.88 10.76 -64.75
N LEU A 132 -46.07 10.55 -63.45
CA LEU A 132 -44.95 10.18 -62.58
C LEU A 132 -44.77 8.66 -62.51
N GLY A 133 -45.81 7.92 -62.89
CA GLY A 133 -45.77 6.44 -62.95
C GLY A 133 -45.00 5.86 -64.14
N ASN A 134 -44.79 6.66 -65.19
CA ASN A 134 -43.85 6.30 -66.26
C ASN A 134 -42.47 6.92 -65.95
N LYS A 135 -41.40 6.32 -66.47
CA LYS A 135 -40.05 6.91 -66.35
C LYS A 135 -39.95 8.19 -67.19
N VAL A 136 -41.02 8.51 -67.94
CA VAL A 136 -41.18 9.76 -68.68
C VAL A 136 -41.16 11.00 -67.77
N ALA A 137 -41.27 10.80 -66.46
CA ALA A 137 -41.06 11.85 -65.46
C ALA A 137 -39.65 12.50 -65.56
N ALA A 138 -38.65 11.71 -65.95
CA ALA A 138 -37.31 12.24 -66.25
C ALA A 138 -37.48 13.14 -67.45
N ARG A 139 -37.80 12.51 -68.58
CA ARG A 139 -38.03 13.20 -69.87
C ARG A 139 -38.82 14.46 -69.60
N ASN A 140 -38.44 15.53 -70.31
CA ASN A 140 -38.94 16.89 -70.07
C ASN A 140 -39.34 17.20 -68.60
N LEU A 141 -40.17 16.36 -67.97
CA LEU A 141 -40.84 16.76 -66.72
C LEU A 141 -39.89 17.33 -65.69
N ALA A 142 -38.97 16.51 -65.17
CA ALA A 142 -37.94 17.02 -64.28
C ALA A 142 -37.16 17.99 -65.14
N ILE A 143 -36.78 17.49 -66.31
CA ILE A 143 -35.98 18.23 -67.28
C ILE A 143 -36.50 19.65 -67.58
N SER A 144 -37.81 19.86 -67.59
CA SER A 144 -38.36 21.17 -67.99
C SER A 144 -38.80 22.14 -66.88
N VAL A 145 -38.60 21.78 -65.61
CA VAL A 145 -39.06 22.67 -64.51
C VAL A 145 -38.01 23.50 -63.70
N GLY A 146 -36.73 23.13 -63.68
CA GLY A 146 -36.21 21.89 -64.23
C GLY A 146 -35.19 21.25 -63.30
N VAL A 147 -35.60 20.24 -62.53
CA VAL A 147 -34.66 19.45 -61.68
C VAL A 147 -33.58 18.75 -62.53
N PRO A 148 -32.33 18.71 -62.02
CA PRO A 148 -31.15 18.14 -62.69
C PRO A 148 -31.28 16.74 -63.28
N VAL A 149 -30.29 16.42 -64.12
CA VAL A 149 -30.33 15.35 -65.13
C VAL A 149 -30.57 13.91 -64.62
N VAL A 150 -29.49 13.15 -64.44
CA VAL A 150 -29.44 11.67 -64.56
C VAL A 150 -29.45 11.27 -66.06
N PRO A 151 -28.25 11.16 -66.69
CA PRO A 151 -28.10 11.00 -68.14
C PRO A 151 -28.39 9.59 -68.69
N ALA A 152 -29.20 9.53 -69.76
CA ALA A 152 -29.81 8.29 -70.31
C ALA A 152 -30.27 8.43 -71.80
N THR A 153 -30.95 7.39 -72.34
CA THR A 153 -31.60 7.40 -73.69
C THR A 153 -32.99 6.68 -73.68
N GLU A 154 -33.64 6.63 -74.85
CA GLU A 154 -35.00 6.04 -75.03
C GLU A 154 -35.02 4.50 -75.17
N PRO A 155 -35.92 3.81 -74.44
CA PRO A 155 -35.85 2.34 -74.37
C PRO A 155 -36.41 1.64 -75.61
N LYS A 220 -25.93 6.06 -66.66
CA LYS A 220 -24.73 6.54 -66.02
C LYS A 220 -24.74 6.18 -64.52
N LEU A 221 -24.32 4.93 -64.20
CA LEU A 221 -24.13 4.42 -62.82
C LEU A 221 -23.34 5.42 -61.97
N VAL A 222 -23.90 5.89 -60.85
CA VAL A 222 -23.27 6.99 -60.09
C VAL A 222 -22.08 6.62 -59.19
N GLU A 223 -21.55 5.39 -59.35
CA GLU A 223 -20.30 4.86 -58.69
C GLU A 223 -20.35 4.80 -57.15
N ARG A 224 -20.24 5.97 -56.53
CA ARG A 224 -20.35 6.15 -55.09
C ARG A 224 -21.56 7.04 -54.84
N ALA A 225 -22.68 6.46 -54.39
CA ALA A 225 -23.95 7.21 -54.34
C ALA A 225 -24.55 7.35 -52.95
N ARG A 226 -25.29 8.45 -52.76
CA ARG A 226 -26.06 8.66 -51.57
C ARG A 226 -27.53 8.83 -51.98
N HIS A 227 -28.44 8.19 -51.23
CA HIS A 227 -29.86 8.21 -51.60
C HIS A 227 -30.64 9.22 -50.78
N VAL A 228 -31.13 10.25 -51.48
CA VAL A 228 -31.72 11.48 -50.89
C VAL A 228 -33.15 11.79 -51.40
N GLU A 229 -34.05 12.07 -50.46
CA GLU A 229 -35.49 12.05 -50.65
C GLU A 229 -36.14 13.28 -50.01
N SER A 230 -37.01 13.95 -50.77
CA SER A 230 -37.76 15.09 -50.30
C SER A 230 -39.21 14.70 -49.97
N GLN A 231 -39.72 15.18 -48.84
CA GLN A 231 -41.13 14.98 -48.52
C GLN A 231 -41.87 16.20 -48.98
N ILE A 232 -42.90 15.99 -49.79
CA ILE A 232 -43.86 17.06 -50.10
C ILE A 232 -45.30 16.73 -49.74
N LEU A 233 -46.03 17.81 -49.51
CA LEU A 233 -47.50 17.80 -49.40
C LEU A 233 -48.04 18.85 -50.37
N GLY A 234 -49.18 18.54 -50.96
CA GLY A 234 -49.79 19.43 -51.93
C GLY A 234 -51.27 19.44 -51.67
N ASP A 235 -51.84 20.64 -51.64
CA ASP A 235 -53.25 20.76 -51.44
C ASP A 235 -53.92 21.07 -52.77
N THR A 236 -55.24 21.10 -52.72
CA THR A 236 -56.05 21.33 -53.90
C THR A 236 -56.43 22.79 -54.11
N HIS A 237 -55.60 23.68 -53.56
CA HIS A 237 -55.59 25.09 -53.92
C HIS A 237 -54.26 25.37 -54.59
N GLY A 238 -53.54 24.31 -54.97
CA GLY A 238 -52.20 24.40 -55.58
C GLY A 238 -51.03 24.67 -54.64
N ASN A 239 -51.30 24.65 -53.34
CA ASN A 239 -50.26 24.89 -52.33
C ASN A 239 -49.39 23.69 -52.04
N VAL A 240 -48.09 23.92 -52.19
CA VAL A 240 -47.07 22.87 -52.10
C VAL A 240 -46.05 23.23 -51.02
N VAL A 241 -45.75 22.27 -50.15
CA VAL A 241 -44.79 22.43 -49.05
C VAL A 241 -43.90 21.19 -49.02
N HIS A 242 -42.60 21.39 -48.82
CA HIS A 242 -41.64 20.27 -48.60
C HIS A 242 -41.42 20.14 -47.13
N LEU A 243 -41.28 18.91 -46.67
CA LEU A 243 -41.10 18.65 -45.25
C LEU A 243 -39.68 18.10 -45.09
N PHE A 244 -38.76 18.89 -45.66
CA PHE A 244 -37.33 18.58 -45.71
C PHE A 244 -37.04 17.21 -46.34
N GLU A 245 -35.82 16.70 -46.16
CA GLU A 245 -35.43 15.48 -46.86
C GLU A 245 -35.16 14.29 -45.93
N ARG A 246 -34.83 13.15 -46.54
CA ARG A 246 -34.43 11.94 -45.83
C ARG A 246 -33.21 11.28 -46.51
N ASP A 247 -32.32 10.73 -45.68
CA ASP A 247 -31.28 9.79 -46.12
C ASP A 247 -31.85 8.40 -46.16
N CYS A 248 -31.64 7.71 -47.27
CA CYS A 248 -32.05 6.31 -47.47
C CYS A 248 -30.95 5.46 -48.12
N SER A 249 -29.70 5.93 -48.03
CA SER A 249 -28.55 5.28 -48.69
C SER A 249 -28.19 3.91 -48.12
N VAL A 250 -28.64 3.60 -46.88
CA VAL A 250 -28.45 2.27 -46.25
C VAL A 250 -29.43 1.25 -46.83
N GLN A 251 -28.93 0.46 -47.78
CA GLN A 251 -29.74 -0.40 -48.61
C GLN A 251 -29.11 -1.80 -48.65
N ARG A 252 -29.96 -2.81 -48.83
CA ARG A 252 -29.50 -4.17 -49.13
C ARG A 252 -30.03 -4.54 -50.48
N ARG A 253 -29.16 -5.06 -51.34
CA ARG A 253 -29.59 -5.53 -52.68
C ARG A 253 -30.61 -4.56 -53.32
N ASN A 254 -30.42 -3.27 -53.07
CA ASN A 254 -31.36 -2.20 -53.45
C ASN A 254 -32.67 -2.00 -52.66
N GLN A 255 -32.84 -2.69 -51.53
CA GLN A 255 -33.93 -2.39 -50.59
C GLN A 255 -33.50 -1.41 -49.46
N LYS A 256 -34.26 -0.33 -49.27
CA LYS A 256 -34.02 0.61 -48.15
C LYS A 256 -34.08 -0.12 -46.83
N VAL A 257 -33.01 -0.04 -46.04
CA VAL A 257 -32.93 -0.74 -44.75
C VAL A 257 -33.02 0.20 -43.53
N VAL A 258 -32.20 1.24 -43.52
CA VAL A 258 -32.23 2.22 -42.45
C VAL A 258 -32.45 3.54 -43.17
N GLU A 259 -33.21 4.41 -42.53
CA GLU A 259 -33.57 5.68 -43.11
C GLU A 259 -33.40 6.74 -42.04
N ARG A 260 -32.96 7.94 -42.44
CA ARG A 260 -32.74 9.01 -41.51
C ARG A 260 -33.32 10.32 -41.99
N ALA A 261 -33.60 11.20 -41.03
CA ALA A 261 -34.07 12.55 -41.32
C ALA A 261 -33.63 13.49 -40.19
N PRO A 262 -33.07 14.65 -40.56
CA PRO A 262 -32.73 15.00 -41.93
C PRO A 262 -31.59 14.11 -42.43
N ALA A 263 -31.18 14.23 -43.70
CA ALA A 263 -29.95 13.58 -44.14
C ALA A 263 -28.78 14.41 -43.59
N PRO A 264 -28.00 13.86 -42.63
CA PRO A 264 -27.14 14.70 -41.78
C PRO A 264 -25.81 15.08 -42.40
N TYR A 265 -25.55 14.65 -43.63
CA TYR A 265 -24.33 15.02 -44.29
C TYR A 265 -24.51 16.25 -45.17
N LEU A 266 -25.75 16.64 -45.44
CA LEU A 266 -26.04 17.80 -46.31
C LEU A 266 -25.75 19.17 -45.70
N SER A 267 -25.22 20.08 -46.52
CA SER A 267 -25.13 21.52 -46.17
C SER A 267 -26.50 22.19 -46.36
N GLU A 268 -26.76 23.24 -45.59
CA GLU A 268 -28.01 24.00 -45.69
C GLU A 268 -28.24 24.49 -47.14
N ALA A 269 -27.14 24.72 -47.88
CA ALA A 269 -27.21 25.06 -49.30
C ALA A 269 -27.76 23.89 -50.12
N GLN A 270 -27.21 22.70 -49.90
CA GLN A 270 -27.74 21.46 -50.51
C GLN A 270 -29.18 21.07 -50.09
N ARG A 271 -29.58 21.43 -48.87
CA ARG A 271 -30.94 21.08 -48.43
C ARG A 271 -31.96 22.01 -49.13
N GLN A 272 -31.63 23.30 -49.15
CA GLN A 272 -32.49 24.30 -49.78
C GLN A 272 -32.58 24.03 -51.30
N GLU A 273 -31.43 23.69 -51.90
CA GLU A 273 -31.25 23.32 -53.32
C GLU A 273 -32.08 22.11 -53.67
N LEU A 274 -31.96 21.05 -52.85
CA LEU A 274 -32.83 19.86 -52.93
C LEU A 274 -34.33 20.18 -52.76
N ALA A 275 -34.67 21.02 -51.78
CA ALA A 275 -36.09 21.28 -51.48
C ALA A 275 -36.78 22.16 -52.53
N ALA A 276 -36.01 23.07 -53.14
CA ALA A 276 -36.53 23.88 -54.23
C ALA A 276 -36.83 23.05 -55.48
N TYR A 277 -36.00 22.06 -55.81
CA TYR A 277 -36.29 21.19 -56.99
C TYR A 277 -37.60 20.46 -56.79
N SER A 278 -37.86 20.15 -55.53
CA SER A 278 -38.99 19.33 -55.18
C SER A 278 -40.33 20.04 -55.26
N LEU A 279 -40.37 21.32 -54.88
CA LEU A 279 -41.59 22.13 -55.05
C LEU A 279 -41.91 22.45 -56.51
N LYS A 280 -40.91 22.31 -57.38
CA LYS A 280 -41.09 22.51 -58.82
C LYS A 280 -41.50 21.22 -59.56
N ILE A 281 -40.99 20.04 -59.14
CA ILE A 281 -41.55 18.79 -59.67
C ILE A 281 -43.02 18.66 -59.23
N ALA A 282 -43.31 19.08 -58.00
CA ALA A 282 -44.64 18.96 -57.39
C ALA A 282 -45.66 19.95 -57.94
N GLY A 283 -45.31 21.23 -57.95
CA GLY A 283 -46.20 22.30 -58.44
C GLY A 283 -46.55 22.09 -59.91
N ALA A 284 -45.57 21.66 -60.69
CA ALA A 284 -45.80 21.37 -62.11
C ALA A 284 -46.54 20.04 -62.35
N THR A 285 -47.27 19.55 -61.35
CA THR A 285 -48.20 18.48 -61.55
C THR A 285 -49.43 18.69 -60.70
N ASN A 286 -49.48 19.84 -60.03
CA ASN A 286 -50.48 20.17 -58.99
C ASN A 286 -50.76 19.02 -58.03
N TYR A 287 -49.69 18.30 -57.69
CA TYR A 287 -49.78 17.15 -56.83
C TYR A 287 -50.76 17.36 -55.65
N ILE A 288 -51.70 16.44 -55.48
CA ILE A 288 -52.57 16.39 -54.27
C ILE A 288 -52.14 15.22 -53.35
N GLY A 289 -52.18 15.48 -52.04
CA GLY A 289 -51.78 14.49 -51.03
C GLY A 289 -50.30 14.50 -50.64
N ALA A 290 -49.77 13.33 -50.22
CA ALA A 290 -48.37 13.20 -49.88
C ALA A 290 -47.63 12.47 -50.97
N GLY A 291 -46.38 12.90 -51.19
CA GLY A 291 -45.52 12.27 -52.19
C GLY A 291 -44.06 12.50 -51.86
N THR A 292 -43.21 11.61 -52.36
CA THR A 292 -41.74 11.73 -52.25
C THR A 292 -40.99 11.81 -53.61
N VAL A 293 -40.00 12.72 -53.64
CA VAL A 293 -39.15 12.97 -54.82
C VAL A 293 -37.76 12.46 -54.48
N GLU A 294 -37.31 11.41 -55.16
CA GLU A 294 -36.05 10.76 -54.80
C GLU A 294 -34.96 11.27 -55.72
N TYR A 295 -33.76 11.46 -55.19
CA TYR A 295 -32.60 11.92 -55.97
C TYR A 295 -31.39 11.01 -55.74
N LEU A 296 -30.48 10.94 -56.71
CA LEU A 296 -29.15 10.45 -56.37
C LEU A 296 -28.17 11.60 -56.13
N MET A 297 -27.23 11.34 -55.23
CA MET A 297 -26.22 12.29 -54.93
C MET A 297 -24.88 11.59 -55.14
N ASP A 298 -24.12 12.08 -56.10
CA ASP A 298 -22.77 11.61 -56.35
C ASP A 298 -21.92 12.10 -55.18
N ALA A 299 -21.48 11.18 -54.32
CA ALA A 299 -20.62 11.53 -53.18
C ALA A 299 -19.32 12.24 -53.58
N ASP A 300 -18.89 12.07 -54.83
CA ASP A 300 -17.66 12.73 -55.32
C ASP A 300 -17.82 14.24 -55.65
N THR A 301 -18.98 14.62 -56.17
CA THR A 301 -19.16 16.03 -56.54
C THR A 301 -20.13 16.74 -55.60
N GLY A 302 -20.94 15.97 -54.87
CA GLY A 302 -22.05 16.50 -54.08
C GLY A 302 -23.14 17.04 -55.00
N LYS A 303 -23.24 16.48 -56.23
CA LYS A 303 -24.27 16.93 -57.22
C LYS A 303 -25.49 15.98 -57.25
N PHE A 304 -26.69 16.55 -57.14
CA PHE A 304 -27.90 15.79 -56.93
C PHE A 304 -28.65 15.62 -58.25
N TYR A 305 -29.12 14.39 -58.48
CA TYR A 305 -29.81 14.00 -59.72
C TYR A 305 -31.22 13.50 -59.44
N PHE A 306 -32.21 14.15 -60.04
CA PHE A 306 -33.54 13.57 -60.01
C PHE A 306 -33.51 12.11 -60.49
N ILE A 307 -34.24 11.23 -59.79
CA ILE A 307 -34.31 9.81 -60.17
C ILE A 307 -35.73 9.25 -60.38
N GLU A 308 -36.66 9.58 -59.46
CA GLU A 308 -38.06 9.07 -59.46
C GLU A 308 -38.96 9.75 -58.41
N VAL A 309 -40.27 9.64 -58.64
CA VAL A 309 -41.31 10.08 -57.72
C VAL A 309 -42.18 8.88 -57.28
N ASN A 310 -42.31 8.69 -55.94
CA ASN A 310 -43.34 7.81 -55.35
C ASN A 310 -44.54 8.65 -54.93
N PRO A 311 -45.70 8.39 -55.56
CA PRO A 311 -46.95 9.15 -55.38
C PRO A 311 -47.83 8.70 -54.19
N ARG A 312 -47.25 8.78 -52.99
CA ARG A 312 -47.78 8.09 -51.81
C ARG A 312 -46.93 8.36 -50.55
N ILE A 313 -47.48 7.96 -49.40
CA ILE A 313 -46.80 7.85 -48.11
C ILE A 313 -45.88 6.67 -48.26
N GLN A 314 -44.70 6.78 -47.68
CA GLN A 314 -43.73 5.70 -47.71
C GLN A 314 -43.57 5.08 -46.30
N VAL A 315 -43.04 3.86 -46.27
CA VAL A 315 -42.74 3.19 -45.01
C VAL A 315 -41.98 4.14 -44.05
N GLU A 316 -41.14 5.01 -44.62
CA GLU A 316 -40.23 5.82 -43.80
C GLU A 316 -40.73 7.20 -43.37
N HIS A 317 -42.02 7.46 -43.51
CA HIS A 317 -42.56 8.81 -43.22
C HIS A 317 -42.41 9.25 -41.74
N THR A 318 -42.25 8.26 -40.87
CA THR A 318 -42.25 8.48 -39.44
C THR A 318 -41.08 9.36 -38.99
N VAL A 319 -39.92 9.23 -39.64
CA VAL A 319 -38.76 10.05 -39.25
C VAL A 319 -39.02 11.55 -39.52
N THR A 320 -39.75 11.82 -40.60
CA THR A 320 -40.03 13.19 -41.03
C THR A 320 -41.10 13.79 -40.12
N GLU A 321 -41.97 12.91 -39.64
CA GLU A 321 -42.97 13.22 -38.63
C GLU A 321 -42.42 13.65 -37.28
N VAL A 322 -41.48 12.86 -36.74
CA VAL A 322 -40.92 13.13 -35.43
C VAL A 322 -40.03 14.38 -35.51
N VAL A 323 -39.23 14.52 -36.58
CA VAL A 323 -38.33 15.68 -36.74
C VAL A 323 -39.04 17.03 -37.10
N THR A 324 -40.18 16.98 -37.79
CA THR A 324 -41.01 18.15 -38.07
C THR A 324 -42.30 18.29 -37.24
N GLY A 325 -42.67 17.28 -36.45
CA GLY A 325 -43.92 17.32 -35.67
C GLY A 325 -45.22 17.54 -36.47
N ILE A 326 -45.25 17.07 -37.73
CA ILE A 326 -46.43 17.18 -38.59
C ILE A 326 -46.96 15.77 -38.90
N ASP A 327 -48.15 15.49 -38.41
CA ASP A 327 -48.84 14.25 -38.72
C ASP A 327 -49.17 14.17 -40.22
N ILE A 328 -48.48 13.26 -40.95
CA ILE A 328 -48.57 13.12 -42.43
C ILE A 328 -49.87 12.43 -42.93
N VAL A 329 -50.24 11.33 -42.29
CA VAL A 329 -51.57 10.75 -42.48
C VAL A 329 -52.74 11.73 -42.23
N LYS A 330 -52.83 12.31 -41.04
CA LYS A 330 -53.82 13.39 -40.79
C LYS A 330 -53.80 14.54 -41.83
N ALA A 331 -52.60 14.91 -42.30
CA ALA A 331 -52.48 15.89 -43.39
C ALA A 331 -53.15 15.38 -44.68
N GLN A 332 -52.89 14.11 -45.03
CA GLN A 332 -53.50 13.45 -46.18
C GLN A 332 -55.02 13.57 -46.19
N ILE A 333 -55.63 13.21 -45.06
CA ILE A 333 -57.08 13.27 -44.92
C ILE A 333 -57.60 14.70 -44.96
N HIS A 334 -57.02 15.56 -44.14
CA HIS A 334 -57.39 16.97 -44.15
C HIS A 334 -57.33 17.56 -45.53
N ILE A 335 -56.20 17.33 -46.21
CA ILE A 335 -55.99 17.79 -47.60
C ILE A 335 -57.09 17.30 -48.55
N LEU A 336 -57.47 16.02 -48.42
CA LEU A 336 -58.55 15.47 -49.27
C LEU A 336 -59.95 15.77 -48.76
N ASP A 337 -60.04 16.33 -47.56
CA ASP A 337 -61.26 16.99 -47.11
C ASP A 337 -61.45 18.32 -47.79
N GLY A 338 -60.37 18.92 -48.29
CA GLY A 338 -60.44 20.20 -49.01
C GLY A 338 -59.67 21.33 -48.35
N ALA A 339 -59.23 21.10 -47.11
CA ALA A 339 -58.47 22.06 -46.30
C ALA A 339 -57.24 22.65 -47.04
N ALA A 340 -56.80 23.84 -46.64
CA ALA A 340 -55.64 24.46 -47.29
C ALA A 340 -54.37 24.44 -46.43
N ILE A 341 -53.26 24.07 -47.06
CA ILE A 341 -51.95 24.09 -46.41
C ILE A 341 -51.68 25.52 -45.94
N GLY A 342 -51.47 25.61 -44.63
CA GLY A 342 -51.45 26.88 -43.96
C GLY A 342 -52.55 26.98 -42.91
N THR A 343 -53.71 26.39 -43.18
CA THR A 343 -54.83 26.54 -42.27
C THR A 343 -54.61 25.70 -41.04
N PRO A 344 -54.94 26.25 -39.86
CA PRO A 344 -54.85 25.40 -38.64
C PRO A 344 -55.61 24.08 -38.86
N GLN A 345 -56.74 24.13 -39.57
CA GLN A 345 -57.51 22.92 -39.90
C GLN A 345 -57.04 22.08 -41.13
N SER A 346 -55.90 22.44 -41.74
CA SER A 346 -55.21 21.48 -42.61
C SER A 346 -54.32 20.72 -41.66
N GLY A 347 -53.54 19.78 -42.16
CA GLY A 347 -52.55 19.18 -41.25
C GLY A 347 -51.32 20.06 -40.96
N VAL A 348 -51.10 21.06 -41.83
CA VAL A 348 -49.78 21.56 -42.17
C VAL A 348 -49.66 23.07 -41.92
N PRO A 349 -48.54 23.52 -41.29
CA PRO A 349 -48.28 24.99 -41.25
C PRO A 349 -47.73 25.52 -42.57
N ASN A 350 -47.62 26.84 -42.70
CA ASN A 350 -46.94 27.43 -43.85
C ASN A 350 -45.48 27.08 -43.86
N GLN A 351 -44.92 27.00 -45.07
CA GLN A 351 -43.54 26.59 -45.27
C GLN A 351 -42.62 27.19 -44.23
N GLU A 352 -42.70 28.52 -44.10
CA GLU A 352 -41.90 29.28 -43.13
C GLU A 352 -42.01 28.72 -41.70
N ASP A 353 -43.14 28.12 -41.35
CA ASP A 353 -43.36 27.60 -40.00
C ASP A 353 -43.09 26.10 -39.94
N ILE A 354 -42.53 25.56 -41.02
CA ILE A 354 -42.12 24.17 -41.07
C ILE A 354 -40.62 24.11 -40.74
N ARG A 355 -40.28 23.38 -39.68
CA ARG A 355 -38.94 23.44 -39.11
C ARG A 355 -38.40 22.06 -38.67
N LEU A 356 -37.08 21.93 -38.79
CA LEU A 356 -36.38 20.73 -38.34
C LEU A 356 -36.19 20.78 -36.82
N ASN A 357 -36.42 19.63 -36.17
CA ASN A 357 -36.14 19.52 -34.74
C ASN A 357 -35.41 18.24 -34.46
N GLY A 358 -34.12 18.36 -34.14
CA GLY A 358 -33.29 17.21 -33.94
C GLY A 358 -33.29 16.18 -35.03
N HIS A 359 -33.08 14.91 -34.66
CA HIS A 359 -32.75 13.87 -35.65
C HIS A 359 -33.45 12.58 -35.35
N ALA A 360 -33.74 11.87 -36.43
CA ALA A 360 -34.33 10.54 -36.31
C ALA A 360 -33.84 9.57 -37.38
N LEU A 361 -33.96 8.30 -37.01
CA LEU A 361 -33.70 7.18 -37.89
C LEU A 361 -34.69 6.09 -37.58
N GLN A 362 -35.00 5.30 -38.61
CA GLN A 362 -35.94 4.20 -38.45
C GLN A 362 -35.23 2.93 -38.84
N CYS A 363 -35.48 1.89 -38.03
CA CYS A 363 -35.11 0.52 -38.33
C CYS A 363 -36.36 -0.33 -38.33
N ARG A 364 -36.39 -1.29 -39.24
CA ARG A 364 -37.54 -2.17 -39.38
C ARG A 364 -37.16 -3.58 -38.90
N VAL A 365 -37.77 -4.03 -37.79
CA VAL A 365 -37.42 -5.34 -37.23
C VAL A 365 -38.19 -6.39 -37.96
N THR A 366 -37.51 -7.42 -38.49
CA THR A 366 -38.18 -8.49 -39.25
C THR A 366 -37.81 -9.92 -38.80
N THR A 367 -38.32 -10.93 -39.49
CA THR A 367 -37.89 -12.32 -39.24
C THR A 367 -36.87 -12.79 -40.25
N GLU A 368 -36.39 -11.89 -41.11
CA GLU A 368 -35.30 -12.23 -42.05
C GLU A 368 -34.05 -12.69 -41.30
N ASP A 369 -33.66 -13.96 -41.50
CA ASP A 369 -32.54 -14.54 -40.73
C ASP A 369 -31.13 -14.23 -41.27
N PRO A 370 -30.34 -13.45 -40.49
CA PRO A 370 -28.93 -13.26 -40.87
C PRO A 370 -28.19 -14.59 -40.87
N GLU A 371 -28.52 -15.45 -39.91
CA GLU A 371 -27.85 -16.73 -39.73
C GLU A 371 -28.28 -17.81 -40.79
N HIS A 372 -29.20 -17.43 -41.69
CA HIS A 372 -29.64 -18.25 -42.85
C HIS A 372 -30.00 -17.45 -44.08
N ASN A 373 -29.07 -16.60 -44.54
CA ASN A 373 -29.19 -15.86 -45.80
C ASN A 373 -30.40 -14.98 -45.92
N PHE A 374 -31.08 -14.72 -44.80
CA PHE A 374 -32.10 -13.66 -44.72
C PHE A 374 -33.48 -14.07 -45.20
N ILE A 375 -33.61 -15.35 -45.52
CA ILE A 375 -34.91 -15.99 -45.62
C ILE A 375 -35.72 -15.65 -44.35
N PRO A 376 -36.96 -15.15 -44.54
CA PRO A 376 -37.77 -14.86 -43.35
C PRO A 376 -38.16 -16.14 -42.60
N ASP A 377 -38.00 -16.10 -41.28
CA ASP A 377 -38.53 -17.15 -40.44
C ASP A 377 -40.06 -17.03 -40.25
N TYR A 378 -40.66 -18.10 -39.77
CA TYR A 378 -42.11 -18.21 -39.70
C TYR A 378 -42.38 -19.02 -38.43
N GLY A 379 -43.61 -18.94 -37.94
CA GLY A 379 -44.03 -19.76 -36.81
C GLY A 379 -44.59 -18.95 -35.65
N ARG A 380 -44.66 -19.59 -34.48
CA ARG A 380 -45.27 -18.95 -33.31
C ARG A 380 -44.29 -18.08 -32.56
N ILE A 381 -44.72 -16.87 -32.24
CA ILE A 381 -43.94 -16.00 -31.37
C ILE A 381 -44.31 -16.33 -29.94
N THR A 382 -43.36 -16.86 -29.18
CA THR A 382 -43.63 -17.30 -27.81
C THR A 382 -43.35 -16.20 -26.80
N ALA A 383 -42.50 -15.25 -27.16
CA ALA A 383 -42.27 -14.07 -26.30
C ALA A 383 -42.16 -12.82 -27.13
N TYR A 384 -42.76 -11.73 -26.65
CA TYR A 384 -42.61 -10.44 -27.32
C TYR A 384 -42.64 -9.23 -26.38
N ARG A 385 -41.48 -8.60 -26.24
CA ARG A 385 -41.38 -7.32 -25.54
C ARG A 385 -40.57 -6.31 -26.31
N SER A 386 -41.06 -5.10 -26.41
CA SER A 386 -40.49 -4.08 -27.26
C SER A 386 -40.09 -2.92 -26.38
N ALA A 387 -39.37 -1.97 -26.88
CA ALA A 387 -38.88 -1.00 -25.94
C ALA A 387 -39.31 0.41 -26.25
N SER A 388 -39.72 1.15 -25.22
CA SER A 388 -40.24 2.54 -25.38
C SER A 388 -39.40 3.68 -24.75
N GLY A 389 -40.00 4.47 -23.87
CA GLY A 389 -39.23 5.55 -23.23
C GLY A 389 -39.09 6.79 -24.08
N PHE A 390 -38.39 7.78 -23.55
CA PHE A 390 -38.22 9.07 -24.22
C PHE A 390 -37.54 8.86 -25.55
N GLY A 391 -38.14 9.44 -26.59
CA GLY A 391 -37.51 9.60 -27.89
C GLY A 391 -37.67 8.39 -28.79
N ILE A 392 -38.53 7.46 -28.38
CA ILE A 392 -38.77 6.23 -29.12
C ILE A 392 -40.20 6.13 -29.59
N ARG A 393 -40.37 5.90 -30.89
CA ARG A 393 -41.68 5.76 -31.50
C ARG A 393 -41.71 4.38 -32.13
N LEU A 394 -42.85 3.74 -32.02
CA LEU A 394 -43.03 2.42 -32.51
C LEU A 394 -44.24 2.45 -33.41
N ASP A 395 -44.15 1.66 -34.46
CA ASP A 395 -45.25 1.52 -35.40
C ASP A 395 -45.37 0.03 -35.66
N GLY A 396 -46.23 -0.64 -34.90
CA GLY A 396 -46.29 -2.10 -34.90
C GLY A 396 -47.73 -2.53 -35.01
N GLY A 397 -48.14 -3.41 -34.10
CA GLY A 397 -49.54 -3.84 -33.96
C GLY A 397 -49.79 -5.25 -34.46
N THR A 398 -48.97 -5.67 -35.41
CA THR A 398 -49.01 -7.01 -36.01
C THR A 398 -48.46 -8.11 -35.06
N SER A 399 -47.28 -7.89 -34.45
CA SER A 399 -46.68 -8.88 -33.53
C SER A 399 -47.12 -8.66 -32.11
N TYR A 400 -47.02 -9.72 -31.31
CA TYR A 400 -47.42 -9.81 -29.89
C TYR A 400 -47.13 -11.29 -29.49
N SER A 401 -46.92 -11.66 -28.21
CA SER A 401 -46.68 -13.12 -27.90
C SER A 401 -47.89 -13.85 -28.34
N GLY A 402 -47.70 -15.10 -28.76
CA GLY A 402 -48.80 -15.91 -29.27
C GLY A 402 -48.91 -15.83 -30.79
N ALA A 403 -48.70 -14.64 -31.37
CA ALA A 403 -48.83 -14.44 -32.82
C ALA A 403 -48.07 -15.48 -33.67
N ILE A 404 -48.66 -15.80 -34.82
CA ILE A 404 -48.07 -16.75 -35.76
C ILE A 404 -47.69 -16.04 -37.04
N ILE A 405 -46.41 -16.09 -37.37
CA ILE A 405 -45.92 -15.40 -38.56
C ILE A 405 -46.06 -16.35 -39.72
N THR A 406 -46.87 -15.95 -40.70
CA THR A 406 -47.08 -16.82 -41.85
C THR A 406 -46.04 -16.48 -42.89
N ARG A 407 -45.80 -17.46 -43.75
CA ARG A 407 -44.93 -17.30 -44.91
C ARG A 407 -45.46 -16.39 -46.06
N TYR A 408 -46.71 -15.90 -45.98
CA TYR A 408 -47.34 -15.28 -47.18
C TYR A 408 -47.06 -13.80 -47.46
N TYR A 409 -46.71 -13.05 -46.43
CA TYR A 409 -46.65 -11.62 -46.58
C TYR A 409 -45.28 -11.13 -46.10
N ASP A 410 -45.04 -9.83 -46.24
CA ASP A 410 -44.03 -9.06 -45.46
C ASP A 410 -43.48 -9.80 -44.21
N PRO A 411 -42.15 -9.75 -44.01
CA PRO A 411 -41.58 -10.35 -42.79
C PRO A 411 -41.66 -9.38 -41.58
N LEU A 412 -41.96 -8.10 -41.83
CA LEU A 412 -41.98 -7.06 -40.80
C LEU A 412 -42.57 -7.47 -39.46
N LEU A 413 -41.86 -7.18 -38.37
CA LEU A 413 -42.43 -7.30 -37.01
C LEU A 413 -42.87 -5.94 -36.41
N VAL A 414 -41.95 -4.96 -36.43
CA VAL A 414 -42.22 -3.60 -35.94
C VAL A 414 -41.21 -2.59 -36.52
N LYS A 415 -41.67 -1.35 -36.70
CA LYS A 415 -40.79 -0.27 -37.13
C LYS A 415 -40.43 0.53 -35.93
N VAL A 416 -39.12 0.72 -35.72
CA VAL A 416 -38.67 1.53 -34.59
C VAL A 416 -38.09 2.88 -35.06
N THR A 417 -38.59 3.96 -34.49
CA THR A 417 -38.12 5.25 -34.87
C THR A 417 -37.54 5.82 -33.58
N ALA A 418 -36.30 6.32 -33.69
CA ALA A 418 -35.61 6.94 -32.56
C ALA A 418 -35.24 8.42 -32.86
N TRP A 419 -35.64 9.30 -31.93
CA TRP A 419 -35.40 10.73 -31.98
C TRP A 419 -34.44 11.18 -30.90
N ALA A 420 -33.58 12.15 -31.23
CA ALA A 420 -32.74 12.86 -30.23
C ALA A 420 -32.31 14.21 -30.81
N PRO A 421 -31.82 15.13 -29.95
CA PRO A 421 -31.45 16.48 -30.45
C PRO A 421 -30.33 16.47 -31.49
N ASN A 422 -29.39 15.53 -31.38
CA ASN A 422 -28.34 15.36 -32.41
C ASN A 422 -28.28 13.90 -32.90
N PRO A 423 -27.63 13.66 -34.05
CA PRO A 423 -27.67 12.33 -34.72
C PRO A 423 -26.92 11.21 -33.95
N LEU A 424 -25.83 11.55 -33.28
CA LEU A 424 -25.09 10.56 -32.51
C LEU A 424 -25.96 10.05 -31.38
N GLU A 425 -26.60 10.96 -30.65
CA GLU A 425 -27.47 10.56 -29.55
C GLU A 425 -28.64 9.73 -30.12
N ALA A 426 -29.09 10.03 -31.34
CA ALA A 426 -30.20 9.23 -31.90
C ALA A 426 -29.77 7.78 -32.14
N ILE A 427 -28.54 7.63 -32.64
CA ILE A 427 -28.00 6.30 -32.88
C ILE A 427 -27.99 5.43 -31.63
N SER A 428 -27.57 6.02 -30.53
CA SER A 428 -27.49 5.25 -29.27
C SER A 428 -28.85 5.08 -28.62
N ARG A 429 -29.81 5.91 -29.02
CA ARG A 429 -31.17 5.71 -28.53
C ARG A 429 -31.70 4.48 -29.23
N MET A 430 -31.44 4.40 -30.54
CA MET A 430 -31.88 3.26 -31.33
C MET A 430 -31.23 1.99 -30.81
N ASP A 431 -29.93 2.10 -30.58
CA ASP A 431 -29.13 0.98 -30.12
C ASP A 431 -29.64 0.42 -28.80
N ARG A 432 -29.85 1.29 -27.82
CA ARG A 432 -30.54 0.92 -26.56
C ARG A 432 -31.92 0.23 -26.78
N ALA A 433 -32.79 0.78 -27.63
CA ALA A 433 -34.12 0.17 -27.78
C ALA A 433 -34.06 -1.22 -28.48
N LEU A 434 -33.37 -1.31 -29.62
CA LEU A 434 -33.08 -2.58 -30.32
C LEU A 434 -32.59 -3.71 -29.41
N ARG A 435 -31.55 -3.42 -28.62
CA ARG A 435 -30.97 -4.41 -27.73
C ARG A 435 -31.92 -4.73 -26.55
N GLU A 436 -32.78 -3.79 -26.19
CA GLU A 436 -33.78 -4.05 -25.16
C GLU A 436 -34.93 -4.98 -25.63
N PHE A 437 -35.13 -5.13 -26.96
CA PHE A 437 -36.15 -6.04 -27.49
C PHE A 437 -35.87 -7.51 -27.12
N ARG A 438 -36.91 -8.21 -26.64
CA ARG A 438 -36.92 -9.66 -26.53
C ARG A 438 -38.00 -10.26 -27.43
N ILE A 439 -37.52 -10.97 -28.44
CA ILE A 439 -38.34 -11.71 -29.37
C ILE A 439 -37.97 -13.20 -29.32
N ARG A 440 -38.92 -14.07 -28.96
CA ARG A 440 -38.65 -15.51 -29.00
C ARG A 440 -39.70 -16.31 -29.75
N GLY A 441 -39.21 -17.36 -30.38
CA GLY A 441 -40.04 -18.33 -31.04
C GLY A 441 -39.67 -18.30 -32.49
N VAL A 442 -39.23 -17.12 -32.94
CA VAL A 442 -38.80 -16.89 -34.33
C VAL A 442 -37.46 -16.13 -34.43
N ALA A 443 -36.73 -16.37 -35.53
CA ALA A 443 -35.54 -15.59 -35.86
C ALA A 443 -35.84 -14.09 -36.16
N THR A 444 -34.89 -13.21 -35.83
CA THR A 444 -34.95 -11.81 -36.27
C THR A 444 -33.68 -11.31 -36.90
N ASN A 445 -33.79 -10.09 -37.41
CA ASN A 445 -32.69 -9.35 -37.98
C ASN A 445 -32.09 -8.34 -36.94
N LEU A 446 -32.43 -8.48 -35.67
CA LEU A 446 -31.93 -7.54 -34.66
C LEU A 446 -30.40 -7.38 -34.64
N THR A 447 -29.68 -8.48 -34.80
CA THR A 447 -28.23 -8.41 -34.64
C THR A 447 -27.64 -7.64 -35.78
N PHE A 448 -28.29 -7.80 -36.93
CA PHE A 448 -27.82 -7.20 -38.18
C PHE A 448 -28.16 -5.72 -38.16
N LEU A 449 -29.31 -5.38 -37.57
CA LEU A 449 -29.67 -3.98 -37.41
C LEU A 449 -28.69 -3.26 -36.48
N GLU A 450 -28.28 -3.96 -35.43
CA GLU A 450 -27.37 -3.43 -34.43
C GLU A 450 -25.93 -3.19 -34.94
N ALA A 451 -25.49 -4.09 -35.82
CA ALA A 451 -24.22 -4.01 -36.50
C ALA A 451 -24.17 -2.82 -37.46
N ILE A 452 -25.25 -2.57 -38.19
CA ILE A 452 -25.28 -1.44 -39.10
C ILE A 452 -25.05 -0.14 -38.37
N ILE A 453 -25.82 0.05 -37.28
CA ILE A 453 -25.90 1.32 -36.58
C ILE A 453 -24.73 1.54 -35.65
N GLY A 454 -24.07 0.46 -35.25
CA GLY A 454 -22.81 0.52 -34.51
C GLY A 454 -21.63 0.66 -35.46
N HIS A 455 -21.85 0.61 -36.77
CA HIS A 455 -20.69 0.80 -37.67
C HIS A 455 -20.09 2.19 -37.73
N PRO A 456 -18.75 2.26 -37.71
CA PRO A 456 -18.00 3.50 -37.91
C PRO A 456 -18.40 4.27 -39.17
N LYS A 457 -18.54 3.59 -40.30
CA LYS A 457 -18.97 4.30 -41.52
C LYS A 457 -20.39 4.92 -41.38
N PHE A 458 -21.27 4.25 -40.62
CA PHE A 458 -22.58 4.81 -40.30
C PHE A 458 -22.52 6.03 -39.37
N ARG A 459 -21.80 5.89 -38.24
CA ARG A 459 -21.56 6.96 -37.23
C ARG A 459 -20.97 8.25 -37.84
N ASP A 460 -20.06 8.11 -38.80
CA ASP A 460 -19.44 9.29 -39.41
C ASP A 460 -19.99 9.62 -40.81
N ASN A 461 -21.16 9.06 -41.12
CA ASN A 461 -21.90 9.32 -42.37
C ASN A 461 -21.12 9.20 -43.69
N SER A 462 -20.24 8.21 -43.82
CA SER A 462 -19.40 8.07 -45.04
C SER A 462 -19.78 6.89 -45.96
N TYR A 463 -20.87 6.21 -45.64
CA TYR A 463 -21.40 5.10 -46.46
C TYR A 463 -22.01 5.58 -47.79
N THR A 464 -21.83 4.80 -48.84
CA THR A 464 -22.58 4.97 -50.07
C THR A 464 -23.76 3.99 -50.01
N THR A 465 -24.59 3.92 -51.06
CA THR A 465 -25.54 2.83 -51.25
C THR A 465 -24.90 1.41 -51.30
N ARG A 466 -23.61 1.33 -51.59
CA ARG A 466 -22.98 0.02 -51.74
C ARG A 466 -22.43 -0.53 -50.40
N PHE A 467 -22.61 0.26 -49.34
CA PHE A 467 -22.13 -0.05 -48.01
C PHE A 467 -22.47 -1.45 -47.52
N ILE A 468 -23.76 -1.82 -47.46
CA ILE A 468 -24.15 -3.16 -46.95
C ILE A 468 -23.62 -4.25 -47.87
N ASP A 469 -23.71 -4.04 -49.17
CA ASP A 469 -23.33 -5.08 -50.13
C ASP A 469 -21.81 -5.22 -50.19
N THR A 470 -21.12 -4.37 -49.45
CA THR A 470 -19.68 -4.14 -49.55
C THR A 470 -18.97 -4.31 -48.22
N THR A 471 -19.59 -3.79 -47.16
CA THR A 471 -18.95 -3.70 -45.86
C THR A 471 -18.73 -5.13 -45.45
N PRO A 472 -19.76 -5.82 -44.93
CA PRO A 472 -19.55 -7.23 -44.62
C PRO A 472 -18.27 -7.82 -45.25
N GLU A 473 -17.09 -7.68 -44.61
CA GLU A 473 -16.91 -7.52 -43.14
C GLU A 473 -18.04 -8.33 -42.55
N LEU A 474 -18.19 -9.52 -43.16
CA LEU A 474 -19.36 -10.39 -43.13
C LEU A 474 -20.47 -9.87 -42.25
N PHE A 475 -20.12 -9.66 -40.98
CA PHE A 475 -21.01 -9.17 -39.94
C PHE A 475 -22.53 -9.39 -40.24
N GLN A 476 -23.08 -10.61 -40.07
CA GLN A 476 -22.50 -11.90 -39.62
C GLN A 476 -21.85 -12.14 -38.20
N GLN A 477 -22.67 -12.71 -37.30
CA GLN A 477 -22.35 -13.89 -36.42
C GLN A 477 -22.27 -13.84 -34.86
N VAL A 478 -21.29 -14.56 -34.28
CA VAL A 478 -20.97 -14.67 -32.82
C VAL A 478 -21.78 -15.62 -31.89
N LYS A 479 -22.91 -16.16 -32.39
CA LYS A 479 -23.77 -17.11 -31.64
C LYS A 479 -24.46 -16.46 -30.42
N ARG A 480 -24.78 -17.29 -29.42
CA ARG A 480 -25.55 -16.90 -28.21
C ARG A 480 -25.35 -18.01 -27.14
N GLN A 481 -25.19 -17.65 -25.87
CA GLN A 481 -24.87 -18.63 -24.83
C GLN A 481 -26.08 -19.50 -24.41
N ASP A 482 -27.22 -18.84 -24.22
CA ASP A 482 -28.41 -19.58 -23.88
C ASP A 482 -28.21 -20.47 -22.62
N ARG A 483 -27.64 -19.84 -21.59
CA ARG A 483 -27.26 -20.53 -20.40
C ARG A 483 -28.42 -21.09 -19.60
N ALA A 484 -29.51 -20.33 -19.47
CA ALA A 484 -30.69 -20.73 -18.67
C ALA A 484 -31.26 -22.05 -19.19
N THR A 485 -31.45 -22.13 -20.49
CA THR A 485 -31.97 -23.33 -21.13
C THR A 485 -31.04 -24.48 -20.85
N LYS A 486 -29.74 -24.21 -20.93
CA LYS A 486 -28.77 -25.29 -20.58
C LYS A 486 -28.92 -25.81 -19.11
N LEU A 487 -29.09 -24.91 -18.18
CA LEU A 487 -29.25 -25.26 -16.77
C LEU A 487 -30.51 -26.07 -16.52
N LEU A 488 -31.62 -25.63 -17.16
CA LEU A 488 -32.90 -26.28 -17.05
C LEU A 488 -32.79 -27.73 -17.63
N THR A 489 -31.99 -27.88 -18.70
CA THR A 489 -31.74 -29.17 -19.27
C THR A 489 -31.03 -30.04 -18.23
N TYR A 490 -30.03 -29.49 -17.54
CA TYR A 490 -29.32 -30.26 -16.57
C TYR A 490 -30.29 -30.70 -15.49
N LEU A 491 -31.02 -29.73 -14.93
CA LEU A 491 -31.92 -30.00 -13.77
C LEU A 491 -32.99 -31.05 -14.10
N ALA A 492 -33.48 -30.99 -15.33
CA ALA A 492 -34.52 -31.91 -15.76
C ALA A 492 -33.87 -33.28 -15.88
N ASP A 493 -32.67 -33.32 -16.49
CA ASP A 493 -31.97 -34.59 -16.65
C ASP A 493 -31.67 -35.27 -15.30
N VAL A 494 -31.08 -34.55 -14.38
CA VAL A 494 -30.72 -35.16 -13.10
C VAL A 494 -32.03 -35.47 -12.27
N THR A 495 -33.09 -34.66 -12.48
CA THR A 495 -34.31 -34.82 -11.73
C THR A 495 -34.97 -36.12 -12.16
N VAL A 496 -34.92 -36.38 -13.46
CA VAL A 496 -35.49 -37.60 -14.02
C VAL A 496 -34.56 -38.79 -13.86
N ASN A 497 -33.27 -38.61 -14.15
CA ASN A 497 -32.36 -39.76 -14.20
C ASN A 497 -31.41 -39.90 -13.00
N GLY A 498 -31.27 -38.87 -12.18
CA GLY A 498 -30.34 -38.94 -11.03
C GLY A 498 -28.92 -38.61 -11.50
N HIS A 499 -27.99 -38.47 -10.57
CA HIS A 499 -26.60 -38.20 -10.90
C HIS A 499 -25.82 -39.48 -10.79
N PRO A 500 -24.90 -39.74 -11.74
CA PRO A 500 -24.21 -41.06 -11.73
C PRO A 500 -23.38 -41.29 -10.48
N GLU A 501 -22.85 -40.22 -9.88
CA GLU A 501 -22.04 -40.34 -8.65
C GLU A 501 -22.87 -40.48 -7.40
N ALA A 502 -24.15 -40.17 -7.49
CA ALA A 502 -24.98 -40.19 -6.29
C ALA A 502 -26.06 -41.27 -6.35
N LYS A 503 -26.37 -41.78 -7.56
CA LYS A 503 -27.72 -42.39 -7.69
C LYS A 503 -27.85 -43.76 -6.98
N ASP A 504 -26.73 -44.45 -6.75
CA ASP A 504 -26.81 -45.70 -5.98
C ASP A 504 -26.09 -45.64 -4.62
N ARG A 505 -26.11 -44.48 -3.97
CA ARG A 505 -25.32 -44.32 -2.75
C ARG A 505 -26.22 -43.76 -1.74
N PRO A 506 -25.81 -43.76 -0.46
CA PRO A 506 -26.74 -43.25 0.57
C PRO A 506 -27.21 -41.81 0.27
N LYS A 507 -28.31 -41.40 0.88
CA LYS A 507 -28.98 -40.18 0.52
C LYS A 507 -28.99 -39.38 1.80
N PRO A 508 -28.84 -38.04 1.72
CA PRO A 508 -28.90 -37.15 2.90
C PRO A 508 -30.29 -37.19 3.53
N LEU A 509 -30.36 -37.06 4.85
CA LEU A 509 -31.64 -37.00 5.62
C LEU A 509 -32.53 -35.93 5.03
N GLU A 510 -33.77 -36.33 4.73
CA GLU A 510 -34.74 -35.54 3.94
C GLU A 510 -34.97 -34.10 4.41
N ASN A 511 -35.27 -33.22 3.45
CA ASN A 511 -35.19 -31.75 3.62
C ASN A 511 -34.39 -31.18 4.84
N ALA A 512 -33.17 -31.69 5.09
CA ALA A 512 -32.24 -31.12 6.09
C ALA A 512 -31.97 -29.65 5.78
N ALA A 513 -31.51 -28.88 6.77
CA ALA A 513 -31.32 -27.42 6.56
C ALA A 513 -30.28 -27.11 5.46
N ARG A 514 -30.60 -26.22 4.54
CA ARG A 514 -29.58 -25.61 3.71
C ARG A 514 -28.47 -25.06 4.67
N PRO A 515 -27.20 -25.09 4.25
CA PRO A 515 -26.18 -24.39 5.11
C PRO A 515 -26.39 -22.90 5.11
N VAL A 516 -26.20 -22.28 6.26
CA VAL A 516 -26.31 -20.86 6.41
C VAL A 516 -24.96 -20.21 6.54
N VAL A 517 -24.68 -19.22 5.71
CA VAL A 517 -23.40 -18.57 5.76
C VAL A 517 -23.48 -17.64 6.98
N PRO A 518 -22.59 -17.80 7.97
CA PRO A 518 -22.49 -16.92 9.14
C PRO A 518 -22.14 -15.50 8.74
N TYR A 519 -22.76 -14.49 9.30
CA TYR A 519 -22.44 -13.17 8.76
C TYR A 519 -21.35 -12.51 9.53
N ALA A 520 -20.23 -12.25 8.84
CA ALA A 520 -19.24 -11.23 9.24
C ALA A 520 -18.72 -10.64 7.93
N ASN A 521 -18.52 -9.32 7.85
CA ASN A 521 -18.54 -8.38 8.97
C ASN A 521 -18.95 -7.02 8.42
N GLY A 522 -18.98 -6.00 9.26
CA GLY A 522 -19.38 -4.64 8.83
C GLY A 522 -18.30 -3.78 8.17
N ASN A 523 -17.17 -3.66 8.88
CA ASN A 523 -15.96 -2.99 8.37
C ASN A 523 -15.47 -3.63 7.04
N GLY A 524 -14.50 -3.00 6.39
CA GLY A 524 -13.70 -3.68 5.35
C GLY A 524 -12.87 -4.86 5.94
N VAL A 525 -11.99 -5.43 5.14
CA VAL A 525 -11.28 -6.61 5.62
C VAL A 525 -9.89 -6.22 6.25
N LYS A 526 -9.48 -6.76 7.41
CA LYS A 526 -8.07 -6.55 7.87
C LYS A 526 -7.09 -7.19 6.84
N ASP A 527 -6.09 -6.41 6.48
CA ASP A 527 -4.85 -6.80 5.87
C ASP A 527 -4.32 -8.08 6.54
N GLY A 528 -3.90 -9.05 5.75
CA GLY A 528 -3.40 -10.26 6.39
C GLY A 528 -2.12 -10.69 5.73
N THR A 529 -1.84 -11.99 5.81
CA THR A 529 -0.63 -12.49 5.23
C THR A 529 -0.45 -12.23 3.69
N LYS A 530 -1.57 -12.18 2.95
CA LYS A 530 -1.58 -11.82 1.58
C LYS A 530 -0.92 -10.41 1.39
N GLN A 531 -1.29 -9.41 2.23
CA GLN A 531 -0.73 -8.08 2.01
C GLN A 531 0.75 -8.11 2.46
N LEU A 532 1.02 -8.92 3.44
CA LEU A 532 2.37 -9.01 3.96
C LEU A 532 3.28 -9.62 2.87
N LEU A 533 2.82 -10.65 2.20
CA LEU A 533 3.64 -11.29 1.14
C LEU A 533 3.85 -10.31 -0.06
N ASP A 534 2.82 -9.59 -0.44
CA ASP A 534 2.93 -8.65 -1.52
C ASP A 534 3.99 -7.60 -1.20
N THR A 535 4.03 -7.12 0.04
CA THR A 535 5.03 -6.13 0.40
C THR A 535 6.41 -6.79 0.50
N LEU A 536 6.58 -7.94 1.21
CA LEU A 536 7.97 -8.39 1.49
C LEU A 536 8.65 -9.23 0.37
N GLY A 537 7.84 -9.89 -0.44
CA GLY A 537 8.31 -10.92 -1.31
C GLY A 537 8.46 -12.22 -0.52
N PRO A 538 8.53 -13.34 -1.24
CA PRO A 538 8.61 -14.69 -0.64
C PRO A 538 9.78 -14.97 0.34
N LYS A 539 11.00 -14.57 0.01
CA LYS A 539 12.08 -14.86 0.89
C LYS A 539 11.91 -14.17 2.26
N LYS A 540 11.65 -12.87 2.24
CA LYS A 540 11.58 -12.10 3.44
C LYS A 540 10.33 -12.53 4.22
N PHE A 541 9.31 -12.95 3.46
CA PHE A 541 8.13 -13.46 4.03
C PHE A 541 8.31 -14.80 4.80
N GLY A 542 9.03 -15.77 4.23
CA GLY A 542 9.50 -16.92 5.08
C GLY A 542 10.35 -16.51 6.29
N GLU A 543 11.21 -15.50 6.15
CA GLU A 543 11.95 -15.03 7.37
C GLU A 543 11.01 -14.42 8.46
N TRP A 544 10.05 -13.61 8.04
CA TRP A 544 9.02 -13.11 8.91
C TRP A 544 8.30 -14.26 9.60
N MET A 545 7.89 -15.33 8.92
CA MET A 545 7.29 -16.54 9.57
C MET A 545 8.20 -17.12 10.63
N ARG A 546 9.48 -17.30 10.28
CA ARG A 546 10.47 -17.82 11.21
C ARG A 546 10.51 -16.97 12.47
N ASN A 547 10.61 -15.65 12.31
CA ASN A 547 10.74 -14.69 13.38
C ASN A 547 9.48 -14.61 14.32
N GLU A 548 8.29 -14.94 13.82
CA GLU A 548 7.05 -14.76 14.60
C GLU A 548 7.03 -15.65 15.85
N LYS A 549 6.56 -15.09 16.92
CA LYS A 549 6.44 -15.85 18.18
C LYS A 549 5.19 -16.77 18.09
N ARG A 550 4.04 -16.17 17.76
CA ARG A 550 2.84 -16.97 17.73
C ARG A 550 2.95 -18.19 16.76
N VAL A 551 2.30 -19.33 17.05
CA VAL A 551 2.32 -20.30 16.00
C VAL A 551 1.37 -19.84 14.87
N LEU A 552 1.73 -20.19 13.65
CA LEU A 552 0.90 -19.85 12.45
C LEU A 552 0.02 -20.99 12.01
N LEU A 553 -1.21 -20.69 11.59
CA LEU A 553 -2.13 -21.76 11.15
C LEU A 553 -2.61 -21.74 9.75
N THR A 554 -2.64 -22.93 9.17
CA THR A 554 -3.22 -23.18 7.91
C THR A 554 -4.45 -24.06 8.07
N ASP A 555 -5.60 -23.62 7.46
CA ASP A 555 -6.88 -24.33 7.47
C ASP A 555 -6.92 -25.17 6.15
N THR A 556 -7.03 -26.49 6.27
CA THR A 556 -7.01 -27.31 5.10
C THR A 556 -8.43 -27.83 4.74
N THR A 557 -9.46 -27.38 5.45
CA THR A 557 -10.83 -27.83 5.21
C THR A 557 -11.20 -27.79 3.69
N MET A 558 -10.85 -26.72 3.01
CA MET A 558 -11.27 -26.62 1.64
C MET A 558 -10.52 -27.56 0.61
N ARG A 559 -9.45 -28.28 1.02
CA ARG A 559 -8.74 -29.27 0.11
C ARG A 559 -8.58 -30.65 0.81
N ASP A 560 -7.58 -30.79 1.71
CA ASP A 560 -7.24 -32.07 2.35
C ASP A 560 -8.38 -32.64 3.23
N GLY A 561 -9.09 -31.78 3.96
CA GLY A 561 -10.25 -32.25 4.80
C GLY A 561 -11.26 -33.01 3.95
N HIS A 562 -11.72 -32.44 2.81
CA HIS A 562 -12.71 -33.26 2.07
C HIS A 562 -12.05 -34.23 1.16
N GLN A 563 -10.82 -33.93 0.70
CA GLN A 563 -10.11 -35.01 0.01
C GLN A 563 -10.05 -36.32 0.87
N SER A 564 -9.82 -36.18 2.17
CA SER A 564 -9.61 -37.32 3.00
C SER A 564 -10.92 -37.89 3.40
N LEU A 565 -11.93 -37.07 3.57
CA LEU A 565 -13.12 -37.66 4.18
C LEU A 565 -14.24 -37.91 3.15
N LEU A 566 -14.31 -37.12 2.04
CA LEU A 566 -15.44 -37.20 1.09
C LEU A 566 -15.01 -37.44 -0.36
N ALA A 567 -13.92 -38.16 -0.56
CA ALA A 567 -13.40 -38.46 -1.89
C ALA A 567 -13.26 -37.18 -2.67
N THR A 568 -12.96 -36.07 -1.98
CA THR A 568 -12.69 -34.80 -2.69
C THR A 568 -13.94 -34.32 -3.47
N ARG A 569 -15.15 -34.53 -2.96
CA ARG A 569 -16.33 -34.19 -3.79
C ARG A 569 -16.91 -32.87 -3.42
N MET A 570 -16.27 -32.17 -2.50
CA MET A 570 -16.72 -30.80 -2.12
C MET A 570 -16.78 -29.87 -3.36
N ARG A 571 -17.94 -29.23 -3.55
CA ARG A 571 -18.26 -28.38 -4.67
C ARG A 571 -17.90 -26.89 -4.43
N THR A 572 -17.59 -26.16 -5.50
CA THR A 572 -17.28 -24.75 -5.46
C THR A 572 -18.31 -23.96 -4.78
N TYR A 573 -19.56 -24.25 -5.08
CA TYR A 573 -20.62 -23.50 -4.48
C TYR A 573 -20.47 -23.36 -2.94
N ASP A 574 -20.19 -24.46 -2.24
CA ASP A 574 -20.17 -24.47 -0.79
C ASP A 574 -18.85 -23.87 -0.29
N ILE A 575 -17.80 -24.05 -1.09
CA ILE A 575 -16.47 -23.62 -0.66
C ILE A 575 -16.32 -22.08 -0.82
N ALA A 576 -16.76 -21.58 -1.97
CA ALA A 576 -16.77 -20.15 -2.21
C ALA A 576 -17.75 -19.42 -1.36
N ARG A 577 -18.95 -19.93 -1.05
CA ARG A 577 -19.78 -19.09 -0.18
CA ARG A 577 -19.85 -19.19 -0.14
C ARG A 577 -19.18 -18.78 1.19
N ILE A 578 -18.15 -19.52 1.63
CA ILE A 578 -17.61 -19.32 3.00
C ILE A 578 -16.30 -18.46 3.05
N ALA A 579 -15.69 -18.26 1.89
CA ALA A 579 -14.41 -17.62 1.83
C ALA A 579 -14.49 -16.23 2.47
N GLY A 580 -15.51 -15.47 2.15
CA GLY A 580 -15.63 -14.12 2.73
C GLY A 580 -15.77 -14.13 4.27
N THR A 581 -16.40 -15.16 4.84
CA THR A 581 -16.47 -15.20 6.31
C THR A 581 -15.08 -15.50 6.95
N TYR A 582 -14.28 -16.38 6.29
CA TYR A 582 -12.94 -16.63 6.78
C TYR A 582 -12.13 -15.36 6.79
N SER A 583 -12.36 -14.58 5.77
CA SER A 583 -11.65 -13.35 5.55
C SER A 583 -11.89 -12.27 6.63
N HIS A 584 -13.13 -12.11 7.04
CA HIS A 584 -13.51 -11.19 8.09
C HIS A 584 -13.39 -11.78 9.42
N ALA A 585 -13.61 -13.10 9.61
CA ALA A 585 -13.63 -13.65 10.96
C ALA A 585 -12.31 -14.22 11.46
N LEU A 586 -11.48 -14.77 10.55
CA LEU A 586 -10.15 -15.28 10.95
C LEU A 586 -9.06 -14.63 10.10
N PRO A 587 -8.91 -13.31 10.19
CA PRO A 587 -7.93 -12.66 9.27
C PRO A 587 -6.44 -12.92 9.65
N ASN A 588 -6.19 -13.59 10.77
CA ASN A 588 -4.83 -13.99 11.21
C ASN A 588 -4.40 -15.32 10.64
N LEU A 589 -5.27 -16.04 9.98
CA LEU A 589 -4.86 -17.36 9.45
C LEU A 589 -3.63 -17.19 8.53
N LEU A 590 -2.77 -18.17 8.51
CA LEU A 590 -1.60 -18.07 7.59
C LEU A 590 -2.10 -18.27 6.14
N SER A 591 -2.87 -19.33 5.89
CA SER A 591 -3.29 -19.58 4.53
C SER A 591 -4.47 -20.51 4.55
N LEU A 592 -5.16 -20.64 3.42
CA LEU A 592 -6.22 -21.62 3.25
C LEU A 592 -5.60 -22.56 2.22
N GLU A 593 -5.39 -23.82 2.59
CA GLU A 593 -5.00 -24.82 1.59
C GLU A 593 -6.34 -25.15 0.86
N CYS A 594 -6.42 -24.93 -0.44
CA CYS A 594 -7.71 -24.91 -1.10
C CYS A 594 -7.64 -25.33 -2.57
N TRP A 595 -6.55 -25.97 -3.02
CA TRP A 595 -6.31 -26.28 -4.42
C TRP A 595 -5.21 -27.29 -4.57
N GLY A 596 -5.12 -27.87 -5.75
CA GLY A 596 -4.22 -29.02 -6.01
C GLY A 596 -4.64 -30.31 -5.29
N GLY A 597 -3.69 -31.23 -5.08
CA GLY A 597 -4.00 -32.59 -4.70
C GLY A 597 -5.06 -33.09 -5.66
N ALA A 598 -6.11 -33.78 -5.18
CA ALA A 598 -7.02 -34.40 -6.19
C ALA A 598 -8.07 -33.39 -6.72
N THR A 599 -8.13 -32.17 -6.14
CA THR A 599 -9.21 -31.26 -6.47
C THR A 599 -9.24 -30.94 -7.95
N PHE A 600 -8.09 -30.97 -8.57
CA PHE A 600 -8.01 -30.47 -9.93
C PHE A 600 -8.80 -31.33 -10.91
N ASP A 601 -8.52 -32.63 -10.92
CA ASP A 601 -9.24 -33.43 -11.87
C ASP A 601 -10.57 -33.86 -11.36
N VAL A 602 -10.70 -34.09 -10.05
CA VAL A 602 -11.99 -34.47 -9.52
C VAL A 602 -13.07 -33.43 -9.85
N SER A 603 -12.74 -32.16 -9.64
CA SER A 603 -13.67 -31.07 -9.90
C SER A 603 -14.31 -31.18 -11.32
N MET A 604 -13.50 -31.32 -12.37
CA MET A 604 -14.01 -31.58 -13.75
C MET A 604 -14.55 -32.97 -13.97
N ARG A 605 -13.80 -34.02 -13.59
CA ARG A 605 -14.27 -35.39 -13.88
C ARG A 605 -15.62 -35.70 -13.25
N PHE A 606 -15.80 -35.36 -11.97
CA PHE A 606 -16.93 -35.84 -11.15
C PHE A 606 -17.94 -34.77 -10.73
N LEU A 607 -17.58 -33.48 -10.73
CA LEU A 607 -18.43 -32.41 -10.25
C LEU A 607 -18.75 -31.49 -11.41
N THR A 608 -18.26 -31.83 -12.63
CA THR A 608 -18.43 -30.99 -13.81
C THR A 608 -18.21 -29.48 -13.53
N GLU A 609 -17.14 -29.16 -12.83
CA GLU A 609 -16.88 -27.74 -12.58
C GLU A 609 -15.46 -27.45 -12.78
N ASP A 610 -15.15 -26.18 -12.98
CA ASP A 610 -13.83 -25.75 -13.38
C ASP A 610 -12.98 -25.33 -12.14
N PRO A 611 -11.83 -25.95 -11.92
CA PRO A 611 -11.03 -25.64 -10.70
C PRO A 611 -10.47 -24.23 -10.71
N TRP A 612 -10.22 -23.65 -11.89
CA TRP A 612 -9.81 -22.25 -12.00
C TRP A 612 -10.89 -21.36 -11.53
N GLU A 613 -12.13 -21.63 -11.87
CA GLU A 613 -13.18 -20.75 -11.40
C GLU A 613 -13.24 -20.86 -9.88
N ARG A 614 -13.06 -22.06 -9.35
CA ARG A 614 -13.06 -22.23 -7.87
C ARG A 614 -12.01 -21.31 -7.23
N LEU A 615 -10.83 -21.31 -7.83
CA LEU A 615 -9.71 -20.58 -7.29
C LEU A 615 -9.99 -19.06 -7.36
N ALA A 616 -10.47 -18.62 -8.50
CA ALA A 616 -10.69 -17.21 -8.73
C ALA A 616 -11.78 -16.76 -7.74
N LEU A 617 -12.72 -17.63 -7.38
CA LEU A 617 -13.80 -17.23 -6.40
C LEU A 617 -13.31 -17.18 -4.97
N ILE A 618 -12.47 -18.13 -4.56
CA ILE A 618 -11.83 -18.07 -3.26
C ILE A 618 -10.94 -16.79 -3.21
N ARG A 619 -10.19 -16.50 -4.27
CA ARG A 619 -9.29 -15.33 -4.30
C ARG A 619 -10.13 -14.05 -4.12
N GLU A 620 -11.30 -13.99 -4.70
CA GLU A 620 -12.14 -12.83 -4.59
CA GLU A 620 -12.11 -12.80 -4.58
C GLU A 620 -12.71 -12.67 -3.16
N GLY A 621 -13.10 -13.77 -2.54
CA GLY A 621 -13.76 -13.73 -1.24
C GLY A 621 -12.78 -13.58 -0.10
N ALA A 622 -11.51 -13.97 -0.25
CA ALA A 622 -10.58 -13.75 0.87
C ALA A 622 -9.32 -13.05 0.33
N PRO A 623 -9.41 -11.75 0.05
CA PRO A 623 -8.27 -11.09 -0.53
C PRO A 623 -7.17 -10.91 0.50
N ASN A 624 -7.34 -11.35 1.76
CA ASN A 624 -6.29 -10.99 2.71
C ASN A 624 -5.48 -12.15 3.16
N LEU A 625 -5.83 -13.36 2.71
CA LEU A 625 -5.14 -14.56 3.20
C LEU A 625 -4.35 -15.22 2.04
N LEU A 626 -3.22 -15.88 2.34
CA LEU A 626 -2.51 -16.60 1.33
C LEU A 626 -3.40 -17.76 0.87
N LEU A 627 -3.38 -18.02 -0.41
CA LEU A 627 -4.02 -19.22 -0.88
C LEU A 627 -2.94 -20.23 -1.19
N GLN A 628 -3.14 -21.46 -0.74
CA GLN A 628 -2.10 -22.47 -0.84
C GLN A 628 -2.57 -23.69 -1.65
N MET A 629 -1.69 -24.32 -2.39
CA MET A 629 -2.03 -25.57 -3.05
C MET A 629 -1.00 -26.66 -2.71
N LEU A 630 -1.38 -27.92 -2.89
CA LEU A 630 -0.41 -28.97 -2.84
C LEU A 630 0.01 -29.20 -4.28
N LEU A 631 1.29 -29.25 -4.55
CA LEU A 631 1.80 -29.50 -5.95
C LEU A 631 2.76 -30.69 -5.97
N ARG A 632 2.56 -31.71 -6.83
CA ARG A 632 3.69 -32.68 -7.03
C ARG A 632 4.77 -32.01 -7.86
N GLY A 633 6.04 -32.01 -7.43
CA GLY A 633 7.12 -31.42 -8.24
C GLY A 633 7.26 -31.95 -9.67
N ALA A 634 6.99 -33.25 -9.81
CA ALA A 634 7.31 -33.91 -11.05
C ALA A 634 6.23 -33.57 -12.03
N ASN A 635 4.96 -33.61 -11.61
CA ASN A 635 3.94 -33.34 -12.61
C ASN A 635 2.84 -32.32 -12.32
N GLY A 636 3.11 -31.46 -11.35
CA GLY A 636 2.13 -30.47 -10.94
C GLY A 636 0.87 -31.09 -10.31
N VAL A 637 -0.24 -31.02 -11.05
CA VAL A 637 -1.46 -31.67 -10.57
C VAL A 637 -1.83 -32.88 -11.44
N GLY A 638 -0.94 -33.28 -12.36
CA GLY A 638 -1.31 -34.26 -13.35
C GLY A 638 -1.33 -35.70 -12.85
N TYR A 639 -1.44 -36.63 -13.82
CA TYR A 639 -1.51 -38.06 -13.56
C TYR A 639 -0.28 -38.76 -14.15
N THR A 640 0.48 -38.11 -15.03
CA THR A 640 1.66 -38.76 -15.56
C THR A 640 2.87 -37.83 -15.53
N ASN A 641 3.92 -38.14 -16.26
CA ASN A 641 5.11 -37.31 -16.32
C ASN A 641 4.92 -36.34 -17.47
N TYR A 642 5.32 -35.08 -17.32
CA TYR A 642 5.22 -34.11 -18.41
C TYR A 642 6.58 -33.44 -18.64
N PRO A 643 6.80 -32.85 -19.85
CA PRO A 643 8.02 -32.02 -20.08
C PRO A 643 8.13 -30.84 -19.17
N ASP A 644 9.37 -30.45 -18.90
CA ASP A 644 9.63 -29.28 -18.07
C ASP A 644 8.78 -28.03 -18.49
N ASN A 645 8.68 -27.76 -19.79
CA ASN A 645 8.01 -26.53 -20.20
C ASN A 645 6.53 -26.57 -19.81
N VAL A 646 5.96 -27.77 -19.73
CA VAL A 646 4.56 -27.89 -19.42
C VAL A 646 4.34 -27.66 -17.92
N VAL A 647 5.24 -28.22 -17.16
CA VAL A 647 5.25 -28.05 -15.78
C VAL A 647 5.41 -26.57 -15.42
N LYS A 648 6.41 -25.95 -16.00
CA LYS A 648 6.60 -24.49 -15.90
C LYS A 648 5.32 -23.70 -16.22
N TYR A 649 4.66 -24.05 -17.33
CA TYR A 649 3.48 -23.39 -17.79
C TYR A 649 2.36 -23.52 -16.77
N PHE A 650 2.19 -24.75 -16.24
CA PHE A 650 1.20 -24.91 -15.20
C PHE A 650 1.46 -23.97 -13.98
N VAL A 651 2.70 -23.95 -13.48
CA VAL A 651 3.02 -23.16 -12.31
C VAL A 651 2.74 -21.67 -12.59
N ARG A 652 3.13 -21.21 -13.75
CA ARG A 652 2.83 -19.84 -14.14
C ARG A 652 1.35 -19.56 -14.13
N GLN A 653 0.50 -20.51 -14.59
CA GLN A 653 -0.92 -20.21 -14.56
C GLN A 653 -1.51 -20.26 -13.12
N ALA A 654 -0.99 -21.17 -12.29
CA ALA A 654 -1.50 -21.34 -10.98
C ALA A 654 -1.19 -20.01 -10.24
N ALA A 655 0.00 -19.44 -10.44
CA ALA A 655 0.37 -18.16 -9.82
C ALA A 655 -0.53 -17.02 -10.39
N LYS A 656 -0.73 -16.99 -11.70
CA LYS A 656 -1.54 -15.95 -12.30
C LYS A 656 -2.96 -16.02 -11.68
N GLY A 657 -3.50 -17.22 -11.46
CA GLY A 657 -4.89 -17.38 -11.08
C GLY A 657 -5.20 -17.25 -9.56
N GLY A 658 -4.16 -17.10 -8.73
CA GLY A 658 -4.34 -16.73 -7.32
C GLY A 658 -3.54 -17.56 -6.31
N ILE A 659 -2.76 -18.53 -6.71
CA ILE A 659 -2.02 -19.27 -5.64
C ILE A 659 -0.86 -18.43 -5.14
N ASP A 660 -0.65 -18.33 -3.84
CA ASP A 660 0.51 -17.63 -3.28
C ASP A 660 1.53 -18.58 -2.73
N LEU A 661 1.09 -19.77 -2.34
CA LEU A 661 1.92 -20.66 -1.56
C LEU A 661 1.92 -22.08 -2.12
N PHE A 662 3.01 -22.52 -2.66
CA PHE A 662 3.00 -23.83 -3.31
C PHE A 662 3.71 -24.74 -2.38
N ARG A 663 3.02 -25.78 -1.92
CA ARG A 663 3.68 -26.78 -1.07
C ARG A 663 4.06 -27.91 -2.02
N VAL A 664 5.35 -28.12 -2.22
CA VAL A 664 5.77 -29.01 -3.29
C VAL A 664 6.46 -30.20 -2.72
N PHE A 665 6.08 -31.39 -3.18
CA PHE A 665 6.61 -32.61 -2.58
C PHE A 665 7.00 -33.58 -3.70
N ASP A 666 7.77 -34.60 -3.36
CA ASP A 666 7.99 -35.72 -4.26
C ASP A 666 7.73 -37.00 -3.55
N CYS A 667 7.00 -37.88 -4.21
CA CYS A 667 6.55 -39.09 -3.60
C CYS A 667 7.71 -40.01 -3.18
N LEU A 668 8.92 -39.80 -3.70
CA LEU A 668 10.06 -40.50 -3.08
C LEU A 668 11.03 -39.59 -2.31
N ASN A 669 10.67 -38.31 -2.09
CA ASN A 669 11.59 -37.35 -1.39
C ASN A 669 12.88 -37.26 -2.28
N TRP A 670 12.72 -37.31 -3.60
CA TRP A 670 13.90 -37.12 -4.45
C TRP A 670 14.00 -35.66 -4.82
N VAL A 671 15.00 -34.95 -4.25
CA VAL A 671 15.08 -33.50 -4.45
C VAL A 671 15.20 -33.17 -5.93
N GLU A 672 16.04 -33.93 -6.65
CA GLU A 672 16.26 -33.76 -8.10
C GLU A 672 14.97 -33.54 -8.86
N ASN A 673 14.02 -34.38 -8.52
CA ASN A 673 12.70 -34.38 -9.13
C ASN A 673 11.78 -33.19 -8.70
N MET A 674 12.27 -32.27 -7.88
CA MET A 674 11.49 -31.14 -7.38
C MET A 674 11.99 -29.83 -7.97
N ARG A 675 13.22 -29.81 -8.44
CA ARG A 675 13.92 -28.58 -8.83
C ARG A 675 13.24 -27.74 -9.88
N VAL A 676 12.73 -28.40 -10.90
CA VAL A 676 12.03 -27.67 -11.94
C VAL A 676 10.80 -26.92 -11.38
N SER A 677 10.05 -27.60 -10.53
CA SER A 677 8.94 -26.92 -9.82
C SER A 677 9.39 -25.82 -8.92
N MET A 678 10.48 -26.05 -8.18
CA MET A 678 10.96 -25.07 -7.25
C MET A 678 11.45 -23.80 -7.94
N ASP A 679 12.20 -23.96 -9.03
CA ASP A 679 12.68 -22.85 -9.88
C ASP A 679 11.50 -22.16 -10.54
N ALA A 680 10.54 -22.93 -11.09
CA ALA A 680 9.35 -22.24 -11.66
C ALA A 680 8.59 -21.35 -10.58
N ILE A 681 8.32 -21.88 -9.37
CA ILE A 681 7.68 -21.07 -8.28
C ILE A 681 8.46 -19.72 -7.94
N ALA A 682 9.78 -19.82 -7.83
CA ALA A 682 10.61 -18.66 -7.44
C ALA A 682 10.60 -17.64 -8.59
N GLU A 683 10.68 -18.17 -9.79
CA GLU A 683 10.61 -17.39 -10.98
C GLU A 683 9.28 -16.58 -11.00
N GLU A 684 8.21 -17.14 -10.44
CA GLU A 684 6.94 -16.41 -10.42
C GLU A 684 6.89 -15.55 -9.18
N ASN A 685 7.89 -15.68 -8.30
CA ASN A 685 7.86 -14.80 -7.13
C ASN A 685 6.81 -15.18 -6.12
N LYS A 686 6.52 -16.48 -6.04
CA LYS A 686 5.59 -17.03 -5.09
C LYS A 686 6.35 -17.79 -4.02
N LEU A 687 5.66 -18.26 -2.99
CA LEU A 687 6.32 -18.98 -1.92
C LEU A 687 6.47 -20.39 -2.32
N CYS A 688 7.69 -20.84 -2.12
CA CYS A 688 8.00 -22.20 -2.45
C CYS A 688 8.21 -22.89 -1.13
N GLU A 689 7.24 -23.72 -0.75
CA GLU A 689 7.37 -24.50 0.48
C GLU A 689 7.75 -25.94 0.10
N ALA A 690 9.01 -26.34 0.38
CA ALA A 690 9.45 -27.61 -0.13
C ALA A 690 9.21 -28.58 0.97
N ALA A 691 8.48 -29.64 0.68
CA ALA A 691 8.08 -30.57 1.77
C ALA A 691 8.98 -31.78 1.76
N ILE A 692 9.16 -32.34 2.94
CA ILE A 692 9.83 -33.59 3.10
C ILE A 692 8.74 -34.55 3.65
N CYS A 693 8.49 -35.69 2.97
CA CYS A 693 7.54 -36.67 3.46
C CYS A 693 8.13 -37.46 4.62
N TYR A 694 7.38 -37.55 5.70
CA TYR A 694 7.83 -38.29 6.86
C TYR A 694 7.36 -39.71 6.77
N THR A 695 8.23 -40.66 7.06
CA THR A 695 7.79 -42.05 7.19
C THR A 695 8.68 -42.82 8.14
N GLY A 696 8.32 -44.06 8.48
CA GLY A 696 9.11 -44.77 9.52
C GLY A 696 8.90 -44.12 10.90
N ASP A 697 10.05 -43.98 11.59
CA ASP A 697 10.10 -43.51 13.00
C ASP A 697 11.54 -43.14 13.45
N ILE A 698 11.85 -41.84 13.56
CA ILE A 698 13.21 -41.44 13.94
C ILE A 698 13.72 -41.96 15.31
N LEU A 699 12.83 -42.29 16.22
CA LEU A 699 13.18 -42.81 17.57
C LEU A 699 13.33 -44.34 17.59
N ASN A 700 13.14 -45.03 16.48
CA ASN A 700 13.26 -46.48 16.53
C ASN A 700 14.48 -46.80 15.71
N SER A 701 15.50 -47.32 16.35
CA SER A 701 16.79 -47.44 15.69
C SER A 701 16.84 -48.71 14.81
N ALA A 702 15.75 -49.44 14.75
CA ALA A 702 15.67 -50.63 13.94
C ALA A 702 15.17 -50.31 12.54
N ARG A 703 14.92 -49.03 12.24
CA ARG A 703 14.64 -48.62 10.87
CA ARG A 703 14.64 -48.62 10.87
C ARG A 703 15.52 -47.41 10.46
N PRO A 704 16.88 -47.59 10.46
CA PRO A 704 17.89 -46.52 10.35
C PRO A 704 17.88 -45.72 9.08
N LYS A 705 17.25 -46.26 8.05
CA LYS A 705 17.11 -45.54 6.76
C LYS A 705 16.36 -44.21 6.94
N TYR A 706 15.37 -44.15 7.84
CA TYR A 706 14.71 -42.84 8.08
C TYR A 706 15.06 -42.34 9.46
N ASP A 707 16.30 -41.98 9.66
CA ASP A 707 16.74 -41.46 10.93
C ASP A 707 16.68 -39.96 10.90
N LEU A 708 17.11 -39.33 11.98
CA LEU A 708 17.02 -37.91 12.11
C LEU A 708 17.80 -37.20 10.98
N LYS A 709 18.97 -37.72 10.67
CA LYS A 709 19.94 -37.19 9.74
C LYS A 709 19.31 -37.16 8.33
N TYR A 710 18.58 -38.22 8.00
CA TYR A 710 17.83 -38.25 6.79
C TYR A 710 17.03 -36.93 6.52
N TYR A 711 16.37 -36.38 7.55
CA TYR A 711 15.51 -35.23 7.43
C TYR A 711 16.27 -33.88 7.43
N THR A 712 17.28 -33.78 8.30
CA THR A 712 17.99 -32.53 8.46
C THR A 712 18.83 -32.33 7.22
N ASN A 713 19.45 -33.40 6.68
CA ASN A 713 20.15 -33.30 5.37
C ASN A 713 19.14 -32.91 4.23
N LEU A 714 17.92 -33.45 4.23
CA LEU A 714 16.99 -33.04 3.15
C LEU A 714 16.65 -31.58 3.28
N ALA A 715 16.48 -31.15 4.53
CA ALA A 715 16.18 -29.76 4.76
C ALA A 715 17.28 -28.86 4.21
N VAL A 716 18.52 -29.18 4.49
CA VAL A 716 19.65 -28.44 3.97
C VAL A 716 19.73 -28.54 2.43
N GLU A 717 19.49 -29.72 1.80
CA GLU A 717 19.39 -29.78 0.31
C GLU A 717 18.26 -28.88 -0.16
N LEU A 718 17.14 -28.83 0.58
CA LEU A 718 16.01 -28.13 0.03
C LEU A 718 16.24 -26.61 0.13
N GLU A 719 16.93 -26.20 1.18
CA GLU A 719 17.28 -24.82 1.31
C GLU A 719 18.26 -24.41 0.18
N LYS A 720 19.27 -25.23 -0.13
CA LYS A 720 20.19 -24.92 -1.25
C LYS A 720 19.43 -24.89 -2.55
N ALA A 721 18.39 -25.71 -2.69
CA ALA A 721 17.58 -25.68 -3.91
C ALA A 721 16.61 -24.46 -4.01
N GLY A 722 16.62 -23.56 -3.04
CA GLY A 722 15.76 -22.35 -3.15
C GLY A 722 14.43 -22.35 -2.35
N ALA A 723 14.16 -23.34 -1.48
CA ALA A 723 12.95 -23.25 -0.63
C ALA A 723 12.78 -21.88 0.10
N HIS A 724 11.59 -21.38 0.28
CA HIS A 724 11.40 -20.29 1.20
C HIS A 724 10.95 -20.79 2.56
N ILE A 725 10.32 -21.94 2.56
CA ILE A 725 9.82 -22.61 3.75
C ILE A 725 10.07 -24.09 3.56
N ILE A 726 10.39 -24.78 4.68
CA ILE A 726 10.39 -26.23 4.68
C ILE A 726 9.14 -26.80 5.32
N ALA A 727 8.52 -27.79 4.68
CA ALA A 727 7.36 -28.43 5.32
C ALA A 727 7.72 -29.86 5.72
N VAL A 728 7.13 -30.38 6.82
CA VAL A 728 7.18 -31.81 7.07
C VAL A 728 5.80 -32.31 6.73
N KCX A 729 5.75 -33.17 5.74
CA KCX A 729 4.45 -33.70 5.36
CB KCX A 729 4.36 -33.60 3.86
CG KCX A 729 3.04 -34.11 3.24
CD KCX A 729 3.16 -34.07 1.71
CE KCX A 729 2.08 -34.87 0.99
NZ KCX A 729 0.85 -34.13 1.09
C KCX A 729 4.37 -35.14 5.84
O KCX A 729 4.98 -36.05 5.26
CX KCX A 729 -0.20 -34.26 1.88
OQ1 KCX A 729 -0.24 -35.14 2.68
OQ2 KCX A 729 -1.23 -33.43 1.83
N ASP A 730 3.60 -35.32 6.88
CA ASP A 730 3.37 -36.58 7.52
C ASP A 730 2.00 -37.04 6.96
N MET A 731 2.06 -37.53 5.73
CA MET A 731 0.86 -37.89 4.98
C MET A 731 0.12 -39.07 5.64
N ALA A 732 0.81 -39.92 6.39
CA ALA A 732 0.10 -41.04 7.04
C ALA A 732 -0.20 -40.81 8.52
N GLY A 733 0.18 -39.65 9.06
CA GLY A 733 -0.07 -39.43 10.54
C GLY A 733 0.84 -40.25 11.46
N LEU A 734 2.09 -40.48 11.03
CA LEU A 734 3.03 -41.37 11.67
C LEU A 734 3.91 -40.69 12.73
N LEU A 735 4.08 -39.37 12.67
CA LEU A 735 4.94 -38.71 13.62
C LEU A 735 4.28 -38.72 15.03
N LYS A 736 5.04 -39.20 16.02
CA LYS A 736 4.58 -39.38 17.39
C LYS A 736 5.17 -38.20 18.16
N PRO A 737 4.53 -37.79 19.26
CA PRO A 737 4.93 -36.56 19.95
C PRO A 737 6.35 -36.50 20.46
N ALA A 738 6.89 -37.55 21.05
CA ALA A 738 8.25 -37.47 21.52
C ALA A 738 9.17 -37.29 20.32
N ALA A 739 8.79 -37.85 19.17
CA ALA A 739 9.56 -37.66 17.95
C ALA A 739 9.46 -36.23 17.38
N ALA A 740 8.32 -35.58 17.56
CA ALA A 740 8.12 -34.22 17.03
C ALA A 740 9.08 -33.22 17.75
N LYS A 741 9.29 -33.55 18.99
CA LYS A 741 10.06 -32.70 19.86
C LYS A 741 11.52 -32.77 19.46
N VAL A 742 11.98 -33.95 19.16
CA VAL A 742 13.34 -34.13 18.66
C VAL A 742 13.52 -33.53 17.25
N LEU A 743 12.55 -33.78 16.38
CA LEU A 743 12.62 -33.44 14.96
C LEU A 743 12.54 -31.94 14.73
N PHE A 744 11.61 -31.28 15.40
CA PHE A 744 11.48 -29.86 15.09
C PHE A 744 12.59 -29.04 15.69
N LYS A 745 13.09 -29.44 16.86
CA LYS A 745 14.29 -28.83 17.42
C LYS A 745 15.47 -28.97 16.42
N ALA A 746 15.73 -30.17 15.97
CA ALA A 746 16.86 -30.45 15.08
C ALA A 746 16.66 -29.77 13.73
N LEU A 747 15.44 -29.73 13.23
CA LEU A 747 15.24 -29.07 11.94
C LEU A 747 15.58 -27.56 11.97
N ARG A 748 15.10 -26.88 13.01
CA ARG A 748 15.30 -25.44 13.16
C ARG A 748 16.75 -25.10 13.61
N GLU A 749 17.50 -26.10 14.03
CA GLU A 749 18.98 -25.91 14.11
C GLU A 749 19.76 -26.15 12.76
N ALA A 750 19.19 -26.94 11.85
CA ALA A 750 19.91 -27.30 10.64
C ALA A 750 19.60 -26.31 9.54
N THR A 751 18.51 -25.54 9.64
CA THR A 751 18.26 -24.56 8.61
C THR A 751 17.62 -23.36 9.30
N GLY A 752 17.90 -22.16 8.82
CA GLY A 752 17.25 -20.94 9.28
C GLY A 752 15.82 -20.73 8.76
N LEU A 753 15.39 -21.48 7.76
CA LEU A 753 14.05 -21.31 7.17
C LEU A 753 12.95 -21.70 8.14
N PRO A 754 11.76 -21.06 8.00
CA PRO A 754 10.58 -21.52 8.81
C PRO A 754 10.19 -22.98 8.48
N ILE A 755 9.65 -23.72 9.46
CA ILE A 755 9.17 -25.06 9.25
C ILE A 755 7.64 -25.09 9.40
N HIS A 756 6.99 -25.81 8.53
CA HIS A 756 5.55 -25.89 8.43
C HIS A 756 5.16 -27.37 8.53
N PHE A 757 4.37 -27.74 9.54
CA PHE A 757 4.06 -29.15 9.87
C PHE A 757 2.59 -29.53 9.45
N HIS A 758 2.48 -30.48 8.55
CA HIS A 758 1.19 -31.01 8.15
C HIS A 758 1.07 -32.45 8.50
N THR A 759 0.02 -32.82 9.19
CA THR A 759 -0.17 -34.25 9.53
C THR A 759 -1.66 -34.73 9.41
N HIS A 760 -1.90 -36.00 9.68
CA HIS A 760 -3.24 -36.55 9.61
C HIS A 760 -3.55 -37.29 10.88
N ASP A 761 -4.82 -37.45 11.22
CA ASP A 761 -5.18 -37.89 12.58
C ASP A 761 -5.57 -39.35 12.62
N THR A 762 -5.10 -40.14 11.70
CA THR A 762 -5.57 -41.52 11.60
C THR A 762 -5.43 -42.25 12.91
N SER A 763 -4.41 -41.92 13.71
CA SER A 763 -3.98 -42.66 14.89
C SER A 763 -4.86 -42.17 16.03
N GLY A 764 -5.57 -41.07 15.83
CA GLY A 764 -6.25 -40.47 16.97
C GLY A 764 -5.35 -39.67 17.94
N ILE A 765 -4.05 -39.52 17.69
CA ILE A 765 -3.25 -38.66 18.59
C ILE A 765 -2.53 -37.53 17.89
N ALA A 766 -2.92 -37.21 16.66
CA ALA A 766 -2.15 -36.18 15.92
C ALA A 766 -2.18 -34.79 16.58
N ALA A 767 -3.26 -34.47 17.30
CA ALA A 767 -3.30 -33.22 18.05
C ALA A 767 -2.16 -33.15 19.13
N ALA A 768 -1.89 -34.26 19.78
CA ALA A 768 -0.74 -34.33 20.73
C ALA A 768 0.60 -34.05 19.93
N THR A 769 0.70 -34.58 18.70
CA THR A 769 1.91 -34.36 17.91
C THR A 769 2.03 -32.94 17.48
N VAL A 770 0.93 -32.33 17.03
CA VAL A 770 0.96 -30.94 16.71
C VAL A 770 1.39 -30.09 17.91
N LEU A 771 0.76 -30.27 19.11
CA LEU A 771 1.11 -29.48 20.31
C LEU A 771 2.57 -29.68 20.74
N ALA A 772 3.05 -30.93 20.72
CA ALA A 772 4.51 -31.18 20.88
C ALA A 772 5.31 -30.31 19.85
N ALA A 773 4.92 -30.28 18.59
CA ALA A 773 5.67 -29.53 17.54
C ALA A 773 5.68 -28.01 17.84
N VAL A 774 4.56 -27.53 18.35
CA VAL A 774 4.39 -26.07 18.70
C VAL A 774 5.27 -25.72 19.90
N GLU A 775 5.24 -26.59 20.86
CA GLU A 775 6.14 -26.46 22.00
C GLU A 775 7.63 -26.43 21.54
N ALA A 776 7.96 -27.25 20.56
CA ALA A 776 9.32 -27.34 20.07
C ALA A 776 9.76 -26.20 19.12
N GLY A 777 8.87 -25.30 18.72
CA GLY A 777 9.34 -24.12 17.98
C GLY A 777 8.83 -24.13 16.56
N VAL A 778 7.93 -25.03 16.21
CA VAL A 778 7.52 -25.14 14.80
C VAL A 778 6.81 -23.86 14.36
N ASP A 779 7.07 -23.37 13.16
CA ASP A 779 6.56 -22.07 12.82
C ASP A 779 5.12 -22.05 12.37
N ALA A 780 4.64 -23.09 11.72
CA ALA A 780 3.28 -23.12 11.26
C ALA A 780 2.77 -24.56 11.30
N VAL A 781 1.44 -24.71 11.48
CA VAL A 781 0.87 -26.03 11.46
C VAL A 781 -0.44 -26.01 10.66
N ASP A 782 -0.81 -27.18 10.13
CA ASP A 782 -2.11 -27.35 9.43
C ASP A 782 -3.17 -27.94 10.37
N ALA A 783 -4.42 -27.49 10.24
CA ALA A 783 -5.55 -28.17 10.90
C ALA A 783 -6.84 -28.04 10.07
N ALA A 784 -7.80 -28.94 10.24
CA ALA A 784 -9.12 -28.80 9.61
C ALA A 784 -10.18 -28.37 10.61
N MET A 785 -11.20 -27.68 10.11
CA MET A 785 -12.30 -27.27 10.94
C MET A 785 -12.94 -28.53 11.48
N ASP A 786 -13.50 -28.40 12.69
CA ASP A 786 -13.92 -29.50 13.50
C ASP A 786 -14.74 -30.42 12.67
N ALA A 787 -15.82 -29.91 12.06
CA ALA A 787 -16.73 -30.76 11.21
C ALA A 787 -16.06 -31.59 10.10
N LEU A 788 -14.87 -31.21 9.66
CA LEU A 788 -14.17 -32.05 8.66
C LEU A 788 -12.80 -32.47 9.19
N SER A 789 -12.67 -32.73 10.50
CA SER A 789 -11.37 -33.16 10.99
C SER A 789 -11.47 -34.54 11.61
N GLY A 790 -10.37 -34.98 12.25
CA GLY A 790 -10.25 -36.29 12.77
C GLY A 790 -10.15 -37.38 11.72
N ASN A 791 -10.12 -38.62 12.20
CA ASN A 791 -9.88 -39.80 11.37
C ASN A 791 -8.78 -39.62 10.32
N THR A 792 -9.01 -39.87 9.03
CA THR A 792 -7.96 -39.71 8.04
C THR A 792 -7.72 -38.26 7.60
N SER A 793 -8.42 -37.32 8.20
CA SER A 793 -8.20 -35.89 7.91
C SER A 793 -7.17 -35.22 8.85
N GLN A 794 -7.05 -33.87 8.86
CA GLN A 794 -6.18 -33.23 9.76
C GLN A 794 -6.83 -33.25 11.14
N PRO A 795 -6.04 -32.99 12.18
CA PRO A 795 -6.64 -32.92 13.53
C PRO A 795 -7.50 -31.62 13.71
N CYS A 796 -8.29 -31.55 14.76
CA CYS A 796 -9.25 -30.53 14.98
C CYS A 796 -8.70 -29.15 15.19
N LEU A 797 -8.98 -28.26 14.25
CA LEU A 797 -8.57 -26.83 14.41
C LEU A 797 -9.08 -26.17 15.65
N GLY A 798 -10.38 -26.25 15.95
CA GLY A 798 -10.89 -25.48 17.12
C GLY A 798 -10.28 -25.96 18.45
N SER A 799 -10.09 -27.27 18.61
CA SER A 799 -9.51 -27.77 19.87
C SER A 799 -8.01 -27.50 20.03
N ILE A 800 -7.25 -27.56 18.92
CA ILE A 800 -5.85 -27.18 18.94
C ILE A 800 -5.77 -25.73 19.31
N VAL A 801 -6.60 -24.89 18.69
CA VAL A 801 -6.64 -23.48 19.09
C VAL A 801 -7.07 -23.31 20.58
N GLU A 802 -8.04 -24.08 21.00
CA GLU A 802 -8.46 -23.93 22.35
C GLU A 802 -7.30 -24.35 23.33
N ALA A 803 -6.58 -25.43 23.02
CA ALA A 803 -5.46 -25.86 23.87
C ALA A 803 -4.35 -24.79 24.01
N LEU A 804 -4.22 -23.88 23.05
CA LEU A 804 -3.07 -22.95 22.96
C LEU A 804 -3.48 -21.62 23.48
N SER A 805 -4.71 -21.54 23.85
CA SER A 805 -5.30 -20.24 24.19
C SER A 805 -4.75 -19.73 25.50
N GLY A 806 -4.19 -18.52 25.51
CA GLY A 806 -3.48 -18.12 26.70
C GLY A 806 -2.03 -18.55 26.82
N SER A 807 -1.51 -19.36 25.91
CA SER A 807 -0.11 -19.68 26.07
C SER A 807 0.79 -18.69 25.32
N GLU A 808 2.09 -18.88 25.51
CA GLU A 808 3.15 -18.07 24.92
C GLU A 808 2.96 -17.97 23.40
N ARG A 809 2.63 -19.10 22.77
CA ARG A 809 2.54 -19.24 21.29
C ARG A 809 1.11 -19.13 20.73
N ASP A 810 0.22 -18.72 21.62
CA ASP A 810 -1.19 -18.50 21.31
C ASP A 810 -1.38 -17.96 19.88
N PRO A 811 -2.12 -18.65 19.04
CA PRO A 811 -2.24 -18.13 17.70
C PRO A 811 -3.20 -16.97 17.46
N GLY A 812 -3.98 -16.57 18.46
CA GLY A 812 -4.96 -15.42 18.37
C GLY A 812 -6.10 -15.59 17.39
N LEU A 813 -6.66 -16.78 17.34
CA LEU A 813 -7.83 -17.01 16.47
C LEU A 813 -9.06 -17.12 17.34
N ASP A 814 -10.12 -16.40 17.01
CA ASP A 814 -11.32 -16.37 17.85
C ASP A 814 -12.10 -17.74 17.84
N PRO A 815 -12.12 -18.44 18.96
CA PRO A 815 -12.84 -19.74 19.02
C PRO A 815 -14.39 -19.62 18.76
N ALA A 816 -14.98 -18.47 18.96
CA ALA A 816 -16.42 -18.43 18.67
C ALA A 816 -16.65 -18.46 17.09
N TRP A 817 -15.77 -17.79 16.33
CA TRP A 817 -15.83 -17.89 14.86
C TRP A 817 -15.49 -19.22 14.30
N ILE A 818 -14.51 -19.91 14.86
CA ILE A 818 -14.17 -21.26 14.39
C ILE A 818 -15.36 -22.23 14.51
N ARG A 819 -16.05 -22.16 15.64
CA ARG A 819 -17.26 -22.90 15.90
C ARG A 819 -18.41 -22.61 14.92
N ARG A 820 -18.67 -21.34 14.68
CA ARG A 820 -19.62 -20.94 13.69
C ARG A 820 -19.22 -21.40 12.30
N ILE A 821 -17.95 -21.30 11.92
CA ILE A 821 -17.60 -21.79 10.59
C ILE A 821 -17.66 -23.32 10.62
N SER A 822 -17.27 -23.93 11.72
CA SER A 822 -17.43 -25.36 11.74
C SER A 822 -18.92 -25.83 11.58
N PHE A 823 -19.85 -25.18 12.28
CA PHE A 823 -21.24 -25.50 12.19
C PHE A 823 -21.72 -25.30 10.70
N TYR A 824 -21.27 -24.24 10.03
CA TYR A 824 -21.57 -24.15 8.60
C TYR A 824 -21.01 -25.38 7.84
N TRP A 825 -19.77 -25.79 8.11
CA TRP A 825 -19.20 -26.94 7.37
C TRP A 825 -19.88 -28.27 7.70
N GLU A 826 -20.47 -28.33 8.90
CA GLU A 826 -21.13 -29.53 9.29
C GLU A 826 -22.38 -29.61 8.43
N ALA A 827 -23.11 -28.48 8.30
CA ALA A 827 -24.37 -28.51 7.47
C ALA A 827 -23.96 -28.77 6.00
N VAL A 828 -22.87 -28.24 5.53
CA VAL A 828 -22.42 -28.55 4.17
C VAL A 828 -22.12 -30.04 4.03
N ARG A 829 -21.47 -30.64 5.04
CA ARG A 829 -21.02 -32.01 4.92
C ARG A 829 -22.20 -32.96 4.82
N ASN A 830 -23.30 -32.60 5.50
CA ASN A 830 -24.50 -33.44 5.49
C ASN A 830 -25.04 -33.59 4.07
N GLN A 831 -24.79 -32.63 3.17
CA GLN A 831 -25.35 -32.78 1.84
C GLN A 831 -24.55 -33.88 1.08
N TYR A 832 -23.38 -34.28 1.63
CA TYR A 832 -22.52 -35.14 0.82
C TYR A 832 -22.62 -36.61 1.35
N ALA A 833 -23.75 -36.98 1.99
CA ALA A 833 -23.85 -38.34 2.53
C ALA A 833 -23.44 -39.46 1.52
N ALA A 834 -23.54 -39.21 0.22
CA ALA A 834 -23.26 -40.26 -0.74
C ALA A 834 -21.81 -40.69 -0.69
N PHE A 835 -20.97 -39.85 -0.10
CA PHE A 835 -19.50 -39.98 -0.23
C PHE A 835 -18.81 -40.28 1.07
N GLU A 836 -19.57 -40.48 2.15
CA GLU A 836 -19.00 -40.88 3.43
C GLU A 836 -18.47 -42.32 3.38
N SER A 837 -17.33 -42.57 4.01
CA SER A 837 -16.77 -43.89 4.16
C SER A 837 -17.23 -44.52 5.49
N ASP A 838 -16.85 -45.77 5.68
CA ASP A 838 -17.28 -46.47 6.89
C ASP A 838 -16.32 -46.28 8.09
N LEU A 839 -15.30 -45.42 7.98
CA LEU A 839 -14.25 -45.29 9.03
C LEU A 839 -14.82 -44.81 10.37
N LYS A 840 -14.62 -45.61 11.40
CA LYS A 840 -15.26 -45.28 12.62
C LYS A 840 -14.43 -44.56 13.60
N GLY A 841 -13.08 -44.58 13.51
CA GLY A 841 -12.26 -43.74 14.44
C GLY A 841 -10.77 -44.14 14.42
N PRO A 842 -10.03 -43.86 15.52
CA PRO A 842 -8.57 -43.89 15.57
C PRO A 842 -8.10 -45.26 15.16
N ALA A 843 -6.92 -45.41 14.55
CA ALA A 843 -6.55 -46.81 14.34
C ALA A 843 -5.02 -46.88 14.56
N SER A 844 -4.55 -47.51 15.62
CA SER A 844 -3.14 -47.51 15.74
C SER A 844 -2.47 -48.50 14.71
N GLU A 845 -3.23 -49.27 13.92
CA GLU A 845 -2.58 -50.15 12.94
C GLU A 845 -1.94 -49.30 11.81
N VAL A 846 -2.25 -47.98 11.76
CA VAL A 846 -1.48 -47.05 10.89
C VAL A 846 0.00 -47.17 11.17
N TYR A 847 0.42 -47.40 12.44
CA TYR A 847 1.89 -47.52 12.67
C TYR A 847 2.47 -48.75 11.94
N LEU A 848 1.65 -49.77 11.70
CA LEU A 848 2.16 -50.97 11.06
C LEU A 848 2.11 -50.78 9.55
N HIS A 849 0.99 -50.34 9.00
CA HIS A 849 0.96 -50.30 7.57
C HIS A 849 1.36 -48.96 6.95
N GLU A 850 1.17 -47.81 7.63
CA GLU A 850 1.65 -46.55 7.06
C GLU A 850 0.86 -46.15 5.81
N MET A 851 -0.39 -46.59 5.65
CA MET A 851 -1.18 -46.10 4.50
C MET A 851 -1.57 -44.66 4.77
N PRO A 852 -1.37 -43.78 3.81
CA PRO A 852 -1.63 -42.35 4.03
C PRO A 852 -3.10 -42.04 4.16
N GLY A 853 -3.47 -41.16 5.10
CA GLY A 853 -4.87 -40.80 5.30
C GLY A 853 -5.67 -40.50 4.03
N GLY A 854 -5.09 -39.68 3.18
CA GLY A 854 -5.58 -39.45 1.83
C GLY A 854 -5.78 -40.65 0.91
N GLN A 855 -5.76 -41.87 1.42
CA GLN A 855 -5.86 -43.07 0.57
C GLN A 855 -6.39 -44.31 1.27
N PHE A 856 -6.49 -44.28 2.60
CA PHE A 856 -6.88 -45.43 3.42
C PHE A 856 -8.41 -45.73 3.24
N THR A 857 -9.00 -45.14 2.20
CA THR A 857 -10.43 -45.10 1.97
C THR A 857 -10.79 -45.22 0.46
N ASN A 858 -9.96 -44.62 -0.38
CA ASN A 858 -10.03 -44.93 -1.74
C ASN A 858 -9.62 -46.37 -1.80
N LEU A 859 -8.82 -46.78 -0.82
CA LEU A 859 -8.29 -48.12 -0.75
C LEU A 859 -9.30 -48.98 -0.10
N LYS A 860 -9.83 -48.54 1.03
CA LYS A 860 -10.77 -49.41 1.74
C LYS A 860 -11.80 -50.05 0.75
N GLU A 861 -12.17 -49.29 -0.29
CA GLU A 861 -13.16 -49.71 -1.33
C GLU A 861 -12.64 -50.06 -2.80
N GLN A 862 -11.32 -50.15 -2.99
CA GLN A 862 -10.78 -51.05 -4.01
C GLN A 862 -10.88 -52.45 -3.37
N ALA A 863 -10.62 -52.58 -2.06
CA ALA A 863 -10.78 -53.90 -1.44
C ALA A 863 -12.23 -54.36 -1.55
N ARG A 864 -13.20 -53.45 -1.31
CA ARG A 864 -14.62 -53.80 -1.54
C ARG A 864 -14.84 -54.31 -2.98
N SER A 865 -14.60 -53.47 -3.97
CA SER A 865 -14.81 -53.83 -5.37
C SER A 865 -14.19 -55.16 -5.81
N LEU A 866 -13.48 -55.84 -4.89
CA LEU A 866 -12.80 -57.12 -5.16
C LEU A 866 -13.09 -58.16 -4.08
N GLY A 867 -14.24 -58.03 -3.44
CA GLY A 867 -14.65 -59.01 -2.45
C GLY A 867 -13.63 -59.23 -1.35
N LEU A 868 -12.79 -58.21 -1.15
CA LEU A 868 -11.84 -58.18 -0.02
C LEU A 868 -12.32 -57.56 1.29
N GLU A 869 -13.30 -56.63 1.27
CA GLU A 869 -13.93 -56.11 2.53
C GLU A 869 -13.81 -56.95 3.86
N THR A 870 -13.95 -58.27 3.81
CA THR A 870 -13.84 -59.09 5.02
C THR A 870 -12.39 -59.57 5.23
N ARG A 871 -11.53 -59.29 4.26
CA ARG A 871 -10.11 -59.70 4.30
C ARG A 871 -9.16 -58.52 4.65
N TRP A 872 -9.70 -57.29 4.53
CA TRP A 872 -9.08 -55.95 4.84
C TRP A 872 -7.91 -55.81 5.82
N HIS A 873 -7.79 -56.77 6.74
CA HIS A 873 -6.65 -56.95 7.64
C HIS A 873 -5.45 -57.60 7.07
N GLN A 874 -5.59 -58.73 6.37
CA GLN A 874 -4.38 -59.41 5.80
C GLN A 874 -3.60 -58.47 4.82
N VAL A 875 -4.36 -57.72 4.01
CA VAL A 875 -3.92 -56.54 3.32
C VAL A 875 -2.95 -55.68 4.18
N ALA A 876 -3.49 -54.87 5.09
CA ALA A 876 -2.65 -54.21 6.09
C ALA A 876 -1.26 -54.82 6.20
N GLN A 877 -1.19 -56.13 6.50
CA GLN A 877 0.11 -56.78 6.61
C GLN A 877 0.84 -56.98 5.22
N ALA A 878 0.08 -57.08 4.11
CA ALA A 878 0.73 -57.31 2.80
C ALA A 878 1.41 -55.96 2.40
N TYR A 879 0.71 -54.87 2.73
CA TYR A 879 1.17 -53.50 2.47
C TYR A 879 2.49 -53.25 3.19
N ALA A 880 2.56 -53.44 4.51
CA ALA A 880 3.90 -53.36 5.18
C ALA A 880 4.94 -54.27 4.52
N ASP A 881 4.51 -55.46 4.08
CA ASP A 881 5.47 -56.44 3.54
C ASP A 881 6.00 -55.96 2.16
N ALA A 882 5.05 -55.67 1.27
CA ALA A 882 5.27 -55.07 -0.03
C ALA A 882 6.18 -53.86 0.14
N ASN A 883 5.87 -52.97 1.09
CA ASN A 883 6.67 -51.75 1.26
C ASN A 883 8.14 -52.12 1.43
N GLN A 884 8.36 -53.19 2.19
CA GLN A 884 9.72 -53.55 2.56
C GLN A 884 10.55 -54.25 1.42
N MET A 885 9.88 -55.13 0.68
CA MET A 885 10.43 -55.79 -0.49
C MET A 885 10.80 -54.70 -1.55
N PHE A 886 10.02 -53.62 -1.63
CA PHE A 886 10.40 -52.48 -2.49
C PHE A 886 11.62 -51.69 -2.02
N GLY A 887 12.19 -52.04 -0.86
CA GLY A 887 13.38 -51.33 -0.33
C GLY A 887 13.05 -50.32 0.76
N ASP A 888 11.75 -50.27 1.11
CA ASP A 888 11.19 -49.47 2.23
C ASP A 888 11.12 -48.01 1.78
N ILE A 889 10.00 -47.59 1.20
CA ILE A 889 9.97 -46.31 0.53
C ILE A 889 8.91 -45.36 1.08
N VAL A 890 9.02 -44.09 0.65
CA VAL A 890 8.06 -43.10 1.03
C VAL A 890 6.75 -43.45 0.30
N LYS A 891 5.62 -43.50 1.03
CA LYS A 891 4.41 -44.00 0.41
C LYS A 891 3.44 -42.88 0.38
N VAL A 892 3.23 -42.21 -0.77
CA VAL A 892 2.32 -41.07 -0.83
C VAL A 892 1.87 -40.95 -2.30
N ALA A 893 0.62 -40.55 -2.56
CA ALA A 893 0.12 -40.37 -3.96
C ALA A 893 1.20 -40.10 -4.97
N PRO A 894 1.48 -41.00 -5.94
CA PRO A 894 1.16 -42.33 -6.43
C PRO A 894 2.02 -43.48 -5.92
N SER A 895 3.06 -43.26 -5.14
CA SER A 895 3.72 -44.48 -4.59
C SER A 895 2.86 -45.44 -3.70
N SER A 896 1.97 -44.87 -2.84
CA SER A 896 1.09 -45.71 -1.97
C SER A 896 0.18 -46.56 -2.83
N LYS A 897 -0.30 -45.93 -3.87
CA LYS A 897 -1.16 -46.59 -4.79
C LYS A 897 -0.42 -47.86 -5.26
N VAL A 898 0.87 -47.69 -5.62
CA VAL A 898 1.61 -48.83 -6.10
C VAL A 898 1.69 -49.85 -5.04
N VAL A 899 1.97 -49.43 -3.82
CA VAL A 899 2.13 -50.44 -2.77
C VAL A 899 0.76 -51.08 -2.43
N GLY A 900 -0.32 -50.32 -2.52
CA GLY A 900 -1.65 -50.96 -2.37
C GLY A 900 -1.86 -52.01 -3.45
N ASP A 901 -1.58 -51.67 -4.73
CA ASP A 901 -1.84 -52.65 -5.81
C ASP A 901 -1.01 -53.87 -5.51
N MET A 902 0.24 -53.71 -5.11
CA MET A 902 0.94 -54.91 -4.74
C MET A 902 0.24 -55.72 -3.64
N ALA A 903 -0.30 -55.00 -2.64
CA ALA A 903 -0.87 -55.64 -1.44
C ALA A 903 -2.09 -56.52 -1.75
N LEU A 904 -3.03 -55.94 -2.49
CA LEU A 904 -4.27 -56.57 -2.89
C LEU A 904 -3.91 -57.89 -3.65
N MET A 905 -2.99 -57.77 -4.61
CA MET A 905 -2.54 -58.90 -5.40
C MET A 905 -1.88 -59.96 -4.55
N MET A 906 -0.91 -59.63 -3.69
CA MET A 906 -0.41 -60.70 -2.81
C MET A 906 -1.62 -61.28 -2.06
N VAL A 907 -2.68 -60.47 -1.80
CA VAL A 907 -3.85 -61.05 -1.16
C VAL A 907 -4.75 -61.90 -2.07
N SER A 908 -5.25 -61.35 -3.18
CA SER A 908 -6.03 -62.15 -4.12
C SER A 908 -5.29 -63.42 -4.57
N GLN A 909 -4.44 -63.32 -5.60
CA GLN A 909 -3.52 -64.42 -6.00
C GLN A 909 -2.82 -65.07 -4.76
N ASP A 910 -3.34 -64.83 -3.55
CA ASP A 910 -2.79 -65.39 -2.31
C ASP A 910 -1.29 -65.69 -2.41
N LEU A 911 -0.45 -64.66 -2.43
CA LEU A 911 1.03 -64.83 -2.56
C LEU A 911 1.82 -64.22 -1.38
N THR A 912 3.05 -64.65 -1.10
CA THR A 912 3.96 -63.98 -0.11
C THR A 912 5.19 -63.30 -0.82
N VAL A 913 6.18 -62.80 -0.06
CA VAL A 913 7.31 -62.00 -0.65
C VAL A 913 8.44 -62.84 -1.28
N ALA A 914 8.90 -63.91 -0.60
CA ALA A 914 9.80 -64.88 -1.24
C ALA A 914 9.04 -65.45 -2.47
N ASP A 915 7.76 -65.69 -2.27
CA ASP A 915 6.83 -66.03 -3.32
C ASP A 915 6.81 -64.98 -4.46
N VAL A 916 7.15 -63.71 -4.15
CA VAL A 916 7.01 -62.60 -5.11
C VAL A 916 8.32 -62.38 -5.84
N VAL A 917 9.42 -62.53 -5.12
CA VAL A 917 10.71 -62.38 -5.71
C VAL A 917 11.37 -63.64 -6.20
N SER A 918 10.78 -64.82 -5.94
CA SER A 918 11.38 -66.07 -6.44
C SER A 918 11.32 -66.11 -7.98
N PRO A 919 12.45 -66.47 -8.64
CA PRO A 919 12.51 -66.52 -10.13
C PRO A 919 11.56 -67.57 -10.75
N ASP A 920 11.39 -68.69 -10.06
CA ASP A 920 10.52 -69.80 -10.49
C ASP A 920 9.03 -69.45 -10.63
N ARG A 921 8.41 -68.87 -9.59
CA ARG A 921 6.97 -68.59 -9.59
C ARG A 921 6.59 -67.42 -10.48
N GLU A 922 5.89 -67.69 -11.59
CA GLU A 922 5.33 -66.61 -12.39
C GLU A 922 4.43 -65.77 -11.52
N VAL A 923 4.57 -64.45 -11.66
CA VAL A 923 3.68 -63.48 -11.07
C VAL A 923 3.55 -62.47 -12.18
N SER A 924 2.34 -62.23 -12.70
CA SER A 924 2.08 -61.05 -13.52
C SER A 924 1.75 -59.79 -12.68
N PHE A 925 2.68 -58.85 -12.68
CA PHE A 925 2.59 -57.68 -11.77
C PHE A 925 1.62 -56.60 -12.21
N PRO A 926 1.06 -55.85 -11.21
CA PRO A 926 0.14 -54.80 -11.56
C PRO A 926 0.92 -53.80 -12.34
N GLU A 927 0.24 -53.09 -13.24
CA GLU A 927 0.88 -52.16 -14.16
C GLU A 927 1.57 -51.05 -13.40
N SER A 928 0.99 -50.60 -12.30
CA SER A 928 1.55 -49.48 -11.52
C SER A 928 2.91 -49.91 -10.97
N VAL A 929 3.11 -51.19 -10.70
CA VAL A 929 4.35 -51.73 -10.11
C VAL A 929 5.44 -51.87 -11.19
N VAL A 930 5.07 -52.49 -12.31
CA VAL A 930 5.85 -52.40 -13.49
C VAL A 930 6.28 -50.93 -13.75
N SER A 931 5.39 -49.97 -13.65
CA SER A 931 5.72 -48.59 -14.02
C SER A 931 6.71 -47.94 -13.04
N MET A 932 6.50 -48.14 -11.76
CA MET A 932 7.41 -47.64 -10.75
C MET A 932 8.85 -48.24 -10.89
N LEU A 933 8.93 -49.56 -10.96
CA LEU A 933 10.24 -50.24 -11.08
C LEU A 933 11.00 -49.79 -12.37
N LYS A 934 10.25 -49.36 -13.36
CA LYS A 934 10.79 -48.82 -14.58
C LYS A 934 11.48 -47.49 -14.32
N GLY A 935 10.95 -46.68 -13.37
CA GLY A 935 11.54 -45.41 -12.96
C GLY A 935 10.60 -44.26 -13.24
N ASP A 936 9.33 -44.58 -13.58
CA ASP A 936 8.37 -43.54 -13.87
C ASP A 936 8.02 -42.66 -12.67
N LEU A 937 8.21 -43.13 -11.43
CA LEU A 937 7.98 -42.22 -10.27
C LEU A 937 9.27 -41.63 -9.78
N GLY A 938 10.41 -42.00 -10.39
CA GLY A 938 11.71 -41.57 -9.91
C GLY A 938 12.48 -42.65 -9.20
N GLN A 939 13.48 -42.22 -8.44
CA GLN A 939 14.47 -43.12 -7.78
C GLN A 939 14.50 -42.88 -6.28
N PRO A 940 14.34 -43.94 -5.51
CA PRO A 940 14.57 -43.98 -4.08
C PRO A 940 16.07 -43.90 -3.94
N PRO A 941 16.62 -43.45 -2.81
CA PRO A 941 18.10 -43.21 -2.62
C PRO A 941 19.26 -44.16 -3.10
N SER A 942 19.40 -45.47 -2.84
CA SER A 942 18.49 -46.60 -2.87
C SER A 942 18.57 -47.21 -4.36
N GLY A 943 17.77 -46.76 -5.32
CA GLY A 943 17.62 -47.55 -6.53
C GLY A 943 16.60 -48.66 -6.26
N TRP A 944 16.08 -49.30 -7.30
CA TRP A 944 15.13 -50.38 -7.10
C TRP A 944 15.77 -51.74 -6.93
N PRO A 945 15.14 -52.62 -6.12
CA PRO A 945 15.76 -53.95 -5.96
C PRO A 945 15.84 -54.66 -7.31
N GLU A 946 17.07 -54.82 -7.76
CA GLU A 946 17.46 -55.60 -8.94
C GLU A 946 16.54 -56.72 -9.39
N ALA A 947 16.39 -57.70 -8.50
CA ALA A 947 15.81 -58.97 -8.91
C ALA A 947 14.32 -58.77 -9.20
N LEU A 948 13.69 -57.99 -8.35
CA LEU A 948 12.24 -57.82 -8.40
C LEU A 948 11.97 -57.05 -9.69
N GLN A 949 12.74 -55.98 -9.90
CA GLN A 949 12.74 -55.23 -11.16
C GLN A 949 12.91 -56.16 -12.38
N LYS A 950 14.01 -56.91 -12.47
CA LYS A 950 14.11 -57.82 -13.61
C LYS A 950 12.88 -58.73 -13.74
N LYS A 951 12.43 -59.32 -12.63
CA LYS A 951 11.32 -60.26 -12.77
C LYS A 951 10.04 -59.57 -13.28
N ALA A 952 9.78 -58.37 -12.75
CA ALA A 952 8.54 -57.62 -13.05
C ALA A 952 8.54 -56.97 -14.40
N LEU A 953 9.73 -56.62 -14.90
CA LEU A 953 9.77 -55.78 -16.11
C LEU A 953 9.46 -56.56 -17.40
N LYS A 954 9.59 -57.87 -17.34
CA LYS A 954 9.38 -58.75 -18.52
C LYS A 954 10.07 -58.25 -19.81
N GLY A 955 11.34 -57.86 -19.69
CA GLY A 955 12.10 -57.38 -20.88
C GLY A 955 11.91 -55.89 -21.23
N GLU A 956 10.93 -55.22 -20.60
CA GLU A 956 10.86 -53.74 -20.66
C GLU A 956 12.10 -53.17 -19.90
N LYS A 957 12.71 -52.12 -20.47
CA LYS A 957 13.96 -51.56 -19.99
C LYS A 957 13.79 -50.38 -19.01
N PRO A 958 14.37 -50.48 -17.81
CA PRO A 958 14.25 -49.42 -16.81
C PRO A 958 15.22 -48.27 -17.05
N TYR A 959 14.98 -47.12 -16.45
CA TYR A 959 15.98 -46.01 -16.54
C TYR A 959 16.13 -45.36 -15.15
N THR A 960 17.14 -44.51 -14.92
CA THR A 960 17.41 -44.03 -13.53
C THR A 960 17.54 -42.49 -13.49
N VAL A 961 17.37 -41.83 -14.61
CA VAL A 961 17.40 -40.36 -14.62
C VAL A 961 16.02 -39.80 -14.22
N ARG A 962 15.96 -38.49 -14.06
CA ARG A 962 14.72 -37.81 -13.80
C ARG A 962 13.71 -38.04 -14.95
N PRO A 963 12.51 -38.59 -14.69
CA PRO A 963 11.63 -38.88 -15.83
C PRO A 963 11.41 -37.66 -16.69
N GLY A 964 11.14 -36.51 -16.06
CA GLY A 964 11.02 -35.24 -16.78
C GLY A 964 12.09 -35.04 -17.84
N SER A 965 13.32 -35.51 -17.59
CA SER A 965 14.47 -35.08 -18.39
C SER A 965 14.57 -35.90 -19.68
N LEU A 966 13.78 -36.97 -19.80
CA LEU A 966 13.71 -37.77 -21.01
C LEU A 966 12.67 -37.21 -21.97
N LEU A 967 11.80 -36.34 -21.48
CA LEU A 967 10.63 -35.94 -22.31
C LEU A 967 10.98 -34.84 -23.27
N LYS A 968 10.51 -34.94 -24.51
CA LYS A 968 10.71 -33.86 -25.49
C LYS A 968 9.91 -32.63 -25.04
N GLU A 969 10.44 -31.42 -25.20
CA GLU A 969 9.67 -30.18 -25.03
C GLU A 969 8.31 -30.30 -25.74
N ALA A 970 7.22 -29.88 -25.14
CA ALA A 970 5.94 -29.83 -25.89
C ALA A 970 5.95 -28.60 -26.82
N ASP A 971 5.48 -28.74 -28.07
CA ASP A 971 5.25 -27.57 -28.88
C ASP A 971 3.96 -26.98 -28.35
N LEU A 972 4.10 -25.91 -27.58
CA LEU A 972 2.96 -25.36 -26.91
C LEU A 972 1.95 -24.77 -27.91
N ASP A 973 2.42 -24.13 -28.98
CA ASP A 973 1.53 -23.73 -30.08
C ASP A 973 0.76 -24.84 -30.75
N ALA A 974 1.44 -25.89 -31.21
CA ALA A 974 0.78 -27.03 -31.86
C ALA A 974 -0.27 -27.58 -30.93
N GLU A 975 0.12 -27.76 -29.68
CA GLU A 975 -0.77 -28.34 -28.70
C GLU A 975 -2.06 -27.48 -28.52
N ARG A 976 -1.91 -26.15 -28.47
CA ARG A 976 -3.02 -25.24 -28.29
C ARG A 976 -3.99 -25.35 -29.49
N LYS A 977 -3.44 -25.55 -30.70
CA LYS A 977 -4.32 -25.57 -31.85
C LYS A 977 -5.10 -26.86 -31.90
N VAL A 978 -4.53 -27.94 -31.39
CA VAL A 978 -5.25 -29.20 -31.40
C VAL A 978 -6.51 -29.06 -30.55
N ILE A 979 -6.42 -28.48 -29.34
CA ILE A 979 -7.58 -28.43 -28.42
C ILE A 979 -8.62 -27.44 -28.94
N GLU A 980 -8.10 -26.31 -29.46
CA GLU A 980 -8.89 -25.29 -30.11
C GLU A 980 -9.63 -25.81 -31.36
N LYS A 981 -8.96 -26.58 -32.22
CA LYS A 981 -9.69 -27.14 -33.37
C LYS A 981 -10.78 -28.07 -32.85
N LYS A 982 -10.50 -28.92 -31.86
CA LYS A 982 -11.55 -29.85 -31.38
C LYS A 982 -12.80 -29.18 -30.80
N LEU A 983 -12.62 -28.07 -30.11
CA LEU A 983 -13.76 -27.49 -29.40
C LEU A 983 -14.38 -26.46 -30.29
N GLU A 984 -13.67 -26.16 -31.37
CA GLU A 984 -14.09 -25.16 -32.33
C GLU A 984 -14.25 -23.75 -31.77
N ARG A 985 -13.42 -23.38 -30.79
CA ARG A 985 -13.31 -22.00 -30.25
C ARG A 985 -11.94 -21.78 -29.64
N GLU A 986 -11.64 -20.54 -29.31
CA GLU A 986 -10.42 -20.28 -28.56
C GLU A 986 -10.57 -20.84 -27.18
N VAL A 987 -9.45 -21.25 -26.56
CA VAL A 987 -9.49 -21.64 -25.14
C VAL A 987 -8.67 -20.64 -24.35
N SER A 988 -8.97 -20.42 -23.10
CA SER A 988 -8.19 -19.45 -22.34
C SER A 988 -6.86 -20.11 -21.98
N ASP A 989 -5.89 -19.29 -21.59
CA ASP A 989 -4.66 -19.82 -20.92
C ASP A 989 -4.90 -20.85 -19.80
N PHE A 990 -5.89 -20.61 -18.94
CA PHE A 990 -6.20 -21.49 -17.85
C PHE A 990 -6.74 -22.82 -18.39
N GLU A 991 -7.62 -22.75 -19.39
CA GLU A 991 -8.18 -23.92 -19.96
C GLU A 991 -7.07 -24.71 -20.66
N PHE A 992 -6.12 -23.99 -21.24
CA PHE A 992 -5.07 -24.68 -21.90
C PHE A 992 -4.22 -25.46 -20.88
N ALA A 993 -3.95 -24.87 -19.72
CA ALA A 993 -3.21 -25.58 -18.66
C ALA A 993 -3.95 -26.85 -18.28
N SER A 994 -5.28 -26.73 -18.25
CA SER A 994 -6.06 -27.87 -17.88
C SER A 994 -5.86 -29.00 -18.84
N TYR A 995 -5.94 -28.67 -20.12
CA TYR A 995 -5.79 -29.59 -21.21
C TYR A 995 -4.43 -30.24 -21.19
N LEU A 996 -3.39 -29.50 -20.91
CA LEU A 996 -2.02 -30.09 -20.73
C LEU A 996 -1.96 -31.11 -19.62
N MET A 997 -2.65 -30.89 -18.50
CA MET A 997 -2.60 -31.80 -17.37
C MET A 997 -3.48 -33.05 -17.61
N TYR A 998 -4.70 -32.81 -18.11
CA TYR A 998 -5.71 -33.85 -18.34
C TYR A 998 -6.45 -33.66 -19.69
N PRO A 999 -5.82 -34.01 -20.83
CA PRO A 999 -6.42 -33.72 -22.16
C PRO A 999 -7.84 -34.19 -22.27
N LYS A 1000 -8.05 -35.43 -21.87
CA LYS A 1000 -9.27 -36.15 -22.07
C LYS A 1000 -10.33 -35.68 -21.05
N VAL A 1001 -9.92 -35.48 -19.80
CA VAL A 1001 -10.88 -35.05 -18.76
C VAL A 1001 -11.29 -33.60 -19.05
N PHE A 1002 -10.33 -32.78 -19.52
CA PHE A 1002 -10.70 -31.39 -19.88
C PHE A 1002 -11.64 -31.38 -21.07
N THR A 1003 -11.29 -32.15 -22.10
CA THR A 1003 -12.15 -32.22 -23.27
C THR A 1003 -13.60 -32.58 -22.86
N ASP A 1004 -13.81 -33.64 -22.09
CA ASP A 1004 -15.16 -34.05 -21.67
C ASP A 1004 -15.80 -32.99 -20.83
N PHE A 1005 -15.02 -32.28 -20.04
CA PHE A 1005 -15.63 -31.23 -19.22
C PHE A 1005 -16.13 -30.08 -20.14
N ALA A 1006 -15.28 -29.68 -21.08
CA ALA A 1006 -15.66 -28.62 -22.00
C ALA A 1006 -16.94 -29.01 -22.78
N LEU A 1007 -17.04 -30.29 -23.19
CA LEU A 1007 -18.19 -30.72 -23.96
C LEU A 1007 -19.39 -30.69 -23.06
N ALA A 1008 -19.25 -31.17 -21.81
CA ALA A 1008 -20.38 -31.16 -20.89
C ALA A 1008 -20.86 -29.73 -20.57
N SER A 1009 -19.94 -28.81 -20.38
CA SER A 1009 -20.30 -27.40 -20.15
C SER A 1009 -21.09 -26.82 -21.28
N ASP A 1010 -20.64 -27.10 -22.51
CA ASP A 1010 -21.42 -26.65 -23.64
C ASP A 1010 -22.83 -27.28 -23.76
N THR A 1011 -23.00 -28.52 -23.30
CA THR A 1011 -24.31 -29.11 -23.21
C THR A 1011 -25.10 -28.56 -21.99
N TYR A 1012 -24.46 -28.48 -20.82
CA TYR A 1012 -25.27 -28.30 -19.62
C TYR A 1012 -25.19 -26.95 -18.99
N GLY A 1013 -24.33 -26.08 -19.48
CA GLY A 1013 -24.24 -24.77 -18.81
C GLY A 1013 -23.34 -24.74 -17.57
N PRO A 1014 -23.33 -23.60 -16.85
CA PRO A 1014 -22.52 -23.30 -15.61
C PRO A 1014 -23.16 -23.98 -14.38
N VAL A 1015 -23.26 -25.31 -14.41
CA VAL A 1015 -23.82 -26.10 -13.31
C VAL A 1015 -23.14 -25.94 -11.96
N SER A 1016 -21.88 -25.51 -11.95
CA SER A 1016 -21.25 -25.20 -10.68
C SER A 1016 -22.03 -24.19 -9.86
N VAL A 1017 -22.94 -23.44 -10.50
CA VAL A 1017 -23.62 -22.38 -9.78
C VAL A 1017 -24.85 -22.90 -9.07
N LEU A 1018 -25.21 -24.15 -9.30
CA LEU A 1018 -26.32 -24.73 -8.57
C LEU A 1018 -25.94 -25.15 -7.16
N PRO A 1019 -26.89 -25.07 -6.24
CA PRO A 1019 -26.62 -25.60 -4.89
C PRO A 1019 -26.47 -27.12 -4.95
N THR A 1020 -25.79 -27.65 -3.94
CA THR A 1020 -25.43 -28.99 -3.94
C THR A 1020 -26.63 -29.94 -4.06
N PRO A 1021 -27.64 -29.79 -3.19
CA PRO A 1021 -28.78 -30.75 -3.35
C PRO A 1021 -29.39 -30.75 -4.78
N ALA A 1022 -29.40 -29.60 -5.45
CA ALA A 1022 -29.87 -29.53 -6.82
C ALA A 1022 -28.92 -30.17 -7.86
N TYR A 1023 -27.62 -29.98 -7.68
CA TYR A 1023 -26.64 -30.50 -8.62
C TYR A 1023 -26.73 -32.04 -8.57
N PHE A 1024 -26.84 -32.62 -7.38
CA PHE A 1024 -26.87 -34.13 -7.26
C PHE A 1024 -28.24 -34.81 -7.39
N TYR A 1025 -29.32 -34.05 -7.13
CA TYR A 1025 -30.68 -34.58 -7.04
C TYR A 1025 -31.78 -33.81 -7.82
N GLY A 1026 -31.51 -32.60 -8.31
CA GLY A 1026 -32.47 -31.86 -9.09
C GLY A 1026 -33.49 -31.26 -8.14
N LEU A 1027 -34.71 -31.04 -8.61
CA LEU A 1027 -35.69 -30.31 -7.86
C LEU A 1027 -36.87 -31.23 -7.54
N ALA A 1028 -37.36 -31.17 -6.31
CA ALA A 1028 -38.64 -31.73 -5.90
C ALA A 1028 -39.81 -31.08 -6.64
N ASP A 1029 -40.92 -31.78 -6.71
CA ASP A 1029 -42.12 -31.13 -7.20
C ASP A 1029 -42.43 -29.79 -6.51
N GLY A 1030 -42.59 -28.74 -7.30
CA GLY A 1030 -43.06 -27.48 -6.76
C GLY A 1030 -41.90 -26.65 -6.21
N GLU A 1031 -40.71 -27.20 -6.21
CA GLU A 1031 -39.61 -26.57 -5.49
C GLU A 1031 -39.02 -25.38 -6.23
N GLU A 1032 -38.68 -24.31 -5.49
CA GLU A 1032 -38.02 -23.13 -6.03
C GLU A 1032 -36.54 -22.99 -5.66
N LEU A 1033 -35.77 -22.55 -6.65
CA LEU A 1033 -34.35 -22.40 -6.53
C LEU A 1033 -33.98 -21.05 -7.13
N PHE A 1034 -33.04 -20.33 -6.51
CA PHE A 1034 -32.41 -19.13 -7.14
C PHE A 1034 -31.06 -19.58 -7.71
N ALA A 1035 -30.72 -19.22 -8.93
CA ALA A 1035 -29.45 -19.69 -9.42
C ALA A 1035 -28.70 -18.56 -10.10
N ASP A 1036 -27.47 -18.23 -9.66
CA ASP A 1036 -26.69 -17.14 -10.32
C ASP A 1036 -25.86 -17.57 -11.53
N ILE A 1037 -26.48 -17.55 -12.70
CA ILE A 1037 -25.75 -17.87 -13.92
C ILE A 1037 -24.43 -17.07 -13.93
N GLU A 1038 -24.43 -15.92 -13.28
CA GLU A 1038 -23.25 -15.05 -13.14
C GLU A 1038 -23.49 -14.15 -11.97
N LYS A 1039 -22.43 -13.49 -11.45
CA LYS A 1039 -22.61 -12.46 -10.44
C LYS A 1039 -23.71 -11.56 -11.01
N GLY A 1040 -24.80 -11.40 -10.29
CA GLY A 1040 -25.76 -10.35 -10.68
C GLY A 1040 -26.75 -10.65 -11.81
N LYS A 1041 -26.77 -11.92 -12.26
CA LYS A 1041 -27.77 -12.49 -13.15
C LYS A 1041 -28.40 -13.72 -12.44
N THR A 1042 -29.45 -13.46 -11.62
CA THR A 1042 -30.18 -14.47 -10.85
C THR A 1042 -31.44 -14.94 -11.59
N LEU A 1043 -31.46 -16.23 -11.90
CA LEU A 1043 -32.64 -16.96 -12.40
C LEU A 1043 -33.46 -17.48 -11.26
N VAL A 1044 -34.76 -17.36 -11.37
CA VAL A 1044 -35.68 -18.01 -10.42
C VAL A 1044 -36.26 -19.18 -11.21
N ILE A 1045 -36.25 -20.39 -10.64
CA ILE A 1045 -36.64 -21.60 -11.37
C ILE A 1045 -37.51 -22.39 -10.45
N VAL A 1046 -38.67 -22.76 -10.95
CA VAL A 1046 -39.61 -23.56 -10.21
C VAL A 1046 -39.85 -24.83 -11.03
N ASN A 1047 -39.72 -25.99 -10.39
CA ASN A 1047 -40.19 -27.24 -10.97
C ASN A 1047 -41.72 -27.40 -10.73
N GLN A 1048 -42.50 -27.11 -11.77
CA GLN A 1048 -43.97 -27.10 -11.69
C GLN A 1048 -44.52 -28.52 -11.64
N ALA A 1049 -44.06 -29.35 -12.58
CA ALA A 1049 -44.40 -30.77 -12.67
C ALA A 1049 -43.51 -31.52 -13.69
N VAL A 1050 -43.59 -32.85 -13.62
CA VAL A 1050 -42.77 -33.76 -14.40
C VAL A 1050 -43.77 -34.69 -14.96
N SER A 1051 -43.69 -34.97 -16.26
CA SER A 1051 -44.75 -35.76 -16.91
C SER A 1051 -44.38 -37.20 -16.69
N ALA A 1052 -45.39 -38.07 -16.69
CA ALA A 1052 -45.19 -39.52 -16.95
C ALA A 1052 -44.30 -39.66 -18.18
N THR A 1053 -43.54 -40.72 -18.33
CA THR A 1053 -42.67 -40.79 -19.52
C THR A 1053 -43.58 -41.18 -20.65
N ASP A 1054 -43.22 -40.81 -21.88
CA ASP A 1054 -44.17 -41.03 -23.01
C ASP A 1054 -43.63 -42.17 -23.84
N SER A 1055 -44.27 -42.49 -24.94
CA SER A 1055 -43.51 -43.39 -25.78
C SER A 1055 -42.59 -42.64 -26.68
N GLN A 1056 -41.66 -43.34 -27.32
CA GLN A 1056 -40.40 -42.68 -27.67
C GLN A 1056 -39.64 -42.44 -26.37
N GLY A 1057 -40.31 -42.59 -25.23
CA GLY A 1057 -39.62 -42.64 -23.92
C GLY A 1057 -39.02 -41.32 -23.42
N MET A 1058 -39.80 -40.24 -23.57
CA MET A 1058 -39.34 -38.88 -23.23
C MET A 1058 -40.07 -38.42 -22.01
N VAL A 1059 -39.40 -37.69 -21.16
CA VAL A 1059 -40.11 -37.06 -20.07
C VAL A 1059 -40.00 -35.55 -20.24
N THR A 1060 -41.11 -34.85 -20.04
CA THR A 1060 -41.03 -33.39 -20.07
C THR A 1060 -41.21 -32.84 -18.66
N VAL A 1061 -40.37 -31.88 -18.33
CA VAL A 1061 -40.34 -31.26 -17.00
C VAL A 1061 -40.87 -29.87 -17.27
N PHE A 1062 -41.86 -29.47 -16.49
CA PHE A 1062 -42.45 -28.18 -16.71
C PHE A 1062 -41.84 -27.26 -15.65
N PHE A 1063 -41.14 -26.23 -16.13
CA PHE A 1063 -40.50 -25.27 -15.27
C PHE A 1063 -41.22 -23.94 -15.39
N GLU A 1064 -41.08 -23.14 -14.37
CA GLU A 1064 -41.20 -21.72 -14.49
C GLU A 1064 -39.79 -21.11 -14.33
N LEU A 1065 -39.38 -20.29 -15.29
CA LEU A 1065 -38.12 -19.56 -15.32
C LEU A 1065 -38.41 -18.06 -15.29
N ASN A 1066 -38.18 -17.44 -14.13
CA ASN A 1066 -38.40 -16.01 -13.99
C ASN A 1066 -39.84 -15.70 -14.30
N GLY A 1067 -40.75 -16.56 -13.86
CA GLY A 1067 -42.17 -16.35 -14.07
C GLY A 1067 -42.78 -17.03 -15.30
N GLN A 1068 -41.95 -17.36 -16.28
CA GLN A 1068 -42.36 -17.83 -17.56
C GLN A 1068 -42.26 -19.38 -17.69
N PRO A 1069 -43.31 -20.01 -18.24
CA PRO A 1069 -43.30 -21.45 -18.40
C PRO A 1069 -42.27 -21.94 -19.44
N ARG A 1070 -41.61 -23.04 -19.15
CA ARG A 1070 -40.64 -23.63 -20.07
C ARG A 1070 -40.76 -25.13 -19.91
N ARG A 1071 -40.82 -25.83 -21.03
CA ARG A 1071 -40.90 -27.31 -21.02
C ARG A 1071 -39.55 -27.81 -21.49
N ILE A 1072 -39.00 -28.81 -20.83
CA ILE A 1072 -37.75 -29.40 -21.31
C ILE A 1072 -37.98 -30.90 -21.36
N LYS A 1073 -37.45 -31.51 -22.41
CA LYS A 1073 -37.63 -32.93 -22.72
C LYS A 1073 -36.30 -33.63 -22.51
N VAL A 1074 -36.32 -34.71 -21.74
CA VAL A 1074 -35.15 -35.50 -21.50
C VAL A 1074 -35.50 -37.00 -21.64
N PRO A 1075 -34.54 -37.79 -22.14
CA PRO A 1075 -34.72 -39.25 -22.22
C PRO A 1075 -34.90 -39.80 -20.81
N ASP A 1076 -35.69 -40.85 -20.65
CA ASP A 1076 -35.82 -41.51 -19.37
C ASP A 1076 -34.90 -42.72 -19.31
N ARG A 1077 -33.58 -42.47 -19.29
CA ARG A 1077 -32.49 -43.49 -19.18
C ARG A 1077 -32.74 -44.47 -18.00
N ALA A 1078 -33.04 -43.92 -16.83
CA ALA A 1078 -33.56 -44.68 -15.70
C ALA A 1078 -34.87 -45.28 -16.22
N HIS A 1079 -35.02 -46.59 -16.16
CA HIS A 1079 -36.17 -47.24 -16.82
C HIS A 1079 -35.98 -47.56 -18.26
N GLY A 1080 -34.75 -47.58 -18.81
CA GLY A 1080 -34.55 -48.26 -20.12
C GLY A 1080 -34.84 -47.45 -21.39
N ALA A 1081 -35.29 -46.20 -21.25
CA ALA A 1081 -35.58 -45.42 -22.44
C ALA A 1081 -34.40 -44.60 -23.03
N THR A 1082 -34.25 -44.75 -24.34
CA THR A 1082 -33.40 -43.95 -25.25
C THR A 1082 -34.15 -42.69 -25.73
N GLY B 12 -67.21 -103.97 -25.87
CA GLY B 12 -66.20 -102.89 -26.05
C GLY B 12 -65.38 -102.86 -24.77
N PRO B 13 -64.08 -103.20 -24.85
CA PRO B 13 -63.25 -103.22 -23.64
C PRO B 13 -63.04 -101.81 -23.07
N ILE B 14 -62.74 -101.74 -21.78
CA ILE B 14 -62.77 -100.44 -21.11
C ILE B 14 -61.68 -99.53 -21.66
N SER B 15 -62.03 -98.33 -22.15
CA SER B 15 -61.09 -97.48 -22.89
C SER B 15 -60.84 -96.10 -22.28
N LYS B 16 -61.74 -95.66 -21.41
CA LYS B 16 -61.53 -94.42 -20.67
C LYS B 16 -62.27 -94.45 -19.31
N ILE B 17 -61.50 -94.29 -18.23
CA ILE B 17 -62.04 -94.28 -16.89
C ILE B 17 -62.07 -92.90 -16.24
N LEU B 18 -63.23 -92.53 -15.73
CA LEU B 18 -63.38 -91.40 -14.87
C LEU B 18 -63.34 -91.89 -13.43
N VAL B 19 -62.58 -91.15 -12.62
CA VAL B 19 -62.38 -91.52 -11.20
C VAL B 19 -63.16 -90.52 -10.35
N ALA B 20 -64.23 -90.99 -9.75
CA ALA B 20 -65.14 -90.08 -9.10
C ALA B 20 -64.65 -89.90 -7.67
N ASN B 21 -63.44 -89.38 -7.54
CA ASN B 21 -62.82 -89.16 -6.24
C ASN B 21 -61.74 -88.10 -6.29
N ARG B 22 -60.92 -88.05 -5.23
CA ARG B 22 -59.83 -87.07 -5.11
C ARG B 22 -58.68 -87.70 -4.38
N SER B 23 -57.62 -86.92 -4.23
CA SER B 23 -56.49 -87.28 -3.34
C SER B 23 -55.80 -88.56 -3.74
N GLU B 24 -55.32 -89.27 -2.72
CA GLU B 24 -54.46 -90.42 -2.94
C GLU B 24 -55.16 -91.44 -3.81
N ILE B 25 -56.42 -91.75 -3.51
CA ILE B 25 -57.06 -92.85 -4.21
C ILE B 25 -57.35 -92.53 -5.68
N ALA B 26 -57.63 -91.25 -6.01
CA ALA B 26 -57.79 -90.87 -7.43
C ALA B 26 -56.51 -91.17 -8.17
N ILE B 27 -55.40 -90.93 -7.47
CA ILE B 27 -54.05 -90.95 -8.02
C ILE B 27 -53.65 -92.38 -8.20
N ARG B 28 -53.97 -93.19 -7.20
CA ARG B 28 -53.76 -94.62 -7.29
C ARG B 28 -54.45 -95.18 -8.55
N VAL B 29 -55.71 -94.79 -8.77
CA VAL B 29 -56.50 -95.40 -9.86
C VAL B 29 -55.97 -94.91 -11.21
N PHE B 30 -55.55 -93.67 -11.27
CA PHE B 30 -54.96 -93.12 -12.50
C PHE B 30 -53.72 -93.89 -12.98
N ARG B 31 -52.88 -94.29 -12.03
CA ARG B 31 -51.72 -95.17 -12.26
C ARG B 31 -52.03 -96.54 -12.84
N ALA B 32 -53.00 -97.23 -12.22
CA ALA B 32 -53.45 -98.52 -12.77
C ALA B 32 -54.03 -98.38 -14.21
N ALA B 33 -55.00 -97.50 -14.38
CA ALA B 33 -55.58 -97.34 -15.69
C ALA B 33 -54.46 -97.05 -16.69
N ASN B 34 -53.61 -96.11 -16.36
CA ASN B 34 -52.59 -95.66 -17.30
C ASN B 34 -51.58 -96.77 -17.69
N GLU B 35 -51.18 -97.58 -16.70
CA GLU B 35 -50.31 -98.73 -16.91
C GLU B 35 -50.97 -99.73 -17.87
N LEU B 36 -52.30 -99.84 -17.76
CA LEU B 36 -53.07 -100.72 -18.67
C LEU B 36 -53.40 -100.11 -20.07
N GLY B 37 -53.01 -98.87 -20.32
CA GLY B 37 -53.29 -98.26 -21.63
C GLY B 37 -54.63 -97.56 -21.72
N ILE B 38 -55.33 -97.42 -20.59
CA ILE B 38 -56.64 -96.79 -20.47
C ILE B 38 -56.47 -95.26 -20.14
N LYS B 39 -57.19 -94.39 -20.86
CA LYS B 39 -57.14 -92.95 -20.63
C LYS B 39 -57.94 -92.64 -19.36
N THR B 40 -57.68 -91.47 -18.77
CA THR B 40 -58.21 -91.13 -17.45
C THR B 40 -58.80 -89.71 -17.39
N VAL B 41 -59.84 -89.57 -16.58
CA VAL B 41 -60.52 -88.30 -16.41
C VAL B 41 -60.61 -88.05 -14.94
N ALA B 42 -60.25 -86.82 -14.53
CA ALA B 42 -60.37 -86.44 -13.12
C ALA B 42 -61.48 -85.43 -13.02
N ILE B 43 -62.10 -85.37 -11.84
CA ILE B 43 -62.97 -84.29 -11.49
C ILE B 43 -62.38 -83.53 -10.35
N TRP B 44 -62.73 -82.24 -10.24
CA TRP B 44 -62.32 -81.40 -9.09
C TRP B 44 -63.31 -80.35 -8.76
N ALA B 45 -63.58 -80.15 -7.47
CA ALA B 45 -64.39 -79.00 -7.08
C ALA B 45 -63.45 -77.75 -7.17
N GLU B 46 -64.00 -76.53 -7.07
CA GLU B 46 -63.29 -75.30 -7.10
C GLU B 46 -62.25 -75.24 -5.96
N GLU B 47 -62.63 -75.72 -4.78
CA GLU B 47 -61.76 -75.67 -3.61
C GLU B 47 -60.51 -76.53 -3.81
N ASP B 48 -60.59 -77.54 -4.69
CA ASP B 48 -59.48 -78.39 -5.14
C ASP B 48 -58.92 -77.89 -6.53
N LYS B 49 -59.11 -76.63 -6.91
CA LYS B 49 -58.56 -76.22 -8.20
C LYS B 49 -57.02 -76.30 -8.25
N LEU B 50 -56.35 -76.26 -7.07
CA LEU B 50 -54.92 -76.45 -6.97
C LEU B 50 -54.50 -77.87 -6.50
N ALA B 51 -55.46 -78.78 -6.19
CA ALA B 51 -55.08 -80.16 -5.74
C ALA B 51 -54.22 -80.90 -6.77
N LEU B 52 -53.22 -81.63 -6.28
CA LEU B 52 -52.39 -82.53 -7.10
C LEU B 52 -53.20 -83.47 -8.00
N HIS B 53 -54.22 -84.15 -7.46
CA HIS B 53 -54.86 -85.29 -8.16
C HIS B 53 -55.39 -84.86 -9.50
N ARG B 54 -55.91 -83.64 -9.61
CA ARG B 54 -56.47 -83.17 -10.87
C ARG B 54 -55.47 -83.01 -12.05
N PHE B 55 -54.17 -82.83 -11.74
CA PHE B 55 -53.18 -82.69 -12.79
C PHE B 55 -52.63 -84.07 -13.11
N LYS B 56 -53.15 -85.08 -12.42
CA LYS B 56 -52.60 -86.44 -12.58
C LYS B 56 -53.36 -87.32 -13.59
N ALA B 57 -54.42 -86.78 -14.17
CA ALA B 57 -55.22 -87.51 -15.15
C ALA B 57 -54.96 -87.01 -16.57
N ASP B 58 -55.44 -87.71 -17.59
CA ASP B 58 -55.19 -87.31 -18.99
C ASP B 58 -55.98 -86.04 -19.30
N GLU B 59 -57.08 -85.83 -18.59
CA GLU B 59 -57.87 -84.65 -18.79
C GLU B 59 -58.68 -84.54 -17.52
N SER B 60 -59.26 -83.37 -17.22
CA SER B 60 -59.96 -83.18 -15.96
C SER B 60 -60.95 -82.03 -16.02
N TYR B 61 -62.02 -82.14 -15.22
CA TYR B 61 -63.13 -81.21 -15.29
C TYR B 61 -63.66 -80.85 -13.96
N GLN B 62 -64.17 -79.63 -13.88
CA GLN B 62 -64.71 -79.11 -12.67
C GLN B 62 -66.12 -79.63 -12.36
N VAL B 63 -66.36 -80.06 -11.13
CA VAL B 63 -67.74 -80.27 -10.66
C VAL B 63 -68.19 -79.27 -9.59
N GLY B 64 -69.49 -78.93 -9.55
CA GLY B 64 -70.10 -78.19 -8.42
C GLY B 64 -70.42 -76.72 -8.63
N ARG B 65 -69.93 -76.17 -9.74
CA ARG B 65 -70.34 -74.80 -10.11
C ARG B 65 -70.67 -74.61 -11.56
N GLY B 66 -71.55 -73.62 -11.80
CA GLY B 66 -71.94 -73.20 -13.13
C GLY B 66 -73.45 -73.10 -13.42
N PRO B 67 -73.76 -72.86 -14.71
CA PRO B 67 -75.07 -72.44 -15.20
C PRO B 67 -76.10 -73.52 -14.87
N HIS B 68 -75.62 -74.76 -14.89
CA HIS B 68 -76.47 -75.91 -14.80
C HIS B 68 -76.93 -76.16 -13.39
N LEU B 69 -76.47 -75.31 -12.46
CA LEU B 69 -76.82 -75.51 -11.06
C LEU B 69 -77.47 -74.28 -10.37
N ALA B 70 -78.50 -74.55 -9.57
CA ALA B 70 -79.21 -73.52 -8.80
C ALA B 70 -78.32 -72.73 -7.84
N ARG B 71 -77.42 -73.43 -7.17
CA ARG B 71 -76.40 -72.83 -6.29
C ARG B 71 -75.03 -73.51 -6.43
N ASP B 72 -73.98 -72.90 -5.87
CA ASP B 72 -72.66 -73.53 -5.83
C ASP B 72 -72.74 -74.72 -4.89
N LEU B 73 -72.20 -75.85 -5.32
CA LEU B 73 -72.16 -76.97 -4.41
C LEU B 73 -70.98 -76.82 -3.42
N GLY B 74 -71.14 -77.33 -2.21
CA GLY B 74 -70.08 -77.25 -1.21
C GLY B 74 -68.88 -78.07 -1.66
N PRO B 75 -67.72 -77.88 -1.01
CA PRO B 75 -66.47 -78.56 -1.42
C PRO B 75 -66.56 -80.10 -1.50
N ILE B 76 -67.29 -80.71 -0.56
CA ILE B 76 -67.38 -82.19 -0.52
C ILE B 76 -68.61 -82.64 -1.32
N GLU B 77 -69.70 -81.92 -1.10
CA GLU B 77 -70.95 -82.07 -1.82
C GLU B 77 -70.70 -82.13 -3.32
N SER B 78 -69.68 -81.45 -3.83
CA SER B 78 -69.43 -81.46 -5.28
C SER B 78 -69.04 -82.86 -5.74
N TYR B 79 -68.38 -83.62 -4.87
CA TYR B 79 -67.92 -84.98 -5.17
C TYR B 79 -69.07 -85.97 -4.88
N LEU B 80 -70.05 -85.53 -4.08
CA LEU B 80 -71.15 -86.41 -3.68
C LEU B 80 -72.34 -86.36 -4.66
N SER B 81 -72.33 -85.38 -5.59
CA SER B 81 -73.36 -85.24 -6.65
C SER B 81 -73.29 -86.28 -7.76
N ILE B 82 -74.29 -87.14 -7.76
CA ILE B 82 -74.50 -88.12 -8.81
C ILE B 82 -74.66 -87.44 -10.19
N ASP B 83 -75.47 -86.39 -10.30
CA ASP B 83 -75.64 -85.73 -11.59
C ASP B 83 -74.33 -85.16 -12.17
N GLU B 84 -73.53 -84.50 -11.31
CA GLU B 84 -72.21 -83.97 -11.69
C GLU B 84 -71.19 -85.00 -12.19
N VAL B 85 -71.16 -86.15 -11.55
CA VAL B 85 -70.24 -87.19 -12.00
C VAL B 85 -70.68 -87.69 -13.37
N ILE B 86 -71.94 -88.11 -13.46
CA ILE B 86 -72.51 -88.51 -14.75
C ILE B 86 -72.34 -87.43 -15.82
N ARG B 87 -72.69 -86.20 -15.50
CA ARG B 87 -72.51 -85.13 -16.48
C ARG B 87 -71.07 -85.13 -17.02
N VAL B 88 -70.08 -85.24 -16.11
CA VAL B 88 -68.67 -85.34 -16.52
C VAL B 88 -68.26 -86.60 -17.34
N ALA B 89 -68.75 -87.77 -16.97
CA ALA B 89 -68.51 -88.97 -17.74
C ALA B 89 -69.01 -88.79 -19.19
N LYS B 90 -70.18 -88.18 -19.36
CA LYS B 90 -70.68 -87.86 -20.72
C LYS B 90 -69.82 -86.80 -21.43
N LEU B 91 -69.58 -85.66 -20.78
CA LEU B 91 -68.86 -84.59 -21.43
C LEU B 91 -67.50 -85.13 -21.85
N SER B 92 -66.93 -86.00 -21.04
CA SER B 92 -65.58 -86.48 -21.31
C SER B 92 -65.57 -87.69 -22.23
N GLY B 93 -66.72 -88.37 -22.36
CA GLY B 93 -66.82 -89.60 -23.13
C GLY B 93 -66.18 -90.74 -22.37
N ALA B 94 -66.30 -90.76 -21.05
CA ALA B 94 -65.78 -91.91 -20.29
C ALA B 94 -66.73 -93.12 -20.44
N ASP B 95 -66.16 -94.32 -20.58
CA ASP B 95 -66.98 -95.55 -20.59
C ASP B 95 -67.10 -96.29 -19.23
N ALA B 96 -66.23 -95.96 -18.28
CA ALA B 96 -66.26 -96.60 -16.95
C ALA B 96 -65.94 -95.55 -15.88
N ILE B 97 -66.41 -95.77 -14.66
CA ILE B 97 -66.21 -94.86 -13.58
C ILE B 97 -65.67 -95.65 -12.40
N HIS B 98 -64.58 -95.21 -11.78
CA HIS B 98 -64.13 -95.79 -10.52
C HIS B 98 -64.52 -94.89 -9.36
N PRO B 99 -65.30 -95.38 -8.37
CA PRO B 99 -65.71 -94.46 -7.30
C PRO B 99 -64.65 -94.31 -6.21
N GLY B 100 -63.49 -94.95 -6.41
CA GLY B 100 -62.54 -95.25 -5.33
C GLY B 100 -63.18 -95.77 -4.04
N TYR B 101 -62.88 -95.06 -2.97
CA TYR B 101 -63.48 -95.32 -1.68
C TYR B 101 -64.07 -94.05 -1.15
N GLY B 102 -65.01 -94.25 -0.23
CA GLY B 102 -65.61 -93.20 0.57
C GLY B 102 -66.86 -92.77 -0.13
N LEU B 103 -66.86 -91.47 -0.45
CA LEU B 103 -67.88 -90.80 -1.27
C LEU B 103 -69.09 -91.69 -1.73
N LEU B 104 -69.20 -91.90 -3.05
CA LEU B 104 -70.33 -92.50 -3.68
C LEU B 104 -70.06 -94.00 -3.96
N SER B 105 -68.94 -94.51 -3.49
CA SER B 105 -68.55 -95.92 -3.64
C SER B 105 -69.51 -96.94 -3.06
N GLU B 106 -70.24 -96.57 -2.00
CA GLU B 106 -71.29 -97.50 -1.56
C GLU B 106 -72.71 -96.91 -1.69
N SER B 107 -72.97 -96.33 -2.86
CA SER B 107 -74.29 -95.81 -3.18
C SER B 107 -74.95 -96.73 -4.23
N PRO B 108 -76.08 -97.37 -3.88
CA PRO B 108 -76.82 -98.04 -4.95
C PRO B 108 -77.55 -97.06 -5.93
N GLU B 109 -77.90 -95.86 -5.47
CA GLU B 109 -78.51 -94.86 -6.38
C GLU B 109 -77.48 -94.43 -7.41
N PHE B 110 -76.21 -94.34 -6.96
CA PHE B 110 -75.09 -94.12 -7.87
C PHE B 110 -74.85 -95.24 -8.86
N VAL B 111 -74.88 -96.49 -8.40
CA VAL B 111 -74.68 -97.61 -9.31
C VAL B 111 -75.77 -97.58 -10.39
N ASP B 112 -77.00 -97.28 -9.97
CA ASP B 112 -78.17 -97.31 -10.87
C ASP B 112 -78.09 -96.23 -11.94
N ALA B 113 -77.75 -95.02 -11.51
CA ALA B 113 -77.42 -93.92 -12.41
C ALA B 113 -76.39 -94.28 -13.54
N CYS B 114 -75.28 -94.94 -13.17
CA CYS B 114 -74.29 -95.41 -14.15
C CYS B 114 -74.89 -96.40 -15.17
N ASN B 115 -75.64 -97.39 -14.65
CA ASN B 115 -76.39 -98.36 -15.47
C ASN B 115 -77.30 -97.64 -16.48
N LYS B 116 -78.12 -96.74 -15.93
CA LYS B 116 -79.00 -95.82 -16.63
C LYS B 116 -78.34 -95.19 -17.85
N ALA B 117 -77.10 -94.68 -17.66
CA ALA B 117 -76.44 -94.00 -18.77
C ALA B 117 -75.51 -94.88 -19.61
N GLY B 118 -75.44 -96.18 -19.26
CA GLY B 118 -74.60 -97.14 -19.99
C GLY B 118 -73.11 -96.94 -19.69
N ILE B 119 -72.79 -96.61 -18.43
CA ILE B 119 -71.41 -96.43 -18.01
C ILE B 119 -71.09 -97.53 -17.02
N ILE B 120 -70.06 -98.33 -17.31
CA ILE B 120 -69.62 -99.38 -16.39
C ILE B 120 -69.25 -98.80 -14.99
N PHE B 121 -69.92 -99.32 -13.97
CA PHE B 121 -69.60 -99.03 -12.60
C PHE B 121 -68.50 -99.98 -12.14
N ILE B 122 -67.35 -99.44 -11.75
CA ILE B 122 -66.26 -100.33 -11.44
C ILE B 122 -66.43 -100.65 -9.98
N GLY B 123 -67.23 -101.69 -9.75
CA GLY B 123 -67.66 -102.12 -8.44
C GLY B 123 -68.67 -103.22 -8.63
N PRO B 124 -69.34 -103.60 -7.54
CA PRO B 124 -70.30 -104.73 -7.60
C PRO B 124 -71.60 -104.13 -8.04
N LYS B 125 -72.58 -105.00 -8.35
CA LYS B 125 -73.96 -104.61 -8.72
C LYS B 125 -74.74 -103.85 -7.60
N ALA B 126 -75.65 -102.96 -8.01
CA ALA B 126 -76.61 -102.30 -7.08
C ALA B 126 -77.30 -103.23 -6.04
N ASP B 127 -77.79 -104.41 -6.46
CA ASP B 127 -78.43 -105.37 -5.50
C ASP B 127 -77.42 -105.80 -4.42
N THR B 128 -76.17 -106.05 -4.83
CA THR B 128 -75.06 -106.33 -3.91
C THR B 128 -74.86 -105.22 -2.83
N MET B 129 -74.97 -103.94 -3.21
CA MET B 129 -74.88 -102.86 -2.19
C MET B 129 -76.09 -102.68 -1.28
N ARG B 130 -77.27 -103.13 -1.70
CA ARG B 130 -78.43 -103.06 -0.82
C ARG B 130 -78.37 -104.25 0.15
N GLN B 131 -77.63 -105.29 -0.23
CA GLN B 131 -77.47 -106.48 0.59
C GLN B 131 -76.39 -106.28 1.64
N LEU B 132 -75.35 -105.55 1.26
CA LEU B 132 -74.20 -105.32 2.09
C LEU B 132 -74.16 -103.89 2.64
N GLY B 133 -74.91 -102.98 2.03
CA GLY B 133 -74.96 -101.58 2.47
C GLY B 133 -75.45 -101.48 3.90
N ASN B 134 -76.67 -101.96 4.12
CA ASN B 134 -77.24 -101.99 5.46
C ASN B 134 -76.53 -103.06 6.29
N LYS B 135 -76.11 -102.71 7.51
CA LYS B 135 -75.37 -103.65 8.37
C LYS B 135 -76.18 -104.85 8.93
N VAL B 136 -77.49 -104.67 9.13
CA VAL B 136 -78.42 -105.70 9.70
C VAL B 136 -78.77 -106.81 8.71
N ALA B 137 -79.00 -106.29 7.50
CA ALA B 137 -79.16 -107.08 6.29
C ALA B 137 -77.88 -107.83 5.98
N ALA B 138 -76.75 -107.14 6.09
CA ALA B 138 -75.48 -107.82 5.91
C ALA B 138 -75.28 -108.87 7.01
N ARG B 139 -75.55 -108.50 8.25
CA ARG B 139 -75.30 -109.43 9.32
C ARG B 139 -76.22 -110.64 9.05
N ASN B 140 -77.45 -110.38 8.63
CA ASN B 140 -78.47 -111.47 8.45
C ASN B 140 -78.01 -112.38 7.34
N LEU B 141 -77.39 -111.77 6.35
CA LEU B 141 -76.78 -112.53 5.28
C LEU B 141 -75.78 -113.54 5.79
N ALA B 142 -74.86 -113.09 6.65
CA ALA B 142 -73.83 -113.95 7.21
C ALA B 142 -74.42 -115.04 8.14
N ILE B 143 -75.45 -114.70 8.91
CA ILE B 143 -76.12 -115.69 9.75
C ILE B 143 -76.66 -116.82 8.85
N SER B 144 -77.06 -116.46 7.63
CA SER B 144 -77.77 -117.35 6.72
C SER B 144 -76.85 -118.31 6.02
N VAL B 145 -75.56 -117.97 5.93
CA VAL B 145 -74.55 -118.87 5.38
C VAL B 145 -73.53 -119.37 6.42
N GLY B 146 -73.88 -119.32 7.71
CA GLY B 146 -73.16 -120.08 8.76
C GLY B 146 -71.87 -119.47 9.28
N VAL B 147 -71.73 -118.15 9.08
CA VAL B 147 -70.58 -117.35 9.51
C VAL B 147 -70.88 -116.67 10.86
N PRO B 148 -69.95 -116.70 11.84
CA PRO B 148 -70.44 -116.31 13.18
C PRO B 148 -70.67 -114.83 13.27
N VAL B 149 -71.58 -114.41 14.15
CA VAL B 149 -71.74 -112.98 14.49
C VAL B 149 -71.81 -112.73 16.01
N VAL B 150 -71.76 -111.47 16.40
CA VAL B 150 -72.03 -111.09 17.78
C VAL B 150 -73.54 -111.03 17.84
N PRO B 151 -74.15 -111.37 19.00
CA PRO B 151 -75.54 -111.06 19.29
C PRO B 151 -75.91 -109.59 19.08
N ALA B 152 -76.83 -109.36 18.17
CA ALA B 152 -77.25 -108.03 17.77
C ALA B 152 -78.76 -108.01 17.78
N THR B 153 -79.32 -106.87 18.13
CA THR B 153 -80.76 -106.69 18.10
C THR B 153 -81.27 -106.50 16.62
N GLU B 154 -82.59 -106.31 16.46
CA GLU B 154 -83.17 -105.80 15.20
C GLU B 154 -83.03 -104.28 15.24
N PRO B 155 -83.49 -103.56 14.20
CA PRO B 155 -83.36 -102.09 14.26
C PRO B 155 -84.31 -101.40 15.24
N LEU B 156 -83.93 -100.20 15.68
CA LEU B 156 -84.64 -99.53 16.76
C LEU B 156 -85.73 -98.55 16.25
N ALA B 161 -91.20 -96.59 21.46
CA ALA B 161 -89.82 -96.10 21.50
C ALA B 161 -89.10 -96.84 22.64
N GLU B 162 -89.20 -98.17 22.55
CA GLU B 162 -88.76 -99.15 23.58
C GLU B 162 -87.68 -100.14 23.15
N VAL B 163 -86.46 -99.61 22.99
CA VAL B 163 -85.22 -100.35 23.07
C VAL B 163 -85.13 -100.84 24.52
N ALA B 164 -84.39 -101.92 24.78
CA ALA B 164 -84.59 -102.73 26.05
C ALA B 164 -85.88 -102.36 26.77
N LYS B 165 -86.86 -103.25 26.78
CA LYS B 165 -86.86 -104.59 26.17
C LYS B 165 -86.20 -104.53 24.81
N MET B 166 -85.34 -105.50 24.53
CA MET B 166 -84.58 -105.61 23.24
C MET B 166 -83.10 -105.56 23.56
N ALA B 167 -82.60 -104.40 23.95
CA ALA B 167 -81.28 -104.31 24.56
C ALA B 167 -81.15 -105.24 25.80
N ALA B 168 -82.19 -105.27 26.64
CA ALA B 168 -82.18 -106.16 27.80
C ALA B 168 -82.11 -107.63 27.37
N ALA B 169 -82.63 -107.99 26.20
CA ALA B 169 -82.50 -109.38 25.70
C ALA B 169 -81.06 -109.69 25.29
N ILE B 170 -80.38 -108.69 24.71
CA ILE B 170 -78.95 -108.80 24.33
C ILE B 170 -78.03 -108.84 25.54
N GLY B 171 -78.35 -108.02 26.56
CA GLY B 171 -77.51 -107.75 27.73
C GLY B 171 -76.53 -106.58 27.59
N TYR B 172 -76.30 -105.83 28.67
CA TYR B 172 -75.25 -104.80 28.67
C TYR B 172 -73.86 -105.44 28.90
N PRO B 173 -72.78 -104.78 28.44
CA PRO B 173 -72.70 -103.51 27.66
C PRO B 173 -72.92 -103.75 26.18
N VAL B 174 -73.39 -102.74 25.46
CA VAL B 174 -73.66 -102.91 24.05
C VAL B 174 -73.06 -101.74 23.28
N MET B 175 -72.79 -101.97 22.00
CA MET B 175 -72.34 -100.92 21.09
C MET B 175 -73.50 -100.56 20.16
N LEU B 176 -73.84 -99.27 20.11
CA LEU B 176 -74.86 -98.78 19.20
C LEU B 176 -74.22 -98.50 17.85
N LYS B 177 -74.77 -99.05 16.77
CA LYS B 177 -74.18 -98.84 15.42
C LYS B 177 -75.21 -98.39 14.37
N ALA B 178 -74.89 -97.31 13.65
CA ALA B 178 -75.68 -96.91 12.48
C ALA B 178 -75.65 -98.05 11.45
N SER B 179 -76.84 -98.56 11.12
CA SER B 179 -77.03 -99.39 9.94
C SER B 179 -76.73 -98.49 8.80
N TRP B 180 -76.41 -99.07 7.66
CA TRP B 180 -75.94 -98.26 6.52
C TRP B 180 -74.78 -97.43 7.03
N GLY B 181 -74.49 -96.29 6.42
CA GLY B 181 -73.39 -95.42 6.87
C GLY B 181 -72.45 -96.00 7.94
N GLY B 182 -71.26 -96.38 7.50
CA GLY B 182 -70.23 -96.81 8.42
C GLY B 182 -68.93 -96.13 8.08
N GLY B 183 -68.76 -94.88 8.55
CA GLY B 183 -67.59 -94.12 8.19
C GLY B 183 -66.51 -94.20 9.24
N GLY B 184 -66.08 -95.41 9.58
CA GLY B 184 -65.12 -95.54 10.67
C GLY B 184 -65.65 -94.95 11.96
N ARG B 185 -66.91 -94.46 11.94
CA ARG B 185 -67.72 -94.23 13.15
C ARG B 185 -68.83 -93.18 13.10
N GLY B 186 -70.04 -93.65 13.36
CA GLY B 186 -71.06 -92.93 14.13
C GLY B 186 -71.58 -93.93 15.19
N MET B 187 -70.71 -94.36 16.10
CA MET B 187 -71.02 -95.38 17.12
C MET B 187 -71.02 -94.88 18.58
N ARG B 188 -71.34 -95.76 19.50
CA ARG B 188 -71.59 -95.34 20.87
C ARG B 188 -71.67 -96.57 21.77
N VAL B 189 -70.90 -96.55 22.84
CA VAL B 189 -70.98 -97.61 23.81
C VAL B 189 -72.00 -97.22 24.89
N ILE B 190 -73.06 -98.02 25.05
CA ILE B 190 -74.05 -97.81 26.12
C ILE B 190 -73.89 -98.83 27.27
N ARG B 191 -73.48 -98.34 28.43
CA ARG B 191 -73.19 -99.27 29.54
C ARG B 191 -74.40 -99.71 30.39
N SER B 192 -75.45 -98.88 30.43
CA SER B 192 -76.65 -99.25 31.20
C SER B 192 -77.95 -98.61 30.69
N GLU B 193 -79.08 -99.16 31.15
CA GLU B 193 -80.43 -98.75 30.74
C GLU B 193 -80.70 -97.25 31.05
N ALA B 194 -80.24 -96.79 32.20
CA ALA B 194 -80.43 -95.40 32.56
C ALA B 194 -79.88 -94.47 31.45
N ASP B 195 -78.77 -94.87 30.82
CA ASP B 195 -78.22 -94.11 29.68
C ASP B 195 -79.06 -94.12 28.39
N LEU B 196 -79.61 -95.27 28.01
CA LEU B 196 -80.44 -95.46 26.78
C LEU B 196 -81.20 -94.29 26.10
N ALA B 197 -82.21 -93.73 26.76
CA ALA B 197 -83.00 -92.59 26.21
C ALA B 197 -82.18 -91.44 25.59
N LYS B 198 -81.46 -90.65 26.39
CA LYS B 198 -80.46 -89.76 25.78
C LYS B 198 -79.41 -90.76 25.31
N GLU B 199 -78.89 -90.60 24.09
CA GLU B 199 -77.83 -91.51 23.60
C GLU B 199 -78.23 -92.20 22.33
N VAL B 200 -79.38 -92.88 22.37
CA VAL B 200 -79.94 -93.50 21.17
C VAL B 200 -80.45 -92.36 20.31
N THR B 201 -81.28 -91.50 20.94
CA THR B 201 -81.72 -90.23 20.34
C THR B 201 -80.53 -89.47 19.75
N GLU B 202 -79.57 -89.10 20.59
CA GLU B 202 -78.37 -88.46 20.10
C GLU B 202 -77.75 -89.27 18.97
N ALA B 203 -77.67 -90.58 19.14
CA ALA B 203 -76.99 -91.39 18.16
C ALA B 203 -77.69 -91.29 16.83
N LYS B 204 -78.99 -91.00 16.90
CA LYS B 204 -79.91 -90.89 15.73
C LYS B 204 -79.80 -89.54 14.99
N ARG B 205 -79.98 -88.44 15.72
CA ARG B 205 -79.66 -87.09 15.19
C ARG B 205 -78.33 -87.10 14.44
N GLU B 206 -77.32 -87.81 14.96
CA GLU B 206 -75.96 -87.89 14.29
C GLU B 206 -75.89 -88.74 12.99
N ALA B 207 -76.46 -89.94 13.07
CA ALA B 207 -76.54 -90.84 11.94
C ALA B 207 -77.28 -90.15 10.79
N MET B 208 -78.36 -89.43 11.12
CA MET B 208 -79.09 -88.60 10.13
C MET B 208 -78.16 -87.50 9.64
N ALA B 209 -77.46 -86.86 10.57
CA ALA B 209 -76.51 -85.82 10.22
C ALA B 209 -75.49 -86.37 9.24
N ALA B 210 -74.71 -87.35 9.68
CA ALA B 210 -73.53 -87.81 8.95
C ALA B 210 -73.86 -88.71 7.77
N PHE B 211 -74.82 -89.64 7.96
CA PHE B 211 -75.13 -90.67 6.94
C PHE B 211 -76.45 -90.41 6.18
N GLY B 212 -77.43 -89.82 6.88
CA GLY B 212 -78.69 -89.40 6.26
C GLY B 212 -79.78 -90.45 6.12
N LYS B 213 -79.63 -91.58 6.80
CA LYS B 213 -80.62 -92.66 6.79
C LYS B 213 -81.21 -93.02 8.21
N ASP B 214 -80.45 -92.76 9.30
CA ASP B 214 -80.97 -92.78 10.71
C ASP B 214 -81.28 -94.14 11.40
N GLU B 215 -81.10 -95.26 10.67
CA GLU B 215 -81.26 -96.61 11.25
C GLU B 215 -80.12 -97.05 12.17
N VAL B 216 -80.49 -97.28 13.43
CA VAL B 216 -79.57 -97.82 14.42
C VAL B 216 -80.05 -99.17 14.96
N TYR B 217 -79.07 -100.00 15.33
CA TYR B 217 -79.25 -101.27 16.04
C TYR B 217 -78.19 -101.40 17.15
N LEU B 218 -78.48 -102.26 18.14
CA LEU B 218 -77.60 -102.49 19.27
C LEU B 218 -76.80 -103.75 18.97
N GLU B 219 -75.51 -103.73 19.23
CA GLU B 219 -74.73 -104.94 19.03
C GLU B 219 -74.00 -105.21 20.34
N LYS B 220 -73.87 -106.48 20.73
CA LYS B 220 -73.15 -106.81 21.95
C LYS B 220 -71.67 -106.43 21.88
N LEU B 221 -71.20 -105.73 22.91
CA LEU B 221 -69.86 -105.19 22.92
C LEU B 221 -68.83 -106.30 23.23
N VAL B 222 -67.83 -106.40 22.36
CA VAL B 222 -66.65 -107.22 22.52
C VAL B 222 -65.66 -106.34 23.26
N GLU B 223 -65.40 -106.67 24.52
CA GLU B 223 -64.72 -105.75 25.43
C GLU B 223 -63.24 -105.66 25.07
N ARG B 224 -62.66 -106.81 24.76
CA ARG B 224 -61.27 -106.90 24.34
C ARG B 224 -61.24 -107.47 22.92
N ALA B 225 -60.90 -106.63 21.94
CA ALA B 225 -61.07 -106.96 20.55
C ALA B 225 -59.88 -106.58 19.64
N ARG B 226 -59.56 -107.50 18.75
CA ARG B 226 -58.71 -107.29 17.59
C ARG B 226 -59.55 -107.27 16.27
N HIS B 227 -59.26 -106.28 15.43
CA HIS B 227 -59.94 -106.12 14.12
C HIS B 227 -59.14 -106.73 12.98
N VAL B 228 -59.71 -107.77 12.39
CA VAL B 228 -59.11 -108.54 11.33
C VAL B 228 -60.06 -108.53 10.14
N GLU B 229 -59.54 -108.60 8.92
CA GLU B 229 -60.43 -108.46 7.79
C GLU B 229 -59.91 -109.21 6.57
N SER B 230 -60.83 -109.78 5.78
CA SER B 230 -60.45 -110.55 4.60
C SER B 230 -60.60 -109.72 3.35
N GLN B 231 -59.62 -109.83 2.44
CA GLN B 231 -59.73 -109.17 1.11
C GLN B 231 -60.16 -110.19 0.06
N ILE B 232 -61.26 -109.90 -0.66
CA ILE B 232 -61.82 -110.88 -1.63
C ILE B 232 -61.91 -110.23 -3.00
N LEU B 233 -61.73 -111.02 -4.04
CA LEU B 233 -61.99 -110.58 -5.40
C LEU B 233 -63.04 -111.52 -6.02
N GLY B 234 -64.11 -110.99 -6.63
CA GLY B 234 -65.11 -111.84 -7.33
C GLY B 234 -65.26 -111.38 -8.78
N ASP B 235 -65.43 -112.33 -9.73
CA ASP B 235 -65.58 -111.97 -11.16
C ASP B 235 -67.01 -112.11 -11.66
N THR B 236 -67.25 -111.67 -12.91
CA THR B 236 -68.60 -111.80 -13.53
C THR B 236 -69.01 -113.27 -13.83
N HIS B 237 -68.11 -114.23 -13.58
CA HIS B 237 -68.37 -115.66 -13.87
C HIS B 237 -68.49 -116.52 -12.66
N GLY B 238 -68.52 -115.91 -11.48
CA GLY B 238 -68.77 -116.68 -10.26
C GLY B 238 -67.57 -117.20 -9.47
N ASN B 239 -66.35 -116.87 -9.92
CA ASN B 239 -65.17 -117.23 -9.17
C ASN B 239 -64.85 -116.11 -8.21
N VAL B 240 -64.39 -116.51 -7.05
CA VAL B 240 -64.14 -115.64 -5.95
C VAL B 240 -62.87 -116.18 -5.34
N VAL B 241 -61.97 -115.27 -4.94
CA VAL B 241 -60.69 -115.62 -4.27
C VAL B 241 -60.47 -114.66 -3.08
N HIS B 242 -59.73 -115.15 -2.10
CA HIS B 242 -59.28 -114.33 -0.99
C HIS B 242 -57.83 -114.02 -1.22
N LEU B 243 -57.42 -112.83 -0.71
CA LEU B 243 -56.02 -112.37 -0.69
C LEU B 243 -55.58 -112.22 0.80
N PHE B 244 -55.96 -113.22 1.59
CA PHE B 244 -55.65 -113.26 3.02
C PHE B 244 -56.20 -112.03 3.78
N GLU B 245 -55.70 -111.85 5.00
CA GLU B 245 -56.26 -110.90 5.97
C GLU B 245 -55.36 -109.69 6.31
N ARG B 246 -55.97 -108.70 6.96
CA ARG B 246 -55.24 -107.59 7.56
C ARG B 246 -55.64 -107.37 9.01
N ASP B 247 -54.65 -107.06 9.85
CA ASP B 247 -54.96 -106.50 11.13
C ASP B 247 -55.13 -105.01 11.00
N CYS B 248 -56.26 -104.50 11.48
CA CYS B 248 -56.48 -103.05 11.64
C CYS B 248 -56.95 -102.70 13.07
N SER B 249 -56.36 -103.34 14.07
CA SER B 249 -56.77 -103.08 15.45
C SER B 249 -56.21 -101.75 15.97
N VAL B 250 -55.17 -101.24 15.31
CA VAL B 250 -54.65 -99.89 15.68
C VAL B 250 -55.59 -98.73 15.29
N GLN B 251 -56.43 -98.35 16.25
CA GLN B 251 -57.60 -97.51 16.05
C GLN B 251 -57.71 -96.35 17.01
N ARG B 252 -58.25 -95.26 16.50
CA ARG B 252 -58.58 -94.14 17.35
C ARG B 252 -60.11 -94.02 17.28
N ARG B 253 -60.78 -94.19 18.43
CA ARG B 253 -62.25 -94.28 18.55
C ARG B 253 -62.83 -94.89 17.29
N ASN B 254 -62.45 -96.15 17.03
CA ASN B 254 -63.05 -97.02 16.02
C ASN B 254 -62.73 -96.70 14.56
N GLN B 255 -61.81 -95.76 14.34
CA GLN B 255 -61.34 -95.37 13.02
C GLN B 255 -59.94 -96.01 12.84
N LYS B 256 -59.60 -96.44 11.64
CA LYS B 256 -58.40 -97.25 11.47
C LYS B 256 -57.20 -96.36 11.41
N VAL B 257 -56.14 -96.70 12.13
CA VAL B 257 -54.95 -95.83 12.08
C VAL B 257 -53.72 -96.51 11.46
N VAL B 258 -53.43 -97.72 11.90
CA VAL B 258 -52.32 -98.48 11.35
C VAL B 258 -52.93 -99.83 10.97
N GLU B 259 -52.57 -100.31 9.77
CA GLU B 259 -53.08 -101.56 9.24
C GLU B 259 -51.86 -102.37 8.81
N ARG B 260 -51.98 -103.71 8.90
CA ARG B 260 -50.89 -104.66 8.63
C ARG B 260 -51.37 -105.92 7.93
N ALA B 261 -50.53 -106.45 7.04
CA ALA B 261 -50.79 -107.73 6.31
C ALA B 261 -49.52 -108.64 6.34
N PRO B 262 -49.71 -109.92 6.64
CA PRO B 262 -50.91 -110.55 7.18
C PRO B 262 -51.12 -110.08 8.64
N ALA B 263 -52.26 -110.43 9.26
CA ALA B 263 -52.45 -110.16 10.70
C ALA B 263 -51.40 -110.95 11.49
N PRO B 264 -50.45 -110.27 12.12
CA PRO B 264 -49.24 -110.97 12.56
C PRO B 264 -49.48 -112.10 13.55
N TYR B 265 -50.46 -111.91 14.44
CA TYR B 265 -50.76 -112.84 15.58
C TYR B 265 -51.76 -113.96 15.25
N LEU B 266 -51.85 -114.37 13.98
CA LEU B 266 -52.80 -115.43 13.57
C LEU B 266 -52.08 -116.74 13.33
N SER B 267 -52.70 -117.86 13.73
CA SER B 267 -52.29 -119.23 13.31
C SER B 267 -52.67 -119.51 11.87
N GLU B 268 -51.94 -120.44 11.24
CA GLU B 268 -52.26 -120.87 9.87
C GLU B 268 -53.72 -121.35 9.73
N ALA B 269 -54.29 -121.92 10.80
CA ALA B 269 -55.68 -122.44 10.76
C ALA B 269 -56.76 -121.36 10.96
N GLN B 270 -56.50 -120.40 11.84
CA GLN B 270 -57.39 -119.26 12.03
C GLN B 270 -57.53 -118.45 10.76
N ARG B 271 -56.39 -118.34 10.07
CA ARG B 271 -56.23 -117.63 8.81
C ARG B 271 -56.97 -118.36 7.68
N GLN B 272 -56.86 -119.69 7.62
CA GLN B 272 -57.76 -120.49 6.76
C GLN B 272 -59.25 -120.44 7.17
N GLU B 273 -59.54 -120.34 8.48
CA GLU B 273 -60.92 -120.20 9.03
C GLU B 273 -61.63 -118.94 8.50
N LEU B 274 -60.96 -117.79 8.62
CA LEU B 274 -61.38 -116.50 8.07
C LEU B 274 -61.55 -116.47 6.54
N ALA B 275 -60.51 -116.96 5.86
CA ALA B 275 -60.52 -117.05 4.40
C ALA B 275 -61.79 -117.81 3.97
N ALA B 276 -62.16 -118.88 4.68
CA ALA B 276 -63.30 -119.66 4.23
C ALA B 276 -64.62 -118.94 4.48
N TYR B 277 -64.76 -118.20 5.59
CA TYR B 277 -66.00 -117.45 5.80
C TYR B 277 -66.19 -116.43 4.69
N SER B 278 -65.12 -115.74 4.34
CA SER B 278 -65.27 -114.60 3.45
C SER B 278 -65.65 -115.07 2.07
N LEU B 279 -65.27 -116.33 1.76
CA LEU B 279 -65.65 -116.88 0.47
C LEU B 279 -67.07 -117.33 0.48
N LYS B 280 -67.53 -117.85 1.61
CA LYS B 280 -69.00 -118.09 1.76
C LYS B 280 -69.76 -116.74 1.71
N ILE B 281 -69.24 -115.66 2.31
CA ILE B 281 -69.96 -114.38 2.20
C ILE B 281 -70.03 -113.87 0.74
N ALA B 282 -68.91 -113.98 0.02
CA ALA B 282 -68.80 -113.46 -1.35
C ALA B 282 -69.57 -114.25 -2.38
N GLY B 283 -69.44 -115.59 -2.33
CA GLY B 283 -70.21 -116.51 -3.16
C GLY B 283 -71.70 -116.21 -3.03
N ALA B 284 -72.13 -115.86 -1.81
CA ALA B 284 -73.55 -115.64 -1.47
C ALA B 284 -74.18 -114.45 -2.14
N THR B 285 -73.37 -113.48 -2.54
CA THR B 285 -73.87 -112.22 -3.03
C THR B 285 -73.32 -112.07 -4.41
N ASN B 286 -72.74 -113.18 -4.92
CA ASN B 286 -72.21 -113.26 -6.29
C ASN B 286 -71.27 -112.09 -6.51
N TYR B 287 -70.41 -111.89 -5.53
CA TYR B 287 -69.73 -110.63 -5.43
C TYR B 287 -68.92 -110.25 -6.66
N ILE B 288 -69.28 -109.15 -7.27
CA ILE B 288 -68.47 -108.62 -8.39
C ILE B 288 -67.48 -107.51 -7.99
N GLY B 289 -66.19 -107.81 -8.20
CA GLY B 289 -65.06 -106.87 -7.95
C GLY B 289 -64.31 -107.10 -6.64
N ALA B 290 -63.68 -106.04 -6.11
CA ALA B 290 -63.05 -106.03 -4.79
C ALA B 290 -63.99 -105.51 -3.66
N GLY B 291 -63.94 -106.22 -2.52
CA GLY B 291 -64.63 -105.83 -1.34
C GLY B 291 -63.87 -106.43 -0.19
N THR B 292 -64.26 -106.01 1.02
CA THR B 292 -63.63 -106.44 2.27
C THR B 292 -64.64 -107.00 3.29
N VAL B 293 -64.28 -108.09 3.95
CA VAL B 293 -65.10 -108.66 5.01
C VAL B 293 -64.34 -108.45 6.32
N GLU B 294 -65.02 -107.82 7.27
CA GLU B 294 -64.37 -107.37 8.50
C GLU B 294 -64.90 -108.18 9.64
N TYR B 295 -64.01 -108.48 10.60
CA TYR B 295 -64.34 -109.30 11.77
C TYR B 295 -63.69 -108.82 13.07
N LEU B 296 -64.37 -109.12 14.18
CA LEU B 296 -63.79 -108.89 15.50
C LEU B 296 -63.31 -110.22 16.07
N MET B 297 -62.02 -110.28 16.39
CA MET B 297 -61.46 -111.36 17.14
C MET B 297 -61.58 -111.01 18.62
N ASP B 298 -62.15 -111.93 19.37
CA ASP B 298 -62.36 -111.77 20.79
C ASP B 298 -61.08 -112.28 21.45
N ALA B 299 -60.30 -111.35 21.98
CA ALA B 299 -59.02 -111.66 22.63
C ALA B 299 -59.13 -112.71 23.75
N ASP B 300 -60.29 -112.77 24.42
CA ASP B 300 -60.47 -113.75 25.49
C ASP B 300 -60.67 -115.18 25.00
N THR B 301 -61.18 -115.38 23.79
CA THR B 301 -61.51 -116.73 23.31
C THR B 301 -60.88 -117.09 21.96
N GLY B 302 -60.44 -116.07 21.23
CA GLY B 302 -59.89 -116.25 19.88
C GLY B 302 -60.98 -116.60 18.89
N LYS B 303 -62.25 -116.40 19.28
CA LYS B 303 -63.41 -116.41 18.35
C LYS B 303 -63.41 -115.21 17.39
N PHE B 304 -64.03 -115.41 16.23
CA PHE B 304 -64.23 -114.41 15.20
C PHE B 304 -65.71 -114.08 15.13
N TYR B 305 -66.04 -112.84 14.87
CA TYR B 305 -67.43 -112.50 14.69
C TYR B 305 -67.50 -111.53 13.52
N PHE B 306 -68.14 -111.96 12.44
CA PHE B 306 -68.31 -111.07 11.32
C PHE B 306 -68.97 -109.78 11.84
N ILE B 307 -68.42 -108.62 11.44
CA ILE B 307 -68.99 -107.33 11.81
C ILE B 307 -69.61 -106.59 10.59
N GLU B 308 -68.90 -106.47 9.47
CA GLU B 308 -69.43 -105.77 8.28
C GLU B 308 -68.72 -106.13 6.95
N VAL B 309 -69.37 -105.80 5.81
CA VAL B 309 -68.62 -105.79 4.53
C VAL B 309 -68.45 -104.37 4.07
N ASN B 310 -67.27 -104.10 3.50
CA ASN B 310 -67.08 -102.92 2.69
C ASN B 310 -67.01 -103.36 1.22
N PRO B 311 -68.06 -103.04 0.45
CA PRO B 311 -68.22 -103.46 -0.94
C PRO B 311 -67.46 -102.53 -1.89
N ARG B 312 -66.16 -102.43 -1.70
CA ARG B 312 -65.36 -101.36 -2.30
C ARG B 312 -63.92 -101.65 -1.90
N ILE B 313 -62.99 -101.09 -2.68
CA ILE B 313 -61.60 -101.00 -2.25
C ILE B 313 -61.50 -100.23 -0.90
N GLN B 314 -60.43 -100.47 -0.17
CA GLN B 314 -60.16 -99.73 1.09
C GLN B 314 -58.82 -99.03 1.06
N VAL B 315 -58.67 -98.08 1.98
CA VAL B 315 -57.47 -97.26 2.11
C VAL B 315 -56.25 -98.17 2.41
N GLU B 316 -56.47 -99.20 3.23
CA GLU B 316 -55.44 -100.19 3.57
C GLU B 316 -55.18 -101.35 2.56
N HIS B 317 -55.89 -101.42 1.44
CA HIS B 317 -55.56 -102.37 0.39
C HIS B 317 -54.08 -102.53 0.06
N THR B 318 -53.31 -101.46 0.17
CA THR B 318 -51.89 -101.41 -0.27
C THR B 318 -51.01 -102.46 0.41
N VAL B 319 -51.22 -102.67 1.71
CA VAL B 319 -50.42 -103.65 2.46
C VAL B 319 -50.66 -105.07 1.94
N THR B 320 -51.90 -105.36 1.56
CA THR B 320 -52.26 -106.63 0.93
C THR B 320 -51.57 -106.74 -0.46
N GLU B 321 -51.34 -105.62 -1.12
CA GLU B 321 -50.79 -105.71 -2.46
C GLU B 321 -49.31 -106.10 -2.41
N VAL B 322 -48.57 -105.61 -1.42
CA VAL B 322 -47.13 -105.78 -1.45
C VAL B 322 -46.74 -107.14 -0.90
N VAL B 323 -47.56 -107.71 -0.02
CA VAL B 323 -47.28 -109.07 0.44
C VAL B 323 -47.84 -110.21 -0.41
N THR B 324 -48.73 -109.91 -1.36
CA THR B 324 -49.30 -110.94 -2.28
C THR B 324 -48.80 -110.78 -3.70
N GLY B 325 -48.36 -109.57 -4.08
CA GLY B 325 -47.90 -109.27 -5.47
C GLY B 325 -49.01 -109.01 -6.51
N ILE B 326 -50.22 -108.80 -6.00
CA ILE B 326 -51.42 -108.71 -6.83
C ILE B 326 -51.99 -107.29 -6.80
N ASP B 327 -52.05 -106.69 -7.97
CA ASP B 327 -52.61 -105.36 -8.12
C ASP B 327 -54.11 -105.52 -8.04
N ILE B 328 -54.66 -104.98 -6.95
CA ILE B 328 -56.10 -105.00 -6.71
C ILE B 328 -56.83 -104.05 -7.66
N VAL B 329 -56.27 -102.90 -7.97
CA VAL B 329 -57.00 -101.96 -8.84
C VAL B 329 -57.07 -102.49 -10.25
N LYS B 330 -55.93 -102.90 -10.82
CA LYS B 330 -55.91 -103.58 -12.15
C LYS B 330 -56.83 -104.79 -12.18
N ALA B 331 -56.95 -105.48 -11.04
CA ALA B 331 -57.89 -106.59 -11.00
C ALA B 331 -59.32 -106.04 -11.13
N GLN B 332 -59.58 -104.93 -10.43
CA GLN B 332 -60.92 -104.36 -10.50
C GLN B 332 -61.32 -104.16 -11.94
N ILE B 333 -60.43 -103.52 -12.68
CA ILE B 333 -60.71 -103.17 -14.06
C ILE B 333 -60.76 -104.41 -14.97
N HIS B 334 -59.80 -105.33 -14.82
CA HIS B 334 -59.85 -106.52 -15.65
C HIS B 334 -61.19 -107.23 -15.41
N ILE B 335 -61.57 -107.33 -14.12
CA ILE B 335 -62.87 -107.94 -13.75
C ILE B 335 -64.12 -107.37 -14.48
N LEU B 336 -64.35 -106.05 -14.44
CA LEU B 336 -65.51 -105.49 -15.11
C LEU B 336 -65.34 -105.47 -16.59
N ASP B 337 -64.11 -105.66 -17.07
CA ASP B 337 -63.92 -105.94 -18.51
C ASP B 337 -64.47 -107.33 -18.88
N GLY B 338 -64.88 -108.11 -17.88
CA GLY B 338 -65.49 -109.41 -18.12
C GLY B 338 -64.52 -110.55 -17.96
N ALA B 339 -63.35 -110.30 -17.36
CA ALA B 339 -62.28 -111.32 -17.28
C ALA B 339 -62.50 -112.41 -16.21
N ALA B 340 -61.88 -113.57 -16.44
CA ALA B 340 -61.89 -114.71 -15.51
C ALA B 340 -60.67 -114.79 -14.59
N ILE B 341 -60.93 -114.63 -13.29
CA ILE B 341 -59.92 -114.78 -12.25
C ILE B 341 -59.18 -116.09 -12.45
N GLY B 342 -57.86 -116.04 -12.50
CA GLY B 342 -57.10 -117.25 -12.74
C GLY B 342 -56.49 -117.26 -14.12
N THR B 343 -56.94 -116.34 -14.98
CA THR B 343 -56.33 -116.17 -16.31
C THR B 343 -55.41 -114.94 -16.35
N PRO B 344 -54.32 -114.99 -17.14
CA PRO B 344 -53.37 -113.85 -17.18
C PRO B 344 -54.04 -112.48 -17.38
N GLN B 345 -55.04 -112.40 -18.26
CA GLN B 345 -55.74 -111.16 -18.56
C GLN B 345 -56.65 -110.62 -17.43
N SER B 346 -56.87 -111.44 -16.40
CA SER B 346 -57.58 -110.95 -15.21
C SER B 346 -56.67 -110.22 -14.25
N GLY B 347 -55.34 -110.35 -14.43
CA GLY B 347 -54.39 -109.94 -13.40
C GLY B 347 -54.47 -110.74 -12.09
N VAL B 348 -55.31 -111.77 -12.02
CA VAL B 348 -55.42 -112.52 -10.74
C VAL B 348 -55.16 -114.02 -10.87
N PRO B 349 -54.23 -114.53 -10.05
CA PRO B 349 -53.95 -115.95 -9.94
C PRO B 349 -55.14 -116.73 -9.43
N ASN B 350 -55.16 -118.02 -9.77
CA ASN B 350 -56.00 -119.02 -9.14
C ASN B 350 -55.66 -119.08 -7.71
N GLN B 351 -56.67 -119.34 -6.88
CA GLN B 351 -56.53 -119.38 -5.42
C GLN B 351 -55.27 -120.11 -4.88
N GLU B 352 -54.82 -121.13 -5.60
CA GLU B 352 -53.71 -121.93 -5.11
C GLU B 352 -52.35 -121.27 -5.35
N ASP B 353 -52.31 -120.29 -6.23
CA ASP B 353 -51.08 -119.58 -6.56
C ASP B 353 -51.00 -118.20 -5.89
N ILE B 354 -51.97 -117.93 -5.03
CA ILE B 354 -51.97 -116.71 -4.25
C ILE B 354 -51.17 -117.00 -2.95
N ARG B 355 -49.99 -116.36 -2.81
CA ARG B 355 -48.96 -116.70 -1.82
C ARG B 355 -48.50 -115.47 -1.05
N LEU B 356 -48.46 -115.64 0.27
CA LEU B 356 -48.03 -114.61 1.20
C LEU B 356 -46.51 -114.45 1.13
N ASN B 357 -46.06 -113.21 1.01
CA ASN B 357 -44.64 -112.96 0.98
C ASN B 357 -44.28 -111.80 1.89
N GLY B 358 -43.69 -112.15 3.03
CA GLY B 358 -43.35 -111.22 4.06
C GLY B 358 -44.53 -110.58 4.73
N HIS B 359 -44.28 -109.36 5.20
CA HIS B 359 -45.10 -108.58 6.11
C HIS B 359 -45.02 -107.11 5.71
N ALA B 360 -46.08 -106.37 6.03
CA ALA B 360 -46.16 -104.98 5.66
C ALA B 360 -47.13 -104.23 6.54
N LEU B 361 -46.87 -102.93 6.65
CA LEU B 361 -47.72 -102.06 7.44
C LEU B 361 -47.82 -100.70 6.78
N GLN B 362 -48.93 -100.02 7.01
CA GLN B 362 -49.18 -98.72 6.42
C GLN B 362 -49.58 -97.70 7.42
N CYS B 363 -48.96 -96.54 7.27
CA CYS B 363 -49.16 -95.33 8.06
C CYS B 363 -49.63 -94.21 7.17
N ARG B 364 -50.52 -93.37 7.71
CA ARG B 364 -50.90 -92.21 6.95
C ARG B 364 -50.37 -90.91 7.55
N VAL B 365 -49.62 -90.16 6.72
CA VAL B 365 -49.04 -88.90 7.15
C VAL B 365 -50.06 -87.82 6.93
N THR B 366 -50.41 -87.07 7.97
CA THR B 366 -51.49 -86.04 7.84
C THR B 366 -50.99 -84.70 8.36
N THR B 367 -51.75 -83.62 8.18
CA THR B 367 -51.36 -82.35 8.79
C THR B 367 -51.92 -82.17 10.20
N GLU B 368 -52.46 -83.24 10.78
CA GLU B 368 -52.95 -83.17 12.17
C GLU B 368 -51.82 -82.95 13.20
N ASP B 369 -51.82 -81.80 13.86
CA ASP B 369 -50.64 -81.38 14.61
C ASP B 369 -50.64 -81.92 16.06
N PRO B 370 -49.74 -82.90 16.34
CA PRO B 370 -49.65 -83.49 17.72
C PRO B 370 -49.45 -82.47 18.86
N GLU B 371 -48.77 -81.35 18.58
CA GLU B 371 -48.48 -80.29 19.57
C GLU B 371 -49.60 -79.21 19.61
N HIS B 372 -50.65 -79.43 18.81
CA HIS B 372 -51.83 -78.54 18.83
C HIS B 372 -53.12 -79.33 18.71
N ASN B 373 -53.40 -80.23 19.67
CA ASN B 373 -54.66 -80.98 19.77
C ASN B 373 -55.00 -81.80 18.53
N PHE B 374 -53.99 -82.14 17.72
CA PHE B 374 -54.17 -82.77 16.36
C PHE B 374 -55.05 -82.00 15.39
N ILE B 375 -55.14 -80.69 15.58
CA ILE B 375 -55.85 -79.85 14.67
C ILE B 375 -55.06 -79.93 13.31
N PRO B 376 -55.77 -80.17 12.19
CA PRO B 376 -55.15 -80.20 10.84
C PRO B 376 -54.54 -78.85 10.47
N ASP B 377 -53.24 -78.84 10.17
CA ASP B 377 -52.57 -77.61 9.72
C ASP B 377 -52.92 -77.49 8.23
N TYR B 378 -52.71 -76.33 7.64
CA TYR B 378 -52.86 -76.14 6.24
C TYR B 378 -52.18 -74.82 5.82
N GLY B 379 -52.07 -74.60 4.51
CA GLY B 379 -51.35 -73.45 3.90
C GLY B 379 -50.37 -74.05 2.88
N ARG B 380 -49.23 -73.38 2.65
CA ARG B 380 -48.28 -73.86 1.67
C ARG B 380 -47.20 -74.82 2.29
N ILE B 381 -46.96 -75.95 1.62
CA ILE B 381 -45.77 -76.75 1.87
C ILE B 381 -44.64 -76.08 1.07
N THR B 382 -43.62 -75.53 1.73
CA THR B 382 -42.53 -74.85 1.01
C THR B 382 -41.38 -75.81 0.70
N ALA B 383 -41.26 -76.87 1.49
CA ALA B 383 -40.27 -77.86 1.14
C ALA B 383 -40.79 -79.17 1.56
N TYR B 384 -40.44 -80.18 0.77
CA TYR B 384 -41.05 -81.49 0.94
C TYR B 384 -40.14 -82.55 0.40
N ARG B 385 -39.65 -83.42 1.30
CA ARG B 385 -38.81 -84.52 0.89
C ARG B 385 -39.21 -85.80 1.60
N SER B 386 -39.73 -86.74 0.83
CA SER B 386 -40.26 -87.98 1.36
C SER B 386 -39.16 -89.03 1.26
N ALA B 387 -39.32 -90.18 1.88
CA ALA B 387 -38.18 -91.08 1.87
C ALA B 387 -38.50 -92.38 1.23
N SER B 388 -37.66 -92.80 0.29
CA SER B 388 -37.84 -94.09 -0.45
C SER B 388 -36.98 -95.32 -0.10
N GLY B 389 -36.47 -96.03 -1.12
CA GLY B 389 -35.60 -97.19 -0.89
C GLY B 389 -36.26 -98.56 -0.80
N PHE B 390 -35.46 -99.56 -0.49
CA PHE B 390 -35.97 -100.93 -0.52
C PHE B 390 -37.15 -101.16 0.42
N GLY B 391 -38.24 -101.70 -0.09
CA GLY B 391 -39.39 -102.04 0.77
C GLY B 391 -40.26 -100.90 1.31
N ILE B 392 -40.04 -99.72 0.73
CA ILE B 392 -40.92 -98.57 0.88
C ILE B 392 -41.80 -98.30 -0.39
N ARG B 393 -43.11 -98.31 -0.13
CA ARG B 393 -44.11 -97.87 -1.11
C ARG B 393 -44.66 -96.54 -0.60
N LEU B 394 -44.88 -95.62 -1.56
CA LEU B 394 -45.56 -94.37 -1.31
C LEU B 394 -46.73 -94.19 -2.25
N ASP B 395 -47.85 -93.73 -1.72
CA ASP B 395 -48.98 -93.32 -2.60
C ASP B 395 -49.35 -91.88 -2.25
N GLY B 396 -48.90 -90.91 -3.03
CA GLY B 396 -49.11 -89.52 -2.63
C GLY B 396 -50.58 -89.15 -2.68
N GLY B 397 -51.02 -88.33 -1.73
CA GLY B 397 -52.37 -87.69 -1.83
C GLY B 397 -52.33 -86.24 -2.35
N THR B 398 -51.78 -85.32 -1.56
CA THR B 398 -51.86 -83.88 -1.83
C THR B 398 -50.47 -83.21 -1.75
N SER B 399 -49.45 -83.91 -1.24
CA SER B 399 -48.21 -83.22 -0.97
C SER B 399 -47.15 -83.22 -2.09
N TYR B 400 -46.52 -82.06 -2.25
CA TYR B 400 -45.28 -81.95 -3.01
C TYR B 400 -44.66 -80.60 -2.59
N SER B 401 -43.49 -80.32 -3.08
CA SER B 401 -42.83 -79.08 -2.73
C SER B 401 -43.56 -77.95 -3.47
N GLY B 402 -44.23 -77.04 -2.76
CA GLY B 402 -45.10 -76.02 -3.38
C GLY B 402 -46.62 -76.22 -3.22
N ALA B 403 -47.05 -77.38 -2.75
CA ALA B 403 -48.49 -77.72 -2.64
C ALA B 403 -49.24 -76.75 -1.77
N ILE B 404 -50.49 -76.50 -2.14
CA ILE B 404 -51.39 -75.77 -1.26
C ILE B 404 -52.30 -76.76 -0.57
N ILE B 405 -52.23 -76.76 0.75
CA ILE B 405 -53.11 -77.64 1.51
C ILE B 405 -54.22 -76.72 2.07
N THR B 406 -55.47 -77.06 1.76
CA THR B 406 -56.61 -76.28 2.24
C THR B 406 -57.25 -76.99 3.44
N ARG B 407 -58.13 -76.26 4.13
CA ARG B 407 -58.79 -76.87 5.30
C ARG B 407 -60.10 -77.64 4.95
N TYR B 408 -60.46 -77.77 3.67
CA TYR B 408 -61.85 -78.22 3.40
C TYR B 408 -62.05 -79.73 3.42
N TYR B 409 -60.97 -80.50 3.20
CA TYR B 409 -61.15 -81.95 3.08
C TYR B 409 -60.43 -82.68 4.22
N ASP B 410 -60.14 -83.95 4.01
CA ASP B 410 -59.44 -84.73 4.99
C ASP B 410 -57.97 -84.18 5.10
N PRO B 411 -57.22 -84.51 6.18
CA PRO B 411 -55.93 -83.86 6.26
C PRO B 411 -54.78 -84.75 5.77
N LEU B 412 -55.00 -85.59 4.78
CA LEU B 412 -53.94 -86.55 4.34
C LEU B 412 -52.87 -85.93 3.46
N LEU B 413 -51.59 -86.25 3.70
CA LEU B 413 -50.53 -85.81 2.78
C LEU B 413 -50.11 -86.98 1.89
N VAL B 414 -49.79 -88.11 2.55
CA VAL B 414 -49.20 -89.26 1.86
C VAL B 414 -49.34 -90.57 2.70
N LYS B 415 -49.70 -91.70 2.05
CA LYS B 415 -49.64 -93.00 2.72
C LYS B 415 -48.32 -93.69 2.47
N VAL B 416 -47.75 -94.21 3.55
CA VAL B 416 -46.50 -94.96 3.52
C VAL B 416 -46.69 -96.42 3.86
N THR B 417 -46.08 -97.26 3.04
CA THR B 417 -46.26 -98.69 3.24
C THR B 417 -44.83 -99.23 3.25
N ALA B 418 -44.54 -100.04 4.29
CA ALA B 418 -43.25 -100.67 4.38
C ALA B 418 -43.39 -102.20 4.48
N TRP B 419 -42.49 -102.87 3.78
CA TRP B 419 -42.56 -104.34 3.64
C TRP B 419 -41.26 -104.95 4.15
N ALA B 420 -41.28 -106.20 4.61
CA ALA B 420 -40.01 -106.87 4.92
C ALA B 420 -40.25 -108.37 5.08
N PRO B 421 -39.16 -109.18 5.12
CA PRO B 421 -39.55 -110.60 5.23
C PRO B 421 -40.22 -110.97 6.56
N ASN B 422 -39.80 -110.31 7.65
CA ASN B 422 -40.38 -110.51 8.97
C ASN B 422 -41.05 -109.22 9.48
N PRO B 423 -42.01 -109.36 10.41
CA PRO B 423 -42.76 -108.21 10.93
C PRO B 423 -41.96 -107.13 11.72
N LEU B 424 -41.07 -107.52 12.64
CA LEU B 424 -40.18 -106.54 13.29
C LEU B 424 -39.35 -105.69 12.32
N GLU B 425 -38.68 -106.33 11.35
CA GLU B 425 -37.85 -105.60 10.41
C GLU B 425 -38.76 -104.67 9.60
N ALA B 426 -40.02 -105.07 9.40
CA ALA B 426 -41.00 -104.18 8.74
C ALA B 426 -41.20 -102.87 9.56
N ILE B 427 -41.34 -103.03 10.87
CA ILE B 427 -41.50 -101.90 11.78
C ILE B 427 -40.30 -100.93 11.74
N SER B 428 -39.08 -101.47 11.70
CA SER B 428 -37.87 -100.63 11.72
C SER B 428 -37.68 -99.94 10.37
N ARG B 429 -38.32 -100.49 9.37
CA ARG B 429 -38.22 -99.85 8.10
C ARG B 429 -39.23 -98.69 7.98
N MET B 430 -40.47 -98.89 8.47
CA MET B 430 -41.46 -97.81 8.59
C MET B 430 -40.88 -96.71 9.46
N ASP B 431 -40.35 -97.13 10.61
CA ASP B 431 -39.70 -96.21 11.50
C ASP B 431 -38.58 -95.45 10.84
N ARG B 432 -37.63 -96.11 10.16
CA ARG B 432 -36.57 -95.36 9.43
C ARG B 432 -37.17 -94.36 8.42
N ALA B 433 -38.06 -94.87 7.57
CA ALA B 433 -38.71 -93.98 6.57
C ALA B 433 -39.39 -92.70 7.13
N LEU B 434 -40.26 -92.86 8.13
CA LEU B 434 -40.97 -91.75 8.77
C LEU B 434 -40.03 -90.66 9.33
N ARG B 435 -39.00 -91.07 10.07
CA ARG B 435 -38.06 -90.15 10.67
C ARG B 435 -37.27 -89.42 9.61
N GLU B 436 -37.11 -90.06 8.45
CA GLU B 436 -36.35 -89.45 7.35
C GLU B 436 -37.20 -88.36 6.61
N PHE B 437 -38.54 -88.42 6.75
CA PHE B 437 -39.36 -87.39 6.09
C PHE B 437 -39.00 -85.97 6.55
N ARG B 438 -39.03 -85.01 5.62
CA ARG B 438 -38.85 -83.57 5.86
C ARG B 438 -39.97 -82.81 5.14
N ILE B 439 -40.86 -82.31 5.96
CA ILE B 439 -42.02 -81.59 5.47
C ILE B 439 -42.02 -80.18 6.15
N ARG B 440 -41.84 -79.14 5.34
CA ARG B 440 -41.73 -77.75 5.82
CA ARG B 440 -41.82 -77.78 5.91
C ARG B 440 -42.94 -76.93 5.31
N GLY B 441 -43.52 -76.08 6.17
CA GLY B 441 -44.71 -75.27 5.78
C GLY B 441 -45.98 -75.62 6.58
N VAL B 442 -46.20 -76.92 6.83
CA VAL B 442 -47.34 -77.39 7.62
C VAL B 442 -46.83 -78.34 8.73
N ALA B 443 -47.54 -78.39 9.86
CA ALA B 443 -47.17 -79.33 10.88
C ALA B 443 -47.66 -80.73 10.43
N THR B 444 -47.12 -81.80 10.99
CA THR B 444 -47.64 -83.11 10.61
C THR B 444 -47.67 -84.01 11.80
N ASN B 445 -48.30 -85.15 11.58
CA ASN B 445 -48.48 -86.16 12.59
C ASN B 445 -47.30 -87.12 12.73
N LEU B 446 -46.21 -86.85 12.02
CA LEU B 446 -45.08 -87.79 12.01
C LEU B 446 -44.69 -88.35 13.43
N THR B 447 -44.57 -87.50 14.45
CA THR B 447 -43.97 -87.99 15.72
C THR B 447 -44.95 -88.92 16.47
N PHE B 448 -46.24 -88.76 16.21
CA PHE B 448 -47.27 -89.62 16.79
C PHE B 448 -47.24 -91.05 16.19
N LEU B 449 -47.14 -91.08 14.86
CA LEU B 449 -46.92 -92.31 14.10
C LEU B 449 -45.67 -93.06 14.59
N GLU B 450 -44.65 -92.30 14.99
CA GLU B 450 -43.44 -92.92 15.49
C GLU B 450 -43.68 -93.50 16.85
N ALA B 451 -44.44 -92.81 17.68
CA ALA B 451 -44.76 -93.34 19.01
C ALA B 451 -45.67 -94.55 18.88
N ILE B 452 -46.46 -94.65 17.81
CA ILE B 452 -47.34 -95.82 17.69
C ILE B 452 -46.50 -97.05 17.41
N ILE B 453 -45.67 -96.98 16.37
CA ILE B 453 -44.97 -98.18 15.91
C ILE B 453 -43.73 -98.57 16.76
N GLY B 454 -43.27 -97.68 17.65
CA GLY B 454 -42.11 -97.96 18.51
C GLY B 454 -42.56 -98.51 19.84
N HIS B 455 -43.86 -98.42 20.14
CA HIS B 455 -44.44 -98.83 21.41
C HIS B 455 -44.45 -100.32 21.57
N PRO B 456 -44.07 -100.84 22.77
CA PRO B 456 -44.00 -102.30 23.06
C PRO B 456 -45.27 -103.12 22.77
N LYS B 457 -46.45 -102.58 23.06
CA LYS B 457 -47.67 -103.35 22.80
C LYS B 457 -47.85 -103.51 21.31
N PHE B 458 -47.30 -102.56 20.54
CA PHE B 458 -47.35 -102.68 19.09
C PHE B 458 -46.39 -103.73 18.57
N ARG B 459 -45.19 -103.75 19.14
CA ARG B 459 -44.11 -104.64 18.68
C ARG B 459 -44.36 -106.14 18.99
N ASP B 460 -45.07 -106.45 20.06
CA ASP B 460 -45.35 -107.84 20.43
C ASP B 460 -46.83 -108.15 20.30
N ASN B 461 -47.48 -107.41 19.41
CA ASN B 461 -48.88 -107.66 19.00
C ASN B 461 -49.80 -107.89 20.20
N SER B 462 -49.72 -107.06 21.22
CA SER B 462 -50.50 -107.27 22.42
C SER B 462 -51.60 -106.24 22.64
N TYR B 463 -51.91 -105.49 21.56
CA TYR B 463 -52.85 -104.35 21.59
C TYR B 463 -54.24 -104.77 21.12
N THR B 464 -55.25 -104.00 21.50
CA THR B 464 -56.60 -104.23 21.02
C THR B 464 -57.10 -102.94 20.34
N THR B 465 -58.31 -102.98 19.79
CA THR B 465 -58.92 -101.81 19.26
C THR B 465 -58.93 -100.63 20.28
N ARG B 466 -58.84 -100.95 21.57
CA ARG B 466 -58.83 -99.95 22.63
C ARG B 466 -57.43 -99.37 22.91
N PHE B 467 -56.37 -99.99 22.38
CA PHE B 467 -54.99 -99.53 22.61
C PHE B 467 -54.74 -98.00 22.61
N ILE B 468 -54.93 -97.35 21.47
CA ILE B 468 -54.67 -95.88 21.38
C ILE B 468 -55.47 -95.06 22.38
N ASP B 469 -56.76 -95.37 22.48
CA ASP B 469 -57.70 -94.60 23.24
C ASP B 469 -57.34 -94.67 24.71
N THR B 470 -56.52 -95.65 25.08
CA THR B 470 -56.20 -95.91 26.47
C THR B 470 -54.71 -95.67 26.83
N THR B 471 -53.93 -95.20 25.86
CA THR B 471 -52.47 -95.05 26.02
C THR B 471 -51.99 -93.59 26.01
N PRO B 472 -51.96 -92.94 27.22
CA PRO B 472 -51.69 -91.49 27.45
C PRO B 472 -50.33 -90.98 26.95
N GLU B 473 -49.32 -91.85 27.08
CA GLU B 473 -47.95 -91.57 26.66
C GLU B 473 -47.70 -91.71 25.13
N LEU B 474 -48.77 -91.72 24.33
CA LEU B 474 -48.68 -91.49 22.88
C LEU B 474 -49.01 -90.03 22.67
N PHE B 475 -49.82 -89.48 23.59
CA PHE B 475 -50.33 -88.11 23.49
C PHE B 475 -49.57 -87.11 24.37
N GLN B 476 -48.36 -87.49 24.79
CA GLN B 476 -47.59 -86.70 25.76
C GLN B 476 -47.98 -85.23 25.59
N GLN B 477 -48.68 -84.73 26.59
CA GLN B 477 -49.15 -83.37 26.52
C GLN B 477 -48.96 -82.61 27.84
N VAL B 478 -47.97 -81.75 27.80
CA VAL B 478 -47.73 -80.63 28.71
C VAL B 478 -47.04 -79.76 27.70
N LYS B 479 -47.36 -78.46 27.72
CA LYS B 479 -46.58 -77.50 26.91
C LYS B 479 -45.11 -77.70 27.26
N ARG B 480 -44.34 -78.04 26.23
CA ARG B 480 -42.93 -78.41 26.26
C ARG B 480 -42.01 -77.23 26.61
N GLN B 481 -40.98 -77.42 27.44
CA GLN B 481 -39.91 -76.38 27.57
C GLN B 481 -39.41 -76.08 28.95
N ASP B 482 -38.08 -76.21 29.18
CA ASP B 482 -37.12 -76.90 28.27
C ASP B 482 -36.23 -75.97 27.40
N ARG B 483 -34.91 -76.00 27.59
CA ARG B 483 -34.08 -74.84 27.22
C ARG B 483 -34.05 -74.57 25.71
N ALA B 484 -33.72 -75.61 24.95
CA ALA B 484 -33.67 -75.49 23.50
C ALA B 484 -35.04 -74.99 23.00
N THR B 485 -36.14 -75.56 23.48
CA THR B 485 -37.46 -75.14 23.00
C THR B 485 -37.69 -73.62 23.21
N LYS B 486 -37.48 -73.14 24.44
CA LYS B 486 -37.56 -71.71 24.73
C LYS B 486 -36.68 -70.87 23.79
N LEU B 487 -35.43 -71.33 23.56
CA LEU B 487 -34.55 -70.66 22.62
C LEU B 487 -35.14 -70.58 21.19
N LEU B 488 -35.69 -71.69 20.72
CA LEU B 488 -36.38 -71.70 19.41
C LEU B 488 -37.53 -70.69 19.36
N THR B 489 -38.32 -70.63 20.42
CA THR B 489 -39.38 -69.69 20.61
C THR B 489 -38.91 -68.22 20.55
N TYR B 490 -37.79 -67.85 21.19
CA TYR B 490 -37.19 -66.49 21.01
C TYR B 490 -36.87 -66.24 19.53
N LEU B 491 -36.14 -67.17 18.91
CA LEU B 491 -35.70 -67.00 17.55
C LEU B 491 -36.89 -66.93 16.63
N ALA B 492 -37.88 -67.80 16.86
CA ALA B 492 -39.12 -67.74 16.04
C ALA B 492 -39.73 -66.34 16.09
N ASP B 493 -39.92 -65.85 17.31
CA ASP B 493 -40.62 -64.65 17.59
C ASP B 493 -39.88 -63.46 17.05
N VAL B 494 -38.57 -63.44 17.20
CA VAL B 494 -37.78 -62.29 16.69
CA VAL B 494 -37.82 -62.29 16.68
C VAL B 494 -37.68 -62.33 15.17
N THR B 495 -37.68 -63.53 14.65
CA THR B 495 -37.60 -63.71 13.21
C THR B 495 -38.86 -63.18 12.54
N VAL B 496 -40.00 -63.49 13.10
CA VAL B 496 -41.30 -63.04 12.57
C VAL B 496 -41.58 -61.57 12.93
N ASN B 497 -41.19 -61.10 14.12
CA ASN B 497 -41.70 -59.84 14.64
C ASN B 497 -40.66 -58.76 14.78
N GLY B 498 -39.37 -59.14 14.72
CA GLY B 498 -38.24 -58.24 14.89
C GLY B 498 -38.05 -57.99 16.36
N HIS B 499 -37.02 -57.24 16.68
CA HIS B 499 -36.71 -56.85 18.01
C HIS B 499 -37.04 -55.37 18.10
N PRO B 500 -37.76 -54.94 19.14
CA PRO B 500 -38.18 -53.49 19.22
C PRO B 500 -37.04 -52.48 19.12
N GLU B 501 -35.87 -52.85 19.64
CA GLU B 501 -34.70 -51.95 19.71
C GLU B 501 -34.01 -51.83 18.35
N ALA B 502 -34.23 -52.83 17.49
CA ALA B 502 -33.53 -52.93 16.19
C ALA B 502 -34.43 -52.57 15.06
N LYS B 503 -35.67 -53.02 15.11
CA LYS B 503 -36.51 -53.12 13.90
C LYS B 503 -36.74 -51.79 13.14
N ASP B 504 -36.57 -50.63 13.78
CA ASP B 504 -36.72 -49.32 13.07
C ASP B 504 -35.46 -48.48 12.78
N ARG B 505 -34.29 -49.14 12.76
CA ARG B 505 -33.01 -48.48 12.83
C ARG B 505 -32.04 -49.04 11.75
N PRO B 506 -30.87 -48.40 11.49
CA PRO B 506 -30.03 -49.00 10.45
C PRO B 506 -29.71 -50.48 10.69
N LYS B 507 -29.33 -51.19 9.63
CA LYS B 507 -29.08 -52.62 9.69
C LYS B 507 -27.60 -52.77 9.35
N PRO B 508 -26.91 -53.72 9.98
CA PRO B 508 -25.54 -53.98 9.60
C PRO B 508 -25.39 -54.49 8.14
N LEU B 509 -24.24 -54.22 7.53
CA LEU B 509 -23.93 -54.69 6.18
C LEU B 509 -24.07 -56.23 6.20
N GLU B 510 -24.84 -56.77 5.25
CA GLU B 510 -25.15 -58.21 5.16
C GLU B 510 -23.92 -59.08 4.84
N ASN B 511 -24.01 -60.38 5.18
CA ASN B 511 -22.86 -61.29 5.22
C ASN B 511 -21.60 -60.60 5.76
N ALA B 512 -21.73 -60.02 6.97
CA ALA B 512 -20.61 -59.37 7.69
C ALA B 512 -19.73 -60.48 8.27
N ALA B 513 -18.43 -60.20 8.38
CA ALA B 513 -17.50 -61.15 9.04
C ALA B 513 -17.94 -61.33 10.49
N ARG B 514 -18.18 -62.58 10.89
CA ARG B 514 -18.35 -62.93 12.30
C ARG B 514 -17.03 -62.54 13.08
N PRO B 515 -17.15 -62.09 14.34
CA PRO B 515 -15.93 -61.80 15.09
C PRO B 515 -15.16 -63.07 15.42
N VAL B 516 -13.86 -63.08 15.22
CA VAL B 516 -13.10 -64.30 15.47
C VAL B 516 -12.28 -64.06 16.73
N VAL B 517 -12.40 -64.91 17.72
CA VAL B 517 -11.66 -64.73 18.96
C VAL B 517 -10.20 -65.05 18.64
N PRO B 518 -9.24 -64.19 19.00
CA PRO B 518 -7.84 -64.48 18.68
C PRO B 518 -7.24 -65.78 19.21
N TYR B 519 -6.41 -66.42 18.39
CA TYR B 519 -5.80 -67.72 18.69
C TYR B 519 -5.10 -67.79 20.07
N ASN B 521 -2.67 -70.38 20.57
CA ASN B 521 -1.53 -70.97 21.29
C ASN B 521 -1.97 -71.73 22.54
N GLY B 522 -1.44 -71.36 23.71
CA GLY B 522 -1.77 -72.07 24.93
C GLY B 522 -0.70 -72.08 26.00
N ASN B 523 -1.13 -71.90 27.24
CA ASN B 523 -0.26 -71.81 28.41
C ASN B 523 -1.13 -71.73 29.70
N GLY B 524 -0.50 -71.32 30.80
CA GLY B 524 -1.21 -70.70 31.93
C GLY B 524 -0.96 -69.19 31.95
N VAL B 525 -1.75 -68.48 32.72
CA VAL B 525 -1.79 -66.99 32.62
C VAL B 525 -0.86 -66.33 33.67
N LYS B 526 -0.07 -65.33 33.31
CA LYS B 526 0.73 -64.60 34.29
C LYS B 526 -0.21 -63.94 35.34
N ASP B 527 0.21 -64.05 36.59
CA ASP B 527 -0.31 -63.28 37.72
C ASP B 527 -0.27 -61.80 37.43
N GLY B 528 -1.34 -61.08 37.76
CA GLY B 528 -1.37 -59.69 37.55
C GLY B 528 -1.93 -58.95 38.75
N THR B 529 -2.56 -57.80 38.49
CA THR B 529 -2.96 -56.90 39.57
C THR B 529 -4.03 -57.52 40.54
N LYS B 530 -4.85 -58.47 40.04
CA LYS B 530 -5.77 -59.23 40.90
C LYS B 530 -4.94 -59.96 41.99
N GLN B 531 -3.89 -60.71 41.61
CA GLN B 531 -3.15 -61.43 42.62
C GLN B 531 -2.44 -60.45 43.56
N LEU B 532 -1.99 -59.33 43.01
CA LEU B 532 -1.38 -58.27 43.77
C LEU B 532 -2.33 -57.66 44.78
N LEU B 533 -3.56 -57.32 44.37
CA LEU B 533 -4.52 -56.77 45.34
C LEU B 533 -4.90 -57.81 46.46
N ASP B 534 -5.11 -59.08 46.13
CA ASP B 534 -5.39 -60.09 47.11
C ASP B 534 -4.27 -60.24 48.12
N THR B 535 -3.00 -60.14 47.69
CA THR B 535 -1.91 -60.21 48.65
C THR B 535 -1.80 -58.95 49.54
N LEU B 536 -1.86 -57.77 48.93
CA LEU B 536 -1.57 -56.51 49.68
C LEU B 536 -2.74 -55.91 50.47
N GLY B 537 -3.95 -56.17 49.96
CA GLY B 537 -5.13 -55.41 50.32
C GLY B 537 -5.16 -54.03 49.66
N PRO B 538 -6.31 -53.35 49.76
CA PRO B 538 -6.54 -52.14 48.95
C PRO B 538 -5.67 -50.91 49.31
N LYS B 539 -5.52 -50.65 50.57
CA LYS B 539 -4.71 -49.52 50.96
C LYS B 539 -3.31 -49.73 50.42
N LYS B 540 -2.68 -50.86 50.75
CA LYS B 540 -1.28 -51.12 50.29
C LYS B 540 -1.21 -51.25 48.73
N PHE B 541 -2.30 -51.71 48.11
CA PHE B 541 -2.33 -51.81 46.69
C PHE B 541 -2.30 -50.36 46.09
N GLY B 542 -3.05 -49.42 46.67
CA GLY B 542 -2.99 -48.06 46.20
C GLY B 542 -1.59 -47.53 46.32
N GLU B 543 -0.90 -47.85 47.41
CA GLU B 543 0.43 -47.30 47.56
C GLU B 543 1.35 -47.87 46.46
N TRP B 544 1.21 -49.17 46.17
CA TRP B 544 2.01 -49.80 45.17
C TRP B 544 1.80 -49.09 43.85
N MET B 545 0.58 -48.70 43.48
CA MET B 545 0.29 -47.87 42.30
C MET B 545 1.04 -46.52 42.33
N ARG B 546 0.97 -45.84 43.50
CA ARG B 546 1.61 -44.58 43.70
C ARG B 546 3.06 -44.83 43.39
N ASN B 547 3.62 -45.91 43.93
CA ASN B 547 5.07 -46.14 43.78
C ASN B 547 5.53 -46.58 42.34
N GLU B 548 4.69 -47.19 41.49
CA GLU B 548 5.16 -47.68 40.19
C GLU B 548 5.60 -46.51 39.29
N LYS B 549 6.58 -46.84 38.48
CA LYS B 549 7.27 -45.98 37.58
C LYS B 549 6.41 -45.90 36.33
N ARG B 550 6.13 -47.06 35.75
CA ARG B 550 5.36 -47.14 34.53
C ARG B 550 3.96 -46.55 34.78
N VAL B 551 3.37 -45.90 33.75
CA VAL B 551 1.95 -45.59 33.79
C VAL B 551 1.15 -46.86 33.73
N LEU B 552 0.07 -46.89 34.51
CA LEU B 552 -0.84 -48.04 34.61
C LEU B 552 -2.08 -47.75 33.81
N LEU B 553 -2.67 -48.76 33.21
CA LEU B 553 -3.72 -48.55 32.21
C LEU B 553 -4.96 -49.36 32.45
N THR B 554 -6.09 -48.69 32.36
CA THR B 554 -7.34 -49.30 32.46
C THR B 554 -7.98 -49.31 31.09
N ASP B 555 -8.50 -50.47 30.68
CA ASP B 555 -9.20 -50.57 29.40
C ASP B 555 -10.74 -50.45 29.67
N THR B 556 -11.42 -49.49 29.00
CA THR B 556 -12.82 -49.20 29.25
C THR B 556 -13.73 -49.69 28.16
N THR B 557 -13.18 -50.44 27.23
CA THR B 557 -13.93 -50.96 26.10
C THR B 557 -15.19 -51.71 26.54
N MET B 558 -15.11 -52.52 27.58
CA MET B 558 -16.31 -53.29 27.91
C MET B 558 -17.36 -52.47 28.63
N ARG B 559 -17.16 -51.17 28.90
CA ARG B 559 -18.21 -50.42 29.64
C ARG B 559 -18.41 -49.04 29.05
N ASP B 560 -17.53 -48.07 29.39
CA ASP B 560 -17.64 -46.71 28.84
C ASP B 560 -17.49 -46.67 27.33
N GLY B 561 -16.62 -47.48 26.74
CA GLY B 561 -16.51 -47.47 25.31
C GLY B 561 -17.86 -47.61 24.58
N HIS B 562 -18.64 -48.67 24.91
CA HIS B 562 -19.89 -48.88 24.16
C HIS B 562 -21.02 -48.10 24.80
N GLN B 563 -20.89 -47.78 26.08
CA GLN B 563 -21.89 -46.86 26.65
C GLN B 563 -21.82 -45.55 25.87
N SER B 564 -20.63 -45.06 25.57
CA SER B 564 -20.56 -43.74 24.87
C SER B 564 -20.91 -43.86 23.39
N LEU B 565 -20.69 -45.03 22.78
CA LEU B 565 -20.77 -45.01 21.34
C LEU B 565 -21.97 -45.76 20.80
N LEU B 566 -22.47 -46.71 21.57
CA LEU B 566 -23.52 -47.58 21.13
C LEU B 566 -24.61 -47.70 22.10
N ALA B 567 -24.92 -46.62 22.85
CA ALA B 567 -26.04 -46.62 23.84
C ALA B 567 -25.95 -47.78 24.79
N THR B 568 -24.73 -48.26 25.05
CA THR B 568 -24.51 -49.37 25.99
C THR B 568 -25.18 -50.68 25.60
N ARG B 569 -25.33 -50.91 24.28
CA ARG B 569 -26.02 -52.14 23.87
C ARG B 569 -25.14 -53.33 23.71
N MET B 570 -23.85 -53.23 24.03
CA MET B 570 -22.99 -54.38 23.81
C MET B 570 -23.38 -55.57 24.69
N ARG B 571 -23.40 -56.75 24.12
CA ARG B 571 -23.96 -57.96 24.80
C ARG B 571 -22.88 -58.87 25.42
N THR B 572 -23.27 -59.56 26.48
CA THR B 572 -22.42 -60.48 27.17
C THR B 572 -21.65 -61.43 26.26
N TYR B 573 -22.33 -62.01 25.28
CA TYR B 573 -21.72 -62.88 24.28
C TYR B 573 -20.45 -62.28 23.71
N ASP B 574 -20.47 -60.99 23.37
CA ASP B 574 -19.32 -60.38 22.68
C ASP B 574 -18.23 -59.98 23.68
N ILE B 575 -18.67 -59.59 24.88
CA ILE B 575 -17.76 -59.16 25.88
C ILE B 575 -16.96 -60.29 26.53
N ALA B 576 -17.64 -61.33 26.98
CA ALA B 576 -17.07 -62.46 27.70
C ALA B 576 -16.18 -63.32 26.80
N ARG B 577 -16.49 -63.37 25.53
CA ARG B 577 -15.69 -64.20 24.65
C ARG B 577 -14.28 -63.66 24.51
N ILE B 578 -14.04 -62.40 24.83
CA ILE B 578 -12.71 -61.83 24.59
C ILE B 578 -11.91 -61.73 25.92
N ALA B 579 -12.57 -61.94 27.05
CA ALA B 579 -11.97 -61.77 28.37
C ALA B 579 -10.73 -62.65 28.51
N GLY B 580 -10.79 -63.91 28.13
CA GLY B 580 -9.58 -64.74 28.26
C GLY B 580 -8.40 -64.32 27.34
N THR B 581 -8.68 -63.75 26.17
CA THR B 581 -7.61 -63.20 25.38
C THR B 581 -6.92 -62.00 26.07
N TYR B 582 -7.68 -61.07 26.73
CA TYR B 582 -7.05 -60.00 27.53
C TYR B 582 -6.09 -60.53 28.66
N SER B 583 -6.62 -61.47 29.41
CA SER B 583 -5.95 -62.19 30.46
C SER B 583 -4.59 -62.74 30.05
N HIS B 584 -4.52 -63.37 28.89
CA HIS B 584 -3.28 -63.96 28.48
C HIS B 584 -2.44 -63.03 27.66
N ALA B 585 -3.04 -62.05 27.02
CA ALA B 585 -2.24 -61.22 26.11
C ALA B 585 -1.92 -59.86 26.70
N LEU B 586 -2.78 -59.34 27.56
CA LEU B 586 -2.44 -58.04 28.22
C LEU B 586 -2.37 -58.16 29.77
N PRO B 587 -1.63 -59.17 30.29
CA PRO B 587 -1.75 -59.43 31.74
C PRO B 587 -1.17 -58.26 32.56
N ASN B 588 -0.65 -57.23 31.90
CA ASN B 588 -0.11 -56.08 32.59
CA ASN B 588 -0.12 -56.04 32.60
C ASN B 588 -1.14 -54.92 32.79
N LEU B 589 -2.34 -55.07 32.28
CA LEU B 589 -3.34 -54.03 32.49
C LEU B 589 -3.64 -53.83 34.00
N LEU B 590 -3.83 -52.61 34.39
CA LEU B 590 -4.31 -52.30 35.76
C LEU B 590 -5.63 -52.98 35.95
N SER B 591 -6.58 -52.69 35.04
CA SER B 591 -7.92 -53.15 35.24
C SER B 591 -8.72 -53.12 33.95
N LEU B 592 -9.82 -53.86 33.94
CA LEU B 592 -10.79 -53.73 32.89
C LEU B 592 -12.04 -53.06 33.46
N GLU B 593 -12.49 -51.97 32.81
CA GLU B 593 -13.73 -51.31 33.30
C GLU B 593 -14.87 -52.00 32.58
N CYS B 594 -15.72 -52.74 33.33
CA CYS B 594 -16.57 -53.69 32.63
C CYS B 594 -17.94 -53.76 33.25
N TRP B 595 -18.28 -52.82 34.13
CA TRP B 595 -19.54 -52.95 34.82
C TRP B 595 -19.95 -51.66 35.40
N GLY B 596 -21.22 -51.56 35.79
CA GLY B 596 -21.81 -50.27 36.29
C GLY B 596 -22.10 -49.29 35.18
N GLY B 597 -22.29 -48.03 35.54
CA GLY B 597 -22.83 -47.07 34.62
C GLY B 597 -24.16 -47.67 34.19
N ALA B 598 -24.47 -47.59 32.90
CA ALA B 598 -25.80 -47.93 32.45
C ALA B 598 -25.90 -49.44 32.13
N THR B 599 -24.81 -50.19 32.27
CA THR B 599 -24.85 -51.55 31.80
C THR B 599 -25.83 -52.35 32.61
N PHE B 600 -26.04 -51.88 33.82
CA PHE B 600 -26.72 -52.75 34.76
C PHE B 600 -28.17 -52.89 34.31
N ASP B 601 -28.85 -51.78 34.10
CA ASP B 601 -30.22 -51.94 33.69
C ASP B 601 -30.49 -52.10 32.21
N VAL B 602 -29.61 -51.53 31.38
CA VAL B 602 -29.72 -51.68 29.94
C VAL B 602 -29.59 -53.17 29.67
N SER B 603 -28.70 -53.85 30.34
CA SER B 603 -28.52 -55.26 30.10
C SER B 603 -29.84 -56.05 30.34
N MET B 604 -30.53 -55.80 31.43
CA MET B 604 -31.85 -56.43 31.60
C MET B 604 -32.91 -55.85 30.69
N ARG B 605 -33.01 -54.51 30.63
CA ARG B 605 -34.13 -53.84 29.94
C ARG B 605 -34.10 -54.03 28.43
N PHE B 606 -32.94 -54.01 27.79
CA PHE B 606 -32.92 -53.95 26.32
C PHE B 606 -32.22 -55.15 25.68
N LEU B 607 -31.48 -55.91 26.48
CA LEU B 607 -30.71 -57.04 25.96
C LEU B 607 -31.20 -58.36 26.58
N THR B 608 -32.20 -58.29 27.48
CA THR B 608 -32.79 -59.45 28.11
C THR B 608 -31.72 -60.34 28.68
N GLU B 609 -30.76 -59.73 29.36
CA GLU B 609 -29.68 -60.56 29.94
C GLU B 609 -29.26 -60.04 31.29
N ASP B 610 -28.64 -60.93 32.03
CA ASP B 610 -28.38 -60.67 33.43
C ASP B 610 -26.99 -60.08 33.68
N PRO B 611 -26.94 -58.90 34.27
CA PRO B 611 -25.61 -58.28 34.45
C PRO B 611 -24.68 -59.09 35.35
N TRP B 612 -25.21 -59.93 36.25
CA TRP B 612 -24.36 -60.74 37.17
C TRP B 612 -23.66 -61.84 36.48
N GLU B 613 -24.33 -62.44 35.51
CA GLU B 613 -23.72 -63.50 34.71
C GLU B 613 -22.65 -62.88 33.81
N ARG B 614 -22.87 -61.67 33.32
CA ARG B 614 -21.83 -61.08 32.51
C ARG B 614 -20.57 -60.98 33.37
N LEU B 615 -20.73 -60.53 34.58
CA LEU B 615 -19.61 -60.17 35.43
C LEU B 615 -18.86 -61.46 35.75
N ALA B 616 -19.64 -62.52 36.08
CA ALA B 616 -19.09 -63.77 36.48
C ALA B 616 -18.33 -64.38 35.31
N LEU B 617 -18.80 -64.20 34.08
CA LEU B 617 -18.05 -64.71 32.92
C LEU B 617 -16.78 -63.95 32.68
N ILE B 618 -16.80 -62.62 32.79
CA ILE B 618 -15.55 -61.85 32.73
C ILE B 618 -14.61 -62.31 33.82
N ARG B 619 -15.12 -62.52 35.07
CA ARG B 619 -14.29 -62.81 36.22
C ARG B 619 -13.58 -64.18 36.00
N GLU B 620 -14.25 -65.16 35.34
CA GLU B 620 -13.65 -66.49 35.09
C GLU B 620 -12.67 -66.45 33.90
N GLY B 621 -12.93 -65.62 32.90
CA GLY B 621 -12.01 -65.52 31.81
C GLY B 621 -10.77 -64.69 32.08
N ALA B 622 -10.81 -63.78 33.07
CA ALA B 622 -9.65 -62.91 33.38
C ALA B 622 -9.37 -62.92 34.85
N PRO B 623 -8.91 -64.04 35.40
CA PRO B 623 -8.70 -64.13 36.82
C PRO B 623 -7.46 -63.32 37.34
N ASN B 624 -6.63 -62.77 36.45
CA ASN B 624 -5.43 -62.05 36.84
C ASN B 624 -5.58 -60.50 36.82
N LEU B 625 -6.72 -59.99 36.37
CA LEU B 625 -6.87 -58.52 36.24
C LEU B 625 -7.97 -58.03 37.22
N LEU B 626 -7.84 -56.80 37.68
CA LEU B 626 -8.83 -56.14 38.46
C LEU B 626 -10.00 -55.89 37.54
N LEU B 627 -11.21 -56.19 38.06
CA LEU B 627 -12.41 -55.81 37.35
C LEU B 627 -12.92 -54.58 38.03
N GLN B 628 -13.26 -53.57 37.24
CA GLN B 628 -13.60 -52.25 37.78
C GLN B 628 -15.02 -51.87 37.37
N MET B 629 -15.79 -51.27 38.28
CA MET B 629 -17.14 -50.78 37.93
C MET B 629 -17.20 -49.24 38.12
N LEU B 630 -18.16 -48.57 37.50
CA LEU B 630 -18.42 -47.23 37.94
C LEU B 630 -19.66 -47.31 38.87
N LEU B 631 -19.65 -46.61 39.98
CA LEU B 631 -20.71 -46.66 41.00
C LEU B 631 -21.10 -45.21 41.34
N ARG B 632 -22.39 -44.84 41.20
CA ARG B 632 -22.86 -43.54 41.80
C ARG B 632 -22.90 -43.71 43.35
N GLY B 633 -22.30 -42.80 44.10
CA GLY B 633 -22.20 -43.01 45.56
C GLY B 633 -23.56 -42.99 46.25
N ALA B 634 -24.44 -42.11 45.78
CA ALA B 634 -25.76 -41.99 46.37
C ALA B 634 -26.53 -43.26 46.05
N ASN B 635 -26.31 -43.83 44.88
CA ASN B 635 -27.32 -44.87 44.58
C ASN B 635 -26.97 -46.16 43.85
N GLY B 636 -25.67 -46.49 43.84
CA GLY B 636 -25.10 -47.68 43.17
C GLY B 636 -25.25 -47.57 41.67
N VAL B 637 -26.15 -48.35 41.08
CA VAL B 637 -26.38 -48.37 39.65
C VAL B 637 -27.83 -48.00 39.41
N GLY B 638 -28.51 -47.49 40.45
CA GLY B 638 -29.96 -47.31 40.44
C GLY B 638 -30.40 -46.07 39.72
N TYR B 639 -31.70 -45.87 39.66
CA TYR B 639 -32.30 -44.69 38.97
C TYR B 639 -32.77 -43.66 40.00
N THR B 640 -32.86 -43.99 41.28
CA THR B 640 -33.43 -43.05 42.21
C THR B 640 -32.64 -42.96 43.54
N ASN B 641 -33.23 -42.42 44.60
CA ASN B 641 -32.52 -42.50 45.90
C ASN B 641 -32.95 -43.73 46.65
N TYR B 642 -32.02 -44.31 47.43
CA TYR B 642 -32.30 -45.53 48.22
C TYR B 642 -31.77 -45.42 49.64
N PRO B 643 -32.40 -46.20 50.57
CA PRO B 643 -31.91 -46.15 51.97
C PRO B 643 -30.50 -46.69 51.99
N ASP B 644 -29.69 -46.25 52.94
CA ASP B 644 -28.33 -46.77 53.14
C ASP B 644 -28.21 -48.28 53.12
N ASN B 645 -29.17 -48.98 53.70
CA ASN B 645 -28.96 -50.41 53.82
C ASN B 645 -29.07 -51.12 52.46
N VAL B 646 -29.81 -50.55 51.51
CA VAL B 646 -29.92 -51.08 50.12
C VAL B 646 -28.65 -50.85 49.38
N VAL B 647 -28.14 -49.63 49.56
CA VAL B 647 -26.86 -49.24 48.95
C VAL B 647 -25.76 -50.17 49.49
N LYS B 648 -25.67 -50.35 50.80
CA LYS B 648 -24.61 -51.24 51.27
C LYS B 648 -24.80 -52.68 50.80
N TYR B 649 -26.05 -53.16 50.83
CA TYR B 649 -26.32 -54.49 50.37
C TYR B 649 -25.83 -54.67 48.87
N PHE B 650 -26.09 -53.68 48.07
CA PHE B 650 -25.73 -53.81 46.69
C PHE B 650 -24.20 -53.89 46.48
N VAL B 651 -23.50 -53.00 47.16
CA VAL B 651 -22.03 -53.00 47.15
C VAL B 651 -21.50 -54.35 47.62
N ARG B 652 -22.05 -54.86 48.70
CA ARG B 652 -21.67 -56.21 49.13
C ARG B 652 -21.79 -57.28 48.04
N GLN B 653 -22.89 -57.33 47.30
CA GLN B 653 -23.11 -58.35 46.28
C GLN B 653 -22.14 -58.14 45.08
N ALA B 654 -21.85 -56.88 44.79
CA ALA B 654 -21.04 -56.50 43.68
C ALA B 654 -19.61 -57.04 43.95
N ALA B 655 -19.09 -56.86 45.17
CA ALA B 655 -17.76 -57.44 45.62
C ALA B 655 -17.77 -58.98 45.59
N LYS B 656 -18.81 -59.57 46.13
CA LYS B 656 -19.04 -61.01 46.04
C LYS B 656 -19.08 -61.42 44.56
N GLY B 657 -19.61 -60.58 43.67
CA GLY B 657 -19.84 -61.00 42.29
C GLY B 657 -18.55 -60.96 41.46
N GLY B 658 -17.52 -60.29 41.99
CA GLY B 658 -16.26 -60.22 41.32
C GLY B 658 -15.70 -58.81 41.08
N ILE B 659 -16.39 -57.73 41.48
CA ILE B 659 -15.81 -56.38 41.33
C ILE B 659 -14.66 -56.18 42.34
N ASP B 660 -13.50 -55.69 41.88
CA ASP B 660 -12.39 -55.41 42.78
C ASP B 660 -12.18 -53.92 42.99
N LEU B 661 -12.49 -53.12 41.98
CA LEU B 661 -12.15 -51.65 42.00
C LEU B 661 -13.41 -50.87 41.69
N PHE B 662 -13.89 -50.11 42.67
CA PHE B 662 -15.10 -49.29 42.60
C PHE B 662 -14.68 -47.84 42.40
N ARG B 663 -14.93 -47.30 41.20
CA ARG B 663 -14.78 -45.86 40.96
C ARG B 663 -16.10 -45.22 41.42
N VAL B 664 -16.10 -44.46 42.52
CA VAL B 664 -17.31 -43.92 43.04
C VAL B 664 -17.34 -42.39 42.84
N PHE B 665 -18.46 -41.90 42.33
CA PHE B 665 -18.55 -40.51 42.05
C PHE B 665 -19.89 -39.93 42.50
N ASP B 666 -19.94 -38.61 42.61
CA ASP B 666 -21.20 -37.94 42.84
C ASP B 666 -21.42 -36.85 41.80
N CYS B 667 -22.62 -36.78 41.23
CA CYS B 667 -22.87 -35.86 40.14
C CYS B 667 -22.75 -34.36 40.48
N LEU B 668 -22.66 -34.04 41.77
CA LEU B 668 -22.39 -32.65 42.15
C LEU B 668 -21.07 -32.59 42.92
N ASN B 669 -20.19 -33.59 42.74
CA ASN B 669 -18.97 -33.67 43.61
C ASN B 669 -19.25 -33.42 45.10
N TRP B 670 -20.40 -33.88 45.60
CA TRP B 670 -20.76 -33.71 47.05
C TRP B 670 -20.20 -34.83 47.85
N VAL B 671 -19.13 -34.57 48.60
CA VAL B 671 -18.49 -35.65 49.39
C VAL B 671 -19.46 -36.31 50.37
N GLU B 672 -20.29 -35.49 51.04
CA GLU B 672 -21.24 -36.02 51.98
C GLU B 672 -22.02 -37.14 51.28
N ASN B 673 -22.39 -36.94 50.01
CA ASN B 673 -23.15 -37.97 49.31
C ASN B 673 -22.36 -39.26 48.89
N MET B 674 -21.09 -39.40 49.23
CA MET B 674 -20.28 -40.51 48.78
C MET B 674 -19.90 -41.41 49.95
N ARG B 675 -20.01 -40.86 51.17
CA ARG B 675 -19.55 -41.54 52.40
C ARG B 675 -20.07 -42.99 52.61
N VAL B 676 -21.37 -43.15 52.43
CA VAL B 676 -21.96 -44.44 52.64
C VAL B 676 -21.38 -45.52 51.69
N SER B 677 -21.24 -45.19 50.40
CA SER B 677 -20.61 -46.07 49.45
C SER B 677 -19.18 -46.27 49.77
N MET B 678 -18.45 -45.19 50.07
CA MET B 678 -17.02 -45.37 50.34
C MET B 678 -16.77 -46.25 51.56
N ASP B 679 -17.58 -46.08 52.63
CA ASP B 679 -17.51 -46.98 53.81
C ASP B 679 -17.85 -48.44 53.49
N ALA B 680 -18.89 -48.64 52.67
CA ALA B 680 -19.29 -49.96 52.28
C ALA B 680 -18.17 -50.70 51.45
N ILE B 681 -17.50 -50.04 50.51
CA ILE B 681 -16.41 -50.65 49.73
C ILE B 681 -15.19 -51.01 50.66
N ALA B 682 -14.77 -50.05 51.50
CA ALA B 682 -13.79 -50.42 52.55
C ALA B 682 -14.27 -51.59 53.48
N GLU B 683 -15.54 -51.67 53.84
CA GLU B 683 -15.90 -52.80 54.67
C GLU B 683 -15.80 -54.12 53.87
N GLU B 684 -15.93 -54.08 52.54
CA GLU B 684 -15.78 -55.31 51.77
C GLU B 684 -14.33 -55.50 51.48
N ASN B 685 -13.46 -54.63 51.99
CA ASN B 685 -12.04 -54.81 51.64
C ASN B 685 -11.75 -54.73 50.11
N LYS B 686 -12.43 -53.89 49.36
CA LYS B 686 -12.08 -53.71 47.98
C LYS B 686 -11.49 -52.34 47.80
N LEU B 687 -11.12 -52.02 46.57
CA LEU B 687 -10.57 -50.73 46.26
C LEU B 687 -11.62 -49.70 46.10
N CYS B 688 -11.41 -48.62 46.84
CA CYS B 688 -12.31 -47.48 46.73
C CYS B 688 -11.54 -46.34 46.01
N GLU B 689 -11.98 -46.08 44.81
CA GLU B 689 -11.37 -45.03 44.02
C GLU B 689 -12.37 -43.92 44.01
N ALA B 690 -12.05 -42.86 44.70
CA ALA B 690 -13.01 -41.76 44.84
C ALA B 690 -12.78 -40.82 43.73
N ALA B 691 -13.79 -40.57 42.92
CA ALA B 691 -13.62 -39.74 41.70
C ALA B 691 -14.03 -38.31 41.98
N ILE B 692 -13.29 -37.33 41.45
CA ILE B 692 -13.70 -35.91 41.49
C ILE B 692 -14.09 -35.66 40.04
N CYS B 693 -15.30 -35.13 39.80
CA CYS B 693 -15.63 -34.77 38.42
C CYS B 693 -14.99 -33.45 38.03
N TYR B 694 -14.41 -33.42 36.81
CA TYR B 694 -13.75 -32.20 36.32
C TYR B 694 -14.66 -31.37 35.51
N THR B 695 -14.67 -30.06 35.80
CA THR B 695 -15.50 -29.17 35.02
C THR B 695 -14.89 -27.77 35.00
N GLY B 696 -15.43 -26.93 34.14
CA GLY B 696 -14.85 -25.61 33.91
C GLY B 696 -13.42 -25.70 33.38
N ASP B 697 -12.52 -24.90 33.96
CA ASP B 697 -11.19 -24.69 33.44
C ASP B 697 -10.30 -24.04 34.47
N ILE B 698 -9.43 -24.85 35.09
CA ILE B 698 -8.55 -24.31 36.12
C ILE B 698 -7.60 -23.19 35.68
N LEU B 699 -7.29 -23.11 34.38
CA LEU B 699 -6.44 -22.01 33.83
C LEU B 699 -7.25 -20.78 33.41
N ASN B 700 -8.55 -20.78 33.63
CA ASN B 700 -9.33 -19.64 33.29
C ASN B 700 -9.89 -19.05 34.58
N SER B 701 -9.47 -17.80 34.84
CA SER B 701 -9.90 -17.06 36.05
C SER B 701 -11.29 -16.47 35.95
N ALA B 702 -11.89 -16.52 34.77
CA ALA B 702 -13.25 -16.09 34.60
C ALA B 702 -14.25 -17.06 35.22
N ARG B 703 -13.86 -18.33 35.40
CA ARG B 703 -14.71 -19.24 36.20
C ARG B 703 -14.06 -19.76 37.49
N PRO B 704 -13.94 -18.87 38.50
CA PRO B 704 -13.17 -19.16 39.72
C PRO B 704 -13.83 -20.18 40.62
N LYS B 705 -15.09 -20.54 40.36
CA LYS B 705 -15.67 -21.65 41.19
C LYS B 705 -14.92 -22.98 40.96
N TYR B 706 -14.41 -23.22 39.75
CA TYR B 706 -13.66 -24.48 39.63
C TYR B 706 -12.16 -24.24 39.41
N ASP B 707 -11.50 -23.69 40.42
CA ASP B 707 -10.07 -23.44 40.39
C ASP B 707 -9.26 -24.64 40.89
N LEU B 708 -7.94 -24.50 40.85
CA LEU B 708 -7.00 -25.51 41.34
C LEU B 708 -7.30 -25.94 42.77
N LYS B 709 -7.55 -24.96 43.62
CA LYS B 709 -7.76 -25.23 45.07
C LYS B 709 -8.98 -26.15 45.35
N TYR B 710 -9.96 -26.05 44.45
CA TYR B 710 -11.21 -26.78 44.53
C TYR B 710 -10.95 -28.24 44.37
N TYR B 711 -10.06 -28.61 43.43
CA TYR B 711 -9.72 -30.03 43.22
C TYR B 711 -8.75 -30.48 44.33
N THR B 712 -7.78 -29.66 44.71
CA THR B 712 -6.80 -30.21 45.65
C THR B 712 -7.53 -30.37 46.98
N ASN B 713 -8.44 -29.45 47.34
CA ASN B 713 -9.17 -29.61 48.65
C ASN B 713 -10.05 -30.88 48.61
N LEU B 714 -10.69 -31.15 47.48
CA LEU B 714 -11.50 -32.34 47.44
C LEU B 714 -10.66 -33.59 47.51
N ALA B 715 -9.51 -33.59 46.85
CA ALA B 715 -8.62 -34.77 47.00
C ALA B 715 -8.28 -35.01 48.49
N VAL B 716 -7.93 -33.99 49.24
CA VAL B 716 -7.50 -34.19 50.63
C VAL B 716 -8.71 -34.73 51.42
N GLU B 717 -9.88 -34.18 51.11
CA GLU B 717 -11.05 -34.57 51.84
C GLU B 717 -11.52 -35.99 51.43
N LEU B 718 -11.24 -36.41 50.21
CA LEU B 718 -11.58 -37.79 49.83
C LEU B 718 -10.67 -38.86 50.52
N GLU B 719 -9.40 -38.47 50.69
CA GLU B 719 -8.41 -39.23 51.38
C GLU B 719 -8.87 -39.43 52.82
N LYS B 720 -9.16 -38.33 53.50
CA LYS B 720 -9.73 -38.36 54.87
C LYS B 720 -10.97 -39.19 54.94
N ALA B 721 -11.78 -39.23 53.89
CA ALA B 721 -13.01 -40.03 53.91
C ALA B 721 -12.76 -41.57 53.61
N GLY B 722 -11.50 -41.96 53.36
CA GLY B 722 -11.15 -43.38 53.18
C GLY B 722 -10.72 -43.83 51.76
N ALA B 723 -10.63 -42.92 50.79
CA ALA B 723 -10.21 -43.30 49.41
C ALA B 723 -8.91 -44.12 49.43
N HIS B 724 -8.78 -45.13 48.57
CA HIS B 724 -7.48 -45.78 48.43
C HIS B 724 -6.78 -45.17 47.18
N ILE B 725 -7.57 -44.62 46.26
CA ILE B 725 -7.17 -44.03 44.98
C ILE B 725 -8.05 -42.81 44.77
N ILE B 726 -7.49 -41.75 44.17
CA ILE B 726 -8.28 -40.63 43.73
C ILE B 726 -8.36 -40.63 42.21
N ALA B 727 -9.55 -40.42 41.63
CA ALA B 727 -9.65 -40.35 40.17
C ALA B 727 -10.05 -38.94 39.78
N VAL B 728 -9.56 -38.48 38.65
CA VAL B 728 -10.15 -37.36 38.06
C VAL B 728 -11.07 -37.90 36.98
N KCX B 729 -12.38 -37.65 37.15
CA KCX B 729 -13.34 -38.09 36.12
CB KCX B 729 -14.52 -38.72 36.85
CG KCX B 729 -15.66 -39.12 35.90
CD KCX B 729 -16.94 -39.64 36.62
CE KCX B 729 -18.10 -39.98 35.65
NZ KCX B 729 -17.85 -41.26 34.97
C KCX B 729 -13.71 -36.91 35.19
O KCX B 729 -14.52 -35.98 35.54
CX KCX B 729 -17.43 -41.41 33.70
OQ1 KCX B 729 -17.24 -40.49 32.90
OQ2 KCX B 729 -17.26 -42.68 33.26
N ASP B 730 -13.10 -36.91 34.01
CA ASP B 730 -13.35 -35.84 33.07
C ASP B 730 -14.45 -36.29 32.03
N MET B 731 -15.69 -36.31 32.50
CA MET B 731 -16.77 -36.99 31.76
C MET B 731 -17.10 -36.24 30.44
N ALA B 732 -16.69 -34.97 30.33
CA ALA B 732 -17.01 -34.29 29.08
C ALA B 732 -15.78 -34.11 28.28
N GLY B 733 -14.63 -34.52 28.79
CA GLY B 733 -13.37 -34.39 28.02
C GLY B 733 -12.91 -32.91 27.94
N LEU B 734 -13.07 -32.18 29.05
CA LEU B 734 -12.77 -30.77 29.10
C LEU B 734 -11.36 -30.45 29.53
N LEU B 735 -10.68 -31.37 30.19
CA LEU B 735 -9.32 -31.03 30.66
C LEU B 735 -8.35 -30.83 29.46
N LYS B 736 -7.64 -29.69 29.48
CA LYS B 736 -6.73 -29.41 28.36
C LYS B 736 -5.34 -29.84 28.76
N PRO B 737 -4.50 -30.13 27.80
CA PRO B 737 -3.05 -30.47 28.11
C PRO B 737 -2.28 -29.58 29.14
N ALA B 738 -2.23 -28.25 28.93
CA ALA B 738 -1.56 -27.35 29.85
C ALA B 738 -2.24 -27.49 31.22
N ALA B 739 -3.55 -27.62 31.29
CA ALA B 739 -4.17 -27.73 32.62
C ALA B 739 -3.80 -29.09 33.23
N ALA B 740 -3.60 -30.12 32.40
CA ALA B 740 -3.24 -31.41 32.99
C ALA B 740 -1.87 -31.29 33.73
N LYS B 741 -0.96 -30.60 33.13
CA LYS B 741 0.37 -30.46 33.70
C LYS B 741 0.28 -29.79 35.11
N VAL B 742 -0.62 -28.83 35.30
CA VAL B 742 -0.72 -28.14 36.55
C VAL B 742 -1.51 -29.01 37.53
N LEU B 743 -2.58 -29.59 37.05
CA LEU B 743 -3.49 -30.33 37.86
C LEU B 743 -2.84 -31.56 38.46
N PHE B 744 -2.14 -32.39 37.68
CA PHE B 744 -1.62 -33.64 38.25
C PHE B 744 -0.38 -33.46 39.12
N LYS B 745 0.41 -32.42 38.84
CA LYS B 745 1.50 -31.99 39.73
C LYS B 745 0.88 -31.62 41.10
N ALA B 746 -0.12 -30.76 41.12
CA ALA B 746 -0.69 -30.22 42.35
C ALA B 746 -1.44 -31.31 43.15
N LEU B 747 -2.14 -32.19 42.48
CA LEU B 747 -2.83 -33.30 43.16
C LEU B 747 -1.85 -34.23 43.85
N ARG B 748 -0.72 -34.49 43.23
CA ARG B 748 0.22 -35.42 43.77
C ARG B 748 1.07 -34.80 44.87
N GLU B 749 1.13 -33.48 44.95
CA GLU B 749 1.67 -32.83 46.10
C GLU B 749 0.61 -32.68 47.21
N ALA B 750 -0.68 -32.68 46.89
CA ALA B 750 -1.67 -32.46 47.93
C ALA B 750 -2.08 -33.76 48.67
N THR B 751 -2.01 -34.92 48.00
CA THR B 751 -2.31 -36.21 48.60
C THR B 751 -1.22 -37.14 48.18
N GLY B 752 -0.90 -38.10 49.02
CA GLY B 752 0.00 -39.21 48.71
C GLY B 752 -0.67 -40.38 47.98
N LEU B 753 -2.01 -40.36 47.87
CA LEU B 753 -2.72 -41.41 47.09
C LEU B 753 -2.39 -41.38 45.59
N PRO B 754 -2.50 -42.54 44.94
CA PRO B 754 -2.26 -42.50 43.48
C PRO B 754 -3.43 -41.75 42.83
N ILE B 755 -3.26 -41.27 41.59
CA ILE B 755 -4.30 -40.57 40.85
C ILE B 755 -4.58 -41.33 39.57
N HIS B 756 -5.85 -41.40 39.15
CA HIS B 756 -6.28 -42.20 38.07
C HIS B 756 -7.05 -41.30 37.22
N PHE B 757 -6.63 -41.09 35.98
CA PHE B 757 -7.27 -40.07 35.11
C PHE B 757 -8.16 -40.71 34.08
N HIS B 758 -9.38 -40.22 33.98
CA HIS B 758 -10.36 -40.78 33.02
C HIS B 758 -10.90 -39.67 32.18
N THR B 759 -10.82 -39.76 30.87
CA THR B 759 -11.29 -38.66 30.04
C THR B 759 -12.02 -39.16 28.79
N HIS B 760 -12.68 -38.23 28.10
CA HIS B 760 -13.44 -38.50 26.88
C HIS B 760 -12.84 -37.72 25.69
N ASP B 761 -12.87 -38.25 24.46
CA ASP B 761 -12.10 -37.66 23.32
C ASP B 761 -13.00 -36.74 22.50
N THR B 762 -14.05 -36.24 23.10
CA THR B 762 -15.01 -35.45 22.31
C THR B 762 -14.41 -34.28 21.52
N SER B 763 -13.35 -33.66 22.07
CA SER B 763 -12.71 -32.49 21.52
C SER B 763 -11.73 -32.90 20.43
N GLY B 764 -11.44 -34.22 20.32
CA GLY B 764 -10.37 -34.70 19.46
C GLY B 764 -8.94 -34.42 19.92
N ILE B 765 -8.70 -34.07 21.17
CA ILE B 765 -7.33 -33.93 21.64
C ILE B 765 -7.14 -34.56 23.00
N ALA B 766 -8.06 -35.41 23.46
CA ALA B 766 -7.89 -36.07 24.80
C ALA B 766 -6.58 -36.84 24.92
N ALA B 767 -6.11 -37.39 23.81
CA ALA B 767 -4.85 -38.12 23.86
C ALA B 767 -3.70 -37.17 24.22
N ALA B 768 -3.71 -35.93 23.72
CA ALA B 768 -2.71 -34.95 24.19
C ALA B 768 -2.83 -34.79 25.72
N THR B 769 -4.05 -34.67 26.27
CA THR B 769 -4.16 -34.41 27.68
C THR B 769 -3.69 -35.63 28.44
N VAL B 770 -4.03 -36.82 27.94
CA VAL B 770 -3.59 -37.96 28.64
C VAL B 770 -2.05 -37.97 28.66
N LEU B 771 -1.40 -37.71 27.52
CA LEU B 771 0.05 -37.89 27.52
C LEU B 771 0.69 -36.78 28.37
N ALA B 772 0.11 -35.57 28.37
CA ALA B 772 0.56 -34.54 29.32
C ALA B 772 0.37 -35.04 30.82
N ALA B 773 -0.74 -35.71 31.15
CA ALA B 773 -0.94 -36.24 32.53
C ALA B 773 0.17 -37.26 32.91
N VAL B 774 0.59 -38.10 31.95
CA VAL B 774 1.56 -39.14 32.18
C VAL B 774 2.90 -38.48 32.44
N GLU B 775 3.20 -37.46 31.64
CA GLU B 775 4.41 -36.74 31.90
C GLU B 775 4.44 -36.00 33.26
N ALA B 776 3.29 -35.53 33.71
CA ALA B 776 3.18 -34.90 35.00
C ALA B 776 3.11 -35.92 36.16
N GLY B 777 3.12 -37.23 35.92
CA GLY B 777 3.24 -38.19 37.02
C GLY B 777 1.96 -38.93 37.39
N VAL B 778 0.91 -38.85 36.58
CA VAL B 778 -0.27 -39.45 36.94
C VAL B 778 -0.03 -40.95 36.99
N ASP B 779 -0.67 -41.61 37.91
CA ASP B 779 -0.32 -43.00 38.18
C ASP B 779 -0.98 -43.95 37.24
N ALA B 780 -2.20 -43.63 36.80
CA ALA B 780 -2.94 -44.50 35.89
C ALA B 780 -3.83 -43.69 34.98
N VAL B 781 -4.18 -44.25 33.80
CA VAL B 781 -5.12 -43.58 32.91
C VAL B 781 -6.02 -44.58 32.26
N ASP B 782 -7.16 -44.12 31.74
CA ASP B 782 -8.12 -45.00 31.12
C ASP B 782 -7.98 -44.82 29.59
N ALA B 783 -8.19 -45.88 28.83
CA ALA B 783 -8.29 -45.69 27.36
C ALA B 783 -9.17 -46.82 26.79
N ALA B 784 -9.73 -46.61 25.59
CA ALA B 784 -10.56 -47.63 24.90
C ALA B 784 -9.76 -48.30 23.73
N MET B 785 -10.01 -49.56 23.45
CA MET B 785 -9.46 -50.22 22.24
C MET B 785 -9.81 -49.36 21.06
N ASP B 786 -8.89 -49.26 20.11
CA ASP B 786 -8.96 -48.39 18.95
C ASP B 786 -10.34 -48.38 18.29
N ALA B 787 -10.89 -49.53 18.00
CA ALA B 787 -12.22 -49.64 17.32
C ALA B 787 -13.34 -49.14 18.11
N LEU B 788 -13.21 -48.98 19.41
CA LEU B 788 -14.33 -48.38 20.12
C LEU B 788 -13.81 -47.10 20.81
N SER B 789 -12.89 -46.38 20.17
CA SER B 789 -12.34 -45.18 20.87
C SER B 789 -12.63 -43.89 20.08
N GLY B 790 -12.15 -42.73 20.51
CA GLY B 790 -12.36 -41.58 19.71
C GLY B 790 -13.69 -40.95 20.00
N ASN B 791 -13.93 -39.74 19.44
CA ASN B 791 -15.23 -39.05 19.67
C ASN B 791 -15.67 -39.10 21.10
N THR B 792 -16.92 -39.46 21.37
CA THR B 792 -17.44 -39.39 22.73
C THR B 792 -16.98 -40.48 23.63
N SER B 793 -16.17 -41.37 23.13
CA SER B 793 -15.59 -42.43 23.96
C SER B 793 -14.24 -41.96 24.57
N GLN B 794 -13.46 -42.88 25.17
CA GLN B 794 -12.12 -42.57 25.63
C GLN B 794 -11.18 -42.45 24.39
N PRO B 795 -9.96 -41.92 24.59
CA PRO B 795 -9.03 -41.88 23.48
C PRO B 795 -8.36 -43.28 23.24
N CYS B 796 -7.72 -43.39 22.09
CA CYS B 796 -7.20 -44.61 21.50
C CYS B 796 -6.09 -45.20 22.33
N LEU B 797 -6.29 -46.42 22.84
CA LEU B 797 -5.32 -47.13 23.70
C LEU B 797 -4.07 -47.52 22.89
N GLY B 798 -4.28 -48.11 21.69
CA GLY B 798 -3.13 -48.52 20.89
C GLY B 798 -2.24 -47.32 20.62
N SER B 799 -2.77 -46.14 20.32
CA SER B 799 -1.89 -45.05 19.89
C SER B 799 -1.20 -44.41 21.07
N ILE B 800 -1.91 -44.29 22.21
CA ILE B 800 -1.31 -43.78 23.41
C ILE B 800 -0.16 -44.64 23.86
N VAL B 801 -0.34 -45.96 23.75
CA VAL B 801 0.71 -46.93 24.15
C VAL B 801 1.82 -46.86 23.18
N GLU B 802 1.47 -46.73 21.92
CA GLU B 802 2.57 -46.62 20.94
C GLU B 802 3.32 -45.29 21.28
N ALA B 803 2.65 -44.23 21.76
CA ALA B 803 3.39 -42.93 21.83
C ALA B 803 4.36 -43.02 23.01
N LEU B 804 4.09 -43.92 23.95
CA LEU B 804 4.87 -44.05 25.20
C LEU B 804 5.93 -45.19 25.08
N SER B 805 5.83 -45.92 23.97
CA SER B 805 6.73 -47.05 23.69
C SER B 805 8.18 -46.56 23.78
N GLY B 806 9.00 -47.17 24.65
CA GLY B 806 10.43 -46.77 24.81
C GLY B 806 10.68 -45.58 25.70
N SER B 807 9.67 -44.98 26.32
CA SER B 807 9.94 -43.80 27.13
C SER B 807 10.14 -44.27 28.60
N GLU B 808 10.35 -43.35 29.50
CA GLU B 808 10.59 -43.76 30.89
C GLU B 808 9.37 -44.45 31.53
N ARG B 809 8.18 -43.95 31.23
CA ARG B 809 6.95 -44.43 31.80
C ARG B 809 6.23 -45.52 30.95
N ASP B 810 6.93 -46.03 29.92
CA ASP B 810 6.40 -47.06 29.06
C ASP B 810 5.50 -48.08 29.82
N PRO B 811 4.25 -48.28 29.37
CA PRO B 811 3.42 -49.20 30.15
C PRO B 811 3.59 -50.68 29.88
N GLY B 812 4.43 -51.03 28.90
CA GLY B 812 4.83 -52.40 28.62
C GLY B 812 3.67 -53.24 28.13
N LEU B 813 2.84 -52.72 27.22
CA LEU B 813 1.74 -53.51 26.69
C LEU B 813 2.07 -53.84 25.21
N ASP B 814 1.90 -55.10 24.78
CA ASP B 814 2.25 -55.51 23.44
C ASP B 814 1.35 -54.91 22.32
N PRO B 815 1.91 -54.07 21.39
CA PRO B 815 1.14 -53.42 20.28
C PRO B 815 0.48 -54.42 19.33
N ALA B 816 1.13 -55.55 19.10
CA ALA B 816 0.59 -56.55 18.18
C ALA B 816 -0.74 -57.09 18.78
N TRP B 817 -0.74 -57.41 20.07
CA TRP B 817 -1.94 -57.90 20.74
C TRP B 817 -3.06 -56.86 20.88
N ILE B 818 -2.71 -55.62 21.14
CA ILE B 818 -3.70 -54.54 21.16
C ILE B 818 -4.49 -54.43 19.84
N ARG B 819 -3.73 -54.51 18.74
CA ARG B 819 -4.31 -54.42 17.37
C ARG B 819 -5.20 -55.67 17.12
N ARG B 820 -4.72 -56.89 17.44
CA ARG B 820 -5.54 -58.08 17.27
C ARG B 820 -6.84 -57.93 18.13
N ILE B 821 -6.68 -57.53 19.37
CA ILE B 821 -7.88 -57.35 20.15
C ILE B 821 -8.78 -56.26 19.57
N SER B 822 -8.22 -55.17 19.03
CA SER B 822 -9.06 -54.12 18.48
C SER B 822 -9.77 -54.57 17.17
N PHE B 823 -9.05 -55.31 16.33
CA PHE B 823 -9.64 -56.01 15.14
CA PHE B 823 -9.68 -55.93 15.15
C PHE B 823 -10.89 -56.78 15.58
N TYR B 824 -10.75 -57.54 16.66
CA TYR B 824 -11.95 -58.29 17.15
C TYR B 824 -13.10 -57.30 17.55
N TRP B 825 -12.78 -56.25 18.30
CA TRP B 825 -13.83 -55.29 18.69
C TRP B 825 -14.46 -54.65 17.49
N GLU B 826 -13.66 -54.48 16.45
CA GLU B 826 -14.13 -53.83 15.23
C GLU B 826 -15.18 -54.65 14.57
N ALA B 827 -14.89 -55.94 14.40
CA ALA B 827 -15.93 -56.85 13.91
C ALA B 827 -17.12 -56.90 14.84
N VAL B 828 -16.90 -56.91 16.14
CA VAL B 828 -18.06 -56.85 17.06
C VAL B 828 -18.93 -55.63 16.81
N ARG B 829 -18.27 -54.48 16.71
CA ARG B 829 -19.01 -53.26 16.65
C ARG B 829 -19.86 -53.14 15.38
N ASN B 830 -19.43 -53.76 14.28
CA ASN B 830 -20.22 -53.75 13.03
C ASN B 830 -21.67 -54.29 13.14
N GLN B 831 -21.84 -55.25 14.07
CA GLN B 831 -23.10 -55.99 14.36
C GLN B 831 -24.04 -55.08 15.04
N TYR B 832 -23.55 -53.93 15.52
CA TYR B 832 -24.40 -52.98 16.28
C TYR B 832 -24.74 -51.70 15.53
N ALA B 833 -24.63 -51.78 14.19
CA ALA B 833 -24.99 -50.64 13.30
C ALA B 833 -26.31 -49.89 13.75
N ALA B 834 -27.23 -50.60 14.37
CA ALA B 834 -28.47 -49.96 14.80
C ALA B 834 -28.29 -48.84 15.76
N PHE B 835 -27.19 -48.82 16.52
CA PHE B 835 -27.07 -47.87 17.60
C PHE B 835 -25.95 -46.82 17.45
N GLU B 836 -25.31 -46.74 16.28
CA GLU B 836 -24.37 -45.67 15.92
C GLU B 836 -24.98 -44.28 15.90
N SER B 837 -24.29 -43.28 16.42
CA SER B 837 -24.84 -41.89 16.33
C SER B 837 -24.43 -41.35 14.99
N ASP B 838 -24.91 -40.16 14.67
CA ASP B 838 -24.51 -39.36 13.48
C ASP B 838 -23.22 -38.54 13.69
N LEU B 839 -22.72 -38.51 14.92
CA LEU B 839 -21.50 -37.79 15.19
C LEU B 839 -20.35 -38.22 14.26
N LYS B 840 -19.75 -37.27 13.53
CA LYS B 840 -18.62 -37.57 12.65
C LYS B 840 -17.24 -37.44 13.26
N GLY B 841 -17.06 -36.69 14.34
CA GLY B 841 -15.68 -36.50 14.82
C GLY B 841 -15.57 -35.39 15.82
N PRO B 842 -14.37 -34.83 15.97
CA PRO B 842 -14.02 -33.81 16.97
C PRO B 842 -15.01 -32.65 16.96
N ALA B 843 -15.35 -32.13 18.14
CA ALA B 843 -16.24 -30.99 18.23
C ALA B 843 -15.67 -30.10 19.34
N SER B 844 -14.96 -29.02 19.00
CA SER B 844 -14.42 -28.16 20.06
C SER B 844 -15.53 -27.43 20.78
N GLU B 845 -16.71 -27.57 20.22
CA GLU B 845 -17.91 -26.94 20.75
C GLU B 845 -18.17 -27.45 22.19
N VAL B 846 -17.66 -28.63 22.51
CA VAL B 846 -17.74 -29.14 23.88
C VAL B 846 -17.21 -28.13 24.88
N TYR B 847 -16.20 -27.31 24.52
CA TYR B 847 -15.64 -26.33 25.51
C TYR B 847 -16.62 -25.20 25.86
N LEU B 848 -17.63 -24.97 25.04
CA LEU B 848 -18.68 -24.00 25.35
C LEU B 848 -19.75 -24.64 26.20
N HIS B 849 -20.26 -25.78 25.77
CA HIS B 849 -21.43 -26.27 26.45
C HIS B 849 -21.15 -27.28 27.52
N GLU B 850 -20.11 -28.05 27.37
CA GLU B 850 -19.77 -29.01 28.40
C GLU B 850 -20.67 -30.22 28.47
N MET B 851 -21.37 -30.54 27.40
CA MET B 851 -22.15 -31.82 27.42
C MET B 851 -21.25 -33.06 27.47
N PRO B 852 -21.46 -33.95 28.44
CA PRO B 852 -20.55 -35.10 28.72
C PRO B 852 -20.72 -36.15 27.67
N GLY B 853 -19.69 -36.97 27.40
CA GLY B 853 -19.70 -38.06 26.39
C GLY B 853 -21.02 -38.81 26.12
N GLY B 854 -21.72 -39.26 27.15
CA GLY B 854 -23.07 -39.88 26.93
C GLY B 854 -24.06 -38.93 26.26
N GLN B 855 -24.25 -37.83 26.93
CA GLN B 855 -25.31 -36.97 26.60
C GLN B 855 -25.17 -36.25 25.27
N PHE B 856 -23.99 -35.90 24.84
CA PHE B 856 -23.84 -34.96 23.69
C PHE B 856 -24.69 -35.39 22.46
N THR B 857 -24.55 -36.67 22.16
CA THR B 857 -25.17 -37.33 21.02
C THR B 857 -26.70 -37.44 21.22
N ASN B 858 -27.15 -38.03 22.35
CA ASN B 858 -28.58 -38.05 22.76
C ASN B 858 -29.19 -36.67 22.70
N LEU B 859 -28.50 -35.71 23.31
CA LEU B 859 -29.03 -34.38 23.30
C LEU B 859 -29.24 -33.89 21.87
N LYS B 860 -28.26 -34.08 20.99
CA LYS B 860 -28.41 -33.79 19.54
C LYS B 860 -29.59 -34.52 18.82
N GLU B 861 -29.76 -35.81 19.12
CA GLU B 861 -30.82 -36.59 18.54
C GLU B 861 -32.10 -35.98 19.01
N GLN B 862 -32.22 -35.86 20.34
CA GLN B 862 -33.41 -35.29 20.96
C GLN B 862 -33.77 -33.90 20.48
N ALA B 863 -32.81 -33.02 20.18
CA ALA B 863 -33.16 -31.74 19.52
C ALA B 863 -33.49 -31.85 18.02
N ARG B 864 -33.04 -32.92 17.36
CA ARG B 864 -33.48 -33.15 15.96
C ARG B 864 -34.96 -33.50 16.01
N SER B 865 -35.27 -34.56 16.78
CA SER B 865 -36.65 -35.06 16.94
C SER B 865 -37.66 -34.05 17.50
N LEU B 866 -37.22 -33.08 18.29
CA LEU B 866 -38.15 -32.06 18.79
C LEU B 866 -38.05 -30.92 17.80
N GLY B 867 -37.64 -31.25 16.59
CA GLY B 867 -37.66 -30.29 15.50
C GLY B 867 -36.81 -29.05 15.64
N LEU B 868 -35.67 -29.14 16.34
CA LEU B 868 -34.75 -27.99 16.49
C LEU B 868 -33.39 -28.24 15.89
N GLU B 869 -33.25 -29.42 15.25
CA GLU B 869 -32.00 -29.86 14.55
C GLU B 869 -31.43 -28.82 13.60
N THR B 870 -31.90 -27.59 13.75
CA THR B 870 -31.57 -26.47 12.91
C THR B 870 -31.25 -25.27 13.78
N ARG B 871 -31.57 -25.31 15.09
CA ARG B 871 -31.10 -24.23 16.01
C ARG B 871 -30.11 -24.69 17.15
N TRP B 872 -29.41 -25.79 16.88
CA TRP B 872 -28.45 -26.38 17.79
C TRP B 872 -27.52 -25.39 18.45
N HIS B 873 -27.21 -24.31 17.76
CA HIS B 873 -26.34 -23.30 18.34
C HIS B 873 -27.04 -22.55 19.44
N GLN B 874 -28.35 -22.38 19.33
CA GLN B 874 -29.14 -21.78 20.41
C GLN B 874 -29.22 -22.73 21.62
N VAL B 875 -29.34 -24.03 21.38
CA VAL B 875 -29.33 -25.01 22.40
C VAL B 875 -28.00 -25.06 23.17
N ALA B 876 -26.91 -25.07 22.42
CA ALA B 876 -25.58 -25.13 22.96
C ALA B 876 -25.42 -23.92 23.92
N GLN B 877 -25.71 -22.73 23.43
CA GLN B 877 -25.55 -21.54 24.29
C GLN B 877 -26.53 -21.63 25.53
N ALA B 878 -27.68 -22.27 25.30
CA ALA B 878 -28.71 -22.39 26.29
C ALA B 878 -28.19 -23.28 27.40
N TYR B 879 -27.59 -24.40 27.01
CA TYR B 879 -27.18 -25.41 28.00
C TYR B 879 -26.07 -24.76 28.85
N ALA B 880 -25.19 -24.03 28.18
CA ALA B 880 -24.22 -23.22 28.89
C ALA B 880 -24.90 -22.19 29.79
N ASP B 881 -26.00 -21.63 29.33
CA ASP B 881 -26.64 -20.52 30.07
C ASP B 881 -27.39 -21.06 31.28
N ALA B 882 -28.14 -22.13 31.03
CA ALA B 882 -28.81 -22.90 32.07
C ALA B 882 -27.80 -23.31 33.19
N ASN B 883 -26.66 -23.86 32.80
CA ASN B 883 -25.63 -24.21 33.73
C ASN B 883 -25.30 -23.08 34.67
N GLN B 884 -25.12 -21.87 34.14
CA GLN B 884 -24.85 -20.66 35.00
C GLN B 884 -26.05 -20.28 35.86
N MET B 885 -27.23 -20.42 35.30
CA MET B 885 -28.41 -20.09 36.10
C MET B 885 -28.48 -21.04 37.30
N PHE B 886 -28.19 -22.34 37.11
CA PHE B 886 -28.19 -23.29 38.22
C PHE B 886 -27.10 -23.05 39.23
N GLY B 887 -26.13 -22.22 38.86
CA GLY B 887 -25.15 -21.79 39.86
C GLY B 887 -23.79 -22.33 39.48
N ASP B 888 -23.67 -22.87 38.23
CA ASP B 888 -22.44 -23.47 37.71
C ASP B 888 -22.11 -24.81 38.33
N ILE B 889 -22.62 -25.90 37.74
CA ILE B 889 -22.65 -27.18 38.40
C ILE B 889 -21.96 -28.25 37.56
N VAL B 890 -21.60 -29.35 38.23
CA VAL B 890 -21.03 -30.53 37.56
C VAL B 890 -22.21 -31.18 36.83
N LYS B 891 -22.04 -31.38 35.52
CA LYS B 891 -23.07 -31.91 34.66
C LYS B 891 -22.63 -33.33 34.21
N VAL B 892 -23.14 -34.37 34.88
CA VAL B 892 -22.80 -35.74 34.57
C VAL B 892 -24.01 -36.61 34.91
N ALA B 893 -24.27 -37.68 34.14
CA ALA B 893 -25.36 -38.64 34.49
C ALA B 893 -26.57 -37.73 34.78
N PRO B 894 -27.28 -37.94 35.91
CA PRO B 894 -28.54 -37.18 35.98
C PRO B 894 -28.37 -35.66 35.97
N SER B 895 -27.33 -35.13 36.52
CA SER B 895 -27.36 -33.68 36.48
C SER B 895 -27.27 -33.10 35.08
N SER B 896 -26.62 -33.77 34.13
CA SER B 896 -26.58 -33.21 32.77
C SER B 896 -27.91 -33.27 32.01
N LYS B 897 -28.61 -34.38 32.18
CA LYS B 897 -29.95 -34.56 31.66
C LYS B 897 -30.87 -33.34 32.08
N VAL B 898 -30.77 -32.95 33.35
CA VAL B 898 -31.59 -31.82 33.86
C VAL B 898 -31.16 -30.56 33.13
N VAL B 899 -29.85 -30.47 32.88
CA VAL B 899 -29.45 -29.21 32.21
C VAL B 899 -29.99 -29.21 30.77
N GLY B 900 -29.97 -30.38 30.14
CA GLY B 900 -30.45 -30.49 28.75
C GLY B 900 -31.95 -30.33 28.63
N ASP B 901 -32.70 -30.90 29.59
CA ASP B 901 -34.14 -30.57 29.71
C ASP B 901 -34.35 -29.08 29.80
N MET B 902 -33.67 -28.40 30.71
CA MET B 902 -33.78 -26.95 30.74
C MET B 902 -33.43 -26.20 29.44
N ALA B 903 -32.33 -26.61 28.79
CA ALA B 903 -31.83 -25.95 27.58
C ALA B 903 -32.83 -26.08 26.41
N LEU B 904 -33.31 -27.31 26.15
CA LEU B 904 -34.38 -27.63 25.16
C LEU B 904 -35.65 -26.75 25.34
N MET B 905 -36.21 -26.73 26.57
CA MET B 905 -37.31 -25.77 26.88
C MET B 905 -37.01 -24.31 26.51
N MET B 906 -35.84 -23.79 26.93
CA MET B 906 -35.59 -22.36 26.79
C MET B 906 -35.52 -22.02 25.31
N VAL B 907 -35.27 -23.06 24.52
CA VAL B 907 -35.20 -22.90 23.09
C VAL B 907 -36.56 -23.18 22.39
N SER B 908 -37.29 -24.24 22.76
CA SER B 908 -38.65 -24.39 22.25
C SER B 908 -39.55 -23.22 22.66
N GLN B 909 -39.30 -22.50 23.77
CA GLN B 909 -40.24 -21.42 24.16
C GLN B 909 -39.65 -20.00 24.12
N ASP B 910 -38.52 -19.82 23.47
CA ASP B 910 -37.87 -18.48 23.35
C ASP B 910 -37.76 -17.76 24.71
N LEU B 911 -37.24 -18.50 25.69
CA LEU B 911 -37.00 -18.00 27.02
C LEU B 911 -35.51 -17.73 27.16
N THR B 912 -35.14 -16.54 27.57
CA THR B 912 -33.78 -16.36 28.06
C THR B 912 -33.72 -16.59 29.58
N VAL B 913 -32.51 -16.54 30.13
CA VAL B 913 -32.31 -16.87 31.55
C VAL B 913 -33.18 -15.93 32.33
N ALA B 914 -33.07 -14.63 32.04
CA ALA B 914 -33.85 -13.58 32.72
C ALA B 914 -35.38 -13.85 32.65
N ASP B 915 -35.85 -14.43 31.54
CA ASP B 915 -37.25 -14.85 31.46
C ASP B 915 -37.50 -15.99 32.43
N VAL B 916 -36.51 -16.88 32.59
CA VAL B 916 -36.73 -18.12 33.26
C VAL B 916 -36.80 -17.82 34.75
N VAL B 917 -36.00 -16.86 35.23
CA VAL B 917 -36.09 -16.44 36.63
C VAL B 917 -36.97 -15.20 36.88
N SER B 918 -37.69 -14.77 35.85
CA SER B 918 -38.61 -13.63 35.98
C SER B 918 -39.77 -13.97 36.89
N PRO B 919 -39.98 -13.17 37.94
CA PRO B 919 -41.21 -13.32 38.75
C PRO B 919 -42.46 -13.25 37.88
N ASP B 920 -42.42 -12.46 36.81
CA ASP B 920 -43.58 -12.20 35.93
C ASP B 920 -43.92 -13.28 34.91
N ARG B 921 -42.92 -14.00 34.44
CA ARG B 921 -43.12 -14.87 33.32
C ARG B 921 -43.41 -16.34 33.75
N GLU B 922 -44.59 -16.85 33.40
CA GLU B 922 -44.97 -18.21 33.82
C GLU B 922 -44.14 -19.23 33.03
N VAL B 923 -43.49 -20.17 33.69
CA VAL B 923 -42.88 -21.30 32.95
C VAL B 923 -43.23 -22.55 33.67
N SER B 924 -43.57 -23.57 32.89
CA SER B 924 -43.78 -24.86 33.49
C SER B 924 -42.45 -25.65 33.40
N PHE B 925 -41.82 -25.98 34.54
CA PHE B 925 -40.44 -26.44 34.49
C PHE B 925 -40.35 -27.91 34.20
N PRO B 926 -39.33 -28.35 33.48
CA PRO B 926 -39.30 -29.80 33.33
C PRO B 926 -39.23 -30.47 34.70
N GLU B 927 -39.82 -31.68 34.76
CA GLU B 927 -39.89 -32.51 35.96
C GLU B 927 -38.52 -32.67 36.64
N SER B 928 -37.50 -33.00 35.84
CA SER B 928 -36.16 -33.28 36.32
C SER B 928 -35.57 -32.01 36.95
N VAL B 929 -35.85 -30.82 36.41
CA VAL B 929 -35.37 -29.55 36.97
C VAL B 929 -36.00 -29.27 38.32
N VAL B 930 -37.31 -29.49 38.40
CA VAL B 930 -38.03 -29.36 39.65
C VAL B 930 -37.38 -30.26 40.70
N SER B 931 -37.15 -31.51 40.32
CA SER B 931 -36.74 -32.52 41.27
C SER B 931 -35.30 -32.28 41.78
N MET B 932 -34.40 -31.90 40.86
CA MET B 932 -33.08 -31.41 41.22
C MET B 932 -33.14 -30.20 42.23
N LEU B 933 -33.88 -29.15 41.87
CA LEU B 933 -34.00 -27.99 42.80
C LEU B 933 -34.57 -28.39 44.20
N LYS B 934 -35.37 -29.45 44.22
CA LYS B 934 -35.90 -29.94 45.42
C LYS B 934 -34.79 -30.59 46.29
N GLY B 935 -33.73 -31.10 45.63
CA GLY B 935 -32.58 -31.60 46.40
C GLY B 935 -32.37 -33.07 46.20
N ASP B 936 -33.19 -33.65 45.32
CA ASP B 936 -33.10 -35.07 44.99
C ASP B 936 -31.76 -35.49 44.44
N LEU B 937 -30.96 -34.61 43.79
CA LEU B 937 -29.59 -35.04 43.37
C LEU B 937 -28.51 -34.63 44.37
N GLY B 938 -28.91 -34.14 45.54
CA GLY B 938 -27.97 -33.48 46.43
C GLY B 938 -27.79 -31.96 46.33
N GLN B 939 -26.75 -31.48 47.01
CA GLN B 939 -26.47 -30.04 47.11
C GLN B 939 -25.17 -29.64 46.40
N PRO B 940 -25.23 -28.58 45.59
CA PRO B 940 -24.02 -27.98 45.04
C PRO B 940 -23.40 -27.14 46.14
N PRO B 941 -22.12 -26.83 46.05
CA PRO B 941 -21.38 -26.06 47.10
C PRO B 941 -22.07 -24.83 47.62
N SER B 942 -22.61 -23.98 46.78
CA SER B 942 -23.39 -22.90 47.40
C SER B 942 -24.89 -23.11 47.64
N GLY B 943 -25.40 -24.31 47.50
CA GLY B 943 -26.89 -24.50 47.51
C GLY B 943 -27.51 -24.15 46.16
N TRP B 944 -28.83 -24.27 46.05
CA TRP B 944 -29.57 -23.94 44.81
C TRP B 944 -29.93 -22.50 44.85
N PRO B 945 -29.91 -21.81 43.73
CA PRO B 945 -30.39 -20.40 43.70
C PRO B 945 -31.86 -20.25 44.22
N GLU B 946 -32.04 -19.50 45.29
CA GLU B 946 -33.35 -19.35 45.97
C GLU B 946 -34.51 -18.94 45.03
N ALA B 947 -34.31 -17.85 44.28
CA ALA B 947 -35.43 -17.27 43.52
C ALA B 947 -35.86 -18.29 42.44
N LEU B 948 -34.89 -18.88 41.77
CA LEU B 948 -35.23 -19.86 40.75
C LEU B 948 -35.87 -21.06 41.41
N GLN B 949 -35.33 -21.49 42.54
CA GLN B 949 -35.95 -22.56 43.30
C GLN B 949 -37.45 -22.26 43.65
N LYS B 950 -37.73 -21.08 44.22
CA LYS B 950 -39.11 -20.82 44.60
C LYS B 950 -40.04 -20.77 43.40
N LYS B 951 -39.57 -20.22 42.30
CA LYS B 951 -40.41 -20.12 41.11
C LYS B 951 -40.77 -21.53 40.57
N ALA B 952 -39.80 -22.46 40.53
CA ALA B 952 -40.00 -23.77 39.89
C ALA B 952 -40.71 -24.81 40.75
N LEU B 953 -40.55 -24.75 42.06
CA LEU B 953 -41.18 -25.75 42.96
C LEU B 953 -42.68 -25.68 43.10
N LYS B 954 -43.23 -24.50 42.81
CA LYS B 954 -44.66 -24.27 42.89
C LYS B 954 -45.21 -24.86 44.22
N GLY B 955 -44.53 -24.59 45.32
CA GLY B 955 -45.09 -24.95 46.64
C GLY B 955 -44.51 -26.24 47.18
N GLU B 956 -43.92 -27.05 46.30
CA GLU B 956 -43.13 -28.17 46.81
C GLU B 956 -41.96 -27.60 47.69
N LYS B 957 -41.70 -28.34 48.75
CA LYS B 957 -40.72 -27.94 49.76
C LYS B 957 -39.38 -28.63 49.51
N PRO B 958 -38.28 -27.84 49.40
CA PRO B 958 -36.91 -28.34 49.19
C PRO B 958 -36.37 -28.81 50.52
N TYR B 959 -35.27 -29.54 50.53
CA TYR B 959 -34.57 -29.93 51.78
C TYR B 959 -33.11 -29.97 51.33
N THR B 960 -32.18 -29.90 52.29
CA THR B 960 -30.77 -29.71 51.99
C THR B 960 -29.93 -30.82 52.58
N VAL B 961 -30.54 -31.78 53.24
CA VAL B 961 -29.73 -32.92 53.69
C VAL B 961 -29.51 -33.93 52.58
N ARG B 962 -28.56 -34.82 52.77
CA ARG B 962 -28.36 -35.99 51.95
C ARG B 962 -29.69 -36.79 51.77
N PRO B 963 -30.11 -37.02 50.52
CA PRO B 963 -31.43 -37.62 50.31
C PRO B 963 -31.52 -38.95 50.95
N GLY B 964 -30.46 -39.76 50.86
CA GLY B 964 -30.41 -41.09 51.45
C GLY B 964 -30.77 -41.05 52.92
N SER B 965 -30.41 -39.94 53.58
CA SER B 965 -30.56 -39.86 55.03
C SER B 965 -32.06 -39.66 55.42
N LEU B 966 -32.95 -39.47 54.44
CA LEU B 966 -34.40 -39.29 54.69
C LEU B 966 -35.20 -40.57 54.46
N LEU B 967 -34.63 -41.55 53.77
CA LEU B 967 -35.36 -42.81 53.53
C LEU B 967 -35.38 -43.74 54.73
N LYS B 968 -36.53 -44.37 55.00
CA LYS B 968 -36.55 -45.43 56.02
C LYS B 968 -35.63 -46.56 55.62
N GLU B 969 -34.95 -47.16 56.59
CA GLU B 969 -34.36 -48.48 56.38
C GLU B 969 -35.36 -49.33 55.61
N ALA B 970 -34.88 -50.00 54.57
CA ALA B 970 -35.74 -50.92 53.84
C ALA B 970 -35.83 -52.15 54.69
N ASP B 971 -36.96 -52.83 54.67
CA ASP B 971 -37.02 -54.13 55.42
C ASP B 971 -36.63 -55.25 54.44
N LEU B 972 -35.40 -55.74 54.51
CA LEU B 972 -34.92 -56.60 53.40
C LEU B 972 -35.61 -57.95 53.33
N ASP B 973 -35.99 -58.44 54.53
CA ASP B 973 -36.74 -59.69 54.69
C ASP B 973 -38.10 -59.57 54.05
N ALA B 974 -38.80 -58.49 54.36
CA ALA B 974 -40.14 -58.37 53.80
C ALA B 974 -39.99 -58.17 52.30
N GLU B 975 -39.11 -57.27 51.87
CA GLU B 975 -38.96 -57.04 50.39
C GLU B 975 -38.56 -58.30 49.60
N ARG B 976 -37.75 -59.18 50.20
CA ARG B 976 -37.37 -60.44 49.56
C ARG B 976 -38.60 -61.34 49.32
N LYS B 977 -39.47 -61.44 50.34
CA LYS B 977 -40.73 -62.21 50.20
C LYS B 977 -41.66 -61.56 49.15
N VAL B 978 -41.68 -60.23 49.02
CA VAL B 978 -42.52 -59.70 47.95
C VAL B 978 -42.08 -60.24 46.58
N ILE B 979 -40.78 -60.17 46.25
CA ILE B 979 -40.33 -60.63 44.92
C ILE B 979 -40.40 -62.16 44.80
N GLU B 980 -40.12 -62.90 45.88
CA GLU B 980 -40.15 -64.36 45.76
C GLU B 980 -41.58 -64.88 45.45
N LYS B 981 -42.57 -64.29 46.11
CA LYS B 981 -43.96 -64.67 45.87
C LYS B 981 -44.32 -64.31 44.43
N LYS B 982 -44.02 -63.08 44.01
CA LYS B 982 -44.39 -62.64 42.66
C LYS B 982 -43.87 -63.63 41.58
N LEU B 983 -42.64 -64.14 41.73
CA LEU B 983 -42.06 -64.98 40.67
C LEU B 983 -42.24 -66.45 41.02
N GLU B 984 -42.76 -66.71 42.22
CA GLU B 984 -43.25 -68.04 42.63
C GLU B 984 -42.07 -68.98 42.83
N ARG B 985 -40.97 -68.43 43.36
CA ARG B 985 -39.74 -69.17 43.52
C ARG B 985 -38.80 -68.31 44.33
N GLU B 986 -37.75 -68.93 44.85
CA GLU B 986 -36.68 -68.22 45.52
C GLU B 986 -35.82 -67.45 44.53
N VAL B 987 -35.25 -66.34 44.96
CA VAL B 987 -34.25 -65.65 44.14
C VAL B 987 -32.90 -65.75 44.83
N SER B 988 -31.83 -65.64 44.06
CA SER B 988 -30.49 -65.57 44.59
C SER B 988 -30.27 -64.14 45.24
N ASP B 989 -29.21 -63.99 46.04
CA ASP B 989 -28.88 -62.71 46.58
C ASP B 989 -28.58 -61.71 45.46
N PHE B 990 -27.95 -62.17 44.36
CA PHE B 990 -27.67 -61.27 43.22
C PHE B 990 -28.95 -60.74 42.61
N GLU B 991 -29.88 -61.64 42.30
CA GLU B 991 -31.17 -61.24 41.79
C GLU B 991 -31.92 -60.30 42.74
N PHE B 992 -31.78 -60.53 44.06
CA PHE B 992 -32.41 -59.67 45.03
C PHE B 992 -31.86 -58.25 44.95
N ALA B 993 -30.55 -58.14 44.87
CA ALA B 993 -29.88 -56.83 44.61
C ALA B 993 -30.43 -56.12 43.35
N SER B 994 -30.68 -56.89 42.30
CA SER B 994 -31.25 -56.35 41.07
C SER B 994 -32.68 -55.82 41.37
N TYR B 995 -33.46 -56.62 42.09
CA TYR B 995 -34.82 -56.22 42.43
C TYR B 995 -34.82 -54.89 43.17
N LEU B 996 -33.92 -54.75 44.13
CA LEU B 996 -33.80 -53.53 44.90
C LEU B 996 -33.39 -52.33 44.01
N MET B 997 -32.54 -52.54 43.04
CA MET B 997 -32.11 -51.42 42.23
C MET B 997 -33.22 -51.03 41.20
N TYR B 998 -33.86 -52.06 40.62
CA TYR B 998 -34.81 -51.95 39.46
C TYR B 998 -35.90 -52.97 39.61
N PRO B 999 -36.87 -52.68 40.48
CA PRO B 999 -37.88 -53.69 40.73
C PRO B 999 -38.68 -54.12 39.46
N LYS B 1000 -39.08 -53.17 38.64
CA LYS B 1000 -39.87 -53.47 37.48
C LYS B 1000 -39.02 -54.08 36.35
N VAL B 1001 -37.89 -53.44 36.05
CA VAL B 1001 -37.06 -53.96 34.95
C VAL B 1001 -36.66 -55.37 35.34
N PHE B 1002 -36.31 -55.60 36.62
CA PHE B 1002 -35.95 -56.98 37.05
C PHE B 1002 -37.09 -57.96 36.92
N THR B 1003 -38.24 -57.55 37.42
CA THR B 1003 -39.41 -58.42 37.29
C THR B 1003 -39.70 -58.74 35.82
N ASP B 1004 -39.60 -57.78 34.93
CA ASP B 1004 -39.90 -58.11 33.52
C ASP B 1004 -38.81 -59.00 32.92
N PHE B 1005 -37.57 -58.84 33.39
CA PHE B 1005 -36.50 -59.60 32.79
C PHE B 1005 -36.67 -61.07 33.21
N ALA B 1006 -37.12 -61.25 34.45
CA ALA B 1006 -37.22 -62.61 35.01
C ALA B 1006 -38.32 -63.40 34.31
N LEU B 1007 -39.38 -62.69 34.00
CA LEU B 1007 -40.51 -63.27 33.25
C LEU B 1007 -40.08 -63.59 31.81
N ALA B 1008 -39.33 -62.69 31.19
CA ALA B 1008 -38.88 -62.94 29.84
C ALA B 1008 -37.91 -64.10 29.82
N SER B 1009 -36.96 -64.19 30.78
CA SER B 1009 -36.08 -65.41 30.89
C SER B 1009 -36.87 -66.70 30.97
N ASP B 1010 -37.89 -66.69 31.78
CA ASP B 1010 -38.79 -67.75 31.90
C ASP B 1010 -39.44 -68.16 30.58
N THR B 1011 -39.87 -67.18 29.80
CA THR B 1011 -40.47 -67.47 28.51
C THR B 1011 -39.38 -67.85 27.47
N TYR B 1012 -38.22 -67.23 27.49
CA TYR B 1012 -37.39 -67.30 26.29
C TYR B 1012 -36.08 -68.04 26.51
N GLY B 1013 -35.77 -68.33 27.77
CA GLY B 1013 -34.62 -69.23 28.05
C GLY B 1013 -33.37 -68.35 28.15
N PRO B 1014 -32.19 -68.94 28.02
CA PRO B 1014 -30.94 -68.23 28.26
C PRO B 1014 -30.51 -67.51 26.98
N VAL B 1015 -31.20 -66.43 26.58
CA VAL B 1015 -30.95 -65.82 25.27
C VAL B 1015 -29.55 -65.19 25.15
N SER B 1016 -28.95 -64.87 26.30
CA SER B 1016 -27.64 -64.29 26.24
C SER B 1016 -26.58 -65.19 25.51
N VAL B 1017 -26.88 -66.49 25.29
CA VAL B 1017 -25.93 -67.39 24.60
C VAL B 1017 -26.11 -67.32 23.07
N LEU B 1018 -27.15 -66.63 22.57
CA LEU B 1018 -27.26 -66.39 21.14
C LEU B 1018 -26.26 -65.32 20.65
N PRO B 1019 -25.63 -65.60 19.51
CA PRO B 1019 -24.80 -64.59 18.85
C PRO B 1019 -25.64 -63.38 18.62
N THR B 1020 -24.99 -62.24 18.60
CA THR B 1020 -25.65 -60.95 18.50
C THR B 1020 -26.61 -60.79 17.32
N PRO B 1021 -26.17 -61.14 16.07
CA PRO B 1021 -27.14 -60.95 14.96
C PRO B 1021 -28.41 -61.85 15.17
N ALA B 1022 -28.25 -63.11 15.61
CA ALA B 1022 -29.47 -63.89 15.93
C ALA B 1022 -30.30 -63.17 17.04
N TYR B 1023 -29.65 -62.56 18.01
CA TYR B 1023 -30.44 -61.95 19.12
C TYR B 1023 -31.28 -60.80 18.61
N PHE B 1024 -30.70 -60.02 17.71
CA PHE B 1024 -31.37 -58.82 17.29
C PHE B 1024 -32.26 -59.08 16.04
N TYR B 1025 -31.89 -60.01 15.18
CA TYR B 1025 -32.65 -60.20 13.91
C TYR B 1025 -33.16 -61.62 13.73
N GLY B 1026 -32.98 -62.56 14.65
CA GLY B 1026 -33.44 -63.96 14.33
C GLY B 1026 -32.65 -64.58 13.16
N LEU B 1027 -33.29 -65.45 12.41
CA LEU B 1027 -32.64 -66.25 11.41
C LEU B 1027 -33.26 -66.06 10.05
N ALA B 1028 -32.41 -65.82 9.06
CA ALA B 1028 -32.86 -65.75 7.69
C ALA B 1028 -33.27 -67.13 7.19
N ASP B 1029 -34.02 -67.13 6.11
CA ASP B 1029 -34.44 -68.38 5.58
C ASP B 1029 -33.23 -69.22 5.20
N GLY B 1030 -33.22 -70.50 5.58
CA GLY B 1030 -32.09 -71.39 5.27
C GLY B 1030 -30.82 -71.13 6.11
N GLU B 1031 -30.88 -70.14 7.02
CA GLU B 1031 -29.73 -69.83 7.89
C GLU B 1031 -29.45 -70.73 9.11
N GLU B 1032 -28.17 -70.93 9.37
CA GLU B 1032 -27.63 -71.80 10.41
C GLU B 1032 -27.04 -71.05 11.59
N LEU B 1033 -27.21 -71.64 12.74
CA LEU B 1033 -26.79 -71.07 13.99
C LEU B 1033 -26.29 -72.18 14.91
N PHE B 1034 -25.23 -71.85 15.64
CA PHE B 1034 -24.60 -72.69 16.67
C PHE B 1034 -24.76 -71.99 17.98
N ALA B 1035 -25.33 -72.67 18.96
CA ALA B 1035 -25.53 -72.02 20.24
C ALA B 1035 -25.15 -72.92 21.37
N ASP B 1036 -24.33 -72.39 22.26
CA ASP B 1036 -23.89 -73.15 23.40
C ASP B 1036 -24.80 -72.97 24.58
N ILE B 1037 -25.67 -73.94 24.83
CA ILE B 1037 -26.53 -73.90 26.00
C ILE B 1037 -25.69 -74.11 27.27
N GLU B 1038 -24.87 -75.16 27.28
CA GLU B 1038 -23.81 -75.43 28.28
C GLU B 1038 -22.53 -75.61 27.46
N LYS B 1039 -21.41 -75.87 28.14
CA LYS B 1039 -20.16 -76.30 27.51
C LYS B 1039 -20.24 -77.82 27.40
N GLY B 1040 -20.00 -78.35 26.20
CA GLY B 1040 -20.49 -79.69 25.83
C GLY B 1040 -20.68 -79.82 24.34
N LYS B 1041 -21.87 -79.57 23.75
CA LYS B 1041 -23.22 -79.19 24.31
C LYS B 1041 -23.91 -78.15 23.37
N THR B 1042 -23.57 -78.21 22.08
CA THR B 1042 -24.00 -77.23 21.06
C THR B 1042 -25.35 -77.54 20.39
N LEU B 1043 -26.18 -76.51 20.18
CA LEU B 1043 -27.41 -76.61 19.35
C LEU B 1043 -27.14 -76.15 17.95
N VAL B 1044 -27.51 -76.97 16.97
CA VAL B 1044 -27.37 -76.61 15.55
C VAL B 1044 -28.80 -76.32 15.11
N ILE B 1045 -29.10 -75.03 14.92
CA ILE B 1045 -30.48 -74.62 14.56
C ILE B 1045 -30.51 -74.09 13.13
N VAL B 1046 -31.44 -74.56 12.32
CA VAL B 1046 -31.61 -74.04 10.97
C VAL B 1046 -33.08 -73.63 10.82
N ASN B 1047 -33.27 -72.36 10.42
CA ASN B 1047 -34.53 -71.80 9.97
C ASN B 1047 -34.88 -72.34 8.57
N GLN B 1048 -35.87 -73.23 8.51
CA GLN B 1048 -36.18 -73.95 7.27
C GLN B 1048 -37.36 -73.34 6.49
N ALA B 1049 -38.31 -72.78 7.21
CA ALA B 1049 -39.50 -72.13 6.60
C ALA B 1049 -40.32 -71.38 7.67
N VAL B 1050 -41.11 -70.41 7.20
CA VAL B 1050 -42.02 -69.58 7.99
C VAL B 1050 -43.36 -69.52 7.28
N SER B 1051 -44.45 -69.80 7.99
CA SER B 1051 -45.79 -69.90 7.37
C SER B 1051 -46.41 -68.53 7.25
N ALA B 1052 -47.49 -68.44 6.48
CA ALA B 1052 -48.36 -67.25 6.51
C ALA B 1052 -48.89 -67.13 7.93
N THR B 1053 -49.33 -65.94 8.31
CA THR B 1053 -50.00 -65.93 9.60
C THR B 1053 -51.33 -66.60 9.43
N ASP B 1054 -51.66 -67.50 10.34
CA ASP B 1054 -52.86 -68.31 10.17
C ASP B 1054 -53.96 -67.51 10.85
N SER B 1055 -55.15 -68.10 10.98
CA SER B 1055 -56.00 -67.45 11.93
C SER B 1055 -55.69 -67.86 13.35
N GLN B 1056 -56.43 -67.30 14.29
CA GLN B 1056 -55.90 -67.18 15.66
C GLN B 1056 -54.73 -66.17 15.66
N GLY B 1057 -54.17 -65.86 14.47
CA GLY B 1057 -53.12 -64.83 14.31
C GLY B 1057 -51.71 -65.31 14.72
N MET B 1058 -51.46 -66.61 14.57
CA MET B 1058 -50.17 -67.28 14.89
C MET B 1058 -49.44 -67.55 13.59
N VAL B 1059 -48.11 -67.60 13.64
CA VAL B 1059 -47.24 -67.94 12.54
C VAL B 1059 -46.38 -69.11 12.98
N THR B 1060 -46.15 -70.06 12.10
CA THR B 1060 -45.37 -71.22 12.46
C THR B 1060 -44.02 -71.12 11.81
N VAL B 1061 -42.98 -71.36 12.61
CA VAL B 1061 -41.63 -71.42 12.12
C VAL B 1061 -41.11 -72.85 12.24
N PHE B 1062 -40.52 -73.29 11.13
CA PHE B 1062 -40.06 -74.67 10.99
C PHE B 1062 -38.56 -74.69 11.04
N PHE B 1063 -38.02 -75.43 12.01
CA PHE B 1063 -36.57 -75.47 12.23
C PHE B 1063 -36.02 -76.89 12.02
N GLU B 1064 -34.73 -76.99 11.71
CA GLU B 1064 -34.00 -78.22 12.00
C GLU B 1064 -33.23 -77.99 13.31
N LEU B 1065 -33.37 -78.88 14.27
CA LEU B 1065 -32.67 -78.75 15.56
C LEU B 1065 -31.88 -79.98 15.80
N ASN B 1066 -30.56 -79.88 15.71
CA ASN B 1066 -29.69 -81.06 15.89
C ASN B 1066 -30.18 -82.24 15.06
N GLY B 1067 -30.45 -81.93 13.78
CA GLY B 1067 -30.92 -82.84 12.73
C GLY B 1067 -32.30 -83.48 12.91
N GLN B 1068 -33.13 -82.98 13.84
CA GLN B 1068 -34.55 -83.36 13.93
C GLN B 1068 -35.39 -82.18 13.45
N PRO B 1069 -36.50 -82.44 12.73
CA PRO B 1069 -37.45 -81.34 12.44
C PRO B 1069 -38.27 -80.87 13.68
N ARG B 1070 -38.49 -79.57 13.81
CA ARG B 1070 -39.25 -78.98 14.96
C ARG B 1070 -40.10 -77.79 14.50
N ARG B 1071 -41.28 -77.60 15.11
CA ARG B 1071 -42.10 -76.42 14.80
C ARG B 1071 -42.46 -75.56 16.00
N ILE B 1072 -42.33 -74.25 15.78
CA ILE B 1072 -42.66 -73.26 16.82
C ILE B 1072 -43.71 -72.25 16.36
N LYS B 1073 -44.75 -72.06 17.17
CA LYS B 1073 -45.83 -71.17 16.79
C LYS B 1073 -45.66 -69.95 17.66
N VAL B 1074 -45.65 -68.77 17.04
CA VAL B 1074 -45.60 -67.45 17.74
C VAL B 1074 -46.69 -66.52 17.18
N PRO B 1075 -47.14 -65.52 17.97
CA PRO B 1075 -48.13 -64.60 17.43
C PRO B 1075 -47.52 -63.60 16.49
N ASP B 1076 -48.33 -63.14 15.57
CA ASP B 1076 -47.98 -62.07 14.68
C ASP B 1076 -48.40 -60.83 15.45
N ARG B 1077 -47.39 -60.16 15.98
CA ARG B 1077 -47.54 -58.84 16.63
C ARG B 1077 -47.67 -57.94 15.42
N ALA B 1078 -47.76 -56.64 15.54
CA ALA B 1078 -47.96 -55.81 14.32
C ALA B 1078 -49.19 -54.99 14.61
N HIS B 1079 -50.28 -55.66 14.92
CA HIS B 1079 -51.20 -55.13 15.91
C HIS B 1079 -50.51 -55.70 17.11
N GLY B 1080 -50.70 -55.10 18.28
CA GLY B 1080 -50.04 -55.60 19.49
C GLY B 1080 -50.67 -56.89 20.01
N ALA B 1081 -50.97 -57.82 19.09
CA ALA B 1081 -51.43 -59.16 19.46
C ALA B 1081 -50.34 -59.83 20.29
N THR B 1082 -50.75 -60.47 21.38
CA THR B 1082 -49.83 -61.24 22.20
C THR B 1082 -50.19 -62.75 22.31
N VAL B 1086 -55.81 -65.78 19.33
CA VAL B 1086 -57.26 -65.82 19.61
C VAL B 1086 -57.74 -64.45 20.12
N ARG B 1087 -58.51 -64.37 21.23
CA ARG B 1087 -59.06 -65.48 22.02
C ARG B 1087 -60.49 -65.11 22.46
N ARG B 1088 -61.47 -65.49 21.64
CA ARG B 1088 -62.91 -65.51 22.00
C ARG B 1088 -63.22 -66.33 23.27
N LYS B 1089 -64.15 -65.88 24.11
CA LYS B 1089 -64.70 -66.79 25.19
C LYS B 1089 -66.09 -66.44 25.79
N ALA B 1090 -66.49 -67.21 26.82
CA ALA B 1090 -67.77 -67.09 27.57
C ALA B 1090 -68.38 -68.45 28.02
N GLU B 1091 -68.91 -68.48 29.25
CA GLU B 1091 -69.58 -69.65 29.89
C GLU B 1091 -70.40 -69.20 31.16
N PRO B 1092 -70.78 -70.12 32.08
CA PRO B 1092 -70.84 -71.59 32.17
C PRO B 1092 -72.18 -72.22 31.74
N HIS B 1097 -75.05 -66.37 26.35
CA HIS B 1097 -75.76 -67.59 26.01
C HIS B 1097 -75.26 -68.76 26.89
N VAL B 1098 -75.71 -69.98 26.59
CA VAL B 1098 -75.62 -71.13 27.53
C VAL B 1098 -74.98 -72.45 26.97
N GLY B 1099 -74.55 -72.48 25.70
CA GLY B 1099 -73.98 -73.70 25.06
C GLY B 1099 -72.48 -73.68 24.77
N ALA B 1100 -71.72 -74.59 25.41
CA ALA B 1100 -70.23 -74.54 25.50
C ALA B 1100 -69.43 -75.81 25.04
N PRO B 1101 -68.33 -75.62 24.29
CA PRO B 1101 -67.49 -76.69 23.72
C PRO B 1101 -66.78 -77.53 24.76
N MET B 1102 -67.10 -78.82 24.79
CA MET B 1102 -66.40 -79.71 25.68
C MET B 1102 -64.83 -79.63 25.52
N PRO B 1103 -64.27 -79.91 24.30
CA PRO B 1103 -62.79 -79.83 24.25
C PRO B 1103 -62.24 -78.55 23.60
N GLY B 1104 -60.94 -78.28 23.68
CA GLY B 1104 -60.32 -77.35 22.74
C GLY B 1104 -60.42 -77.92 21.31
N VAL B 1105 -60.33 -77.07 20.29
CA VAL B 1105 -60.03 -77.53 18.90
C VAL B 1105 -60.56 -76.72 17.68
N ILE B 1106 -60.95 -77.46 16.62
CA ILE B 1106 -61.54 -76.85 15.44
C ILE B 1106 -62.95 -77.28 15.06
N SER B 1107 -63.77 -76.27 14.87
CA SER B 1107 -65.18 -76.46 14.49
C SER B 1107 -65.25 -76.90 12.99
N ARG B 1108 -65.76 -78.14 12.79
CA ARG B 1108 -65.83 -78.93 11.54
C ARG B 1108 -67.08 -78.65 10.67
N VAL B 1109 -68.28 -78.69 11.27
CA VAL B 1109 -69.50 -78.18 10.63
C VAL B 1109 -70.45 -77.54 11.64
N PHE B 1110 -71.28 -76.64 11.13
CA PHE B 1110 -72.34 -76.04 11.94
C PHE B 1110 -73.66 -76.51 11.30
N VAL B 1111 -74.57 -77.00 12.14
CA VAL B 1111 -75.83 -77.52 11.61
C VAL B 1111 -77.02 -76.62 12.05
N SER B 1112 -76.88 -75.87 13.17
CA SER B 1112 -77.92 -74.95 13.70
C SER B 1112 -77.90 -73.56 13.03
N SER B 1113 -79.07 -72.88 12.98
CA SER B 1113 -79.19 -71.51 12.42
C SER B 1113 -79.27 -70.43 13.50
N ALA B 1119 -83.70 -80.92 20.37
CA ALA B 1119 -83.56 -81.71 21.58
C ALA B 1119 -82.85 -83.05 21.28
N GLY B 1120 -81.54 -83.06 21.45
CA GLY B 1120 -80.72 -84.23 21.06
C GLY B 1120 -80.07 -84.01 19.71
N ASP B 1121 -80.58 -83.02 18.98
CA ASP B 1121 -80.06 -82.67 17.67
C ASP B 1121 -78.64 -82.14 17.74
N VAL B 1122 -77.83 -82.54 16.76
CA VAL B 1122 -76.45 -82.01 16.62
C VAL B 1122 -76.52 -80.49 16.44
N LEU B 1123 -75.64 -79.75 17.11
CA LEU B 1123 -75.55 -78.30 16.90
C LEU B 1123 -74.29 -77.97 16.08
N VAL B 1124 -73.13 -78.45 16.58
CA VAL B 1124 -71.80 -78.27 15.98
C VAL B 1124 -71.00 -79.59 15.93
N SER B 1125 -69.97 -79.59 15.12
CA SER B 1125 -69.03 -80.67 15.20
C SER B 1125 -67.63 -80.09 15.54
N ILE B 1126 -66.95 -80.65 16.56
CA ILE B 1126 -65.58 -80.19 16.84
C ILE B 1126 -64.59 -81.29 16.44
N GLU B 1127 -63.62 -80.90 15.58
CA GLU B 1127 -62.51 -81.76 15.15
C GLU B 1127 -61.28 -81.49 16.01
N ALA B 1128 -60.84 -82.52 16.68
CA ALA B 1128 -59.76 -82.38 17.60
C ALA B 1128 -58.87 -83.55 17.43
N MET B 1129 -58.97 -84.45 18.41
CA MET B 1129 -57.83 -85.29 18.80
C MET B 1129 -57.86 -86.59 17.99
N LYS B 1130 -57.50 -86.46 16.72
CA LYS B 1130 -57.74 -87.45 15.69
C LYS B 1130 -59.15 -88.04 15.67
N MET B 1131 -60.14 -87.19 15.94
CA MET B 1131 -61.49 -87.63 16.22
C MET B 1131 -62.43 -86.46 15.91
N GLU B 1132 -63.69 -86.75 15.61
CA GLU B 1132 -64.69 -85.70 15.46
C GLU B 1132 -65.81 -85.95 16.49
N THR B 1133 -66.26 -84.92 17.19
CA THR B 1133 -67.28 -85.07 18.24
C THR B 1133 -68.40 -84.09 17.99
N ALA B 1134 -69.63 -84.59 17.98
CA ALA B 1134 -70.83 -83.81 17.80
C ALA B 1134 -71.31 -83.23 19.11
N ILE B 1135 -71.77 -81.99 19.08
CA ILE B 1135 -72.23 -81.34 20.29
C ILE B 1135 -73.75 -81.28 20.16
N HIS B 1136 -74.45 -81.91 21.11
CA HIS B 1136 -75.92 -82.01 21.13
C HIS B 1136 -76.51 -81.04 22.12
N ALA B 1137 -77.73 -80.59 21.85
CA ALA B 1137 -78.49 -79.81 22.82
C ALA B 1137 -79.12 -80.76 23.85
N GLU B 1138 -78.93 -80.46 25.13
CA GLU B 1138 -79.65 -81.18 26.19
C GLU B 1138 -80.99 -80.47 26.54
N LYS B 1139 -81.46 -79.61 25.65
CA LYS B 1139 -82.54 -78.68 25.97
C LYS B 1139 -83.58 -78.67 24.86
N ASP B 1140 -84.31 -77.56 24.77
CA ASP B 1140 -85.32 -77.30 23.72
C ASP B 1140 -85.06 -75.81 23.21
N GLY B 1141 -85.17 -75.57 21.81
CA GLY B 1141 -85.02 -74.20 21.30
C GLY B 1141 -84.89 -73.91 19.68
N GLU B 1145 -76.84 -69.27 22.00
CA GLU B 1145 -75.51 -69.79 21.74
C GLU B 1145 -75.20 -70.04 20.25
N VAL B 1146 -75.52 -69.01 19.43
CA VAL B 1146 -75.38 -68.92 17.93
C VAL B 1146 -74.01 -68.89 17.11
N LEU B 1147 -72.87 -68.48 17.71
CA LEU B 1147 -71.80 -67.66 17.02
C LEU B 1147 -70.39 -68.18 16.52
N VAL B 1148 -70.34 -69.39 15.97
CA VAL B 1148 -69.09 -69.93 15.42
C VAL B 1148 -69.29 -70.37 13.95
N LYS B 1149 -68.22 -70.62 13.19
CA LYS B 1149 -68.35 -71.22 11.84
C LYS B 1149 -67.26 -72.27 11.56
N ALA B 1150 -67.46 -73.10 10.53
CA ALA B 1150 -66.35 -73.92 9.99
C ALA B 1150 -65.23 -73.03 9.32
N GLY B 1151 -63.95 -73.28 9.56
CA GLY B 1151 -63.42 -73.93 10.73
C GLY B 1151 -62.74 -72.87 11.61
N ASP B 1152 -63.48 -72.44 12.63
CA ASP B 1152 -62.98 -71.61 13.70
C ASP B 1152 -62.29 -72.44 14.78
N GLN B 1153 -61.18 -71.93 15.29
CA GLN B 1153 -60.51 -72.57 16.44
C GLN B 1153 -61.10 -72.08 17.76
N ILE B 1154 -61.24 -73.02 18.70
CA ILE B 1154 -61.91 -72.76 19.97
C ILE B 1154 -61.14 -73.41 21.08
N ASP B 1155 -61.24 -72.83 22.26
CA ASP B 1155 -60.67 -73.45 23.43
C ASP B 1155 -61.80 -74.01 24.29
N ALA B 1156 -61.47 -74.80 25.30
CA ALA B 1156 -62.47 -75.26 26.26
C ALA B 1156 -63.20 -74.02 26.84
N LYS B 1157 -64.50 -74.18 27.12
CA LYS B 1157 -65.48 -73.06 27.14
C LYS B 1157 -65.36 -72.31 25.82
N ASP B 1158 -65.83 -71.06 25.75
CA ASP B 1158 -66.05 -70.38 24.46
C ASP B 1158 -67.51 -70.64 24.01
N LEU B 1159 -68.16 -69.59 23.53
CA LEU B 1159 -69.58 -69.64 23.29
C LEU B 1159 -69.87 -70.34 21.97
N LEU B 1160 -70.86 -71.25 21.98
CA LEU B 1160 -71.26 -72.09 20.83
C LEU B 1160 -70.11 -72.98 20.32
N GLY C 12 87.84 101.91 26.94
CA GLY C 12 86.62 101.54 26.13
C GLY C 12 86.61 100.06 25.80
N PRO C 13 86.06 99.22 26.71
CA PRO C 13 86.00 97.78 26.48
C PRO C 13 85.10 97.42 25.29
N ILE C 14 85.58 96.49 24.45
CA ILE C 14 84.81 96.00 23.30
C ILE C 14 83.37 95.67 23.75
N SER C 15 82.39 96.32 23.15
CA SER C 15 81.02 96.14 23.59
C SER C 15 80.04 95.74 22.47
N LYS C 16 80.42 96.00 21.21
CA LYS C 16 79.61 95.57 20.07
C LYS C 16 80.47 94.96 18.96
N ILE C 17 80.26 93.66 18.71
CA ILE C 17 81.09 92.94 17.74
C ILE C 17 80.32 92.64 16.43
N LEU C 18 80.93 93.01 15.31
CA LEU C 18 80.39 92.63 14.02
C LEU C 18 81.19 91.49 13.44
N VAL C 19 80.51 90.48 12.92
CA VAL C 19 81.15 89.30 12.36
C VAL C 19 81.09 89.35 10.86
N ALA C 20 82.23 89.57 10.22
CA ALA C 20 82.19 89.68 8.76
C ALA C 20 82.36 88.27 8.25
N ASN C 21 81.29 87.49 8.38
CA ASN C 21 81.29 86.09 7.98
C ASN C 21 79.84 85.58 7.98
N ARG C 22 79.64 84.29 7.86
CA ARG C 22 78.30 83.72 7.71
C ARG C 22 78.31 82.27 8.29
N SER C 23 77.18 81.59 8.24
CA SER C 23 77.15 80.17 8.47
C SER C 23 77.58 79.83 9.92
N GLU C 24 78.23 78.67 10.07
CA GLU C 24 78.60 78.16 11.38
C GLU C 24 79.57 79.09 12.14
N ILE C 25 80.57 79.61 11.44
CA ILE C 25 81.60 80.35 12.17
C ILE C 25 81.03 81.65 12.77
N ALA C 26 80.12 82.27 12.04
CA ALA C 26 79.42 83.44 12.55
C ALA C 26 78.72 83.10 13.90
N ILE C 27 78.09 81.93 13.92
CA ILE C 27 77.19 81.50 15.02
C ILE C 27 78.01 81.29 16.29
N ARG C 28 79.02 80.46 16.10
CA ARG C 28 80.10 80.27 16.99
C ARG C 28 80.55 81.57 17.66
N VAL C 29 80.82 82.60 16.88
CA VAL C 29 81.30 83.85 17.43
C VAL C 29 80.17 84.58 18.15
N PHE C 30 78.94 84.47 17.65
CA PHE C 30 77.80 85.15 18.29
C PHE C 30 77.60 84.62 19.70
N ARG C 31 77.60 83.29 19.78
CA ARG C 31 77.64 82.56 21.02
C ARG C 31 78.67 83.03 22.06
N ALA C 32 79.97 82.95 21.74
CA ALA C 32 81.00 83.58 22.55
C ALA C 32 80.61 84.98 23.02
N ALA C 33 80.36 85.87 22.05
CA ALA C 33 80.18 87.27 22.37
C ALA C 33 78.99 87.46 23.31
N ASN C 34 77.91 86.78 22.97
CA ASN C 34 76.68 86.87 23.75
C ASN C 34 76.93 86.38 25.17
N GLU C 35 77.61 85.24 25.31
CA GLU C 35 77.95 84.70 26.62
C GLU C 35 78.75 85.74 27.42
N LEU C 36 79.58 86.54 26.75
CA LEU C 36 80.34 87.61 27.44
C LEU C 36 79.57 88.89 27.67
N GLY C 37 78.27 88.92 27.37
CA GLY C 37 77.48 90.18 27.46
C GLY C 37 77.82 91.18 26.36
N ILE C 38 78.52 90.77 25.31
CA ILE C 38 78.74 91.63 24.16
C ILE C 38 77.58 91.59 23.14
N LYS C 39 77.15 92.76 22.70
CA LYS C 39 76.17 92.91 21.62
C LYS C 39 76.74 92.36 20.30
N THR C 40 75.90 91.86 19.39
CA THR C 40 76.41 91.28 18.12
C THR C 40 75.79 91.87 16.86
N VAL C 41 76.54 91.89 15.76
CA VAL C 41 75.99 92.39 14.50
C VAL C 41 76.23 91.43 13.34
N ALA C 42 75.21 91.15 12.54
CA ALA C 42 75.44 90.21 11.44
C ALA C 42 75.37 90.88 10.07
N ILE C 43 76.02 90.26 9.10
CA ILE C 43 75.91 90.67 7.70
C ILE C 43 75.44 89.51 6.81
N TRP C 44 74.75 89.88 5.74
CA TRP C 44 74.17 88.96 4.77
C TRP C 44 74.10 89.54 3.37
N ALA C 45 74.49 88.72 2.39
CA ALA C 45 74.27 88.94 0.97
C ALA C 45 72.81 88.61 0.63
N GLU C 46 72.28 89.17 -0.47
CA GLU C 46 70.94 88.79 -0.93
C GLU C 46 70.74 87.27 -0.96
N GLU C 47 71.71 86.53 -1.47
CA GLU C 47 71.54 85.09 -1.63
C GLU C 47 71.36 84.39 -0.30
N ASP C 48 71.84 85.05 0.73
CA ASP C 48 71.89 84.48 2.06
C ASP C 48 70.73 85.01 2.93
N LYS C 49 69.79 85.74 2.34
CA LYS C 49 68.72 86.39 3.13
C LYS C 49 67.91 85.45 4.04
N LEU C 50 67.86 84.16 3.73
CA LEU C 50 67.16 83.21 4.60
C LEU C 50 68.10 82.53 5.62
N ALA C 51 69.39 82.85 5.54
CA ALA C 51 70.40 82.26 6.43
C ALA C 51 70.21 82.65 7.88
N LEU C 52 70.35 81.61 8.68
CA LEU C 52 70.12 81.56 10.11
C LEU C 52 71.02 82.51 10.92
N HIS C 53 72.28 82.58 10.54
CA HIS C 53 73.20 83.44 11.25
C HIS C 53 72.70 84.86 11.36
N ARG C 54 71.95 85.36 10.38
CA ARG C 54 71.50 86.76 10.46
C ARG C 54 70.43 87.00 11.51
N PHE C 55 69.61 85.99 11.74
CA PHE C 55 68.55 86.11 12.71
C PHE C 55 69.04 85.86 14.13
N LYS C 56 70.22 85.24 14.22
CA LYS C 56 70.80 84.85 15.47
C LYS C 56 71.65 86.00 16.09
N ALA C 57 71.85 87.10 15.36
CA ALA C 57 72.55 88.27 15.94
C ALA C 57 71.58 89.27 16.55
N ASP C 58 72.10 90.21 17.34
CA ASP C 58 71.22 91.23 17.92
C ASP C 58 70.70 92.20 16.85
N GLU C 59 71.48 92.42 15.80
CA GLU C 59 71.02 93.14 14.60
C GLU C 59 71.78 92.67 13.36
N SER C 60 71.18 92.94 12.18
CA SER C 60 71.78 92.54 10.90
C SER C 60 71.62 93.52 9.72
N TYR C 61 72.60 93.51 8.83
CA TYR C 61 72.60 94.43 7.70
C TYR C 61 73.05 93.76 6.41
N GLN C 62 72.39 94.14 5.33
CA GLN C 62 72.66 93.57 4.04
C GLN C 62 73.92 94.14 3.51
N VAL C 63 74.80 93.28 3.00
CA VAL C 63 75.94 93.75 2.21
C VAL C 63 75.77 93.33 0.75
N GLY C 64 76.38 94.07 -0.18
CA GLY C 64 76.32 93.66 -1.60
C GLY C 64 75.38 94.39 -2.55
N ARG C 65 74.34 95.02 -2.01
CA ARG C 65 73.34 95.76 -2.82
C ARG C 65 73.31 97.24 -2.45
N GLY C 66 72.74 98.12 -3.29
CA GLY C 66 72.56 99.53 -2.92
C GLY C 66 72.86 100.54 -4.01
N PRO C 67 72.32 101.79 -3.85
CA PRO C 67 72.60 102.92 -4.75
C PRO C 67 74.08 103.27 -4.79
N HIS C 68 74.70 103.33 -3.60
CA HIS C 68 76.12 103.65 -3.43
C HIS C 68 77.02 102.68 -4.14
N LEU C 69 76.47 101.56 -4.55
CA LEU C 69 77.16 100.59 -5.40
C LEU C 69 76.72 100.80 -6.83
N ALA C 70 77.66 101.20 -7.69
CA ALA C 70 77.45 101.14 -9.12
C ALA C 70 77.67 99.68 -9.42
N ARG C 71 76.57 98.91 -9.36
CA ARG C 71 76.50 97.42 -9.56
C ARG C 71 76.37 96.54 -8.30
N ASP C 72 75.54 95.51 -8.39
CA ASP C 72 75.34 94.56 -7.30
C ASP C 72 76.52 93.57 -7.14
N LEU C 73 76.79 93.11 -5.91
CA LEU C 73 77.92 92.17 -5.63
C LEU C 73 77.48 90.71 -5.65
N GLY C 74 78.37 89.82 -6.11
CA GLY C 74 78.07 88.40 -6.09
C GLY C 74 77.81 87.93 -4.66
N PRO C 75 77.41 86.64 -4.51
CA PRO C 75 77.13 86.04 -3.20
C PRO C 75 78.37 85.87 -2.32
N ILE C 76 79.53 85.55 -2.92
CA ILE C 76 80.79 85.51 -2.17
C ILE C 76 81.48 86.90 -2.18
N GLU C 77 81.45 87.56 -3.34
CA GLU C 77 81.93 88.95 -3.50
C GLU C 77 81.43 89.77 -2.30
N SER C 78 80.10 89.87 -2.19
CA SER C 78 79.39 90.50 -1.08
C SER C 78 80.05 90.34 0.31
N TYR C 79 80.60 89.16 0.59
CA TYR C 79 81.28 88.91 1.88
C TYR C 79 82.76 89.35 1.94
N LEU C 80 83.41 89.50 0.79
CA LEU C 80 84.82 89.83 0.79
C LEU C 80 85.12 91.31 0.59
N SER C 81 84.07 92.16 0.63
CA SER C 81 84.19 93.59 0.29
C SER C 81 84.46 94.47 1.50
N ILE C 82 85.72 94.89 1.61
CA ILE C 82 86.16 95.75 2.70
C ILE C 82 85.21 96.95 2.94
N ASP C 83 84.95 97.74 1.88
CA ASP C 83 84.05 98.93 1.95
C ASP C 83 82.66 98.61 2.49
N GLU C 84 82.08 97.51 2.02
CA GLU C 84 80.81 97.05 2.55
C GLU C 84 80.83 96.69 4.04
N VAL C 85 81.83 95.92 4.50
CA VAL C 85 81.95 95.55 5.93
C VAL C 85 82.15 96.82 6.76
N ILE C 86 83.14 97.60 6.34
CA ILE C 86 83.42 98.86 7.01
C ILE C 86 82.20 99.76 7.10
N ARG C 87 81.46 99.96 6.00
CA ARG C 87 80.20 100.70 6.07
C ARG C 87 79.26 100.15 7.20
N VAL C 88 79.06 98.83 7.22
CA VAL C 88 78.09 98.28 8.15
C VAL C 88 78.56 98.43 9.59
N ALA C 89 79.85 98.15 9.81
CA ALA C 89 80.46 98.36 11.11
C ALA C 89 80.11 99.80 11.55
N LYS C 90 80.47 100.76 10.70
CA LYS C 90 80.18 102.16 10.94
C LYS C 90 78.69 102.38 11.24
N LEU C 91 77.82 101.87 10.37
CA LEU C 91 76.38 102.12 10.54
C LEU C 91 75.95 101.61 11.90
N SER C 92 76.61 100.57 12.42
CA SER C 92 76.07 99.80 13.53
C SER C 92 76.61 100.16 14.92
N GLY C 93 77.68 100.95 14.95
CA GLY C 93 78.31 101.27 16.22
C GLY C 93 79.27 100.21 16.69
N ALA C 94 79.46 99.14 15.92
CA ALA C 94 80.37 98.05 16.31
C ALA C 94 81.75 98.62 16.56
N ASP C 95 82.37 98.27 17.68
CA ASP C 95 83.77 98.68 17.93
C ASP C 95 84.79 97.60 17.65
N ALA C 96 84.32 96.42 17.27
CA ALA C 96 85.22 95.34 16.91
C ALA C 96 84.64 94.52 15.77
N ILE C 97 85.54 94.07 14.88
CA ILE C 97 85.20 93.09 13.84
C ILE C 97 85.90 91.74 14.07
N HIS C 98 85.13 90.66 14.18
CA HIS C 98 85.69 89.30 14.11
C HIS C 98 85.52 88.76 12.70
N PRO C 99 86.63 88.38 12.03
CA PRO C 99 86.45 88.05 10.61
C PRO C 99 86.11 86.59 10.38
N GLY C 100 86.20 85.74 11.41
CA GLY C 100 85.90 84.33 11.24
C GLY C 100 87.11 83.64 10.65
N TYR C 101 86.89 82.66 9.79
CA TYR C 101 87.97 82.12 8.94
C TYR C 101 87.51 82.36 7.53
N GLY C 102 88.43 82.40 6.55
CA GLY C 102 88.11 82.83 5.17
C GLY C 102 89.12 83.82 4.62
N LEU C 103 88.94 84.28 3.39
CA LEU C 103 89.86 85.27 2.76
C LEU C 103 89.92 86.62 3.44
N LEU C 104 88.80 87.03 4.03
CA LEU C 104 88.79 88.28 4.75
C LEU C 104 89.66 88.31 6.00
N SER C 105 89.76 87.16 6.67
CA SER C 105 90.52 87.02 7.90
C SER C 105 92.03 86.96 7.70
N GLU C 106 92.45 86.89 6.43
CA GLU C 106 93.85 86.72 6.02
C GLU C 106 94.36 87.95 5.27
N SER C 107 93.54 88.99 5.27
CA SER C 107 93.76 90.19 4.48
C SER C 107 94.31 91.43 5.23
N PRO C 108 95.58 91.78 4.96
CA PRO C 108 96.13 92.97 5.60
C PRO C 108 95.40 94.21 5.19
N GLU C 109 94.98 94.29 3.92
CA GLU C 109 94.25 95.49 3.48
C GLU C 109 92.96 95.72 4.29
N PHE C 110 92.29 94.65 4.70
CA PHE C 110 91.11 94.73 5.59
C PHE C 110 91.53 95.10 7.00
N VAL C 111 92.67 94.59 7.44
CA VAL C 111 93.20 94.96 8.74
C VAL C 111 93.49 96.47 8.78
N ASP C 112 94.28 96.96 7.82
CA ASP C 112 94.60 98.38 7.71
C ASP C 112 93.38 99.28 7.63
N ALA C 113 92.26 98.77 7.11
CA ALA C 113 91.01 99.58 7.01
C ALA C 113 90.15 99.62 8.31
N CYS C 114 90.22 98.56 9.11
CA CYS C 114 89.72 98.56 10.50
C CYS C 114 90.38 99.69 11.35
N ASN C 115 91.70 99.67 11.53
CA ASN C 115 92.38 100.74 12.28
C ASN C 115 92.03 102.14 11.73
N LYS C 116 92.17 102.32 10.40
CA LYS C 116 91.89 103.62 9.75
C LYS C 116 90.49 104.12 10.15
N ALA C 117 89.61 103.19 10.50
CA ALA C 117 88.27 103.54 10.94
C ALA C 117 88.09 103.50 12.48
N GLY C 118 89.18 103.30 13.22
CA GLY C 118 89.08 103.18 14.69
C GLY C 118 88.43 101.89 15.22
N ILE C 119 88.38 100.85 14.39
CA ILE C 119 87.71 99.61 14.77
C ILE C 119 88.72 98.50 15.07
N ILE C 120 88.58 97.87 16.25
CA ILE C 120 89.42 96.74 16.60
C ILE C 120 89.10 95.55 15.67
N PHE C 121 90.14 95.12 14.98
CA PHE C 121 90.13 93.91 14.21
C PHE C 121 90.57 92.81 15.16
N ILE C 122 89.72 91.79 15.31
CA ILE C 122 89.97 90.67 16.22
C ILE C 122 90.77 89.58 15.52
N GLY C 123 92.10 89.72 15.64
CA GLY C 123 93.09 89.01 14.85
C GLY C 123 94.44 89.72 14.95
N PRO C 124 95.50 89.12 14.37
CA PRO C 124 96.85 89.70 14.29
C PRO C 124 96.88 91.04 13.60
N LYS C 125 97.95 91.80 13.80
CA LYS C 125 98.16 93.06 13.10
C LYS C 125 98.53 92.81 11.60
N ALA C 126 98.17 93.76 10.73
CA ALA C 126 98.52 93.78 9.29
C ALA C 126 99.96 93.39 8.95
N ASP C 127 100.92 93.87 9.75
CA ASP C 127 102.33 93.51 9.53
C ASP C 127 102.55 91.97 9.63
N THR C 128 102.02 91.35 10.69
CA THR C 128 102.06 89.89 10.81
C THR C 128 101.45 89.18 9.60
N MET C 129 100.38 89.75 9.06
CA MET C 129 99.71 89.19 7.87
C MET C 129 100.52 89.21 6.57
N ARG C 130 101.11 90.36 6.21
CA ARG C 130 101.93 90.37 5.00
C ARG C 130 103.16 89.50 5.26
N GLN C 131 103.53 89.36 6.53
CA GLN C 131 104.57 88.40 6.95
C GLN C 131 104.25 86.93 6.64
N LEU C 132 103.02 86.51 6.91
CA LEU C 132 102.73 85.07 6.89
C LEU C 132 101.75 84.67 5.77
N GLY C 133 101.28 85.67 5.01
CA GLY C 133 100.42 85.45 3.85
C GLY C 133 101.22 84.86 2.72
N ASN C 134 102.20 85.59 2.20
CA ASN C 134 103.10 84.99 1.22
C ASN C 134 103.79 83.76 1.78
N LYS C 135 103.36 82.56 1.33
CA LYS C 135 103.88 81.23 1.77
C LYS C 135 105.40 81.00 1.65
N VAL C 136 106.04 81.59 0.64
CA VAL C 136 107.53 81.62 0.52
C VAL C 136 108.18 82.57 1.53
N ALA C 137 107.50 83.66 1.89
CA ALA C 137 108.07 84.63 2.85
C ALA C 137 107.98 84.08 4.28
N ALA C 138 106.91 83.32 4.55
CA ALA C 138 106.72 82.61 5.83
C ALA C 138 107.76 81.49 6.01
N ARG C 139 107.97 80.68 4.96
CA ARG C 139 109.01 79.63 5.01
C ARG C 139 110.43 80.22 5.22
N ASN C 140 110.66 81.45 4.74
CA ASN C 140 111.89 82.18 5.08
C ASN C 140 112.01 82.58 6.57
N LEU C 141 110.92 83.15 7.11
CA LEU C 141 110.89 83.60 8.51
C LEU C 141 111.19 82.44 9.44
N ALA C 142 110.66 81.29 9.05
CA ALA C 142 110.86 80.02 9.78
C ALA C 142 112.33 79.58 9.76
N ILE C 143 112.98 79.72 8.60
CA ILE C 143 114.40 79.39 8.47
C ILE C 143 115.26 80.26 9.37
N SER C 144 114.91 81.54 9.52
CA SER C 144 115.73 82.52 10.28
C SER C 144 115.67 82.35 11.81
N VAL C 145 114.51 81.93 12.32
CA VAL C 145 114.35 81.66 13.74
C VAL C 145 114.69 80.16 14.05
N GLY C 146 115.28 79.49 13.06
CA GLY C 146 115.84 78.15 13.24
C GLY C 146 114.87 76.97 13.26
N VAL C 147 113.84 77.01 12.42
CA VAL C 147 112.81 75.94 12.28
C VAL C 147 112.98 75.21 10.95
N PRO C 148 112.87 73.88 10.98
CA PRO C 148 113.08 73.07 9.78
C PRO C 148 111.95 73.21 8.78
N VAL C 149 112.26 72.92 7.52
CA VAL C 149 111.39 73.16 6.38
C VAL C 149 111.84 72.25 5.21
N VAL C 150 110.92 71.74 4.41
CA VAL C 150 111.31 70.97 3.22
C VAL C 150 112.13 71.88 2.28
N PRO C 151 113.10 71.31 1.51
CA PRO C 151 113.83 72.19 0.58
C PRO C 151 112.91 72.70 -0.53
N ALA C 152 113.03 73.98 -0.87
CA ALA C 152 112.14 74.49 -1.89
C ALA C 152 112.74 75.52 -2.85
N THR C 153 112.03 75.65 -3.95
CA THR C 153 112.32 76.54 -5.04
C THR C 153 112.01 78.03 -4.71
N GLU C 154 112.77 78.95 -5.32
CA GLU C 154 112.39 80.37 -5.38
C GLU C 154 111.09 80.45 -6.19
N PRO C 155 110.33 81.56 -6.09
CA PRO C 155 109.16 81.50 -7.00
C PRO C 155 109.53 81.26 -8.50
N LEU C 156 108.54 80.90 -9.30
CA LEU C 156 108.78 80.35 -10.66
C LEU C 156 108.80 81.39 -11.76
N PRO C 157 109.92 81.52 -12.49
CA PRO C 157 109.94 82.29 -13.72
C PRO C 157 109.54 81.45 -14.95
N ASP C 158 110.24 81.67 -16.08
CA ASP C 158 109.82 81.13 -17.38
C ASP C 158 110.85 80.34 -18.20
N ASP C 159 110.65 79.02 -18.24
CA ASP C 159 111.13 78.15 -19.33
C ASP C 159 111.72 76.80 -18.88
N MET C 160 112.84 76.46 -19.52
CA MET C 160 113.82 75.58 -18.96
C MET C 160 114.80 76.49 -18.24
N ALA C 161 114.96 77.69 -18.82
CA ALA C 161 115.88 78.80 -18.42
C ALA C 161 116.03 78.93 -16.91
N GLU C 162 114.94 78.63 -16.22
CA GLU C 162 115.02 78.44 -14.80
C GLU C 162 114.15 77.23 -14.43
N VAL C 163 112.87 77.25 -14.83
CA VAL C 163 111.84 76.36 -14.24
C VAL C 163 112.23 74.87 -14.10
N ALA C 164 112.73 74.26 -15.18
CA ALA C 164 113.14 72.84 -15.20
C ALA C 164 114.49 72.57 -14.54
N LYS C 165 115.37 73.57 -14.57
CA LYS C 165 116.69 73.46 -13.95
C LYS C 165 116.57 73.71 -12.46
N MET C 166 115.54 74.45 -12.09
CA MET C 166 115.21 74.63 -10.68
C MET C 166 114.62 73.34 -10.15
N ALA C 167 113.77 72.68 -10.94
CA ALA C 167 113.15 71.40 -10.52
C ALA C 167 114.19 70.29 -10.33
N ALA C 168 115.12 70.15 -11.29
CA ALA C 168 116.29 69.28 -11.15
C ALA C 168 117.04 69.51 -9.82
N ALA C 169 117.28 70.79 -9.47
CA ALA C 169 117.98 71.19 -8.25
C ALA C 169 117.49 70.45 -6.98
N ILE C 170 116.20 70.62 -6.65
CA ILE C 170 115.59 70.07 -5.43
C ILE C 170 115.38 68.54 -5.47
N GLY C 171 115.11 67.99 -6.65
CA GLY C 171 114.80 66.57 -6.82
C GLY C 171 113.30 66.35 -7.00
N TYR C 172 112.96 65.43 -7.89
CA TYR C 172 111.59 64.95 -8.05
C TYR C 172 111.46 63.80 -7.07
N PRO C 173 110.22 63.45 -6.61
CA PRO C 173 108.92 64.08 -6.83
C PRO C 173 108.88 65.42 -6.15
N VAL C 174 107.89 66.23 -6.54
CA VAL C 174 107.82 67.60 -6.11
C VAL C 174 106.33 68.01 -6.01
N MET C 175 105.99 68.87 -5.04
CA MET C 175 104.64 69.45 -4.97
C MET C 175 104.64 70.88 -5.57
N LEU C 176 103.78 71.12 -6.58
CA LEU C 176 103.56 72.49 -7.14
C LEU C 176 102.61 73.19 -6.20
N LYS C 177 103.07 74.34 -5.70
CA LYS C 177 102.38 75.06 -4.65
C LYS C 177 102.14 76.50 -5.08
N ALA C 178 100.95 77.01 -4.81
CA ALA C 178 100.68 78.44 -4.95
C ALA C 178 101.18 79.19 -3.73
N SER C 179 101.79 80.35 -3.98
CA SER C 179 102.11 81.29 -2.91
C SER C 179 100.86 82.02 -2.42
N MET C 187 96.93 72.89 -5.93
CA MET C 187 98.10 72.01 -5.74
C MET C 187 98.15 70.78 -6.65
N ARG C 188 99.32 70.57 -7.24
CA ARG C 188 99.57 69.52 -8.21
C ARG C 188 100.89 68.79 -7.89
N VAL C 189 100.81 67.47 -7.67
CA VAL C 189 102.02 66.65 -7.58
C VAL C 189 102.73 66.48 -8.95
N ILE C 190 104.07 66.53 -8.97
CA ILE C 190 104.85 66.40 -10.23
C ILE C 190 106.04 65.42 -10.11
N ARG C 191 106.28 64.62 -11.15
CA ARG C 191 107.24 63.49 -11.05
C ARG C 191 108.42 63.45 -12.05
N SER C 192 108.23 63.91 -13.29
CA SER C 192 109.37 64.19 -14.15
C SER C 192 109.19 65.49 -14.93
N GLU C 193 110.23 65.86 -15.70
CA GLU C 193 110.22 67.04 -16.55
C GLU C 193 108.97 67.04 -17.47
N ALA C 194 108.62 65.85 -17.95
CA ALA C 194 107.39 65.64 -18.71
C ALA C 194 106.22 66.36 -18.06
N ASP C 195 105.91 65.97 -16.82
CA ASP C 195 104.71 66.51 -16.19
C ASP C 195 104.77 68.04 -15.93
N LEU C 196 105.98 68.59 -15.67
CA LEU C 196 106.13 70.02 -15.27
C LEU C 196 105.51 71.04 -16.23
N ALA C 197 106.03 71.05 -17.47
CA ALA C 197 105.59 71.94 -18.56
C ALA C 197 104.07 72.26 -18.57
N LYS C 198 103.24 71.24 -18.59
CA LYS C 198 101.80 71.44 -18.65
C LYS C 198 101.22 71.82 -17.28
N GLU C 199 101.74 71.23 -16.20
CA GLU C 199 101.15 71.43 -14.86
C GLU C 199 101.33 72.86 -14.34
N VAL C 200 102.54 73.40 -14.50
CA VAL C 200 102.84 74.80 -14.15
C VAL C 200 101.72 75.75 -14.57
N THR C 201 101.36 75.73 -15.85
CA THR C 201 100.20 76.51 -16.33
C THR C 201 98.90 75.70 -16.24
N PHE C 211 90.87 82.65 -9.35
CA PHE C 211 92.30 82.43 -9.21
C PHE C 211 93.10 83.67 -9.59
N GLY C 212 93.91 83.59 -10.66
CA GLY C 212 94.57 84.73 -11.32
C GLY C 212 95.48 85.71 -10.57
N LYS C 213 95.60 85.52 -9.24
CA LYS C 213 96.38 86.41 -8.35
C LYS C 213 97.91 86.24 -8.39
N ASP C 214 98.38 85.05 -8.81
CA ASP C 214 99.78 84.80 -9.32
C ASP C 214 100.72 83.97 -8.42
N GLU C 215 101.87 83.60 -8.96
CA GLU C 215 103.03 83.11 -8.19
C GLU C 215 102.89 81.68 -7.66
N VAL C 216 103.81 80.86 -8.10
CA VAL C 216 103.94 79.47 -7.67
C VAL C 216 105.40 79.14 -7.35
N TYR C 217 105.62 78.08 -6.58
CA TYR C 217 106.98 77.58 -6.36
C TYR C 217 106.87 76.07 -6.24
N LEU C 218 108.00 75.39 -6.15
CA LEU C 218 107.99 73.94 -5.98
C LEU C 218 108.73 73.54 -4.67
N GLU C 219 108.27 72.44 -4.07
CA GLU C 219 108.68 71.97 -2.74
C GLU C 219 108.81 70.43 -2.78
N LYS C 220 109.95 69.95 -2.26
CA LYS C 220 110.25 68.53 -2.16
C LYS C 220 109.07 67.80 -1.51
N LEU C 221 108.58 66.77 -2.20
CA LEU C 221 107.44 66.01 -1.72
C LEU C 221 107.83 64.96 -0.68
N VAL C 222 107.34 65.26 0.52
CA VAL C 222 107.21 64.31 1.60
C VAL C 222 106.23 63.23 1.12
N GLU C 223 106.78 62.16 0.51
CA GLU C 223 105.97 61.07 -0.03
C GLU C 223 105.04 60.43 1.00
N ARG C 224 105.51 60.25 2.24
CA ARG C 224 104.67 59.64 3.30
C ARG C 224 104.45 60.67 4.42
N ALA C 225 103.40 61.47 4.29
CA ALA C 225 103.21 62.65 5.16
C ALA C 225 102.06 62.53 6.16
N ARG C 226 102.29 63.07 7.37
CA ARG C 226 101.22 63.39 8.31
C ARG C 226 101.12 64.89 8.46
N HIS C 227 99.88 65.40 8.52
CA HIS C 227 99.62 66.82 8.80
C HIS C 227 99.39 67.03 10.27
N VAL C 228 100.12 67.96 10.85
CA VAL C 228 100.03 68.23 12.26
C VAL C 228 100.21 69.73 12.44
N GLU C 229 99.45 70.30 13.37
CA GLU C 229 99.43 71.75 13.56
C GLU C 229 99.39 72.10 15.04
N SER C 230 100.14 73.13 15.43
CA SER C 230 100.11 73.70 16.77
C SER C 230 99.16 74.89 16.84
N GLN C 231 98.27 74.88 17.85
CA GLN C 231 97.38 75.99 18.15
C GLN C 231 98.11 76.99 19.02
N ILE C 232 98.21 78.24 18.54
CA ILE C 232 98.81 79.28 19.39
C ILE C 232 97.83 80.39 19.78
N LEU C 233 98.14 81.01 20.92
CA LEU C 233 97.43 82.18 21.48
C LEU C 233 98.43 83.25 21.93
N GLY C 234 98.34 84.42 21.32
CA GLY C 234 99.31 85.50 21.53
C GLY C 234 98.59 86.77 21.87
N ASP C 235 99.15 87.52 22.84
CA ASP C 235 98.47 88.71 23.39
C ASP C 235 99.31 89.98 23.35
N THR C 236 98.69 91.11 23.71
CA THR C 236 99.32 92.42 23.45
C THR C 236 100.39 92.84 24.46
N HIS C 237 100.48 92.12 25.59
CA HIS C 237 101.57 92.26 26.56
C HIS C 237 102.80 91.53 26.07
N GLY C 238 102.61 90.68 25.08
CA GLY C 238 103.74 89.96 24.49
C GLY C 238 103.86 88.50 24.91
N ASN C 239 102.90 87.99 25.70
CA ASN C 239 102.91 86.59 26.16
C ASN C 239 102.34 85.62 25.12
N VAL C 240 103.12 84.61 24.77
CA VAL C 240 102.63 83.58 23.87
C VAL C 240 102.52 82.18 24.54
N VAL C 241 101.44 81.48 24.24
CA VAL C 241 101.22 80.11 24.65
C VAL C 241 100.73 79.24 23.49
N HIS C 242 100.97 77.94 23.62
CA HIS C 242 100.49 76.94 22.71
C HIS C 242 99.41 76.21 23.42
N LEU C 243 98.47 75.69 22.63
CA LEU C 243 97.39 74.85 23.14
C LEU C 243 97.51 73.44 22.58
N PHE C 244 98.74 72.93 22.49
CA PHE C 244 99.02 71.58 21.95
C PHE C 244 98.79 71.46 20.44
N GLU C 245 98.71 70.24 19.91
CA GLU C 245 98.64 70.05 18.45
C GLU C 245 97.38 69.28 17.99
N ARG C 246 97.04 69.41 16.71
CA ARG C 246 95.96 68.60 16.08
C ARG C 246 96.56 67.76 14.93
N ASP C 247 96.03 66.54 14.71
CA ASP C 247 96.38 65.81 13.50
C ASP C 247 95.30 66.16 12.45
N CYS C 248 95.70 66.43 11.22
CA CYS C 248 94.73 66.71 10.16
C CYS C 248 95.12 65.93 8.87
N SER C 249 95.60 64.69 9.03
CA SER C 249 96.06 63.93 7.89
C SER C 249 94.92 63.33 7.04
N VAL C 250 93.70 63.20 7.57
CA VAL C 250 92.62 62.67 6.72
C VAL C 250 92.16 63.82 5.81
N GLN C 251 92.63 63.74 4.56
CA GLN C 251 92.41 64.78 3.55
C GLN C 251 91.86 64.23 2.24
N ARG C 252 91.00 65.00 1.59
CA ARG C 252 90.57 64.63 0.26
C ARG C 252 91.20 65.67 -0.63
N ARG C 253 91.98 65.19 -1.61
CA ARG C 253 92.62 66.05 -2.60
C ARG C 253 93.09 67.31 -1.90
N ASN C 254 93.93 67.14 -0.87
CA ASN C 254 94.58 68.23 -0.09
C ASN C 254 93.70 69.19 0.75
N GLN C 255 92.40 68.95 0.74
CA GLN C 255 91.47 69.64 1.63
C GLN C 255 91.37 68.70 2.84
N LYS C 256 91.29 69.28 4.05
CA LYS C 256 91.16 68.50 5.29
C LYS C 256 89.77 67.92 5.43
N VAL C 257 89.63 66.79 6.10
CA VAL C 257 88.31 66.16 6.31
C VAL C 257 87.87 65.83 7.77
N VAL C 258 88.80 65.18 8.49
CA VAL C 258 88.67 64.79 9.92
C VAL C 258 89.86 65.38 10.64
N GLU C 259 89.63 65.83 11.86
CA GLU C 259 90.69 66.46 12.65
C GLU C 259 90.57 65.97 14.05
N ARG C 260 91.73 65.73 14.67
CA ARG C 260 91.86 65.13 15.98
C ARG C 260 92.83 65.95 16.81
N ALA C 261 92.55 65.96 18.11
CA ALA C 261 93.36 66.61 19.10
C ALA C 261 93.33 65.67 20.35
N PRO C 262 94.50 65.36 20.91
CA PRO C 262 95.84 65.64 20.30
C PRO C 262 96.04 64.77 19.04
N ALA C 263 97.21 64.85 18.37
CA ALA C 263 97.63 63.80 17.39
C ALA C 263 98.03 62.57 18.16
N PRO C 264 97.22 61.51 18.06
CA PRO C 264 97.46 60.41 19.01
C PRO C 264 98.75 59.62 18.75
N TYR C 265 99.47 59.93 17.67
CA TYR C 265 100.67 59.12 17.28
C TYR C 265 101.97 59.79 17.71
N LEU C 266 101.83 60.74 18.62
CA LEU C 266 102.93 61.56 19.04
C LEU C 266 103.31 61.21 20.46
N SER C 267 104.61 61.17 20.73
CA SER C 267 105.19 61.10 22.09
C SER C 267 105.21 62.48 22.77
N GLU C 268 105.41 62.50 24.09
CA GLU C 268 105.51 63.77 24.84
C GLU C 268 106.59 64.66 24.18
N ALA C 269 107.75 64.07 23.91
CA ALA C 269 108.93 64.83 23.45
C ALA C 269 108.69 65.51 22.12
N GLN C 270 108.20 64.73 21.14
CA GLN C 270 107.74 65.27 19.85
C GLN C 270 106.64 66.36 19.95
N ARG C 271 105.72 66.19 20.87
CA ARG C 271 104.67 67.18 21.11
C ARG C 271 105.24 68.43 21.76
N GLN C 272 106.35 68.23 22.47
CA GLN C 272 107.05 69.31 23.17
C GLN C 272 108.00 70.09 22.24
N GLU C 273 108.57 69.36 21.30
CA GLU C 273 109.40 69.89 20.25
C GLU C 273 108.54 70.80 19.38
N LEU C 274 107.37 70.27 18.99
CA LEU C 274 106.38 70.96 18.16
C LEU C 274 105.95 72.29 18.75
N ALA C 275 105.70 72.32 20.06
CA ALA C 275 105.32 73.58 20.70
C ALA C 275 106.48 74.56 20.66
N ALA C 276 107.70 74.08 20.93
CA ALA C 276 108.89 74.94 20.89
C ALA C 276 109.05 75.70 19.57
N TYR C 277 109.11 74.99 18.44
CA TYR C 277 109.10 75.67 17.10
C TYR C 277 108.03 76.77 16.95
N SER C 278 106.79 76.41 17.32
CA SER C 278 105.63 77.29 17.15
C SER C 278 105.68 78.55 18.01
N LEU C 279 106.09 78.40 19.27
CA LEU C 279 106.45 79.54 20.14
C LEU C 279 107.48 80.44 19.47
N LYS C 280 108.39 79.82 18.74
CA LYS C 280 109.49 80.54 18.11
C LYS C 280 108.90 81.34 16.95
N ILE C 281 108.19 80.66 16.07
CA ILE C 281 107.60 81.33 14.95
C ILE C 281 106.61 82.42 15.35
N ALA C 282 105.76 82.14 16.35
CA ALA C 282 104.88 83.17 16.92
C ALA C 282 105.68 84.30 17.53
N GLY C 283 106.78 83.95 18.22
CA GLY C 283 107.62 84.93 18.91
C GLY C 283 108.12 85.95 17.92
N ALA C 284 108.57 85.45 16.77
CA ALA C 284 109.30 86.24 15.79
C ALA C 284 108.40 87.27 15.13
N THR C 285 107.10 87.03 15.15
CA THR C 285 106.19 87.90 14.44
C THR C 285 105.35 88.71 15.39
N ASN C 286 105.69 88.64 16.67
CA ASN C 286 104.90 89.23 17.75
C ASN C 286 103.38 89.03 17.57
N TYR C 287 102.98 87.76 17.63
CA TYR C 287 101.63 87.31 17.26
C TYR C 287 100.54 87.66 18.26
N ILE C 288 99.49 88.31 17.73
CA ILE C 288 98.30 88.72 18.49
C ILE C 288 97.06 87.99 17.93
N GLY C 289 96.25 87.42 18.81
CA GLY C 289 95.10 86.60 18.42
C GLY C 289 95.42 85.11 18.41
N ALA C 290 94.56 84.31 17.77
CA ALA C 290 94.76 82.89 17.56
C ALA C 290 95.41 82.55 16.20
N GLY C 291 96.45 81.73 16.22
CA GLY C 291 97.06 81.34 14.97
C GLY C 291 97.26 79.85 15.02
N THR C 292 97.49 79.26 13.85
CA THR C 292 97.94 77.86 13.78
C THR C 292 99.19 77.73 12.89
N VAL C 293 100.21 77.05 13.42
CA VAL C 293 101.42 76.76 12.64
C VAL C 293 101.29 75.29 12.16
N GLU C 294 101.21 75.12 10.84
CA GLU C 294 101.12 73.80 10.17
C GLU C 294 102.47 73.22 9.81
N TYR C 295 102.62 71.94 10.10
CA TYR C 295 103.82 71.19 9.74
C TYR C 295 103.49 69.90 8.99
N LEU C 296 104.40 69.52 8.10
CA LEU C 296 104.40 68.16 7.64
C LEU C 296 105.37 67.37 8.55
N MET C 297 104.95 66.18 8.97
CA MET C 297 105.83 65.20 9.62
C MET C 297 106.03 64.01 8.67
N ASP C 298 107.28 63.61 8.46
CA ASP C 298 107.60 62.42 7.66
C ASP C 298 107.26 61.16 8.48
N ALA C 299 106.53 60.20 7.90
CA ALA C 299 106.23 58.92 8.57
C ALA C 299 107.39 57.92 8.52
N ASP C 300 108.34 58.11 7.61
CA ASP C 300 109.56 57.30 7.62
C ASP C 300 110.49 57.63 8.81
N THR C 301 110.48 58.88 9.31
CA THR C 301 111.56 59.36 10.18
C THR C 301 111.15 60.13 11.45
N GLY C 302 109.97 60.74 11.50
CA GLY C 302 109.55 61.45 12.73
C GLY C 302 109.90 62.93 12.72
N LYS C 303 110.60 63.37 11.69
CA LYS C 303 111.02 64.78 11.57
C LYS C 303 109.82 65.68 11.20
N PHE C 304 109.94 66.96 11.52
CA PHE C 304 108.89 67.92 11.28
C PHE C 304 109.43 68.94 10.33
N TYR C 305 108.52 69.50 9.54
CA TYR C 305 108.89 70.55 8.61
C TYR C 305 107.75 71.53 8.56
N PHE C 306 108.06 72.77 8.91
CA PHE C 306 107.11 73.86 8.80
C PHE C 306 106.63 73.94 7.35
N ILE C 307 105.31 73.98 7.14
CA ILE C 307 104.81 74.38 5.81
C ILE C 307 104.15 75.76 5.71
N GLU C 308 103.49 76.21 6.78
CA GLU C 308 102.75 77.50 6.73
C GLU C 308 102.04 77.83 8.05
N VAL C 309 101.49 79.04 8.09
CA VAL C 309 100.67 79.47 9.22
C VAL C 309 99.38 80.10 8.76
N ASN C 310 98.32 79.79 9.51
CA ASN C 310 97.00 80.43 9.42
C ASN C 310 96.80 81.43 10.56
N PRO C 311 96.88 82.74 10.23
CA PRO C 311 96.71 83.85 11.16
C PRO C 311 95.24 84.20 11.40
N ARG C 312 94.50 83.18 11.84
CA ARG C 312 93.06 83.27 12.01
C ARG C 312 92.66 82.09 12.81
N ILE C 313 91.44 82.10 13.31
CA ILE C 313 90.88 80.89 13.86
C ILE C 313 90.71 79.89 12.71
N GLN C 314 90.79 78.61 13.02
CA GLN C 314 90.52 77.56 12.03
C GLN C 314 89.22 76.82 12.32
N VAL C 315 88.67 76.20 11.28
CA VAL C 315 87.40 75.47 11.41
C VAL C 315 87.44 74.33 12.45
N GLU C 316 88.65 73.81 12.72
CA GLU C 316 88.84 72.65 13.61
C GLU C 316 89.27 73.00 15.01
N HIS C 317 89.30 74.29 15.30
CA HIS C 317 89.61 74.77 16.65
C HIS C 317 88.84 73.97 17.72
N THR C 318 87.61 73.61 17.41
CA THR C 318 86.75 72.93 18.35
C THR C 318 87.36 71.73 19.08
N VAL C 319 88.07 70.84 18.36
CA VAL C 319 88.68 69.67 19.05
C VAL C 319 89.67 70.15 20.16
N THR C 320 90.33 71.27 19.91
CA THR C 320 91.34 71.75 20.84
C THR C 320 90.65 72.34 22.06
N GLU C 321 89.58 73.07 21.83
CA GLU C 321 88.76 73.56 22.94
C GLU C 321 88.23 72.43 23.86
N VAL C 322 87.82 71.29 23.29
CA VAL C 322 87.21 70.28 24.13
C VAL C 322 88.27 69.49 24.94
N VAL C 323 89.47 69.31 24.38
CA VAL C 323 90.55 68.64 25.15
C VAL C 323 91.26 69.59 26.12
N THR C 324 91.31 70.89 25.87
CA THR C 324 91.91 71.82 26.85
C THR C 324 90.91 72.49 27.82
N GLY C 325 89.65 72.59 27.43
CA GLY C 325 88.68 73.31 28.23
C GLY C 325 88.88 74.83 28.10
N ILE C 326 89.58 75.24 27.04
CA ILE C 326 89.83 76.68 26.78
C ILE C 326 88.99 77.27 25.64
N ASP C 327 88.38 78.43 25.89
CA ASP C 327 87.47 78.95 24.89
C ASP C 327 88.24 79.91 24.00
N ILE C 328 88.48 79.48 22.77
CA ILE C 328 89.38 80.21 21.88
C ILE C 328 88.82 81.53 21.37
N VAL C 329 87.53 81.51 20.99
CA VAL C 329 86.85 82.74 20.53
C VAL C 329 86.88 83.78 21.65
N LYS C 330 86.41 83.39 22.83
CA LYS C 330 86.42 84.28 23.99
C LYS C 330 87.84 84.86 24.24
N ALA C 331 88.84 83.98 24.13
CA ALA C 331 90.24 84.33 24.34
C ALA C 331 90.62 85.40 23.32
N GLN C 332 90.26 85.17 22.06
CA GLN C 332 90.48 86.14 21.05
C GLN C 332 89.86 87.47 21.45
N ILE C 333 88.62 87.45 21.95
CA ILE C 333 87.96 88.72 22.35
C ILE C 333 88.68 89.36 23.51
N HIS C 334 88.96 88.58 24.56
CA HIS C 334 89.69 89.13 25.71
C HIS C 334 91.06 89.70 25.40
N ILE C 335 91.79 89.01 24.52
CA ILE C 335 93.10 89.46 24.11
C ILE C 335 93.11 90.84 23.43
N LEU C 336 92.22 91.06 22.47
CA LEU C 336 92.21 92.37 21.81
C LEU C 336 91.46 93.42 22.57
N ASP C 337 90.83 93.03 23.67
CA ASP C 337 90.33 93.91 24.72
C ASP C 337 91.42 94.43 25.68
N GLY C 338 92.63 93.89 25.59
CA GLY C 338 93.76 94.28 26.46
C GLY C 338 94.16 93.37 27.63
N ALA C 339 93.45 92.25 27.78
CA ALA C 339 93.78 91.27 28.83
C ALA C 339 95.11 90.58 28.50
N ALA C 340 95.76 90.04 29.52
CA ALA C 340 97.00 89.26 29.39
C ALA C 340 96.78 87.77 29.69
N ILE C 341 97.31 86.92 28.81
CA ILE C 341 97.24 85.47 28.98
C ILE C 341 97.78 85.15 30.35
N GLY C 342 97.01 84.41 31.13
CA GLY C 342 97.45 84.01 32.46
C GLY C 342 96.67 84.61 33.59
N THR C 343 96.03 85.74 33.32
CA THR C 343 95.16 86.38 34.30
C THR C 343 93.76 85.92 33.97
N PRO C 344 92.85 85.89 34.99
CA PRO C 344 91.50 85.34 34.77
C PRO C 344 90.76 85.95 33.56
N GLN C 345 90.77 87.29 33.46
CA GLN C 345 90.03 88.01 32.42
C GLN C 345 90.57 87.86 31.00
N SER C 346 91.70 87.16 30.84
CA SER C 346 92.06 86.70 29.51
C SER C 346 91.29 85.44 29.10
N GLY C 347 90.75 84.69 30.05
CA GLY C 347 90.09 83.41 29.74
C GLY C 347 91.10 82.33 29.36
N VAL C 348 92.39 82.60 29.60
CA VAL C 348 93.46 81.65 29.26
C VAL C 348 94.35 81.40 30.49
N PRO C 349 94.59 80.12 30.85
CA PRO C 349 95.53 79.94 31.97
C PRO C 349 97.01 80.07 31.51
N ASN C 350 97.92 80.22 32.49
CA ASN C 350 99.39 80.16 32.25
C ASN C 350 99.83 78.87 31.54
N GLN C 351 100.88 78.94 30.70
CA GLN C 351 101.34 77.76 29.97
C GLN C 351 101.40 76.50 30.83
N GLU C 352 101.62 76.68 32.14
CA GLU C 352 101.82 75.59 33.09
C GLU C 352 100.52 74.88 33.40
N ASP C 353 99.40 75.50 33.08
CA ASP C 353 98.12 74.90 33.47
C ASP C 353 97.21 74.55 32.31
N ILE C 354 97.77 74.69 31.11
CA ILE C 354 97.17 74.26 29.87
C ILE C 354 97.43 72.74 29.76
N ARG C 355 96.56 71.93 30.36
CA ARG C 355 96.66 70.45 30.34
C ARG C 355 95.74 69.75 29.29
N LEU C 356 96.29 68.74 28.60
CA LEU C 356 95.50 67.86 27.71
C LEU C 356 94.61 66.95 28.54
N ASN C 357 93.44 66.65 28.00
CA ASN C 357 92.46 65.85 28.72
C ASN C 357 91.56 65.07 27.77
N GLY C 358 91.96 63.83 27.54
CA GLY C 358 91.27 62.93 26.68
C GLY C 358 91.48 63.33 25.24
N HIS C 359 90.57 62.87 24.40
CA HIS C 359 90.82 62.85 22.99
C HIS C 359 89.60 63.31 22.29
N ALA C 360 89.76 64.02 21.18
CA ALA C 360 88.58 64.47 20.42
C ALA C 360 88.75 64.36 18.91
N LEU C 361 87.64 64.21 18.18
CA LEU C 361 87.70 64.34 16.72
C LEU C 361 86.54 65.12 16.14
N GLN C 362 86.67 65.52 14.87
CA GLN C 362 85.66 66.38 14.26
C GLN C 362 85.38 65.91 12.88
N CYS C 363 84.10 65.76 12.58
CA CYS C 363 83.65 65.45 11.22
C CYS C 363 82.66 66.52 10.78
N ARG C 364 82.73 66.93 9.53
CA ARG C 364 81.77 67.90 9.06
C ARG C 364 80.81 67.22 8.14
N VAL C 365 79.52 67.39 8.45
CA VAL C 365 78.44 66.80 7.68
C VAL C 365 78.11 67.82 6.61
N THR C 366 78.09 67.32 5.37
CA THR C 366 77.92 68.20 4.22
C THR C 366 76.97 67.51 3.28
N THR C 367 76.63 68.23 2.22
CA THR C 367 75.72 67.75 1.19
C THR C 367 76.47 67.22 -0.04
N GLU C 368 77.73 66.87 0.15
CA GLU C 368 78.51 66.22 -0.89
C GLU C 368 78.06 64.77 -1.05
N ASP C 369 77.47 64.48 -2.19
CA ASP C 369 76.89 63.17 -2.39
C ASP C 369 77.98 62.15 -2.74
N PRO C 370 78.14 61.12 -1.91
CA PRO C 370 79.03 60.03 -2.33
C PRO C 370 78.52 59.33 -3.63
N GLU C 371 77.20 59.15 -3.78
CA GLU C 371 76.59 58.59 -5.00
C GLU C 371 76.64 59.42 -6.33
N HIS C 372 76.73 60.74 -6.26
CA HIS C 372 76.85 61.55 -7.48
C HIS C 372 78.18 62.28 -7.55
N ASN C 373 79.25 61.51 -7.40
CA ASN C 373 80.65 62.00 -7.53
C ASN C 373 81.05 63.18 -6.61
N PHE C 374 80.49 63.23 -5.40
CA PHE C 374 80.74 64.27 -4.35
C PHE C 374 80.28 65.71 -4.70
N ILE C 375 79.42 65.83 -5.72
CA ILE C 375 78.95 67.15 -6.06
C ILE C 375 77.92 67.48 -4.97
N PRO C 376 78.02 68.69 -4.41
CA PRO C 376 77.18 69.17 -3.32
C PRO C 376 75.76 69.12 -3.79
N ASP C 377 74.90 68.51 -2.99
CA ASP C 377 73.48 68.52 -3.31
C ASP C 377 72.79 69.83 -2.83
N TYR C 378 71.53 70.01 -3.19
CA TYR C 378 70.81 71.25 -2.86
C TYR C 378 69.28 71.02 -2.70
N GLY C 379 68.60 71.97 -2.07
CA GLY C 379 67.16 71.90 -1.93
C GLY C 379 66.63 72.05 -0.52
N ARG C 380 65.44 71.47 -0.29
CA ARG C 380 64.78 71.64 0.98
C ARG C 380 65.03 70.44 1.85
N ILE C 381 65.52 70.72 3.04
CA ILE C 381 65.67 69.71 4.07
C ILE C 381 64.27 69.38 4.56
N THR C 382 63.79 68.18 4.22
CA THR C 382 62.43 67.78 4.62
C THR C 382 62.31 67.15 6.04
N ALA C 383 63.42 66.63 6.60
CA ALA C 383 63.54 66.22 7.98
C ALA C 383 64.99 66.39 8.48
N TYR C 384 65.18 66.83 9.72
CA TYR C 384 66.54 67.05 10.30
C TYR C 384 66.64 66.78 11.79
N ARG C 385 67.19 65.63 12.17
CA ARG C 385 67.47 65.38 13.57
C ARG C 385 68.94 65.01 13.79
N SER C 386 69.53 65.65 14.78
CA SER C 386 70.92 65.46 15.06
C SER C 386 71.05 64.76 16.41
N ALA C 387 72.27 64.37 16.77
CA ALA C 387 72.42 63.49 17.92
C ALA C 387 73.33 64.18 18.84
N SER C 388 72.99 64.17 20.13
CA SER C 388 73.88 64.71 21.13
C SER C 388 74.29 63.65 22.15
N GLY C 389 74.26 64.00 23.42
CA GLY C 389 74.67 63.07 24.46
C GLY C 389 76.03 63.40 25.04
N PHE C 390 76.49 62.55 25.94
CA PHE C 390 77.71 62.77 26.65
C PHE C 390 78.78 62.76 25.63
N GLY C 391 79.57 63.83 25.62
CA GLY C 391 80.81 63.87 24.85
C GLY C 391 80.60 64.16 23.39
N ILE C 392 79.38 64.59 23.04
CA ILE C 392 79.17 65.20 21.75
C ILE C 392 79.00 66.72 21.83
N ARG C 393 79.71 67.42 20.95
CA ARG C 393 79.53 68.83 20.75
C ARG C 393 79.11 69.07 19.28
N LEU C 394 78.14 70.00 19.09
CA LEU C 394 77.69 70.43 17.78
C LEU C 394 77.92 71.91 17.51
N ASP C 395 78.43 72.21 16.32
CA ASP C 395 78.62 73.60 15.89
C ASP C 395 77.95 73.65 14.53
N GLY C 396 76.72 74.10 14.51
CA GLY C 396 75.91 73.94 13.34
C GLY C 396 75.18 75.22 13.23
N GLY C 397 73.85 75.16 13.37
CA GLY C 397 72.98 76.36 13.54
C GLY C 397 72.17 76.69 12.29
N THR C 398 72.71 76.25 11.12
CA THR C 398 72.22 76.59 9.76
C THR C 398 71.27 75.56 9.10
N SER C 399 71.31 74.31 9.61
CA SER C 399 70.38 73.24 9.23
C SER C 399 69.26 73.13 10.24
N TYR C 400 68.10 72.83 9.72
CA TYR C 400 66.90 72.54 10.49
C TYR C 400 65.91 71.97 9.49
N SER C 401 64.92 71.21 9.97
CA SER C 401 63.85 70.77 9.07
C SER C 401 63.33 71.98 8.36
N GLY C 402 63.29 71.91 7.06
CA GLY C 402 62.74 73.00 6.30
C GLY C 402 63.79 73.80 5.54
N ALA C 403 64.93 74.08 6.15
CA ALA C 403 65.93 74.96 5.53
C ALA C 403 66.09 74.73 4.02
N ILE C 404 66.32 75.80 3.26
CA ILE C 404 66.67 75.63 1.85
C ILE C 404 68.16 75.78 1.70
N ILE C 405 68.79 74.72 1.21
CA ILE C 405 70.23 74.76 0.95
C ILE C 405 70.49 75.21 -0.49
N THR C 406 71.16 76.36 -0.63
CA THR C 406 71.49 76.94 -1.94
C THR C 406 72.78 76.38 -2.53
N ARG C 407 72.94 76.53 -3.83
CA ARG C 407 74.20 76.16 -4.50
C ARG C 407 75.39 77.12 -4.26
N TYR C 408 75.18 78.29 -3.64
CA TYR C 408 76.19 79.40 -3.65
C TYR C 408 77.45 79.28 -2.81
N TYR C 409 77.35 78.67 -1.64
CA TYR C 409 78.46 78.64 -0.70
C TYR C 409 79.02 77.23 -0.51
N ASP C 410 79.75 77.01 0.56
CA ASP C 410 80.24 75.65 0.89
C ASP C 410 79.05 74.73 1.29
N PRO C 411 79.23 73.40 1.22
CA PRO C 411 78.10 72.50 1.48
C PRO C 411 77.92 72.08 2.95
N LEU C 412 78.47 72.86 3.88
CA LEU C 412 78.43 72.45 5.27
C LEU C 412 77.06 72.52 5.89
N LEU C 413 76.70 71.45 6.60
CA LEU C 413 75.47 71.41 7.38
C LEU C 413 75.72 71.60 8.86
N VAL C 414 76.69 70.86 9.39
CA VAL C 414 76.94 70.90 10.83
C VAL C 414 78.27 70.27 11.14
N LYS C 415 78.86 70.72 12.25
CA LYS C 415 80.14 70.15 12.76
C LYS C 415 79.92 69.37 14.02
N VAL C 416 80.42 68.15 13.97
CA VAL C 416 80.24 67.20 15.02
C VAL C 416 81.58 66.89 15.59
N THR C 417 81.74 67.16 16.87
CA THR C 417 82.97 66.86 17.57
C THR C 417 82.60 65.81 18.59
N ALA C 418 83.37 64.71 18.67
CA ALA C 418 83.19 63.79 19.77
C ALA C 418 84.44 63.68 20.61
N TRP C 419 84.22 63.59 21.92
CA TRP C 419 85.25 63.54 22.91
C TRP C 419 85.08 62.29 23.73
N ALA C 420 86.22 61.74 24.16
CA ALA C 420 86.26 60.63 25.11
C ALA C 420 87.67 60.62 25.77
N PRO C 421 87.81 59.94 26.93
CA PRO C 421 89.07 59.82 27.70
C PRO C 421 90.19 59.11 26.96
N ASN C 422 89.83 58.26 25.99
CA ASN C 422 90.85 57.66 25.16
C ASN C 422 90.36 57.73 23.73
N PRO C 423 91.27 57.59 22.76
CA PRO C 423 90.97 57.81 21.32
C PRO C 423 89.98 56.84 20.63
N LEU C 424 90.08 55.53 20.87
CA LEU C 424 89.13 54.56 20.32
C LEU C 424 87.69 54.71 20.89
N GLU C 425 87.54 55.12 22.15
CA GLU C 425 86.21 55.34 22.64
C GLU C 425 85.67 56.58 21.81
N ALA C 426 86.51 57.58 21.60
CA ALA C 426 86.09 58.82 20.95
C ALA C 426 85.47 58.51 19.56
N ILE C 427 86.22 57.77 18.75
CA ILE C 427 85.77 57.27 17.47
C ILE C 427 84.43 56.56 17.58
N SER C 428 84.28 55.64 18.54
CA SER C 428 83.03 54.88 18.49
C SER C 428 81.86 55.78 18.89
N ARG C 429 82.21 56.89 19.54
CA ARG C 429 81.25 57.90 19.94
C ARG C 429 80.87 58.73 18.70
N MET C 430 81.88 59.05 17.89
CA MET C 430 81.66 59.71 16.62
C MET C 430 80.78 58.83 15.72
N ASP C 431 81.18 57.57 15.60
CA ASP C 431 80.39 56.61 14.86
C ASP C 431 78.93 56.51 15.33
N ARG C 432 78.70 56.35 16.62
CA ARG C 432 77.31 56.40 17.15
C ARG C 432 76.58 57.76 16.83
N ALA C 433 77.28 58.89 17.00
CA ALA C 433 76.59 60.12 16.67
C ALA C 433 76.21 60.20 15.18
N LEU C 434 77.18 59.95 14.28
CA LEU C 434 76.93 60.03 12.85
C LEU C 434 75.78 59.11 12.39
N ARG C 435 75.74 57.87 12.87
CA ARG C 435 74.66 56.94 12.49
C ARG C 435 73.31 57.32 13.07
N GLU C 436 73.28 58.20 14.05
CA GLU C 436 72.02 58.52 14.70
C GLU C 436 71.43 59.72 13.98
N PHE C 437 72.27 60.53 13.34
CA PHE C 437 71.76 61.67 12.59
C PHE C 437 70.73 61.15 11.63
N ARG C 438 69.72 61.98 11.35
CA ARG C 438 68.68 61.68 10.37
C ARG C 438 68.42 62.94 9.53
N ILE C 439 68.83 62.90 8.25
CA ILE C 439 68.68 64.03 7.34
C ILE C 439 68.02 63.60 6.03
N ARG C 440 66.87 64.23 5.73
CA ARG C 440 66.09 63.96 4.50
C ARG C 440 65.84 65.20 3.61
N GLY C 441 65.76 64.95 2.31
CA GLY C 441 65.59 66.01 1.31
C GLY C 441 66.81 66.28 0.45
N VAL C 442 67.97 66.38 1.07
CA VAL C 442 69.24 66.41 0.35
C VAL C 442 70.08 65.21 0.76
N ALA C 443 71.01 64.82 -0.13
CA ALA C 443 71.95 63.73 0.14
C ALA C 443 73.07 64.27 1.07
N THR C 444 73.84 63.38 1.69
CA THR C 444 74.94 63.83 2.58
C THR C 444 76.09 62.87 2.44
N ASN C 445 77.21 63.31 3.00
CA ASN C 445 78.40 62.52 3.07
C ASN C 445 78.45 61.61 4.32
N LEU C 446 77.34 61.47 5.04
CA LEU C 446 77.39 60.62 6.24
C LEU C 446 77.95 59.17 6.02
N THR C 447 77.51 58.46 4.99
CA THR C 447 78.04 57.10 4.86
C THR C 447 79.56 57.16 4.59
N PHE C 448 80.03 58.25 3.99
CA PHE C 448 81.46 58.47 3.73
C PHE C 448 82.31 58.80 4.98
N LEU C 449 81.77 59.65 5.86
CA LEU C 449 82.30 59.85 7.20
C LEU C 449 82.33 58.52 7.97
N GLU C 450 81.29 57.71 7.86
CA GLU C 450 81.22 56.49 8.66
C GLU C 450 82.32 55.51 8.22
N ALA C 451 82.61 55.55 6.92
CA ALA C 451 83.65 54.72 6.31
C ALA C 451 85.07 55.13 6.65
N ILE C 452 85.33 56.43 6.72
CA ILE C 452 86.62 56.87 7.21
C ILE C 452 86.89 56.40 8.64
N ILE C 453 85.98 56.62 9.57
CA ILE C 453 86.29 56.44 10.99
C ILE C 453 86.20 55.01 11.52
N GLY C 454 85.68 54.10 10.71
CA GLY C 454 85.69 52.67 11.03
C GLY C 454 86.69 51.93 10.17
N HIS C 455 87.52 52.63 9.40
CA HIS C 455 88.55 51.95 8.60
C HIS C 455 89.71 51.60 9.49
N PRO C 456 90.30 50.38 9.31
CA PRO C 456 91.39 49.95 10.22
C PRO C 456 92.58 50.88 10.26
N LYS C 457 92.88 51.56 9.16
CA LYS C 457 94.04 52.43 9.15
C LYS C 457 93.78 53.66 9.98
N PHE C 458 92.51 54.02 10.18
CA PHE C 458 92.14 55.16 11.01
C PHE C 458 92.28 54.88 12.49
N ARG C 459 91.66 53.79 12.91
CA ARG C 459 91.67 53.40 14.30
C ARG C 459 93.12 53.20 14.84
N ASP C 460 94.05 52.77 13.99
CA ASP C 460 95.46 52.56 14.45
C ASP C 460 96.50 53.58 13.98
N ASN C 461 96.05 54.74 13.51
CA ASN C 461 96.96 55.88 13.26
C ASN C 461 98.11 55.62 12.29
N SER C 462 97.90 54.77 11.28
CA SER C 462 98.93 54.42 10.31
C SER C 462 98.67 55.00 8.90
N TYR C 463 97.60 55.77 8.80
CA TYR C 463 97.28 56.57 7.63
C TYR C 463 98.20 57.78 7.47
N THR C 464 98.21 58.28 6.24
CA THR C 464 98.94 59.46 5.78
C THR C 464 97.91 60.34 5.08
N THR C 465 98.35 61.51 4.61
CA THR C 465 97.54 62.42 3.79
C THR C 465 96.92 61.82 2.54
N ARG C 466 97.65 60.90 1.90
CA ARG C 466 97.14 60.15 0.75
C ARG C 466 96.20 58.99 1.15
N PHE C 467 95.95 58.89 2.46
CA PHE C 467 95.08 57.84 2.92
C PHE C 467 93.86 57.73 2.02
N ILE C 468 93.08 58.80 1.93
CA ILE C 468 91.83 58.67 1.21
C ILE C 468 91.93 58.67 -0.35
N ASP C 469 92.84 59.46 -0.94
CA ASP C 469 92.96 59.53 -2.41
C ASP C 469 93.38 58.16 -2.97
N THR C 470 93.59 57.25 -2.05
CA THR C 470 94.38 56.07 -2.24
C THR C 470 93.61 54.82 -1.80
N THR C 471 92.48 55.02 -1.10
CA THR C 471 91.65 53.94 -0.53
C THR C 471 90.28 53.87 -1.25
N PRO C 472 90.17 52.94 -2.22
CA PRO C 472 88.96 52.86 -3.06
C PRO C 472 87.69 52.55 -2.21
N GLU C 473 87.68 51.38 -1.56
CA GLU C 473 86.64 50.94 -0.63
C GLU C 473 85.80 52.07 0.02
N LEU C 474 86.47 53.08 0.59
CA LEU C 474 85.82 54.25 1.24
C LEU C 474 84.68 54.93 0.48
N PHE C 475 84.53 54.62 -0.80
CA PHE C 475 83.56 55.31 -1.62
C PHE C 475 82.28 54.52 -1.98
N GLN C 476 82.43 53.27 -2.41
CA GLN C 476 81.26 52.54 -2.86
C GLN C 476 80.65 51.72 -1.71
N GLN C 477 79.34 51.87 -1.47
CA GLN C 477 78.42 52.81 -2.13
C GLN C 477 77.51 53.51 -1.09
N VAL C 478 76.50 52.85 -0.49
CA VAL C 478 75.84 51.59 -0.89
C VAL C 478 74.32 51.74 -0.65
N LYS C 479 73.52 51.52 -1.71
CA LYS C 479 72.06 51.81 -1.79
C LYS C 479 71.19 51.79 -0.51
N ARG C 480 70.56 52.92 -0.21
CA ARG C 480 69.42 52.94 0.72
C ARG C 480 68.23 52.57 -0.15
N GLN C 481 67.47 51.54 0.22
CA GLN C 481 66.37 51.08 -0.62
C GLN C 481 64.98 51.35 -0.02
N ASP C 482 64.79 52.58 0.50
CA ASP C 482 63.54 53.13 1.04
C ASP C 482 62.34 52.15 1.00
N ARG C 483 62.40 51.12 1.82
CA ARG C 483 61.36 50.10 1.81
C ARG C 483 60.02 50.69 2.30
N ALA C 484 60.11 51.64 3.21
CA ALA C 484 58.92 52.30 3.69
C ALA C 484 58.22 53.10 2.56
N THR C 485 59.01 53.82 1.73
CA THR C 485 58.44 54.54 0.60
C THR C 485 57.71 53.61 -0.38
N LYS C 486 58.39 52.54 -0.77
CA LYS C 486 57.82 51.58 -1.68
C LYS C 486 56.51 51.02 -1.14
N LEU C 487 56.51 50.68 0.16
CA LEU C 487 55.32 50.17 0.85
C LEU C 487 54.16 51.15 0.82
N LEU C 488 54.45 52.44 1.07
CA LEU C 488 53.44 53.52 0.84
C LEU C 488 52.94 53.59 -0.60
N THR C 489 53.86 53.35 -1.52
CA THR C 489 53.49 53.36 -2.93
C THR C 489 52.46 52.26 -3.25
N TYR C 490 52.68 51.07 -2.72
CA TYR C 490 51.76 49.97 -2.94
C TYR C 490 50.41 50.28 -2.29
N LEU C 491 50.47 50.75 -1.04
CA LEU C 491 49.22 51.03 -0.31
C LEU C 491 48.36 52.02 -1.04
N ALA C 492 48.98 53.11 -1.52
CA ALA C 492 48.28 54.14 -2.29
C ALA C 492 47.73 53.50 -3.52
N ASP C 493 48.57 52.72 -4.20
CA ASP C 493 48.13 52.14 -5.46
C ASP C 493 46.92 51.23 -5.25
N VAL C 494 47.00 50.34 -4.27
CA VAL C 494 45.85 49.46 -4.05
C VAL C 494 44.67 50.26 -3.46
N THR C 495 44.95 51.35 -2.76
CA THR C 495 43.83 52.05 -2.17
C THR C 495 43.05 52.72 -3.26
N VAL C 496 43.76 53.27 -4.26
CA VAL C 496 43.14 54.01 -5.35
C VAL C 496 42.56 53.08 -6.39
N ASN C 497 43.22 51.98 -6.65
CA ASN C 497 42.88 51.18 -7.81
C ASN C 497 42.38 49.79 -7.56
N GLY C 498 42.38 49.32 -6.30
CA GLY C 498 42.00 47.92 -6.01
C GLY C 498 43.08 46.92 -6.44
N HIS C 499 42.95 45.69 -5.96
CA HIS C 499 43.84 44.63 -6.29
C HIS C 499 43.12 43.83 -7.29
N PRO C 500 43.78 43.45 -8.41
CA PRO C 500 43.11 42.72 -9.51
C PRO C 500 42.44 41.44 -9.02
N GLU C 501 43.04 40.78 -8.02
CA GLU C 501 42.47 39.50 -7.49
C GLU C 501 41.31 39.69 -6.54
N ALA C 502 41.07 40.91 -6.13
CA ALA C 502 40.01 41.15 -5.20
C ALA C 502 38.87 41.84 -5.87
N LYS C 503 39.14 42.53 -6.99
CA LYS C 503 38.32 43.72 -7.29
C LYS C 503 36.85 43.43 -7.56
N ASP C 504 36.57 42.32 -8.24
CA ASP C 504 35.19 42.06 -8.57
C ASP C 504 34.60 40.88 -7.84
N ARG C 505 35.14 40.58 -6.66
CA ARG C 505 34.75 39.37 -5.93
C ARG C 505 34.14 39.77 -4.56
N PRO C 506 33.48 38.85 -3.86
CA PRO C 506 32.93 39.25 -2.53
C PRO C 506 33.99 39.84 -1.62
N LYS C 507 33.55 40.71 -0.70
CA LYS C 507 34.39 41.44 0.23
C LYS C 507 34.10 40.82 1.60
N PRO C 508 35.10 40.79 2.52
CA PRO C 508 34.78 40.39 3.89
C PRO C 508 33.83 41.41 4.54
N LEU C 509 33.05 40.97 5.54
CA LEU C 509 32.34 41.89 6.46
C LEU C 509 33.28 42.95 6.95
N GLU C 510 32.83 44.20 6.89
CA GLU C 510 33.74 45.36 7.07
C GLU C 510 33.59 46.07 8.41
N ALA C 513 36.89 42.00 12.18
CA ALA C 513 37.28 41.21 13.36
C ALA C 513 38.66 40.54 13.17
N ARG C 514 39.76 41.23 13.48
CA ARG C 514 41.11 40.82 13.10
C ARG C 514 41.66 39.56 13.85
N PRO C 515 42.47 38.73 13.16
CA PRO C 515 42.96 37.49 13.74
C PRO C 515 43.96 37.81 14.86
N VAL C 516 43.83 37.13 16.01
CA VAL C 516 44.69 37.36 17.17
C VAL C 516 45.50 36.10 17.40
N VAL C 517 46.79 36.24 17.63
CA VAL C 517 47.68 35.12 17.80
C VAL C 517 47.63 34.77 19.26
N PRO C 518 47.21 33.51 19.56
CA PRO C 518 47.13 32.99 20.95
C PRO C 518 48.52 33.09 21.64
N TYR C 519 48.60 33.62 22.84
CA TYR C 519 49.87 33.66 23.57
C TYR C 519 50.20 32.28 24.17
N ASN C 523 58.68 29.53 28.84
CA ASN C 523 59.60 28.47 28.45
C ASN C 523 60.24 28.64 27.04
N GLY C 524 61.20 27.78 26.72
CA GLY C 524 61.62 27.55 25.32
C GLY C 524 60.73 26.43 24.73
N VAL C 525 61.15 25.84 23.63
CA VAL C 525 60.30 24.81 22.97
C VAL C 525 60.77 23.34 23.14
N LYS C 526 59.86 22.39 23.36
CA LYS C 526 60.23 20.96 23.39
C LYS C 526 60.77 20.49 22.04
N ASP C 527 61.85 19.72 22.10
CA ASP C 527 62.43 18.98 20.98
C ASP C 527 61.30 18.13 20.37
N GLY C 528 61.20 18.09 19.04
CA GLY C 528 60.19 17.24 18.41
C GLY C 528 60.81 16.46 17.27
N THR C 529 60.01 16.16 16.26
CA THR C 529 60.41 15.29 15.18
C THR C 529 61.57 15.84 14.34
N LYS C 530 61.70 17.17 14.34
CA LYS C 530 62.84 17.77 13.68
C LYS C 530 64.17 17.31 14.35
N GLN C 531 64.26 17.50 15.67
CA GLN C 531 65.46 17.10 16.40
C GLN C 531 65.68 15.57 16.20
N LEU C 532 64.59 14.83 15.98
CA LEU C 532 64.64 13.44 16.01
C LEU C 532 65.16 13.03 14.61
N LEU C 533 64.70 13.70 13.59
CA LEU C 533 65.29 13.44 12.26
C LEU C 533 66.80 13.82 12.20
N ASP C 534 67.21 14.92 12.79
CA ASP C 534 68.60 15.33 12.77
C ASP C 534 69.45 14.28 13.43
N THR C 535 68.99 13.69 14.53
CA THR C 535 69.77 12.65 15.15
C THR C 535 69.71 11.32 14.38
N LEU C 536 68.56 10.85 13.89
CA LEU C 536 68.51 9.45 13.40
C LEU C 536 68.87 9.32 11.89
N GLY C 537 68.72 10.38 11.13
CA GLY C 537 68.77 10.26 9.71
C GLY C 537 67.43 9.69 9.19
N PRO C 538 67.20 9.87 7.90
CA PRO C 538 65.83 9.57 7.39
C PRO C 538 65.45 8.11 7.41
N LYS C 539 66.35 7.19 7.08
CA LYS C 539 65.92 5.82 7.03
C LYS C 539 65.41 5.35 8.41
N LYS C 540 66.22 5.64 9.45
CA LYS C 540 65.94 5.27 10.83
C LYS C 540 64.81 6.07 11.45
N PHE C 541 64.61 7.29 10.94
CA PHE C 541 63.46 8.06 11.34
C PHE C 541 62.18 7.38 10.86
N GLY C 542 62.21 6.97 9.60
CA GLY C 542 61.05 6.27 9.07
C GLY C 542 60.82 5.02 9.94
N GLU C 543 61.86 4.35 10.43
CA GLU C 543 61.65 3.12 11.20
C GLU C 543 61.07 3.50 12.57
N TRP C 544 61.51 4.62 13.11
CA TRP C 544 60.94 5.14 14.39
C TRP C 544 59.42 5.35 14.23
N MET C 545 58.97 6.01 13.14
CA MET C 545 57.59 6.19 12.78
C MET C 545 56.83 4.84 12.78
N ARG C 546 57.39 3.80 12.12
CA ARG C 546 56.79 2.51 11.98
C ARG C 546 56.67 1.97 13.38
N ASN C 547 57.65 2.23 14.26
CA ASN C 547 57.65 1.62 15.59
C ASN C 547 56.69 2.38 16.59
N GLU C 548 56.35 3.66 16.42
CA GLU C 548 55.38 4.27 17.33
C GLU C 548 54.06 3.59 17.46
N LYS C 549 53.59 3.50 18.69
CA LYS C 549 52.26 3.01 19.05
C LYS C 549 51.23 4.05 18.64
N ARG C 550 51.45 5.31 19.05
CA ARG C 550 50.47 6.36 18.89
C ARG C 550 50.39 6.68 17.41
N VAL C 551 49.21 7.05 16.85
CA VAL C 551 49.14 7.50 15.46
C VAL C 551 49.81 8.89 15.38
N LEU C 552 50.51 9.14 14.29
CA LEU C 552 51.21 10.46 14.13
C LEU C 552 50.41 11.38 13.22
N LEU C 553 50.44 12.70 13.44
CA LEU C 553 49.62 13.63 12.74
C LEU C 553 50.37 14.70 11.95
N THR C 554 49.98 14.88 10.71
CA THR C 554 50.43 15.94 9.92
C THR C 554 49.26 16.95 9.74
N ASP C 555 49.50 18.23 10.04
CA ASP C 555 48.50 19.30 9.90
C ASP C 555 48.77 19.87 8.50
N THR C 556 47.78 19.89 7.63
CA THR C 556 47.93 20.47 6.29
C THR C 556 47.29 21.89 6.14
N THR C 557 46.92 22.54 7.24
CA THR C 557 46.35 23.87 7.13
C THR C 557 47.12 24.90 6.28
N MET C 558 48.42 25.01 6.48
CA MET C 558 49.25 25.96 5.78
C MET C 558 49.53 25.61 4.27
N ARG C 559 49.00 24.47 3.76
CA ARG C 559 49.17 24.17 2.29
C ARG C 559 47.89 23.63 1.62
N ASP C 560 47.59 22.35 1.82
CA ASP C 560 46.46 21.73 1.17
C ASP C 560 45.11 22.27 1.65
N GLY C 561 45.03 22.69 2.91
CA GLY C 561 43.79 23.28 3.38
C GLY C 561 43.35 24.55 2.62
N HIS C 562 44.21 25.58 2.45
CA HIS C 562 43.78 26.74 1.63
C HIS C 562 43.94 26.47 0.12
N GLN C 563 44.75 25.47 -0.24
CA GLN C 563 44.84 25.15 -1.66
C GLN C 563 43.46 24.64 -2.05
N SER C 564 42.83 23.84 -1.17
CA SER C 564 41.63 23.16 -1.58
C SER C 564 40.46 24.14 -1.43
N LEU C 565 40.54 25.12 -0.50
CA LEU C 565 39.33 25.86 -0.14
C LEU C 565 39.36 27.29 -0.62
N LEU C 566 40.57 27.87 -0.81
CA LEU C 566 40.71 29.30 -1.10
C LEU C 566 41.70 29.54 -2.26
N ALA C 567 41.75 28.61 -3.24
CA ALA C 567 42.61 28.77 -4.47
C ALA C 567 44.02 29.11 -4.04
N THR C 568 44.43 28.63 -2.86
CA THR C 568 45.82 28.73 -2.43
C THR C 568 46.23 30.19 -2.21
N ARG C 569 45.28 31.03 -1.79
CA ARG C 569 45.56 32.49 -1.71
C ARG C 569 46.03 32.92 -0.31
N MET C 570 46.25 31.97 0.60
CA MET C 570 46.66 32.32 1.97
C MET C 570 48.07 32.93 2.00
N ARG C 571 48.30 33.97 2.78
CA ARG C 571 49.51 34.81 2.67
C ARG C 571 50.48 34.47 3.78
N THR C 572 51.76 34.60 3.46
CA THR C 572 52.82 34.51 4.44
C THR C 572 52.45 35.09 5.82
N TYR C 573 51.82 36.27 5.83
CA TYR C 573 51.56 37.04 7.06
C TYR C 573 50.73 36.19 8.01
N ASP C 574 49.65 35.61 7.49
CA ASP C 574 48.80 34.82 8.28
C ASP C 574 49.44 33.49 8.70
N ILE C 575 50.30 32.97 7.84
CA ILE C 575 50.78 31.61 8.02
C ILE C 575 51.99 31.64 8.96
N ALA C 576 52.87 32.61 8.79
CA ALA C 576 54.04 32.73 9.63
C ALA C 576 53.72 33.17 11.04
N ARG C 577 52.75 34.04 11.21
CA ARG C 577 52.41 34.45 12.59
C ARG C 577 51.98 33.33 13.54
N ILE C 578 51.57 32.18 13.03
CA ILE C 578 51.00 31.17 13.89
C ILE C 578 52.03 30.03 14.04
N ALA C 579 53.10 30.03 13.25
CA ALA C 579 54.07 28.92 13.39
C ALA C 579 54.59 28.73 14.84
N GLY C 580 54.90 29.82 15.52
CA GLY C 580 55.49 29.79 16.86
C GLY C 580 54.49 29.15 17.82
N THR C 581 53.17 29.33 17.60
CA THR C 581 52.16 28.75 18.49
C THR C 581 51.99 27.24 18.35
N TYR C 582 51.94 26.74 17.11
CA TYR C 582 52.06 25.25 16.82
C TYR C 582 53.27 24.65 17.53
N SER C 583 54.37 25.37 17.42
CA SER C 583 55.60 24.93 17.99
C SER C 583 55.57 24.78 19.49
N HIS C 584 54.99 25.73 20.24
CA HIS C 584 54.88 25.60 21.73
C HIS C 584 53.76 24.71 22.13
N ALA C 585 52.61 24.81 21.44
CA ALA C 585 51.36 24.20 21.82
C ALA C 585 51.13 22.76 21.32
N LEU C 586 51.65 22.44 20.15
CA LEU C 586 51.46 21.06 19.67
C LEU C 586 52.79 20.48 19.29
N PRO C 587 53.72 20.35 20.23
CA PRO C 587 55.08 20.02 19.72
C PRO C 587 55.15 18.52 19.42
N ASN C 588 54.04 17.80 19.60
CA ASN C 588 54.06 16.36 19.25
C ASN C 588 53.57 15.99 17.78
N LEU C 589 53.24 17.01 16.98
CA LEU C 589 52.85 16.77 15.58
C LEU C 589 54.02 16.17 14.84
N LEU C 590 53.70 15.34 13.87
CA LEU C 590 54.68 14.76 12.94
C LEU C 590 55.26 15.88 12.11
N SER C 591 54.41 16.64 11.42
CA SER C 591 54.91 17.70 10.56
C SER C 591 53.84 18.76 10.26
N LEU C 592 54.28 19.84 9.66
CA LEU C 592 53.45 20.79 9.08
C LEU C 592 53.63 20.62 7.55
N GLU C 593 52.52 20.37 6.82
CA GLU C 593 52.61 20.39 5.34
C GLU C 593 52.44 21.86 5.01
N CYS C 594 53.44 22.50 4.42
CA CYS C 594 53.39 23.95 4.34
C CYS C 594 54.05 24.56 3.13
N TRP C 595 54.29 23.74 2.10
CA TRP C 595 55.01 24.23 0.95
C TRP C 595 54.81 23.32 -0.22
N GLY C 596 55.16 23.81 -1.40
CA GLY C 596 54.92 23.03 -2.61
C GLY C 596 53.45 23.04 -3.02
N GLY C 597 53.00 22.05 -3.81
CA GLY C 597 51.72 22.13 -4.50
C GLY C 597 51.68 23.48 -5.19
N ALA C 598 50.51 24.14 -5.19
CA ALA C 598 50.41 25.33 -6.02
C ALA C 598 50.98 26.54 -5.32
N THR C 599 51.42 26.41 -4.05
CA THR C 599 51.82 27.59 -3.27
C THR C 599 53.03 28.29 -3.87
N PHE C 600 53.81 27.53 -4.62
CA PHE C 600 55.07 28.08 -5.14
C PHE C 600 54.82 29.16 -6.19
N ASP C 601 54.04 28.89 -7.23
CA ASP C 601 53.83 30.02 -8.13
C ASP C 601 52.73 31.01 -7.75
N VAL C 602 51.65 30.49 -7.16
CA VAL C 602 50.58 31.33 -6.59
C VAL C 602 51.09 32.48 -5.70
N SER C 603 52.03 32.16 -4.79
CA SER C 603 52.61 33.17 -3.93
C SER C 603 53.24 34.31 -4.72
N MET C 604 54.05 33.98 -5.71
CA MET C 604 54.66 35.02 -6.55
C MET C 604 53.65 35.66 -7.51
N ARG C 605 52.92 34.84 -8.26
CA ARG C 605 51.98 35.38 -9.32
C ARG C 605 50.85 36.22 -8.73
N PHE C 606 50.18 35.74 -7.68
CA PHE C 606 48.98 36.39 -7.20
C PHE C 606 49.07 37.17 -5.89
N LEU C 607 50.06 36.86 -5.06
CA LEU C 607 50.18 37.47 -3.75
C LEU C 607 51.46 38.31 -3.70
N THR C 608 52.23 38.36 -4.80
CA THR C 608 53.45 39.16 -4.81
C THR C 608 54.41 38.83 -3.65
N GLU C 609 54.66 37.56 -3.38
CA GLU C 609 55.55 37.25 -2.27
C GLU C 609 56.34 36.08 -2.57
N ASP C 610 57.44 35.98 -1.85
CA ASP C 610 58.47 34.95 -2.00
C ASP C 610 58.17 33.65 -1.23
N PRO C 611 57.92 32.56 -1.93
CA PRO C 611 57.74 31.26 -1.22
C PRO C 611 58.90 30.81 -0.30
N TRP C 612 60.13 31.25 -0.58
CA TRP C 612 61.32 30.92 0.17
C TRP C 612 61.32 31.68 1.46
N GLU C 613 60.96 32.96 1.41
CA GLU C 613 60.84 33.73 2.61
C GLU C 613 59.77 33.12 3.50
N ARG C 614 58.67 32.70 2.90
CA ARG C 614 57.62 32.02 3.66
C ARG C 614 58.21 30.82 4.43
N LEU C 615 58.93 30.01 3.67
CA LEU C 615 59.44 28.73 4.20
C LEU C 615 60.41 29.13 5.32
N ALA C 616 61.28 30.13 5.06
CA ALA C 616 62.28 30.48 6.12
C ALA C 616 61.58 30.94 7.45
N LEU C 617 60.49 31.68 7.34
CA LEU C 617 59.76 32.19 8.56
C LEU C 617 59.13 31.06 9.36
N ILE C 618 58.54 30.11 8.66
CA ILE C 618 57.98 28.92 9.27
C ILE C 618 59.09 28.14 9.98
N ARG C 619 60.22 27.97 9.30
CA ARG C 619 61.36 27.23 9.82
C ARG C 619 61.80 27.84 11.13
N GLU C 620 61.91 29.16 11.11
CA GLU C 620 62.31 29.88 12.30
C GLU C 620 61.28 29.86 13.46
N GLY C 621 59.98 29.96 13.16
CA GLY C 621 59.01 29.94 14.19
C GLY C 621 58.69 28.52 14.69
N ALA C 622 58.96 27.42 13.94
CA ALA C 622 58.75 26.06 14.46
C ALA C 622 60.00 25.19 14.29
N PRO C 623 61.02 25.43 15.13
CA PRO C 623 62.29 24.72 14.94
C PRO C 623 62.24 23.24 15.37
N ASN C 624 61.15 22.81 15.97
CA ASN C 624 61.04 21.51 16.55
C ASN C 624 60.20 20.51 15.72
N LEU C 625 59.50 21.01 14.71
CA LEU C 625 58.62 20.22 13.85
C LEU C 625 59.24 19.98 12.45
N LEU C 626 59.05 18.79 11.85
CA LEU C 626 59.38 18.62 10.45
C LEU C 626 58.48 19.52 9.59
N LEU C 627 59.07 20.09 8.54
CA LEU C 627 58.35 20.85 7.54
C LEU C 627 58.27 20.00 6.32
N GLN C 628 57.06 19.89 5.75
CA GLN C 628 56.76 18.97 4.69
C GLN C 628 56.27 19.69 3.46
N MET C 629 56.73 19.22 2.28
CA MET C 629 56.21 19.73 1.02
C MET C 629 55.54 18.65 0.17
N LEU C 630 54.74 19.11 -0.77
CA LEU C 630 54.30 18.21 -1.81
C LEU C 630 55.16 18.52 -3.03
N LEU C 631 55.73 17.46 -3.62
CA LEU C 631 56.67 17.59 -4.72
C LEU C 631 56.22 16.65 -5.87
N ARG C 632 55.93 17.19 -7.03
CA ARG C 632 55.77 16.36 -8.25
C ARG C 632 57.15 15.79 -8.72
N GLY C 633 57.23 14.47 -8.90
CA GLY C 633 58.53 13.83 -9.23
C GLY C 633 59.11 14.34 -10.55
N ALA C 634 58.29 14.55 -11.56
CA ALA C 634 58.79 14.88 -12.88
C ALA C 634 59.21 16.33 -12.85
N ASN C 635 58.60 17.13 -11.99
CA ASN C 635 58.92 18.53 -12.18
C ASN C 635 59.02 19.47 -10.99
N GLY C 636 59.21 18.87 -9.81
CA GLY C 636 59.27 19.62 -8.58
C GLY C 636 58.03 20.43 -8.32
N VAL C 637 58.11 21.74 -8.52
CA VAL C 637 56.88 22.58 -8.27
C VAL C 637 56.42 23.23 -9.54
N GLY C 638 57.04 22.78 -10.61
CA GLY C 638 57.06 23.45 -11.91
C GLY C 638 55.79 23.22 -12.70
N TYR C 639 55.81 23.56 -13.98
CA TYR C 639 54.56 23.50 -14.75
C TYR C 639 54.80 22.67 -15.98
N THR C 640 56.05 22.30 -16.23
CA THR C 640 56.38 21.51 -17.40
C THR C 640 57.42 20.46 -17.03
N ASN C 641 58.06 19.86 -18.03
CA ASN C 641 59.09 18.90 -17.69
C ASN C 641 60.42 19.65 -17.69
N TYR C 642 61.30 19.30 -16.76
CA TYR C 642 62.57 19.99 -16.67
C TYR C 642 63.67 18.93 -16.78
N PRO C 643 64.85 19.37 -17.18
CA PRO C 643 65.95 18.37 -17.15
C PRO C 643 66.31 17.91 -15.75
N ASP C 644 66.68 16.64 -15.64
CA ASP C 644 67.18 16.10 -14.40
C ASP C 644 67.99 17.13 -13.58
N ASN C 645 69.05 17.71 -14.12
CA ASN C 645 69.84 18.60 -13.30
C ASN C 645 69.00 19.74 -12.68
N VAL C 646 67.91 20.15 -13.33
CA VAL C 646 67.06 21.23 -12.76
C VAL C 646 66.23 20.73 -11.58
N VAL C 647 65.72 19.52 -11.73
CA VAL C 647 64.96 18.91 -10.70
C VAL C 647 65.90 18.73 -9.48
N LYS C 648 67.08 18.18 -9.72
CA LYS C 648 68.01 18.01 -8.62
C LYS C 648 68.41 19.32 -7.97
N TYR C 649 68.67 20.35 -8.74
CA TYR C 649 69.03 21.59 -8.16
C TYR C 649 67.87 22.09 -7.30
N PHE C 650 66.64 21.91 -7.79
CA PHE C 650 65.53 22.36 -6.99
C PHE C 650 65.42 21.69 -5.58
N VAL C 651 65.46 20.34 -5.55
CA VAL C 651 65.37 19.57 -4.34
C VAL C 651 66.55 20.01 -3.40
N ARG C 652 67.70 20.25 -3.97
CA ARG C 652 68.79 20.70 -3.15
C ARG C 652 68.49 22.04 -2.45
N GLN C 653 67.93 23.01 -3.17
CA GLN C 653 67.65 24.30 -2.50
C GLN C 653 66.53 24.18 -1.46
N ALA C 654 65.57 23.28 -1.72
CA ALA C 654 64.39 23.04 -0.86
C ALA C 654 64.83 22.47 0.51
N ALA C 655 65.69 21.45 0.46
CA ALA C 655 66.38 20.93 1.65
C ALA C 655 67.22 22.02 2.35
N LYS C 656 67.96 22.79 1.61
CA LYS C 656 68.63 23.93 2.25
C LYS C 656 67.63 24.91 2.87
N GLY C 657 66.50 25.13 2.22
CA GLY C 657 65.55 26.18 2.65
C GLY C 657 64.77 25.86 3.91
N GLY C 658 64.72 24.58 4.28
CA GLY C 658 64.07 24.19 5.52
C GLY C 658 63.13 23.02 5.33
N ILE C 659 63.01 22.46 4.12
CA ILE C 659 62.14 21.28 3.96
C ILE C 659 62.82 19.99 4.50
N ASP C 660 62.14 19.25 5.36
CA ASP C 660 62.62 17.99 5.92
C ASP C 660 62.02 16.82 5.26
N LEU C 661 60.78 16.97 4.80
CA LEU C 661 59.97 15.79 4.42
C LEU C 661 59.32 16.01 3.10
N PHE C 662 59.74 15.26 2.07
CA PHE C 662 59.20 15.46 0.69
C PHE C 662 58.21 14.36 0.35
N ARG C 663 56.95 14.74 0.17
CA ARG C 663 56.02 13.79 -0.32
C ARG C 663 56.02 13.91 -1.83
N VAL C 664 56.52 12.88 -2.52
CA VAL C 664 56.72 12.93 -3.94
C VAL C 664 55.74 12.02 -4.61
N PHE C 665 55.11 12.49 -5.66
CA PHE C 665 54.11 11.68 -6.34
C PHE C 665 54.23 11.84 -7.86
N ASP C 666 53.57 10.93 -8.56
CA ASP C 666 53.45 11.10 -9.98
C ASP C 666 52.01 11.04 -10.40
N CYS C 667 51.55 11.95 -11.25
CA CYS C 667 50.12 11.90 -11.62
C CYS C 667 49.60 10.62 -12.32
N LEU C 668 50.47 9.68 -12.63
CA LEU C 668 50.01 8.45 -13.23
C LEU C 668 50.51 7.26 -12.40
N ASN C 669 51.14 7.55 -11.23
CA ASN C 669 51.72 6.51 -10.39
C ASN C 669 52.76 5.71 -11.22
N TRP C 670 53.47 6.41 -12.09
CA TRP C 670 54.63 5.83 -12.82
C TRP C 670 55.92 5.93 -12.05
N VAL C 671 56.40 4.81 -11.49
CA VAL C 671 57.60 4.85 -10.59
C VAL C 671 58.83 5.42 -11.28
N GLU C 672 59.08 4.95 -12.49
CA GLU C 672 60.03 5.50 -13.40
C GLU C 672 60.11 7.03 -13.39
N ASN C 673 58.99 7.73 -13.38
CA ASN C 673 59.01 9.19 -13.32
C ASN C 673 59.32 9.75 -11.91
N MET C 674 59.44 8.88 -10.91
CA MET C 674 59.68 9.45 -9.57
C MET C 674 61.16 9.36 -9.17
N ARG C 675 61.91 8.46 -9.82
CA ARG C 675 63.31 8.06 -9.44
C ARG C 675 64.30 9.22 -9.23
N VAL C 676 64.36 10.09 -10.23
CA VAL C 676 65.22 11.28 -10.14
C VAL C 676 64.97 12.09 -8.86
N SER C 677 63.72 12.37 -8.54
CA SER C 677 63.34 13.08 -7.30
C SER C 677 63.67 12.30 -6.09
N MET C 678 63.46 10.98 -6.15
CA MET C 678 63.71 10.13 -4.96
C MET C 678 65.20 10.02 -4.62
N ASP C 679 66.03 9.86 -5.66
CA ASP C 679 67.48 9.82 -5.47
C ASP C 679 67.96 11.21 -5.05
N ALA C 680 67.50 12.30 -5.69
CA ALA C 680 67.94 13.63 -5.19
C ALA C 680 67.57 13.85 -3.65
N ILE C 681 66.38 13.56 -3.23
CA ILE C 681 66.02 13.71 -1.78
C ILE C 681 66.93 12.82 -0.88
N ALA C 682 67.19 11.58 -1.28
CA ALA C 682 68.07 10.73 -0.45
C ALA C 682 69.49 11.33 -0.35
N GLU C 683 69.93 11.93 -1.41
CA GLU C 683 71.23 12.46 -1.50
C GLU C 683 71.28 13.66 -0.58
N GLU C 684 70.17 14.38 -0.46
CA GLU C 684 70.19 15.53 0.45
C GLU C 684 70.01 15.01 1.91
N ASN C 685 69.83 13.70 2.07
CA ASN C 685 69.64 13.20 3.41
C ASN C 685 68.34 13.66 4.07
N LYS C 686 67.26 13.84 3.30
CA LYS C 686 66.00 14.21 3.84
C LYS C 686 65.07 13.07 3.69
N LEU C 687 63.86 13.22 4.23
CA LEU C 687 62.85 12.16 4.06
C LEU C 687 62.19 12.16 2.72
N CYS C 688 62.23 10.95 2.17
CA CYS C 688 61.60 10.64 0.93
C CYS C 688 60.32 9.85 1.19
N GLU C 689 59.17 10.52 1.04
CA GLU C 689 57.91 9.86 1.28
C GLU C 689 57.34 9.69 -0.08
N ALA C 690 57.27 8.44 -0.53
CA ALA C 690 56.89 8.22 -1.86
C ALA C 690 55.42 7.89 -1.83
N ALA C 691 54.65 8.65 -2.59
CA ALA C 691 53.15 8.52 -2.58
C ALA C 691 52.60 7.64 -3.69
N ILE C 692 51.66 6.80 -3.36
CA ILE C 692 50.80 6.11 -4.29
C ILE C 692 49.45 6.80 -4.32
N CYS C 693 49.01 7.21 -5.53
CA CYS C 693 47.73 7.94 -5.65
C CYS C 693 46.64 6.89 -5.68
N TYR C 694 45.63 7.09 -4.81
CA TYR C 694 44.51 6.21 -4.74
C TYR C 694 43.47 6.57 -5.78
N THR C 695 42.93 5.54 -6.44
CA THR C 695 41.84 5.77 -7.35
C THR C 695 41.10 4.46 -7.54
N GLY C 696 39.86 4.55 -8.04
CA GLY C 696 39.04 3.35 -8.27
C GLY C 696 38.43 2.96 -6.91
N ASP C 697 38.38 1.64 -6.65
CA ASP C 697 37.80 1.06 -5.43
C ASP C 697 38.29 -0.40 -5.30
N ILE C 698 39.21 -0.68 -4.35
CA ILE C 698 39.81 -2.02 -4.27
C ILE C 698 38.72 -3.06 -3.89
N LEU C 699 37.55 -2.64 -3.40
CA LEU C 699 36.53 -3.65 -3.04
C LEU C 699 35.51 -3.81 -4.18
N ASN C 700 35.73 -3.23 -5.33
CA ASN C 700 34.75 -3.41 -6.38
C ASN C 700 35.45 -4.15 -7.52
N SER C 701 34.98 -5.35 -7.89
CA SER C 701 35.66 -6.06 -9.01
C SER C 701 35.31 -5.56 -10.40
N ALA C 702 34.38 -4.65 -10.50
CA ALA C 702 34.07 -4.10 -11.81
C ALA C 702 35.17 -3.18 -12.28
N ARG C 703 36.10 -2.78 -11.42
CA ARG C 703 37.29 -2.06 -11.89
C ARG C 703 38.59 -2.73 -11.47
N PRO C 704 38.95 -3.84 -12.13
CA PRO C 704 40.11 -4.62 -11.64
C PRO C 704 41.48 -4.05 -11.88
N LYS C 705 41.61 -2.95 -12.66
CA LYS C 705 42.95 -2.32 -12.82
C LYS C 705 43.45 -1.76 -11.49
N TYR C 706 42.59 -1.27 -10.62
CA TYR C 706 43.21 -0.79 -9.39
C TYR C 706 42.77 -1.67 -8.25
N ASP C 707 43.19 -2.91 -8.25
CA ASP C 707 42.95 -3.87 -7.14
C ASP C 707 44.00 -3.76 -6.03
N LEU C 708 43.82 -4.55 -4.97
CA LEU C 708 44.71 -4.54 -3.82
C LEU C 708 46.22 -4.75 -4.21
N LYS C 709 46.48 -5.73 -5.06
CA LYS C 709 47.79 -6.05 -5.63
C LYS C 709 48.43 -4.85 -6.32
N TYR C 710 47.65 -4.08 -7.03
CA TYR C 710 48.22 -2.92 -7.62
C TYR C 710 48.94 -1.95 -6.61
N TYR C 711 48.34 -1.75 -5.41
CA TYR C 711 48.93 -0.88 -4.39
C TYR C 711 50.13 -1.54 -3.67
N THR C 712 49.97 -2.83 -3.35
CA THR C 712 51.00 -3.52 -2.55
C THR C 712 52.19 -3.78 -3.47
N ASN C 713 51.95 -4.07 -4.76
CA ASN C 713 53.12 -4.13 -5.66
C ASN C 713 53.80 -2.73 -5.77
N LEU C 714 53.01 -1.67 -5.87
CA LEU C 714 53.63 -0.34 -5.93
C LEU C 714 54.47 0.02 -4.69
N ALA C 715 53.95 -0.35 -3.51
CA ALA C 715 54.62 -0.13 -2.28
C ALA C 715 56.00 -0.82 -2.26
N VAL C 716 56.05 -2.10 -2.63
CA VAL C 716 57.28 -2.86 -2.75
C VAL C 716 58.22 -2.25 -3.79
N GLU C 717 57.70 -1.78 -4.93
CA GLU C 717 58.55 -1.12 -5.91
C GLU C 717 59.15 0.18 -5.37
N LEU C 718 58.37 0.97 -4.60
CA LEU C 718 58.79 2.29 -4.14
C LEU C 718 59.84 2.17 -3.00
N GLU C 719 59.68 1.11 -2.16
CA GLU C 719 60.63 0.71 -1.12
C GLU C 719 62.00 0.32 -1.79
N LYS C 720 62.00 -0.60 -2.78
CA LYS C 720 63.20 -0.84 -3.61
C LYS C 720 63.76 0.43 -4.26
N ALA C 721 62.97 1.47 -4.50
CA ALA C 721 63.54 2.65 -5.18
C ALA C 721 64.09 3.67 -4.14
N GLY C 722 64.04 3.33 -2.86
CA GLY C 722 64.72 4.11 -1.77
C GLY C 722 63.75 4.96 -0.92
N ALA C 723 62.42 4.74 -1.03
CA ALA C 723 61.48 5.46 -0.11
C ALA C 723 61.86 5.22 1.37
N HIS C 724 61.65 6.20 2.23
CA HIS C 724 61.80 6.04 3.68
C HIS C 724 60.46 5.79 4.31
N ILE C 725 59.41 6.21 3.63
CA ILE C 725 58.04 6.21 4.07
C ILE C 725 57.19 6.03 2.79
N ILE C 726 56.03 5.36 2.87
CA ILE C 726 55.05 5.31 1.78
C ILE C 726 53.82 6.10 2.15
N ALA C 727 53.28 6.83 1.19
CA ALA C 727 52.04 7.54 1.44
C ALA C 727 50.95 6.93 0.56
N VAL C 728 49.71 6.98 1.04
CA VAL C 728 48.59 6.76 0.13
C VAL C 728 47.99 8.14 -0.03
N KCX C 729 47.97 8.65 -1.25
CA KCX C 729 47.53 10.02 -1.48
CB KCX C 729 48.46 10.68 -2.48
CG KCX C 729 48.03 12.12 -2.73
CD KCX C 729 48.97 12.80 -3.74
CE KCX C 729 48.51 14.15 -4.30
NZ KCX C 729 48.66 15.21 -3.28
C KCX C 729 46.18 9.87 -2.09
O KCX C 729 46.04 9.50 -3.29
CX KCX C 729 47.68 15.70 -2.56
OQ1 KCX C 729 46.51 15.38 -2.68
OQ2 KCX C 729 47.96 16.57 -1.65
N ASP C 730 45.15 10.12 -1.28
CA ASP C 730 43.78 9.89 -1.77
C ASP C 730 43.29 11.28 -2.13
N MET C 731 43.76 11.77 -3.32
CA MET C 731 43.53 13.18 -3.72
C MET C 731 42.07 13.50 -3.92
N ALA C 732 41.25 12.48 -4.19
CA ALA C 732 39.81 12.81 -4.33
C ALA C 732 38.95 12.34 -3.17
N GLY C 733 39.53 11.78 -2.13
CA GLY C 733 38.73 11.33 -0.94
C GLY C 733 37.90 10.15 -1.37
N LEU C 734 38.49 9.26 -2.18
CA LEU C 734 37.71 8.11 -2.65
C LEU C 734 37.85 6.88 -1.73
N LEU C 735 38.88 6.79 -0.89
CA LEU C 735 39.01 5.61 -0.03
C LEU C 735 37.86 5.50 1.00
N LYS C 736 37.21 4.34 1.03
CA LYS C 736 36.11 4.15 1.94
C LYS C 736 36.59 3.34 3.12
N PRO C 737 35.92 3.46 4.26
CA PRO C 737 36.34 2.81 5.49
C PRO C 737 36.56 1.33 5.38
N ALA C 738 35.76 0.58 4.67
CA ALA C 738 35.96 -0.88 4.74
C ALA C 738 37.17 -1.19 3.89
N ALA C 739 37.31 -0.43 2.82
CA ALA C 739 38.51 -0.50 2.01
C ALA C 739 39.85 -0.11 2.74
N ALA C 740 39.79 0.85 3.66
CA ALA C 740 40.99 1.26 4.40
C ALA C 740 41.43 0.15 5.34
N LYS C 741 40.47 -0.59 5.92
CA LYS C 741 40.86 -1.69 6.78
C LYS C 741 41.65 -2.72 5.95
N VAL C 742 41.22 -3.02 4.75
CA VAL C 742 41.94 -4.01 3.93
C VAL C 742 43.21 -3.41 3.41
N LEU C 743 43.17 -2.16 2.91
CA LEU C 743 44.35 -1.52 2.29
C LEU C 743 45.51 -1.36 3.25
N PHE C 744 45.26 -0.89 4.48
CA PHE C 744 46.43 -0.65 5.32
C PHE C 744 46.94 -1.88 6.01
N LYS C 745 46.09 -2.84 6.28
CA LYS C 745 46.54 -4.11 6.85
C LYS C 745 47.43 -4.74 5.78
N ALA C 746 47.00 -4.79 4.54
CA ALA C 746 47.84 -5.37 3.48
C ALA C 746 49.12 -4.58 3.19
N LEU C 747 49.08 -3.26 3.19
CA LEU C 747 50.29 -2.48 2.91
C LEU C 747 51.40 -2.70 3.93
N ARG C 748 51.04 -2.78 5.21
CA ARG C 748 52.03 -3.00 6.27
C ARG C 748 52.43 -4.47 6.33
N GLU C 749 51.74 -5.32 5.64
CA GLU C 749 52.26 -6.66 5.58
C GLU C 749 53.18 -6.76 4.34
N ALA C 750 53.06 -5.85 3.35
CA ALA C 750 53.86 -5.96 2.10
C ALA C 750 55.20 -5.20 2.26
N THR C 751 55.28 -4.16 3.07
CA THR C 751 56.55 -3.43 3.25
C THR C 751 56.68 -3.19 4.76
N GLY C 752 57.89 -3.16 5.28
CA GLY C 752 58.16 -2.80 6.67
C GLY C 752 58.27 -1.29 6.82
N LEU C 753 58.11 -0.52 5.73
CA LEU C 753 58.14 0.95 5.85
C LEU C 753 56.87 1.51 6.54
N PRO C 754 56.99 2.62 7.25
CA PRO C 754 55.74 3.20 7.76
C PRO C 754 54.89 3.74 6.59
N ILE C 755 53.60 3.93 6.86
CA ILE C 755 52.59 4.36 5.88
C ILE C 755 51.95 5.62 6.42
N HIS C 756 51.80 6.60 5.54
CA HIS C 756 51.26 7.88 5.81
C HIS C 756 50.00 8.10 4.98
N PHE C 757 48.83 8.42 5.57
CA PHE C 757 47.59 8.45 4.79
C PHE C 757 47.08 9.88 4.61
N HIS C 758 46.92 10.30 3.36
CA HIS C 758 46.40 11.63 3.06
C HIS C 758 45.05 11.48 2.35
N THR C 759 44.05 12.21 2.77
CA THR C 759 42.77 12.14 2.05
C THR C 759 42.01 13.52 2.18
N HIS C 760 40.91 13.62 1.44
CA HIS C 760 40.05 14.76 1.32
C HIS C 760 38.65 14.42 1.71
N ASP C 761 37.92 15.38 2.23
CA ASP C 761 36.66 15.08 2.84
C ASP C 761 35.54 15.37 1.87
N THR C 762 35.76 15.43 0.59
CA THR C 762 34.69 15.77 -0.33
C THR C 762 33.37 14.93 -0.21
N SER C 763 33.49 13.62 0.06
CA SER C 763 32.38 12.71 0.34
C SER C 763 31.66 13.07 1.69
N GLY C 764 32.26 13.82 2.60
CA GLY C 764 31.60 14.03 3.89
C GLY C 764 31.80 12.85 4.83
N ILE C 765 32.53 11.83 4.35
CA ILE C 765 32.92 10.68 5.27
C ILE C 765 34.44 10.38 5.48
N ALA C 766 35.36 11.23 5.01
CA ALA C 766 36.80 10.96 5.19
C ALA C 766 37.27 10.72 6.64
N ALA C 767 36.63 11.36 7.62
CA ALA C 767 37.01 11.12 9.01
C ALA C 767 36.76 9.64 9.38
N ALA C 768 35.78 9.01 8.78
CA ALA C 768 35.48 7.63 9.11
C ALA C 768 36.62 6.80 8.50
N THR C 769 37.08 7.15 7.32
CA THR C 769 38.13 6.35 6.65
C THR C 769 39.47 6.46 7.40
N VAL C 770 39.77 7.69 7.85
CA VAL C 770 40.93 8.00 8.64
C VAL C 770 40.92 7.13 9.89
N LEU C 771 39.81 7.09 10.64
CA LEU C 771 39.79 6.36 11.91
C LEU C 771 39.83 4.85 11.60
N ALA C 772 39.17 4.40 10.54
CA ALA C 772 39.45 3.03 10.11
C ALA C 772 40.95 2.85 9.77
N ALA C 773 41.62 3.89 9.23
CA ALA C 773 42.98 3.65 8.86
C ALA C 773 43.86 3.46 10.14
N VAL C 774 43.48 4.19 11.16
CA VAL C 774 44.21 4.26 12.40
C VAL C 774 43.97 2.94 13.18
N GLU C 775 42.76 2.47 13.18
CA GLU C 775 42.51 1.11 13.73
C GLU C 775 43.23 0.02 12.95
N ALA C 776 43.48 0.19 11.65
CA ALA C 776 44.14 -0.86 10.90
C ALA C 776 45.68 -0.78 10.97
N GLY C 777 46.21 0.22 11.68
CA GLY C 777 47.58 0.32 11.97
C GLY C 777 48.33 1.39 11.15
N VAL C 778 47.66 2.30 10.43
CA VAL C 778 48.38 3.30 9.72
C VAL C 778 49.26 4.11 10.67
N ASP C 779 50.48 4.43 10.24
CA ASP C 779 51.45 5.10 11.11
C ASP C 779 51.16 6.61 11.16
N ALA C 780 50.67 7.21 10.10
CA ALA C 780 50.53 8.67 10.12
C ALA C 780 49.34 9.07 9.26
N VAL C 781 48.67 10.18 9.66
CA VAL C 781 47.51 10.67 8.94
C VAL C 781 47.59 12.22 8.88
N ASP C 782 47.05 12.78 7.78
CA ASP C 782 46.97 14.20 7.57
C ASP C 782 45.60 14.68 8.05
N ALA C 783 45.52 15.89 8.55
CA ALA C 783 44.26 16.55 8.79
C ALA C 783 44.52 18.08 8.76
N ALA C 784 43.43 18.83 8.55
CA ALA C 784 43.47 20.28 8.66
C ALA C 784 42.76 20.82 9.96
N MET C 785 43.21 21.93 10.45
CA MET C 785 42.50 22.59 11.52
C MET C 785 41.03 22.80 11.10
N ASP C 786 40.13 22.62 12.10
CA ASP C 786 38.73 22.53 11.89
C ASP C 786 38.32 23.65 10.94
N ALA C 787 38.73 24.91 11.22
CA ALA C 787 38.32 26.09 10.42
C ALA C 787 38.65 26.05 8.92
N LEU C 788 39.66 25.28 8.51
CA LEU C 788 39.89 25.11 7.10
C LEU C 788 39.77 23.58 6.79
N SER C 789 38.86 22.88 7.46
CA SER C 789 38.65 21.46 7.10
C SER C 789 37.31 21.15 6.42
N GLY C 790 37.08 19.89 6.05
CA GLY C 790 35.81 19.46 5.54
C GLY C 790 35.71 19.83 4.10
N ASN C 791 34.59 19.44 3.48
CA ASN C 791 34.46 19.65 2.03
C ASN C 791 35.69 19.14 1.22
N THR C 792 36.26 19.93 0.30
CA THR C 792 37.30 19.41 -0.56
C THR C 792 38.68 19.47 0.08
N SER C 793 38.71 19.88 1.33
CA SER C 793 39.94 19.94 2.06
C SER C 793 40.13 18.63 2.85
N GLN C 794 41.03 18.59 3.83
CA GLN C 794 41.14 17.41 4.68
C GLN C 794 40.09 17.35 5.76
N PRO C 795 39.93 16.16 6.33
CA PRO C 795 38.93 16.09 7.44
C PRO C 795 39.38 16.84 8.69
N CYS C 796 38.46 17.08 9.63
CA CYS C 796 38.73 17.90 10.77
C CYS C 796 39.74 17.31 11.78
N LEU C 797 40.89 17.97 11.98
CA LEU C 797 41.91 17.54 12.97
C LEU C 797 41.41 17.46 14.44
N GLY C 798 40.80 18.55 14.93
CA GLY C 798 40.28 18.56 16.35
C GLY C 798 39.36 17.38 16.61
N SER C 799 38.45 17.10 15.71
CA SER C 799 37.50 16.05 15.93
C SER C 799 38.10 14.66 15.73
N ILE C 800 39.11 14.49 14.83
CA ILE C 800 39.72 13.16 14.71
C ILE C 800 40.49 12.89 16.00
N VAL C 801 41.08 13.96 16.53
CA VAL C 801 41.88 13.85 17.76
C VAL C 801 40.87 13.57 18.90
N GLU C 802 39.77 14.28 18.92
CA GLU C 802 38.89 14.02 19.99
C GLU C 802 38.30 12.54 19.91
N ALA C 803 38.09 11.98 18.73
CA ALA C 803 37.63 10.57 18.66
C ALA C 803 38.63 9.56 19.20
N LEU C 804 39.91 9.88 19.12
CA LEU C 804 41.04 8.97 19.43
C LEU C 804 41.47 9.15 20.88
N SER C 805 40.84 10.03 21.60
CA SER C 805 41.39 10.44 22.85
C SER C 805 40.99 9.39 23.86
N GLY C 806 41.94 8.83 24.62
CA GLY C 806 41.60 7.65 25.48
C GLY C 806 41.88 6.32 24.83
N SER C 807 42.07 6.28 23.51
CA SER C 807 42.25 4.97 22.90
C SER C 807 43.77 4.58 22.90
N GLU C 808 44.05 3.30 22.67
CA GLU C 808 45.41 2.81 22.58
C GLU C 808 46.30 3.73 21.67
N ARG C 809 45.77 4.24 20.55
CA ARG C 809 46.57 5.00 19.54
C ARG C 809 46.56 6.55 19.66
N ASP C 810 45.98 6.99 20.77
CA ASP C 810 45.76 8.36 21.11
C ASP C 810 47.01 9.17 20.70
N PRO C 811 46.84 10.15 19.83
CA PRO C 811 48.06 10.88 19.45
C PRO C 811 48.57 11.91 20.44
N GLY C 812 47.86 12.14 21.59
CA GLY C 812 48.35 13.09 22.63
C GLY C 812 48.43 14.55 22.18
N LEU C 813 47.41 15.07 21.49
CA LEU C 813 47.45 16.44 21.13
C LEU C 813 46.42 17.13 21.94
N ASP C 814 46.77 18.31 22.44
CA ASP C 814 45.94 19.03 23.42
C ASP C 814 44.75 19.70 22.73
N PRO C 815 43.55 19.16 22.93
CA PRO C 815 42.33 19.67 22.26
C PRO C 815 42.04 21.20 22.64
N ALA C 816 42.42 21.67 23.78
CA ALA C 816 42.21 23.14 24.05
C ALA C 816 43.08 23.94 23.06
N TRP C 817 44.27 23.44 22.74
CA TRP C 817 45.09 24.26 21.84
C TRP C 817 44.70 24.13 20.38
N ILE C 818 44.18 22.99 19.96
CA ILE C 818 43.76 22.84 18.60
C ILE C 818 42.56 23.80 18.35
N ARG C 819 41.65 23.89 19.34
CA ARG C 819 40.55 24.79 19.31
C ARG C 819 40.97 26.27 19.19
N ARG C 820 41.99 26.73 19.96
CA ARG C 820 42.48 28.10 19.88
C ARG C 820 43.18 28.35 18.56
N ILE C 821 43.97 27.40 18.07
CA ILE C 821 44.62 27.58 16.78
C ILE C 821 43.58 27.57 15.64
N SER C 822 42.59 26.70 15.75
CA SER C 822 41.45 26.75 14.82
C SER C 822 40.67 28.11 14.80
N PHE C 823 40.36 28.65 15.96
CA PHE C 823 39.66 29.94 16.04
C PHE C 823 40.54 31.08 15.38
N TYR C 824 41.86 31.04 15.61
CA TYR C 824 42.75 31.85 14.87
C TYR C 824 42.56 31.73 13.33
N TRP C 825 42.55 30.49 12.83
CA TRP C 825 42.41 30.20 11.40
C TRP C 825 41.03 30.63 10.86
N GLU C 826 40.01 30.53 11.72
CA GLU C 826 38.68 31.02 11.36
C GLU C 826 38.73 32.55 11.03
N ALA C 827 39.33 33.33 11.94
CA ALA C 827 39.39 34.77 11.76
C ALA C 827 40.27 35.06 10.53
N VAL C 828 41.26 34.21 10.26
CA VAL C 828 42.17 34.46 9.15
C VAL C 828 41.35 34.23 7.88
N ARG C 829 40.60 33.15 7.90
CA ARG C 829 39.77 32.78 6.74
C ARG C 829 38.74 33.79 6.33
N ASN C 830 38.00 34.41 7.26
CA ASN C 830 37.06 35.50 6.92
C ASN C 830 37.68 36.60 6.07
N GLN C 831 39.01 36.77 6.11
CA GLN C 831 39.62 37.88 5.35
C GLN C 831 39.70 37.55 3.88
N TYR C 832 39.46 36.28 3.57
CA TYR C 832 39.70 35.77 2.19
C TYR C 832 38.33 35.43 1.52
N ALA C 833 37.26 36.10 1.95
CA ALA C 833 35.93 35.90 1.34
C ALA C 833 35.98 36.01 -0.19
N ALA C 834 36.92 36.79 -0.77
CA ALA C 834 37.07 36.85 -2.24
C ALA C 834 37.22 35.53 -2.91
N PHE C 835 37.69 34.52 -2.17
CA PHE C 835 38.19 33.28 -2.78
C PHE C 835 37.45 32.00 -2.43
N GLU C 836 36.37 32.10 -1.68
CA GLU C 836 35.49 31.02 -1.27
C GLU C 836 34.67 30.46 -2.45
N SER C 837 34.56 29.13 -2.56
CA SER C 837 33.74 28.57 -3.65
C SER C 837 32.32 28.56 -3.18
N ASP C 838 31.42 28.19 -4.08
CA ASP C 838 29.99 27.99 -3.84
C ASP C 838 29.60 26.65 -3.23
N LEU C 839 30.51 25.65 -3.23
CA LEU C 839 30.21 24.32 -2.65
C LEU C 839 29.74 24.33 -1.18
N LYS C 840 28.63 23.65 -0.94
CA LYS C 840 27.94 23.81 0.33
C LYS C 840 28.27 22.68 1.33
N GLY C 841 28.66 21.50 0.86
CA GLY C 841 28.91 20.41 1.79
C GLY C 841 29.18 19.13 1.03
N PRO C 842 28.98 18.00 1.66
CA PRO C 842 29.38 16.69 1.15
C PRO C 842 28.75 16.41 -0.21
N ALA C 843 29.45 15.65 -1.03
CA ALA C 843 28.96 15.33 -2.35
C ALA C 843 29.30 13.85 -2.69
N SER C 844 28.32 12.95 -2.58
CA SER C 844 28.62 11.55 -2.86
C SER C 844 28.84 11.29 -4.36
N GLU C 845 28.64 12.31 -5.18
CA GLU C 845 28.87 12.18 -6.66
C GLU C 845 30.38 12.07 -6.99
N VAL C 846 31.25 12.44 -6.04
CA VAL C 846 32.68 12.21 -6.19
C VAL C 846 33.01 10.76 -6.47
N TYR C 847 32.19 9.80 -5.98
CA TYR C 847 32.42 8.36 -6.27
C TYR C 847 32.08 8.04 -7.73
N LEU C 848 31.29 8.88 -8.39
CA LEU C 848 31.03 8.67 -9.79
C LEU C 848 32.15 9.31 -10.57
N HIS C 849 32.42 10.59 -10.38
CA HIS C 849 33.39 11.21 -11.28
C HIS C 849 34.87 11.24 -10.85
N GLU C 850 35.15 11.23 -9.54
CA GLU C 850 36.51 11.10 -9.04
C GLU C 850 37.26 12.39 -9.30
N MET C 851 36.58 13.51 -9.33
CA MET C 851 37.28 14.81 -9.47
C MET C 851 37.98 15.11 -8.16
N PRO C 852 39.28 15.35 -8.18
CA PRO C 852 40.06 15.51 -6.93
C PRO C 852 39.83 16.82 -6.24
N GLY C 853 39.74 16.86 -4.90
CA GLY C 853 39.78 18.13 -4.14
C GLY C 853 39.37 19.48 -4.79
N GLY C 854 40.20 20.49 -4.66
CA GLY C 854 39.94 21.80 -5.30
C GLY C 854 39.78 21.86 -6.85
N GLN C 855 40.34 20.86 -7.55
CA GLN C 855 39.98 20.63 -8.95
C GLN C 855 38.42 20.43 -9.18
N PHE C 856 37.72 19.74 -8.27
CA PHE C 856 36.21 19.62 -8.30
C PHE C 856 35.39 20.93 -8.39
N THR C 857 35.67 21.89 -7.50
CA THR C 857 34.96 23.16 -7.62
C THR C 857 35.44 24.02 -8.80
N ASN C 858 36.71 23.90 -9.22
CA ASN C 858 37.12 24.58 -10.52
C ASN C 858 36.29 24.09 -11.62
N LEU C 859 36.16 22.78 -11.66
CA LEU C 859 35.32 22.20 -12.70
C LEU C 859 33.84 22.67 -12.69
N LYS C 860 33.26 22.85 -11.51
CA LYS C 860 31.85 23.19 -11.42
C LYS C 860 31.63 24.61 -11.89
N GLU C 861 32.59 25.49 -11.65
CA GLU C 861 32.48 26.91 -11.98
C GLU C 861 32.74 27.05 -13.47
N GLN C 862 33.83 26.43 -13.92
CA GLN C 862 34.15 26.50 -15.34
C GLN C 862 32.92 26.12 -16.13
N ALA C 863 32.24 25.04 -15.75
CA ALA C 863 30.94 24.68 -16.38
C ALA C 863 29.80 25.73 -16.26
N ARG C 864 29.66 26.36 -15.08
CA ARG C 864 28.72 27.48 -14.96
C ARG C 864 29.21 28.59 -15.91
N SER C 865 30.49 28.92 -15.83
CA SER C 865 31.11 29.95 -16.68
C SER C 865 30.88 29.74 -18.18
N LEU C 866 30.27 28.62 -18.57
CA LEU C 866 30.07 28.26 -20.00
C LEU C 866 28.63 27.82 -20.31
N GLY C 867 27.71 28.15 -19.41
CA GLY C 867 26.28 27.86 -19.58
C GLY C 867 25.89 26.38 -19.48
N LEU C 868 26.69 25.59 -18.74
CA LEU C 868 26.44 24.15 -18.65
C LEU C 868 25.88 23.69 -17.32
N GLU C 869 25.74 24.61 -16.38
CA GLU C 869 25.35 24.23 -15.04
C GLU C 869 24.08 23.40 -15.06
N THR C 870 23.22 23.66 -16.04
CA THR C 870 22.09 22.76 -16.33
C THR C 870 22.49 21.26 -16.50
N ARG C 871 23.65 20.92 -17.12
CA ARG C 871 24.19 19.50 -17.24
C ARG C 871 23.78 18.69 -16.04
N TRP C 872 24.44 18.83 -14.87
CA TRP C 872 25.88 18.88 -14.68
C TRP C 872 26.12 17.41 -14.45
N HIS C 873 24.98 16.69 -14.33
CA HIS C 873 24.91 15.24 -14.52
C HIS C 873 25.60 14.79 -15.76
N GLN C 874 25.55 15.58 -16.83
CA GLN C 874 26.24 15.15 -18.04
C GLN C 874 27.77 15.32 -17.97
N VAL C 875 28.25 16.42 -17.37
CA VAL C 875 29.64 16.64 -17.19
C VAL C 875 30.27 15.52 -16.35
N ALA C 876 29.65 15.29 -15.20
CA ALA C 876 30.06 14.28 -14.22
C ALA C 876 30.06 12.94 -14.92
N GLN C 877 29.05 12.68 -15.75
CA GLN C 877 29.07 11.42 -16.41
C GLN C 877 30.19 11.44 -17.49
N ALA C 878 30.45 12.60 -18.11
CA ALA C 878 31.39 12.62 -19.25
C ALA C 878 32.79 12.44 -18.70
N TYR C 879 33.05 13.04 -17.54
CA TYR C 879 34.33 12.91 -16.90
C TYR C 879 34.61 11.43 -16.60
N ALA C 880 33.64 10.73 -16.03
CA ALA C 880 33.81 9.25 -15.77
C ALA C 880 34.06 8.48 -17.08
N ASP C 881 33.31 8.79 -18.12
CA ASP C 881 33.49 7.99 -19.34
C ASP C 881 34.82 8.38 -20.02
N ALA C 882 35.15 9.67 -20.07
CA ALA C 882 36.44 10.13 -20.59
C ALA C 882 37.57 9.40 -19.84
N ASN C 883 37.47 9.31 -18.51
CA ASN C 883 38.42 8.54 -17.75
C ASN C 883 38.62 7.15 -18.31
N GLN C 884 37.51 6.47 -18.59
CA GLN C 884 37.52 5.07 -19.11
C GLN C 884 38.08 5.01 -20.51
N MET C 885 37.77 6.03 -21.30
CA MET C 885 38.27 6.11 -22.68
C MET C 885 39.80 6.29 -22.67
N PHE C 886 40.32 7.05 -21.71
CA PHE C 886 41.75 7.21 -21.62
C PHE C 886 42.44 5.99 -21.08
N GLY C 887 41.64 5.02 -20.65
CA GLY C 887 42.17 3.73 -20.19
C GLY C 887 42.06 3.62 -18.67
N ASP C 888 41.31 4.51 -18.01
CA ASP C 888 41.19 4.47 -16.55
C ASP C 888 42.48 4.88 -15.81
N ILE C 889 42.63 6.16 -15.54
CA ILE C 889 43.93 6.66 -15.10
C ILE C 889 43.83 7.36 -13.81
N VAL C 890 44.96 7.51 -13.14
CA VAL C 890 45.06 8.38 -12.02
C VAL C 890 44.80 9.83 -12.48
N LYS C 891 43.90 10.49 -11.77
CA LYS C 891 43.51 11.83 -12.12
C LYS C 891 43.87 12.80 -10.99
N VAL C 892 44.95 13.51 -11.14
CA VAL C 892 45.40 14.42 -10.13
C VAL C 892 46.22 15.49 -10.94
N ALA C 893 46.21 16.76 -10.51
CA ALA C 893 46.77 17.87 -11.31
C ALA C 893 48.12 17.49 -11.83
N PRO C 894 48.34 17.52 -13.16
CA PRO C 894 47.61 17.85 -14.40
C PRO C 894 46.85 16.76 -15.15
N SER C 895 46.96 15.50 -14.77
CA SER C 895 46.09 14.54 -15.42
C SER C 895 44.58 14.77 -15.22
N SER C 896 44.11 15.25 -14.05
CA SER C 896 42.66 15.60 -13.90
C SER C 896 42.23 16.75 -14.84
N LYS C 897 43.01 17.82 -14.84
CA LYS C 897 42.76 18.92 -15.77
C LYS C 897 42.46 18.39 -17.18
N VAL C 898 43.38 17.53 -17.67
CA VAL C 898 43.20 16.95 -18.97
C VAL C 898 41.87 16.27 -19.08
N VAL C 899 41.53 15.46 -18.07
CA VAL C 899 40.20 14.81 -18.18
C VAL C 899 39.04 15.84 -18.09
N GLY C 900 39.28 16.92 -17.37
CA GLY C 900 38.32 18.03 -17.28
C GLY C 900 37.97 18.59 -18.63
N ASP C 901 39.04 18.94 -19.38
CA ASP C 901 38.91 19.50 -20.74
C ASP C 901 38.13 18.63 -21.69
N MET C 902 38.47 17.35 -21.75
CA MET C 902 37.71 16.39 -22.51
C MET C 902 36.23 16.30 -22.11
N ALA C 903 35.94 16.22 -20.80
CA ALA C 903 34.55 16.25 -20.29
C ALA C 903 33.72 17.42 -20.83
N LEU C 904 34.19 18.63 -20.63
CA LEU C 904 33.58 19.84 -21.17
C LEU C 904 33.29 19.73 -22.65
N MET C 905 34.34 19.45 -23.42
CA MET C 905 34.22 19.36 -24.85
C MET C 905 33.12 18.42 -25.23
N MET C 906 33.14 17.24 -24.60
CA MET C 906 32.22 16.16 -24.94
C MET C 906 30.78 16.51 -24.71
N VAL C 907 30.52 17.38 -23.74
CA VAL C 907 29.17 17.79 -23.49
C VAL C 907 28.90 19.05 -24.31
N SER C 908 29.84 19.99 -24.25
CA SER C 908 29.73 21.28 -24.90
C SER C 908 29.58 21.20 -26.44
N GLN C 909 29.49 19.98 -26.98
CA GLN C 909 29.41 19.75 -28.40
C GLN C 909 28.77 18.42 -28.53
N ASP C 910 28.34 17.89 -27.42
CA ASP C 910 27.53 16.69 -27.44
C ASP C 910 28.23 15.52 -28.09
N LEU C 911 29.36 15.07 -27.59
CA LEU C 911 30.02 13.90 -28.16
C LEU C 911 29.94 12.67 -27.25
N THR C 912 29.46 11.53 -27.72
CA THR C 912 29.70 10.29 -26.95
C THR C 912 31.16 9.84 -27.09
N VAL C 913 31.56 8.90 -26.22
CA VAL C 913 32.86 8.28 -26.31
C VAL C 913 33.03 7.73 -27.75
N ALA C 914 32.03 6.97 -28.20
CA ALA C 914 31.93 6.40 -29.54
C ALA C 914 32.24 7.44 -30.59
N ASP C 915 31.61 8.60 -30.45
CA ASP C 915 31.85 9.67 -31.36
C ASP C 915 33.36 10.07 -31.34
N VAL C 916 33.89 10.22 -30.13
CA VAL C 916 35.21 10.81 -29.89
C VAL C 916 36.27 9.92 -30.52
N VAL C 917 36.04 8.62 -30.37
CA VAL C 917 36.92 7.56 -30.78
C VAL C 917 36.70 7.13 -32.28
N SER C 918 35.60 7.61 -32.85
CA SER C 918 35.17 7.21 -34.19
C SER C 918 36.16 7.73 -35.26
N PRO C 919 36.62 6.83 -36.17
CA PRO C 919 37.25 7.20 -37.45
C PRO C 919 36.64 8.45 -38.10
N ASP C 920 35.33 8.37 -38.43
CA ASP C 920 34.63 9.41 -39.18
C ASP C 920 34.53 10.80 -38.49
N ARG C 921 33.82 10.88 -37.36
CA ARG C 921 33.59 12.15 -36.63
C ARG C 921 34.82 13.08 -36.47
N GLU C 922 34.71 14.32 -36.92
CA GLU C 922 35.88 15.18 -36.81
C GLU C 922 35.91 15.76 -35.41
N VAL C 923 37.04 15.60 -34.71
CA VAL C 923 37.17 16.21 -33.38
C VAL C 923 38.45 17.00 -33.23
N SER C 924 38.36 18.24 -32.75
CA SER C 924 39.57 19.00 -32.50
C SER C 924 39.95 18.91 -31.01
N PHE C 925 40.88 18.04 -30.63
CA PHE C 925 41.03 17.74 -29.22
C PHE C 925 41.57 18.90 -28.42
N PRO C 926 41.24 18.99 -27.12
CA PRO C 926 41.92 20.07 -26.43
C PRO C 926 43.40 19.79 -26.45
N GLU C 927 44.20 20.86 -26.37
CA GLU C 927 45.64 20.70 -26.40
C GLU C 927 46.18 19.90 -25.23
N SER C 928 45.68 20.14 -24.04
CA SER C 928 46.09 19.32 -22.92
C SER C 928 45.95 17.85 -23.29
N VAL C 929 44.90 17.47 -24.01
CA VAL C 929 44.61 16.04 -24.27
C VAL C 929 45.60 15.45 -25.29
N VAL C 930 45.75 16.17 -26.41
CA VAL C 930 46.80 15.95 -27.38
C VAL C 930 48.18 15.71 -26.65
N SER C 931 48.54 16.65 -25.76
CA SER C 931 49.82 16.58 -25.10
C SER C 931 50.01 15.37 -24.15
N MET C 932 48.97 15.01 -23.38
CA MET C 932 49.08 13.83 -22.54
C MET C 932 49.27 12.55 -23.41
N LEU C 933 48.56 12.53 -24.51
CA LEU C 933 48.48 11.41 -25.38
C LEU C 933 49.84 11.27 -26.12
N LYS C 934 50.48 12.41 -26.40
CA LYS C 934 51.86 12.42 -26.86
C LYS C 934 52.82 11.72 -25.93
N GLY C 935 52.63 11.90 -24.61
CA GLY C 935 53.59 11.38 -23.59
C GLY C 935 54.12 12.36 -22.56
N ASP C 936 53.66 13.61 -22.63
CA ASP C 936 54.21 14.71 -21.79
C ASP C 936 53.96 14.55 -20.27
N LEU C 937 52.92 13.87 -19.86
CA LEU C 937 52.82 13.61 -18.44
C LEU C 937 53.28 12.17 -18.14
N GLY C 938 53.96 11.47 -19.05
CA GLY C 938 54.45 10.09 -18.78
C GLY C 938 53.49 9.00 -19.23
N GLN C 939 53.69 7.77 -18.76
CA GLN C 939 53.00 6.62 -19.34
C GLN C 939 52.09 6.00 -18.29
N PRO C 940 50.87 5.70 -18.61
CA PRO C 940 50.01 5.00 -17.68
C PRO C 940 50.33 3.48 -17.76
N PRO C 941 49.90 2.66 -16.79
CA PRO C 941 50.38 1.26 -16.76
C PRO C 941 50.28 0.46 -18.04
N SER C 942 49.28 0.66 -18.89
CA SER C 942 49.34 -0.10 -20.15
C SER C 942 49.47 0.73 -21.45
N GLY C 943 50.19 1.86 -21.43
CA GLY C 943 50.24 2.78 -22.57
C GLY C 943 48.93 3.52 -22.85
N TRP C 944 48.91 4.31 -23.89
CA TRP C 944 47.72 5.10 -24.25
C TRP C 944 46.93 4.39 -25.28
N PRO C 945 45.61 4.50 -25.26
CA PRO C 945 44.87 3.74 -26.31
C PRO C 945 45.19 4.27 -27.76
N GLU C 946 45.58 3.36 -28.65
CA GLU C 946 46.28 3.68 -29.85
C GLU C 946 45.35 4.50 -30.71
N ALA C 947 44.09 4.04 -30.79
CA ALA C 947 43.20 4.55 -31.84
C ALA C 947 42.92 6.03 -31.51
N LEU C 948 42.62 6.27 -30.25
CA LEU C 948 42.37 7.62 -29.76
C LEU C 948 43.63 8.48 -29.93
N GLN C 949 44.77 7.88 -29.61
CA GLN C 949 46.08 8.49 -29.78
C GLN C 949 46.28 8.97 -31.22
N LYS C 950 46.08 8.06 -32.16
CA LYS C 950 46.35 8.37 -33.52
C LYS C 950 45.47 9.48 -33.99
N LYS C 951 44.23 9.50 -33.51
CA LYS C 951 43.27 10.43 -34.09
C LYS C 951 43.54 11.77 -33.46
N ALA C 952 43.88 11.76 -32.17
CA ALA C 952 44.06 13.04 -31.50
C ALA C 952 45.34 13.71 -31.93
N LEU C 953 46.34 12.90 -32.29
CA LEU C 953 47.62 13.51 -32.57
C LEU C 953 47.72 14.31 -33.89
N LYS C 954 46.82 14.04 -34.82
CA LYS C 954 46.83 14.69 -36.18
C LYS C 954 48.23 14.65 -36.77
N GLY C 955 48.89 13.49 -36.71
CA GLY C 955 50.22 13.41 -37.32
C GLY C 955 51.38 13.62 -36.34
N GLU C 956 51.17 14.22 -35.18
CA GLU C 956 52.35 14.31 -34.26
C GLU C 956 52.66 12.92 -33.70
N LYS C 957 53.89 12.75 -33.29
CA LYS C 957 54.43 11.43 -33.02
C LYS C 957 54.56 11.33 -31.52
N PRO C 958 54.00 10.27 -30.92
CA PRO C 958 54.16 10.04 -29.49
C PRO C 958 55.50 9.37 -29.15
N TYR C 959 55.84 9.49 -27.87
CA TYR C 959 57.01 8.78 -27.35
C TYR C 959 56.60 8.11 -26.07
N THR C 960 57.40 7.15 -25.60
CA THR C 960 56.98 6.34 -24.45
C THR C 960 58.02 6.31 -23.37
N VAL C 961 59.09 7.09 -23.57
CA VAL C 961 60.10 7.24 -22.51
C VAL C 961 59.70 8.37 -21.56
N ARG C 962 60.34 8.34 -20.40
CA ARG C 962 60.29 9.38 -19.39
C ARG C 962 60.65 10.69 -20.08
N PRO C 963 59.75 11.67 -20.02
CA PRO C 963 59.91 12.96 -20.73
C PRO C 963 61.20 13.63 -20.41
N GLY C 964 61.49 13.71 -19.12
CA GLY C 964 62.80 14.09 -18.54
C GLY C 964 64.05 13.51 -19.20
N SER C 965 63.98 12.27 -19.67
CA SER C 965 65.17 11.63 -20.17
C SER C 965 65.51 12.12 -21.59
N LEU C 966 64.64 12.91 -22.16
CA LEU C 966 64.81 13.47 -23.48
C LEU C 966 65.41 14.85 -23.42
N LEU C 967 65.31 15.54 -22.30
CA LEU C 967 65.69 16.95 -22.30
C LEU C 967 67.16 17.09 -22.10
N LYS C 968 67.78 17.99 -22.86
CA LYS C 968 69.20 18.29 -22.67
C LYS C 968 69.42 18.86 -21.28
N GLU C 969 70.41 18.33 -20.57
CA GLU C 969 70.88 18.96 -19.35
C GLU C 969 70.99 20.49 -19.45
N ALA C 970 70.31 21.20 -18.54
CA ALA C 970 70.41 22.65 -18.52
C ALA C 970 71.84 23.03 -18.26
N ASP C 971 72.29 24.08 -18.92
CA ASP C 971 73.57 24.74 -18.63
C ASP C 971 73.25 25.77 -17.56
N LEU C 972 73.59 25.46 -16.32
CA LEU C 972 73.14 26.30 -15.22
C LEU C 972 73.84 27.63 -15.14
N ASP C 973 75.17 27.61 -15.34
CA ASP C 973 75.96 28.87 -15.35
C ASP C 973 75.39 29.88 -16.39
N ALA C 974 74.90 29.35 -17.52
CA ALA C 974 74.47 30.26 -18.59
C ALA C 974 73.13 30.84 -18.26
N GLU C 975 72.25 30.02 -17.72
CA GLU C 975 70.88 30.45 -17.36
C GLU C 975 70.94 31.48 -16.22
N ARG C 976 71.91 31.32 -15.33
CA ARG C 976 72.03 32.16 -14.16
C ARG C 976 72.34 33.58 -14.62
N LYS C 977 73.22 33.64 -15.63
CA LYS C 977 73.71 34.87 -16.21
C LYS C 977 72.59 35.54 -17.01
N VAL C 978 71.75 34.75 -17.68
CA VAL C 978 70.61 35.37 -18.35
C VAL C 978 69.80 36.29 -17.38
N ILE C 979 69.21 35.67 -16.32
CA ILE C 979 68.35 36.37 -15.31
C ILE C 979 69.10 37.44 -14.52
N GLU C 980 70.38 37.17 -14.23
CA GLU C 980 71.23 38.16 -13.58
C GLU C 980 71.40 39.46 -14.40
N LYS C 981 71.72 39.30 -15.67
CA LYS C 981 71.65 40.38 -16.65
C LYS C 981 70.26 41.02 -16.75
N LYS C 982 69.19 40.23 -16.78
CA LYS C 982 67.84 40.84 -16.89
C LYS C 982 67.49 41.70 -15.69
N LEU C 983 67.85 41.25 -14.49
CA LEU C 983 67.50 42.01 -13.29
C LEU C 983 68.56 42.99 -12.90
N GLU C 984 69.76 42.87 -13.48
CA GLU C 984 70.86 43.84 -13.23
C GLU C 984 71.48 43.67 -11.81
N ARG C 985 71.50 42.45 -11.32
CA ARG C 985 72.08 42.17 -10.02
C ARG C 985 72.26 40.69 -9.92
N GLU C 986 73.14 40.26 -9.03
CA GLU C 986 73.22 38.84 -8.69
C GLU C 986 71.88 38.34 -8.13
N VAL C 987 71.62 37.04 -8.25
CA VAL C 987 70.44 36.51 -7.62
C VAL C 987 70.89 35.44 -6.66
N SER C 988 70.11 35.17 -5.60
CA SER C 988 70.49 34.09 -4.66
C SER C 988 70.22 32.73 -5.31
N ASP C 989 70.82 31.69 -4.75
CA ASP C 989 70.60 30.33 -5.21
C ASP C 989 69.13 29.96 -5.22
N PHE C 990 68.39 30.54 -4.31
CA PHE C 990 66.97 30.29 -4.19
C PHE C 990 66.17 31.02 -5.29
N GLU C 991 66.44 32.31 -5.44
CA GLU C 991 65.79 33.00 -6.54
C GLU C 991 66.08 32.28 -7.87
N PHE C 992 67.29 31.76 -8.01
CA PHE C 992 67.63 31.13 -9.24
C PHE C 992 66.75 29.89 -9.44
N ALA C 993 66.56 29.16 -8.36
CA ALA C 993 65.67 28.03 -8.38
C ALA C 993 64.23 28.43 -8.80
N SER C 994 63.69 29.50 -8.20
CA SER C 994 62.43 30.06 -8.67
C SER C 994 62.44 30.31 -10.20
N TYR C 995 63.44 31.07 -10.63
CA TYR C 995 63.62 31.34 -12.05
C TYR C 995 63.61 30.10 -12.97
N LEU C 996 64.38 29.09 -12.61
CA LEU C 996 64.33 27.80 -13.34
C LEU C 996 62.95 27.16 -13.33
N MET C 997 62.17 27.34 -12.25
CA MET C 997 60.87 26.72 -12.22
C MET C 997 59.87 27.62 -13.00
N TYR C 998 59.95 28.94 -12.80
CA TYR C 998 58.95 29.84 -13.37
C TYR C 998 59.61 31.14 -13.88
N PRO C 999 60.37 31.04 -15.00
CA PRO C 999 61.16 32.20 -15.46
C PRO C 999 60.34 33.50 -15.50
N LYS C 1000 59.23 33.51 -16.23
CA LYS C 1000 58.41 34.70 -16.33
C LYS C 1000 57.82 35.15 -14.99
N VAL C 1001 57.15 34.22 -14.29
CA VAL C 1001 56.48 34.58 -13.05
C VAL C 1001 57.53 35.14 -12.08
N PHE C 1002 58.72 34.57 -12.05
CA PHE C 1002 59.75 35.08 -11.16
C PHE C 1002 60.26 36.49 -11.52
N THR C 1003 60.49 36.70 -12.81
CA THR C 1003 60.91 38.01 -13.28
C THR C 1003 59.82 39.00 -12.95
N ASP C 1004 58.58 38.72 -13.29
CA ASP C 1004 57.54 39.70 -12.92
C ASP C 1004 57.55 39.92 -11.43
N PHE C 1005 57.82 38.88 -10.67
CA PHE C 1005 57.80 39.05 -9.21
C PHE C 1005 59.01 39.91 -8.76
N ALA C 1006 60.17 39.63 -9.30
CA ALA C 1006 61.32 40.40 -8.90
C ALA C 1006 61.16 41.89 -9.22
N LEU C 1007 60.56 42.24 -10.38
CA LEU C 1007 60.37 43.64 -10.75
C LEU C 1007 59.27 44.31 -9.89
N ALA C 1008 58.22 43.59 -9.59
CA ALA C 1008 57.17 44.09 -8.74
C ALA C 1008 57.75 44.38 -7.33
N SER C 1009 58.59 43.50 -6.81
CA SER C 1009 59.27 43.75 -5.53
C SER C 1009 60.06 45.04 -5.52
N ASP C 1010 60.96 45.15 -6.49
CA ASP C 1010 61.75 46.32 -6.64
C ASP C 1010 60.87 47.57 -6.62
N THR C 1011 59.67 47.47 -7.16
CA THR C 1011 58.78 48.61 -7.19
C THR C 1011 58.04 48.79 -5.88
N TYR C 1012 57.51 47.70 -5.32
CA TYR C 1012 56.57 47.88 -4.22
C TYR C 1012 57.09 47.53 -2.85
N GLY C 1013 58.33 47.03 -2.77
CA GLY C 1013 58.93 46.68 -1.48
C GLY C 1013 58.42 45.34 -0.91
N PRO C 1014 58.58 45.13 0.42
CA PRO C 1014 58.25 43.81 1.03
C PRO C 1014 56.77 43.78 1.41
N VAL C 1015 55.91 43.71 0.41
CA VAL C 1015 54.50 43.81 0.68
C VAL C 1015 53.97 42.63 1.48
N SER C 1016 54.71 41.53 1.52
CA SER C 1016 54.29 40.42 2.34
C SER C 1016 54.15 40.85 3.79
N VAL C 1017 54.63 42.03 4.19
CA VAL C 1017 54.64 42.35 5.64
C VAL C 1017 53.34 43.05 5.97
N LEU C 1018 52.60 43.43 4.93
CA LEU C 1018 51.31 43.98 5.21
C LEU C 1018 50.30 42.91 5.68
N PRO C 1019 49.43 43.32 6.62
CA PRO C 1019 48.27 42.51 6.93
C PRO C 1019 47.36 42.29 5.70
N THR C 1020 46.66 41.17 5.69
CA THR C 1020 45.90 40.80 4.52
C THR C 1020 44.91 41.86 4.09
N PRO C 1021 44.08 42.42 5.01
CA PRO C 1021 43.11 43.42 4.51
C PRO C 1021 43.79 44.62 3.85
N ALA C 1022 44.90 45.08 4.39
CA ALA C 1022 45.60 46.13 3.68
C ALA C 1022 46.26 45.59 2.38
N TYR C 1023 46.61 44.30 2.32
CA TYR C 1023 47.25 43.87 1.08
C TYR C 1023 46.18 43.91 -0.01
N PHE C 1024 44.99 43.42 0.30
CA PHE C 1024 43.97 43.28 -0.73
C PHE C 1024 43.12 44.54 -0.95
N TYR C 1025 43.03 45.47 0.01
CA TYR C 1025 42.06 46.61 -0.14
C TYR C 1025 42.60 47.98 0.22
N GLY C 1026 43.88 48.10 0.49
CA GLY C 1026 44.42 49.36 0.96
C GLY C 1026 43.88 49.85 2.31
N LEU C 1027 43.98 51.16 2.53
CA LEU C 1027 43.52 51.75 3.76
C LEU C 1027 42.26 52.59 3.56
N ALA C 1028 41.31 52.45 4.47
CA ALA C 1028 40.14 53.33 4.54
C ALA C 1028 40.55 54.74 4.99
N ASP C 1029 39.76 55.75 4.63
CA ASP C 1029 40.03 57.10 5.08
C ASP C 1029 40.15 57.21 6.59
N GLY C 1030 41.24 57.83 7.05
CA GLY C 1030 41.57 57.90 8.47
C GLY C 1030 42.12 56.63 9.09
N GLU C 1031 42.13 55.53 8.35
CA GLU C 1031 42.51 54.24 8.95
C GLU C 1031 44.01 54.22 9.29
N GLU C 1032 44.34 53.65 10.44
CA GLU C 1032 45.71 53.48 10.85
C GLU C 1032 46.14 52.04 10.77
N LEU C 1033 47.36 51.82 10.38
CA LEU C 1033 47.87 50.48 10.24
C LEU C 1033 49.27 50.40 10.89
N PHE C 1034 49.56 49.29 11.54
CA PHE C 1034 50.86 49.02 12.15
C PHE C 1034 51.42 47.99 11.21
N ALA C 1035 52.65 48.13 10.77
CA ALA C 1035 53.21 47.14 9.85
C ALA C 1035 54.67 46.96 10.11
N ASP C 1036 55.07 45.72 10.35
CA ASP C 1036 56.45 45.40 10.70
C ASP C 1036 57.26 45.09 9.49
N ILE C 1037 58.06 46.05 9.03
CA ILE C 1037 58.93 45.79 7.85
C ILE C 1037 60.00 44.79 8.23
N GLU C 1038 60.26 44.70 9.53
CA GLU C 1038 61.30 43.85 10.06
C GLU C 1038 60.89 43.50 11.47
N LYS C 1039 61.46 42.43 11.99
CA LYS C 1039 60.98 41.84 13.22
C LYS C 1039 60.73 42.90 14.32
N GLY C 1040 61.68 43.78 14.62
CA GLY C 1040 61.37 44.77 15.67
C GLY C 1040 61.29 46.22 15.18
N LYS C 1041 60.70 46.41 13.99
CA LYS C 1041 60.67 47.71 13.30
C LYS C 1041 59.25 47.93 12.75
N THR C 1042 58.41 48.53 13.60
CA THR C 1042 57.00 48.75 13.33
C THR C 1042 56.73 50.17 12.84
N LEU C 1043 56.05 50.24 11.69
CA LEU C 1043 55.63 51.50 11.11
C LEU C 1043 54.15 51.81 11.49
N VAL C 1044 53.89 53.04 11.90
CA VAL C 1044 52.52 53.55 12.05
C VAL C 1044 52.21 54.30 10.77
N ILE C 1045 51.20 53.83 10.04
CA ILE C 1045 50.81 54.46 8.80
C ILE C 1045 49.32 54.88 8.92
N VAL C 1046 49.04 56.18 8.74
CA VAL C 1046 47.66 56.64 8.70
C VAL C 1046 47.41 57.19 7.27
N ASN C 1047 46.28 56.80 6.69
CA ASN C 1047 45.74 57.42 5.50
C ASN C 1047 44.96 58.72 5.82
N GLN C 1048 45.66 59.85 5.78
CA GLN C 1048 45.09 61.17 6.06
C GLN C 1048 43.96 61.53 5.11
N ALA C 1049 44.23 61.43 3.79
CA ALA C 1049 43.29 61.81 2.73
C ALA C 1049 43.77 61.38 1.34
N VAL C 1050 42.84 61.28 0.39
CA VAL C 1050 43.18 60.97 -1.01
C VAL C 1050 42.55 62.03 -1.88
N SER C 1051 43.30 62.58 -2.82
CA SER C 1051 42.77 63.72 -3.53
C SER C 1051 41.90 63.29 -4.72
N ALA C 1052 41.31 64.24 -5.43
CA ALA C 1052 40.70 63.92 -6.70
C ALA C 1052 41.85 63.65 -7.68
N THR C 1053 41.56 62.99 -8.78
CA THR C 1053 42.62 62.80 -9.77
C THR C 1053 42.82 64.12 -10.54
N ASP C 1054 44.04 64.34 -11.02
CA ASP C 1054 44.37 65.58 -11.73
C ASP C 1054 44.44 65.32 -13.24
N SER C 1055 45.16 66.20 -13.94
CA SER C 1055 45.50 66.02 -15.34
C SER C 1055 46.99 65.61 -15.47
N GLN C 1056 47.24 64.29 -15.57
CA GLN C 1056 48.58 63.67 -15.59
C GLN C 1056 48.51 62.19 -15.19
N GLY C 1057 47.31 61.62 -15.28
CA GLY C 1057 47.02 60.22 -14.80
C GLY C 1057 47.30 59.87 -13.33
N MET C 1058 47.25 60.88 -12.46
CA MET C 1058 47.85 60.78 -11.12
C MET C 1058 46.91 61.17 -9.98
N VAL C 1059 46.85 60.33 -8.95
CA VAL C 1059 46.11 60.59 -7.70
C VAL C 1059 47.14 60.65 -6.57
N THR C 1060 46.97 61.63 -5.69
CA THR C 1060 47.82 61.84 -4.53
C THR C 1060 47.17 61.27 -3.25
N VAL C 1061 47.93 60.40 -2.61
CA VAL C 1061 47.50 59.87 -1.35
C VAL C 1061 48.34 60.50 -0.25
N PHE C 1062 47.65 61.00 0.77
CA PHE C 1062 48.30 61.71 1.86
C PHE C 1062 48.41 60.79 3.07
N PHE C 1063 49.61 60.51 3.54
CA PHE C 1063 49.82 59.59 4.64
C PHE C 1063 50.49 60.34 5.77
N GLU C 1064 50.42 59.78 6.97
CA GLU C 1064 51.38 60.04 8.04
C GLU C 1064 52.08 58.74 8.22
N LEU C 1065 53.37 58.74 7.99
CA LEU C 1065 54.30 57.67 8.36
C LEU C 1065 55.04 58.00 9.67
N ASN C 1066 54.83 57.18 10.70
CA ASN C 1066 55.40 57.45 12.07
C ASN C 1066 55.19 58.91 12.48
N GLY C 1067 53.98 59.41 12.25
CA GLY C 1067 53.62 60.83 12.50
C GLY C 1067 54.06 61.92 11.51
N GLN C 1068 54.92 61.55 10.54
CA GLN C 1068 55.41 62.49 9.52
C GLN C 1068 54.61 62.47 8.17
N PRO C 1069 54.25 63.67 7.64
CA PRO C 1069 53.50 63.78 6.37
C PRO C 1069 54.19 63.11 5.20
N ARG C 1070 53.46 62.37 4.39
CA ARG C 1070 54.05 61.77 3.21
C ARG C 1070 53.03 61.76 2.09
N ARG C 1071 53.38 62.32 0.95
CA ARG C 1071 52.48 62.32 -0.19
C ARG C 1071 53.02 61.36 -1.22
N ILE C 1072 52.17 60.47 -1.71
CA ILE C 1072 52.58 59.54 -2.76
C ILE C 1072 51.65 59.75 -3.95
N LYS C 1073 52.23 59.87 -5.13
CA LYS C 1073 51.41 60.04 -6.35
C LYS C 1073 51.23 58.66 -6.94
N VAL C 1074 50.01 58.34 -7.35
CA VAL C 1074 49.78 57.05 -7.99
C VAL C 1074 48.90 57.25 -9.22
N PRO C 1075 49.17 56.45 -10.28
CA PRO C 1075 48.32 56.55 -11.48
C PRO C 1075 46.86 56.21 -11.17
N ASP C 1076 45.94 56.81 -11.87
CA ASP C 1076 44.62 56.25 -11.86
C ASP C 1076 44.20 55.91 -13.28
N GLY D 12 -9.31 85.54 -44.67
CA GLY D 12 -9.95 85.44 -46.02
C GLY D 12 -8.99 85.53 -47.21
N PRO D 13 -8.67 84.38 -47.85
CA PRO D 13 -8.98 83.02 -47.32
C PRO D 13 -8.19 82.77 -46.02
N ILE D 14 -8.85 82.17 -45.03
CA ILE D 14 -8.15 81.82 -43.80
C ILE D 14 -6.89 81.04 -44.20
N SER D 15 -5.80 81.41 -43.55
CA SER D 15 -4.44 80.94 -43.88
C SER D 15 -3.73 80.40 -42.63
N LYS D 16 -4.19 80.85 -41.46
CA LYS D 16 -3.58 80.45 -40.21
C LYS D 16 -4.57 80.50 -39.09
N ILE D 17 -4.73 79.36 -38.42
CA ILE D 17 -5.69 79.20 -37.33
C ILE D 17 -5.00 78.81 -36.03
N LEU D 18 -5.28 79.61 -34.99
CA LEU D 18 -4.94 79.28 -33.59
C LEU D 18 -6.12 78.54 -32.96
N VAL D 19 -5.84 77.41 -32.30
CA VAL D 19 -6.92 76.73 -31.56
C VAL D 19 -6.89 77.15 -30.11
N ALA D 20 -7.89 77.91 -29.65
CA ALA D 20 -7.98 78.33 -28.25
C ALA D 20 -8.53 77.20 -27.36
N ASN D 21 -7.80 76.10 -27.33
CA ASN D 21 -8.26 74.91 -26.62
C ASN D 21 -7.11 73.93 -26.32
N ARG D 22 -7.44 72.67 -26.01
CA ARG D 22 -6.41 71.67 -25.63
C ARG D 22 -6.92 70.27 -25.89
N SER D 23 -6.10 69.29 -25.54
CA SER D 23 -6.49 67.87 -25.63
C SER D 23 -7.05 67.50 -27.02
N GLU D 24 -8.06 66.63 -27.06
CA GLU D 24 -8.47 66.02 -28.30
C GLU D 24 -9.04 67.04 -29.29
N ILE D 25 -9.70 68.08 -28.80
CA ILE D 25 -10.44 68.92 -29.72
C ILE D 25 -9.48 69.81 -30.49
N ALA D 26 -8.37 70.17 -29.86
CA ALA D 26 -7.30 70.99 -30.46
C ALA D 26 -6.68 70.12 -31.55
N ILE D 27 -6.54 68.84 -31.19
CA ILE D 27 -5.85 67.97 -32.06
C ILE D 27 -6.71 67.81 -33.29
N ARG D 28 -7.98 67.48 -33.04
CA ARG D 28 -9.00 67.31 -34.07
C ARG D 28 -9.01 68.48 -35.02
N VAL D 29 -9.12 69.69 -34.50
CA VAL D 29 -9.04 70.87 -35.32
C VAL D 29 -7.68 71.01 -36.05
N PHE D 30 -6.57 70.73 -35.36
CA PHE D 30 -5.27 70.79 -36.05
C PHE D 30 -5.25 69.95 -37.33
N ARG D 31 -5.85 68.76 -37.26
CA ARG D 31 -5.92 67.87 -38.43
C ARG D 31 -6.71 68.44 -39.58
N ALA D 32 -7.94 68.87 -39.31
CA ALA D 32 -8.79 69.59 -40.29
C ALA D 32 -8.00 70.68 -41.06
N ALA D 33 -7.44 71.63 -40.33
CA ALA D 33 -6.76 72.76 -40.93
C ALA D 33 -5.60 72.33 -41.83
N ASN D 34 -4.84 71.36 -41.34
CA ASN D 34 -3.68 70.90 -42.04
C ASN D 34 -4.06 70.22 -43.38
N GLU D 35 -5.06 69.36 -43.34
CA GLU D 35 -5.63 68.81 -44.54
C GLU D 35 -6.10 69.88 -45.50
N LEU D 36 -6.59 71.00 -44.97
CA LEU D 36 -7.05 72.10 -45.81
C LEU D 36 -5.85 72.95 -46.21
N GLY D 37 -4.63 72.59 -45.75
CA GLY D 37 -3.41 73.31 -46.13
C GLY D 37 -3.35 74.66 -45.43
N ILE D 38 -3.96 74.74 -44.25
CA ILE D 38 -4.00 75.98 -43.45
C ILE D 38 -3.03 75.80 -42.27
N LYS D 39 -2.26 76.83 -41.93
CA LYS D 39 -1.26 76.71 -40.85
C LYS D 39 -1.93 76.70 -39.45
N THR D 40 -1.36 75.95 -38.51
CA THR D 40 -1.93 75.82 -37.17
C THR D 40 -1.06 76.33 -35.97
N VAL D 41 -1.74 76.97 -35.00
CA VAL D 41 -1.11 77.49 -33.80
C VAL D 41 -1.77 76.91 -32.57
N ALA D 42 -0.93 76.39 -31.67
CA ALA D 42 -1.39 75.88 -30.41
C ALA D 42 -1.03 76.84 -29.28
N ILE D 43 -1.81 76.79 -28.21
CA ILE D 43 -1.44 77.43 -26.97
C ILE D 43 -1.41 76.40 -25.85
N TRP D 44 -0.65 76.70 -24.78
CA TRP D 44 -0.52 75.74 -23.65
C TRP D 44 -0.16 76.46 -22.39
N ALA D 45 -0.76 76.03 -21.29
CA ALA D 45 -0.35 76.56 -20.03
C ALA D 45 0.99 75.85 -19.60
N GLU D 46 1.67 76.42 -18.60
CA GLU D 46 2.84 75.78 -18.02
C GLU D 46 2.48 74.32 -17.66
N GLU D 47 1.30 74.09 -17.08
CA GLU D 47 1.03 72.72 -16.64
C GLU D 47 0.95 71.68 -17.80
N ASP D 48 0.75 72.16 -19.02
CA ASP D 48 0.55 71.35 -20.25
C ASP D 48 1.83 71.45 -21.10
N LYS D 49 2.91 71.92 -20.48
CA LYS D 49 4.16 72.03 -21.20
C LYS D 49 4.61 70.69 -21.85
N LEU D 50 4.16 69.53 -21.33
CA LEU D 50 4.45 68.22 -21.95
C LEU D 50 3.22 67.56 -22.58
N ALA D 51 2.10 68.26 -22.63
CA ALA D 51 0.87 67.75 -23.28
C ALA D 51 1.01 67.45 -24.81
N LEU D 52 0.41 66.35 -25.26
CA LEU D 52 0.50 65.90 -26.65
C LEU D 52 0.09 66.98 -27.56
N HIS D 53 -1.03 67.62 -27.26
CA HIS D 53 -1.67 68.57 -28.23
C HIS D 53 -0.77 69.73 -28.67
N ARG D 54 0.13 70.19 -27.81
CA ARG D 54 0.96 71.33 -28.16
C ARG D 54 2.09 70.97 -29.13
N PHE D 55 2.34 69.67 -29.33
CA PHE D 55 3.31 69.25 -30.31
C PHE D 55 2.61 69.05 -31.60
N LYS D 56 1.28 69.08 -31.61
CA LYS D 56 0.52 68.83 -32.82
C LYS D 56 0.33 69.96 -33.83
N ALA D 57 0.70 71.19 -33.49
CA ALA D 57 0.49 72.34 -34.37
C ALA D 57 1.79 72.74 -35.11
N ASP D 58 1.73 73.70 -36.02
CA ASP D 58 2.94 74.17 -36.70
C ASP D 58 3.84 75.01 -35.81
N GLU D 59 3.19 75.69 -34.86
CA GLU D 59 3.88 76.44 -33.82
C GLU D 59 2.98 76.48 -32.60
N SER D 60 3.59 76.70 -31.42
CA SER D 60 2.82 76.74 -30.19
C SER D 60 3.49 77.64 -29.15
N TYR D 61 2.67 78.22 -28.27
CA TYR D 61 3.11 79.27 -27.35
C TYR D 61 2.41 79.18 -26.01
N GLN D 62 3.19 79.51 -25.00
CA GLN D 62 2.72 79.52 -23.67
C GLN D 62 1.80 80.69 -23.40
N VAL D 63 0.71 80.38 -22.71
CA VAL D 63 -0.17 81.40 -22.14
C VAL D 63 -0.26 81.18 -20.63
N GLY D 64 -0.37 82.27 -19.87
CA GLY D 64 -0.67 82.21 -18.44
C GLY D 64 0.43 82.73 -17.54
N ARG D 65 1.67 82.76 -18.05
CA ARG D 65 2.85 83.33 -17.32
C ARG D 65 3.49 84.45 -18.15
N GLY D 66 3.88 85.55 -17.50
CA GLY D 66 4.55 86.65 -18.20
C GLY D 66 4.52 87.98 -17.46
N PRO D 67 5.39 88.93 -17.91
CA PRO D 67 5.70 90.26 -17.39
C PRO D 67 4.63 91.27 -16.88
N HIS D 68 3.59 91.74 -17.59
CA HIS D 68 2.84 91.27 -18.77
C HIS D 68 1.45 90.94 -18.26
N LEU D 69 1.40 90.26 -17.10
CA LEU D 69 0.19 89.98 -16.36
C LEU D 69 0.15 90.73 -15.05
N ALA D 70 0.42 90.01 -13.97
CA ALA D 70 0.30 90.53 -12.58
C ALA D 70 0.46 89.39 -11.60
N ARG D 71 -0.17 88.25 -11.90
CA ARG D 71 -0.02 86.94 -11.19
C ARG D 71 -0.02 85.79 -12.22
N ASP D 72 0.62 84.67 -11.92
CA ASP D 72 0.54 83.54 -12.86
C ASP D 72 -0.92 83.11 -12.85
N LEU D 73 -1.50 82.84 -14.02
CA LEU D 73 -2.84 82.27 -14.09
C LEU D 73 -2.80 80.76 -13.74
N GLY D 74 -3.92 80.20 -13.29
CA GLY D 74 -3.95 78.77 -13.04
C GLY D 74 -4.04 77.99 -14.36
N PRO D 75 -4.06 76.65 -14.24
CA PRO D 75 -4.04 75.72 -15.40
C PRO D 75 -5.18 75.87 -16.36
N ILE D 76 -6.37 76.13 -15.84
CA ILE D 76 -7.58 76.15 -16.64
C ILE D 76 -7.73 77.61 -16.98
N GLU D 77 -7.56 78.45 -15.96
CA GLU D 77 -7.57 79.90 -16.09
C GLU D 77 -6.77 80.31 -17.31
N SER D 78 -5.57 79.73 -17.46
CA SER D 78 -4.73 80.13 -18.60
C SER D 78 -5.47 80.04 -19.93
N TYR D 79 -6.29 79.02 -20.10
CA TYR D 79 -7.00 78.82 -21.36
C TYR D 79 -8.27 79.68 -21.53
N LEU D 80 -8.81 80.23 -20.44
CA LEU D 80 -10.07 81.04 -20.45
C LEU D 80 -9.76 82.55 -20.51
N SER D 81 -8.50 82.91 -20.70
CA SER D 81 -8.14 84.30 -20.69
C SER D 81 -8.31 84.80 -22.11
N ILE D 82 -9.25 85.72 -22.29
CA ILE D 82 -9.49 86.30 -23.61
C ILE D 82 -8.22 87.04 -24.00
N ASP D 83 -7.71 87.82 -23.06
CA ASP D 83 -6.50 88.58 -23.28
C ASP D 83 -5.30 87.75 -23.79
N GLU D 84 -5.05 86.57 -23.16
CA GLU D 84 -3.89 85.72 -23.50
C GLU D 84 -4.09 85.02 -24.84
N VAL D 85 -5.34 84.66 -25.15
CA VAL D 85 -5.62 84.04 -26.44
C VAL D 85 -5.36 85.02 -27.55
N ILE D 86 -5.90 86.22 -27.40
CA ILE D 86 -5.69 87.22 -28.42
C ILE D 86 -4.22 87.60 -28.60
N ARG D 87 -3.47 87.70 -27.49
CA ARG D 87 -2.01 88.06 -27.57
C ARG D 87 -1.24 87.02 -28.45
N VAL D 88 -1.57 85.73 -28.26
CA VAL D 88 -0.94 84.70 -29.10
C VAL D 88 -1.39 84.81 -30.58
N ALA D 89 -2.68 85.07 -30.80
CA ALA D 89 -3.13 85.24 -32.14
C ALA D 89 -2.27 86.28 -32.83
N LYS D 90 -1.97 87.36 -32.13
CA LYS D 90 -1.30 88.47 -32.79
C LYS D 90 0.16 88.10 -32.97
N LEU D 91 0.69 87.41 -31.95
CA LEU D 91 2.10 87.07 -31.92
C LEU D 91 2.40 86.16 -33.12
N SER D 92 1.47 85.25 -33.36
CA SER D 92 1.64 84.15 -34.31
C SER D 92 1.29 84.55 -35.73
N GLY D 93 0.47 85.60 -35.85
CA GLY D 93 -0.05 86.12 -37.11
C GLY D 93 -1.26 85.30 -37.55
N ALA D 94 -1.93 84.67 -36.57
CA ALA D 94 -3.17 83.91 -36.86
C ALA D 94 -4.22 84.84 -37.43
N ASP D 95 -4.94 84.45 -38.47
CA ASP D 95 -6.05 85.30 -38.92
C ASP D 95 -7.42 84.79 -38.51
N ALA D 96 -7.42 83.69 -37.75
CA ALA D 96 -8.65 83.03 -37.32
C ALA D 96 -8.41 82.18 -36.08
N ILE D 97 -9.33 82.25 -35.14
CA ILE D 97 -9.30 81.44 -33.94
C ILE D 97 -10.44 80.40 -33.96
N HIS D 98 -10.12 79.11 -33.75
CA HIS D 98 -11.19 78.10 -33.50
C HIS D 98 -11.27 77.87 -32.03
N PRO D 99 -12.45 78.02 -31.36
CA PRO D 99 -12.41 77.82 -29.89
C PRO D 99 -12.70 76.42 -29.42
N GLY D 100 -12.82 75.43 -30.29
CA GLY D 100 -13.15 74.04 -29.85
C GLY D 100 -14.48 73.98 -29.08
N TYR D 101 -14.57 73.25 -27.99
CA TYR D 101 -15.77 73.38 -27.18
C TYR D 101 -15.37 73.71 -25.77
N GLY D 102 -16.34 73.89 -24.89
CA GLY D 102 -16.07 74.24 -23.52
C GLY D 102 -15.47 75.63 -23.51
N LEU D 103 -14.49 75.78 -22.63
CA LEU D 103 -13.73 77.01 -22.40
C LEU D 103 -14.46 78.33 -22.82
N LEU D 104 -14.04 78.95 -23.93
CA LEU D 104 -14.54 80.23 -24.37
C LEU D 104 -15.40 80.17 -25.64
N SER D 105 -15.80 78.96 -26.04
CA SER D 105 -16.48 78.74 -27.32
C SER D 105 -17.89 79.31 -27.30
N GLU D 106 -18.40 79.53 -26.08
CA GLU D 106 -19.73 80.11 -25.84
C GLU D 106 -19.68 81.53 -25.27
N SER D 107 -18.55 82.23 -25.43
CA SER D 107 -18.42 83.58 -24.89
C SER D 107 -18.66 84.69 -25.95
N PRO D 108 -19.74 85.47 -25.83
CA PRO D 108 -19.82 86.62 -26.72
C PRO D 108 -18.75 87.65 -26.39
N GLU D 109 -18.33 87.73 -25.12
CA GLU D 109 -17.30 88.73 -24.80
C GLU D 109 -16.07 88.29 -25.63
N PHE D 110 -15.82 87.00 -25.67
CA PHE D 110 -14.77 86.49 -26.55
C PHE D 110 -15.03 86.70 -28.05
N VAL D 111 -16.26 86.49 -28.53
CA VAL D 111 -16.53 86.75 -29.97
C VAL D 111 -16.27 88.19 -30.38
N ASP D 112 -16.54 89.15 -29.48
CA ASP D 112 -16.29 90.57 -29.72
C ASP D 112 -14.81 90.85 -29.82
N ALA D 113 -14.01 90.27 -28.93
CA ALA D 113 -12.61 90.63 -28.90
C ALA D 113 -11.88 90.15 -30.16
N CYS D 114 -12.37 89.06 -30.74
CA CYS D 114 -11.88 88.63 -32.05
C CYS D 114 -12.17 89.64 -33.14
N ASN D 115 -13.41 90.10 -33.24
CA ASN D 115 -13.77 91.18 -34.16
C ASN D 115 -13.01 92.50 -33.92
N LYS D 116 -12.86 92.89 -32.65
CA LYS D 116 -12.16 94.11 -32.30
C LYS D 116 -10.68 94.00 -32.68
N ALA D 117 -10.22 92.79 -32.98
CA ALA D 117 -8.84 92.63 -33.42
C ALA D 117 -8.68 92.17 -34.88
N GLY D 118 -9.79 92.03 -35.62
CA GLY D 118 -9.72 91.65 -37.03
C GLY D 118 -9.44 90.17 -37.25
N ILE D 119 -9.79 89.36 -36.26
CA ILE D 119 -9.49 87.96 -36.30
C ILE D 119 -10.80 87.22 -36.44
N ILE D 120 -10.91 86.34 -37.44
CA ILE D 120 -12.20 85.67 -37.63
C ILE D 120 -12.38 84.67 -36.51
N PHE D 121 -13.49 84.82 -35.81
CA PHE D 121 -13.96 83.85 -34.87
C PHE D 121 -14.69 82.70 -35.60
N ILE D 122 -14.23 81.47 -35.42
CA ILE D 122 -14.89 80.31 -36.07
C ILE D 122 -16.01 79.77 -35.18
N GLY D 123 -17.25 80.07 -35.55
CA GLY D 123 -18.45 79.96 -34.72
C GLY D 123 -19.50 81.05 -35.05
N PRO D 124 -20.66 80.98 -34.36
CA PRO D 124 -21.67 81.99 -34.64
C PRO D 124 -21.20 83.38 -34.23
N LYS D 125 -21.84 84.41 -34.80
CA LYS D 125 -21.70 85.80 -34.40
C LYS D 125 -22.07 85.98 -32.93
N ALA D 126 -21.53 87.00 -32.28
CA ALA D 126 -21.82 87.31 -30.87
C ALA D 126 -23.32 87.35 -30.56
N ASP D 127 -24.10 88.03 -31.41
CA ASP D 127 -25.54 88.14 -31.28
C ASP D 127 -26.19 86.78 -31.08
N THR D 128 -25.95 85.87 -32.04
CA THR D 128 -26.48 84.53 -32.01
C THR D 128 -26.27 83.96 -30.60
N MET D 129 -25.12 84.28 -29.99
CA MET D 129 -24.76 83.70 -28.68
C MET D 129 -25.48 84.26 -27.47
N ARG D 130 -25.71 85.57 -27.46
CA ARG D 130 -26.51 86.24 -26.39
C ARG D 130 -27.95 85.69 -26.35
N GLN D 131 -28.54 85.46 -27.53
CA GLN D 131 -29.85 84.82 -27.72
C GLN D 131 -29.91 83.34 -27.22
N LEU D 132 -28.79 82.61 -27.30
CA LEU D 132 -28.87 81.20 -26.93
C LEU D 132 -28.08 80.88 -25.66
N GLY D 133 -27.44 81.90 -25.09
CA GLY D 133 -26.58 81.70 -23.92
C GLY D 133 -27.38 81.78 -22.65
N ASN D 134 -28.51 82.46 -22.71
CA ASN D 134 -29.43 82.41 -21.62
C ASN D 134 -30.42 81.30 -21.93
N LYS D 135 -30.47 80.26 -21.12
CA LYS D 135 -31.45 79.20 -21.37
C LYS D 135 -32.92 79.69 -21.44
N VAL D 136 -33.40 80.44 -20.44
CA VAL D 136 -34.74 81.06 -20.48
C VAL D 136 -34.97 81.73 -21.84
N ALA D 137 -34.01 82.56 -22.26
CA ALA D 137 -34.19 83.37 -23.46
C ALA D 137 -34.08 82.55 -24.77
N ALA D 138 -33.35 81.45 -24.75
CA ALA D 138 -33.33 80.57 -25.90
C ALA D 138 -34.66 79.85 -26.00
N ARG D 139 -35.19 79.42 -24.84
CA ARG D 139 -36.52 78.77 -24.72
C ARG D 139 -37.60 79.65 -25.31
N ASN D 140 -37.53 80.95 -25.07
CA ASN D 140 -38.53 81.86 -25.64
C ASN D 140 -38.49 81.97 -27.16
N LEU D 141 -37.27 82.02 -27.72
CA LEU D 141 -37.13 81.94 -29.16
C LEU D 141 -37.77 80.66 -29.75
N ALA D 142 -37.54 79.50 -29.13
CA ALA D 142 -38.21 78.25 -29.54
C ALA D 142 -39.71 78.48 -29.74
N ILE D 143 -40.38 78.88 -28.65
CA ILE D 143 -41.81 79.07 -28.66
C ILE D 143 -42.22 79.90 -29.90
N SER D 144 -41.47 80.96 -30.18
CA SER D 144 -41.91 81.94 -31.15
C SER D 144 -41.89 81.29 -32.55
N VAL D 145 -40.91 80.38 -32.77
CA VAL D 145 -40.93 79.59 -34.13
C VAL D 145 -41.61 78.24 -33.95
N GLY D 146 -42.42 78.14 -32.88
CA GLY D 146 -43.45 77.08 -32.72
C GLY D 146 -42.80 75.77 -32.52
N VAL D 147 -41.72 75.80 -31.73
CA VAL D 147 -41.03 74.58 -31.28
C VAL D 147 -41.41 74.26 -29.81
N PRO D 148 -41.88 73.02 -29.53
CA PRO D 148 -42.31 72.65 -28.18
C PRO D 148 -41.18 72.72 -27.16
N VAL D 149 -41.46 73.30 -26.01
CA VAL D 149 -40.49 73.39 -24.91
C VAL D 149 -41.27 72.94 -23.68
N VAL D 150 -40.61 72.32 -22.69
CA VAL D 150 -41.37 71.75 -21.54
C VAL D 150 -41.92 72.89 -20.66
N PRO D 151 -43.12 72.70 -20.06
CA PRO D 151 -43.65 73.70 -19.11
C PRO D 151 -42.56 74.12 -18.11
N ALA D 152 -42.38 75.43 -17.97
CA ALA D 152 -41.21 76.03 -17.33
C ALA D 152 -41.59 77.29 -16.51
N THR D 153 -40.58 78.01 -16.01
CA THR D 153 -40.76 79.10 -15.05
C THR D 153 -39.84 80.30 -15.34
N GLU D 154 -40.41 81.50 -15.26
CA GLU D 154 -39.61 82.73 -15.42
C GLU D 154 -38.52 82.78 -14.35
N PRO D 155 -37.30 83.21 -14.73
CA PRO D 155 -36.08 83.24 -13.86
C PRO D 155 -36.35 83.54 -12.37
N LEU D 156 -36.51 82.48 -11.57
CA LEU D 156 -36.97 82.54 -10.15
C LEU D 156 -36.66 83.86 -9.39
N PRO D 157 -37.72 84.64 -9.08
CA PRO D 157 -37.70 85.87 -8.27
C PRO D 157 -36.72 85.86 -7.07
N ASP D 158 -37.26 85.75 -5.85
CA ASP D 158 -36.51 85.80 -4.59
C ASP D 158 -37.53 85.84 -3.43
N ASP D 159 -38.13 84.69 -3.14
CA ASP D 159 -39.14 84.56 -2.08
C ASP D 159 -39.66 83.12 -1.92
N MET D 160 -40.64 82.75 -2.73
CA MET D 160 -41.43 81.52 -2.54
C MET D 160 -41.57 80.57 -3.76
N ALA D 161 -42.64 79.78 -3.75
CA ALA D 161 -42.90 78.71 -4.73
C ALA D 161 -43.27 79.15 -6.17
N GLU D 162 -44.36 79.90 -6.36
CA GLU D 162 -44.89 80.19 -7.72
C GLU D 162 -44.93 78.85 -8.50
N VAL D 163 -45.88 77.98 -8.12
CA VAL D 163 -45.70 76.50 -8.33
C VAL D 163 -46.17 75.97 -9.69
N ALA D 164 -45.31 75.13 -10.27
CA ALA D 164 -45.64 74.38 -11.49
C ALA D 164 -45.38 72.90 -11.26
N TYR D 172 -42.85 70.58 -6.94
CA TYR D 172 -43.70 69.41 -7.22
C TYR D 172 -43.96 69.07 -8.73
N PRO D 173 -43.13 68.21 -9.39
CA PRO D 173 -41.64 67.97 -9.38
C PRO D 173 -40.90 68.68 -10.57
N VAL D 174 -39.94 69.55 -10.23
CA VAL D 174 -39.24 70.38 -11.22
C VAL D 174 -37.70 70.22 -11.12
N MET D 175 -36.95 70.79 -12.07
CA MET D 175 -35.47 70.85 -12.00
C MET D 175 -35.01 72.31 -11.90
N LEU D 176 -34.28 72.69 -10.85
CA LEU D 176 -33.73 74.06 -10.77
C LEU D 176 -32.51 74.08 -11.68
N LYS D 177 -32.49 75.03 -12.62
CA LYS D 177 -31.63 74.89 -13.80
C LYS D 177 -30.45 75.84 -14.03
N ALA D 178 -30.58 77.12 -13.73
CA ALA D 178 -29.47 78.07 -13.99
C ALA D 178 -29.41 78.45 -15.48
N SER D 179 -29.96 79.61 -15.81
CA SER D 179 -30.05 80.07 -17.20
C SER D 179 -28.69 80.17 -17.88
N TRP D 180 -27.65 80.48 -17.08
CA TRP D 180 -26.29 80.74 -17.55
C TRP D 180 -25.72 79.77 -18.56
N MET D 187 -27.60 72.67 -11.35
CA MET D 187 -28.76 71.87 -11.76
C MET D 187 -29.04 70.69 -10.81
N ARG D 188 -30.32 70.49 -10.48
CA ARG D 188 -30.79 69.45 -9.56
C ARG D 188 -32.30 69.27 -9.65
N VAL D 189 -32.76 68.08 -9.29
CA VAL D 189 -34.18 67.83 -9.21
C VAL D 189 -34.64 68.40 -7.88
N ILE D 190 -35.89 68.80 -7.81
CA ILE D 190 -36.49 69.32 -6.58
C ILE D 190 -37.86 68.65 -6.48
N ARG D 191 -37.97 67.67 -5.59
CA ARG D 191 -39.22 66.90 -5.43
C ARG D 191 -40.10 67.67 -4.45
N SER D 192 -41.30 68.05 -4.85
CA SER D 192 -42.24 68.82 -3.99
C SER D 192 -41.69 69.99 -3.13
N GLU D 193 -42.59 70.93 -2.81
CA GLU D 193 -42.31 72.03 -1.88
C GLU D 193 -42.03 71.52 -0.48
N LEU D 196 -36.99 72.72 -0.01
CA LEU D 196 -37.70 73.71 -0.85
C LEU D 196 -36.90 75.02 -1.07
N ALA D 197 -36.79 75.84 -0.04
CA ALA D 197 -35.95 77.05 -0.05
C ALA D 197 -34.45 76.73 -0.11
N LYS D 198 -34.04 75.69 0.61
CA LYS D 198 -32.69 75.11 0.46
C LYS D 198 -32.67 74.45 -0.90
N GLU D 199 -31.48 74.19 -1.41
CA GLU D 199 -31.33 73.67 -2.77
C GLU D 199 -31.40 74.88 -3.69
N VAL D 200 -32.43 75.70 -3.50
CA VAL D 200 -32.67 76.90 -4.30
C VAL D 200 -31.58 77.93 -4.03
N THR D 201 -31.27 78.14 -2.76
CA THR D 201 -30.16 79.01 -2.43
C THR D 201 -28.87 78.26 -2.81
N GLU D 202 -28.85 76.95 -2.52
CA GLU D 202 -27.69 76.03 -2.78
C GLU D 202 -27.31 75.87 -4.26
N ALA D 203 -28.30 75.99 -5.15
CA ALA D 203 -28.05 76.09 -6.59
C ALA D 203 -27.57 77.50 -7.01
N LYS D 204 -28.21 78.55 -6.48
CA LYS D 204 -27.77 79.90 -6.78
C LYS D 204 -26.26 79.98 -6.51
N ARG D 205 -25.90 79.70 -5.26
CA ARG D 205 -24.50 79.73 -4.87
C ARG D 205 -23.63 78.80 -5.75
N GLU D 206 -24.13 77.62 -6.13
CA GLU D 206 -23.40 76.75 -7.10
C GLU D 206 -23.35 77.36 -8.51
N ALA D 207 -24.43 77.99 -8.98
CA ALA D 207 -24.40 78.67 -10.29
C ALA D 207 -23.45 79.87 -10.27
N MET D 208 -23.56 80.66 -9.19
CA MET D 208 -22.67 81.79 -8.92
C MET D 208 -21.21 81.34 -8.95
N ALA D 209 -20.94 80.21 -8.31
CA ALA D 209 -19.59 79.67 -8.23
C ALA D 209 -19.15 79.09 -9.57
N ALA D 210 -20.06 78.47 -10.30
CA ALA D 210 -19.65 77.83 -11.55
C ALA D 210 -19.56 78.83 -12.73
N PHE D 211 -20.60 79.63 -12.95
CA PHE D 211 -20.70 80.36 -14.19
C PHE D 211 -20.83 81.86 -13.94
N GLY D 212 -20.86 82.25 -12.66
CA GLY D 212 -20.85 83.66 -12.23
C GLY D 212 -22.15 84.38 -12.48
N LYS D 213 -23.28 83.67 -12.42
CA LYS D 213 -24.63 84.26 -12.60
C LYS D 213 -25.72 83.47 -11.88
N ASP D 214 -26.40 84.13 -10.93
CA ASP D 214 -27.50 83.57 -10.12
C ASP D 214 -28.59 82.83 -10.90
N GLU D 215 -29.15 83.48 -11.93
CA GLU D 215 -30.03 82.85 -12.93
C GLU D 215 -31.14 82.00 -12.28
N VAL D 216 -31.18 80.71 -12.61
CA VAL D 216 -32.09 79.72 -12.01
C VAL D 216 -33.50 79.78 -12.60
N TYR D 217 -33.95 78.63 -13.08
CA TYR D 217 -35.36 78.46 -13.46
C TYR D 217 -35.77 77.02 -13.12
N LEU D 218 -37.07 76.79 -13.06
CA LEU D 218 -37.60 75.47 -12.78
C LEU D 218 -38.34 74.99 -14.00
N GLU D 219 -37.85 73.94 -14.65
CA GLU D 219 -38.61 73.25 -15.71
C GLU D 219 -39.23 71.92 -15.20
N LYS D 220 -40.39 71.57 -15.76
CA LYS D 220 -41.09 70.34 -15.39
C LYS D 220 -40.12 69.20 -15.70
N LEU D 221 -39.88 68.37 -14.68
CA LEU D 221 -39.03 67.20 -14.78
C LEU D 221 -39.66 66.18 -15.73
N VAL D 222 -39.00 65.90 -16.86
CA VAL D 222 -39.45 64.82 -17.75
C VAL D 222 -38.89 63.57 -17.12
N GLU D 223 -39.76 62.82 -16.47
CA GLU D 223 -39.37 61.79 -15.54
C GLU D 223 -38.84 60.54 -16.26
N ARG D 224 -39.41 60.22 -17.41
CA ARG D 224 -38.87 59.14 -18.22
C ARG D 224 -38.45 59.71 -19.58
N ALA D 225 -37.14 59.92 -19.76
CA ALA D 225 -36.64 60.83 -20.80
C ALA D 225 -35.54 60.33 -21.75
N ARG D 226 -35.44 60.98 -22.91
CA ARG D 226 -34.34 60.69 -23.83
C ARG D 226 -33.68 61.96 -24.32
N HIS D 227 -32.37 62.02 -24.18
CA HIS D 227 -31.60 63.07 -24.85
C HIS D 227 -31.41 62.74 -26.28
N VAL D 228 -32.13 63.48 -27.16
CA VAL D 228 -31.90 63.44 -28.61
C VAL D 228 -31.45 64.82 -29.15
N GLU D 229 -30.61 64.84 -30.19
CA GLU D 229 -30.08 66.11 -30.66
C GLU D 229 -29.84 66.16 -32.14
N SER D 230 -30.15 67.32 -32.75
CA SER D 230 -29.88 67.64 -34.16
C SER D 230 -28.58 68.43 -34.33
N GLN D 231 -27.76 67.97 -35.28
CA GLN D 231 -26.64 68.76 -35.74
C GLN D 231 -27.07 69.69 -36.85
N ILE D 232 -26.73 70.96 -36.70
CA ILE D 232 -26.94 71.92 -37.77
C ILE D 232 -25.69 72.63 -38.28
N LEU D 233 -25.67 72.92 -39.56
CA LEU D 233 -24.68 73.80 -40.12
C LEU D 233 -25.44 74.95 -40.86
N GLY D 234 -24.96 76.18 -40.75
CA GLY D 234 -25.56 77.31 -41.40
C GLY D 234 -24.44 78.15 -41.96
N ASP D 235 -24.66 78.80 -43.11
CA ASP D 235 -23.62 79.65 -43.65
C ASP D 235 -23.96 81.12 -43.64
N THR D 236 -22.98 81.93 -44.06
CA THR D 236 -23.12 83.38 -44.10
C THR D 236 -24.19 83.87 -45.12
N HIS D 237 -24.65 82.97 -45.98
CA HIS D 237 -25.69 83.33 -46.96
C HIS D 237 -27.08 83.00 -46.51
N GLY D 238 -27.24 82.55 -45.27
CA GLY D 238 -28.57 82.31 -44.73
C GLY D 238 -29.12 80.90 -44.93
N ASN D 239 -28.39 80.06 -45.68
CA ASN D 239 -28.71 78.61 -45.78
C ASN D 239 -28.38 77.86 -44.52
N VAL D 240 -29.11 76.77 -44.30
CA VAL D 240 -29.00 75.99 -43.10
C VAL D 240 -29.37 74.56 -43.46
N VAL D 241 -28.57 73.60 -43.00
CA VAL D 241 -28.91 72.19 -43.16
C VAL D 241 -28.84 71.44 -41.81
N HIS D 242 -29.42 70.25 -41.77
CA HIS D 242 -29.24 69.37 -40.64
C HIS D 242 -28.50 68.14 -41.06
N LEU D 243 -27.64 67.65 -40.18
CA LEU D 243 -27.06 66.36 -40.42
C LEU D 243 -27.74 65.30 -39.55
N PHE D 244 -29.06 65.37 -39.42
CA PHE D 244 -29.75 64.35 -38.64
C PHE D 244 -29.45 64.49 -37.15
N GLU D 245 -29.83 63.48 -36.38
CA GLU D 245 -29.83 63.59 -34.93
C GLU D 245 -28.88 62.61 -34.25
N ARG D 246 -28.76 62.77 -32.93
CA ARG D 246 -27.93 61.94 -32.10
C ARG D 246 -28.61 61.56 -30.81
N ASP D 247 -28.29 60.37 -30.30
CA ASP D 247 -28.73 59.93 -29.01
C ASP D 247 -27.63 60.04 -27.95
N CYS D 248 -27.96 60.76 -26.87
CA CYS D 248 -27.02 60.96 -25.79
C CYS D 248 -27.76 60.77 -24.49
N SER D 249 -28.51 59.67 -24.39
CA SER D 249 -29.31 59.46 -23.23
C SER D 249 -28.51 58.68 -22.20
N VAL D 250 -27.36 58.14 -22.61
CA VAL D 250 -26.49 57.45 -21.66
C VAL D 250 -25.62 58.50 -20.92
N GLN D 251 -26.09 58.89 -19.73
CA GLN D 251 -25.52 60.07 -19.01
C GLN D 251 -25.19 59.82 -17.53
N ARG D 252 -24.71 60.88 -16.85
CA ARG D 252 -24.26 60.78 -15.48
C ARG D 252 -23.69 62.12 -14.95
N ARG D 253 -24.26 62.76 -13.94
CA ARG D 253 -25.58 62.55 -13.43
C ARG D 253 -26.44 63.01 -14.58
N ASN D 254 -26.21 64.22 -15.04
CA ASN D 254 -26.82 64.66 -16.27
C ASN D 254 -25.82 65.01 -17.33
N GLN D 255 -24.66 64.34 -17.30
CA GLN D 255 -23.59 64.65 -18.26
C GLN D 255 -23.42 63.43 -19.18
N LYS D 256 -23.33 63.68 -20.49
CA LYS D 256 -23.26 62.64 -21.53
C LYS D 256 -22.11 61.69 -21.29
N VAL D 257 -22.38 60.39 -21.40
CA VAL D 257 -21.36 59.40 -21.32
C VAL D 257 -21.18 58.70 -22.66
N VAL D 258 -22.26 58.23 -23.27
CA VAL D 258 -22.13 57.46 -24.52
C VAL D 258 -23.11 58.06 -25.47
N GLU D 259 -22.66 58.37 -26.68
CA GLU D 259 -23.48 59.06 -27.68
C GLU D 259 -23.53 58.22 -28.95
N ARG D 260 -24.69 58.25 -29.61
CA ARG D 260 -24.93 57.41 -30.77
C ARG D 260 -25.52 58.24 -31.90
N ALA D 261 -25.17 57.88 -33.13
CA ALA D 261 -25.86 58.38 -34.31
C ALA D 261 -26.13 57.25 -35.33
N PRO D 262 -27.35 57.19 -35.88
CA PRO D 262 -28.55 57.98 -35.57
C PRO D 262 -29.15 57.62 -34.22
N ALA D 263 -30.31 58.20 -33.91
CA ALA D 263 -31.04 57.81 -32.71
C ALA D 263 -31.79 56.50 -32.99
N PRO D 264 -31.20 55.36 -32.60
CA PRO D 264 -31.62 54.07 -33.15
C PRO D 264 -33.07 53.67 -32.79
N TYR D 265 -33.73 54.43 -31.92
CA TYR D 265 -35.14 54.18 -31.53
C TYR D 265 -36.15 55.06 -32.29
N LEU D 266 -35.74 55.60 -33.43
CA LEU D 266 -36.57 56.55 -34.13
C LEU D 266 -37.10 56.07 -35.47
N SER D 267 -38.42 56.25 -35.64
CA SER D 267 -39.12 56.25 -36.92
C SER D 267 -38.57 57.36 -37.82
N GLU D 268 -38.75 57.18 -39.12
CA GLU D 268 -38.30 58.14 -40.11
C GLU D 268 -39.02 59.53 -39.96
N ALA D 269 -40.27 59.50 -39.50
CA ALA D 269 -41.06 60.71 -39.28
C ALA D 269 -40.63 61.56 -38.06
N GLN D 270 -40.41 60.95 -36.90
CA GLN D 270 -39.93 61.69 -35.73
C GLN D 270 -38.60 62.40 -36.02
N ARG D 271 -37.73 61.65 -36.70
CA ARG D 271 -36.45 62.12 -37.19
C ARG D 271 -36.68 63.33 -38.12
N GLN D 272 -37.73 63.29 -38.96
CA GLN D 272 -38.10 64.48 -39.77
C GLN D 272 -38.81 65.56 -38.97
N GLU D 273 -39.60 65.15 -37.97
CA GLU D 273 -40.22 66.09 -37.06
C GLU D 273 -39.09 66.93 -36.48
N LEU D 274 -38.09 66.24 -35.93
CA LEU D 274 -36.97 66.88 -35.22
C LEU D 274 -36.13 67.85 -36.06
N ALA D 275 -35.65 67.39 -37.23
CA ALA D 275 -34.92 68.21 -38.17
C ALA D 275 -35.67 69.51 -38.37
N ALA D 276 -36.99 69.42 -38.55
CA ALA D 276 -37.82 70.62 -38.82
C ALA D 276 -37.75 71.71 -37.71
N TYR D 277 -37.72 71.29 -36.45
CA TYR D 277 -37.72 72.26 -35.33
C TYR D 277 -36.70 73.45 -35.13
N SER D 278 -35.40 73.32 -34.88
CA SER D 278 -34.32 72.63 -35.66
C SER D 278 -34.41 73.06 -37.11
N LEU D 279 -33.41 73.76 -37.63
CA LEU D 279 -33.64 74.43 -38.89
C LEU D 279 -34.51 75.69 -38.69
N LYS D 280 -35.70 75.54 -38.12
CA LYS D 280 -36.51 76.73 -37.81
C LYS D 280 -35.67 77.53 -36.82
N ILE D 281 -35.20 76.85 -35.79
CA ILE D 281 -34.42 77.48 -34.75
C ILE D 281 -33.13 78.12 -35.26
N ALA D 282 -32.48 77.46 -36.20
CA ALA D 282 -31.28 77.99 -36.79
C ALA D 282 -31.56 79.22 -37.68
N GLY D 283 -32.65 79.12 -38.45
CA GLY D 283 -33.04 80.16 -39.40
C GLY D 283 -33.41 81.34 -38.55
N ALA D 284 -33.96 81.04 -37.37
CA ALA D 284 -34.49 82.05 -36.49
C ALA D 284 -33.35 82.90 -36.00
N THR D 285 -32.20 82.27 -35.81
CA THR D 285 -31.01 82.96 -35.30
C THR D 285 -29.97 83.28 -36.36
N ASN D 286 -30.34 83.15 -37.65
CA ASN D 286 -29.41 83.38 -38.76
C ASN D 286 -28.09 82.63 -38.57
N TYR D 287 -28.18 81.47 -37.93
CA TYR D 287 -27.00 80.77 -37.41
C TYR D 287 -25.80 80.57 -38.34
N ILE D 288 -24.62 80.96 -37.84
CA ILE D 288 -23.38 80.79 -38.58
C ILE D 288 -22.46 79.72 -37.95
N GLY D 289 -22.16 78.65 -38.70
CA GLY D 289 -21.29 77.57 -38.24
C GLY D 289 -22.00 76.27 -37.86
N ALA D 290 -21.44 75.55 -36.89
CA ALA D 290 -22.01 74.29 -36.37
C ALA D 290 -22.62 74.50 -34.98
N GLY D 291 -23.70 73.82 -34.71
CA GLY D 291 -24.31 74.05 -33.45
C GLY D 291 -25.23 72.89 -33.36
N THR D 292 -25.80 72.74 -32.17
CA THR D 292 -26.63 71.62 -31.82
C THR D 292 -27.90 72.06 -31.08
N VAL D 293 -29.04 71.57 -31.54
CA VAL D 293 -30.29 71.77 -30.88
C VAL D 293 -30.63 70.51 -30.09
N GLU D 294 -30.70 70.74 -28.79
CA GLU D 294 -30.95 69.68 -27.86
C GLU D 294 -32.42 69.62 -27.43
N TYR D 295 -32.94 68.38 -27.47
CA TYR D 295 -34.29 68.04 -27.10
C TYR D 295 -34.36 66.86 -26.14
N LEU D 296 -35.35 66.88 -25.27
CA LEU D 296 -35.76 65.71 -24.55
C LEU D 296 -36.98 65.11 -25.24
N MET D 297 -37.05 63.78 -25.25
CA MET D 297 -38.21 63.01 -25.72
C MET D 297 -38.79 62.35 -24.51
N ASP D 298 -40.09 62.55 -24.26
CA ASP D 298 -40.82 61.79 -23.24
C ASP D 298 -41.02 60.37 -23.74
N ALA D 299 -40.41 59.45 -23.03
CA ALA D 299 -40.56 58.04 -23.29
C ALA D 299 -42.04 57.63 -23.43
N ASP D 300 -42.89 58.12 -22.53
CA ASP D 300 -44.29 57.70 -22.52
C ASP D 300 -45.06 58.04 -23.83
N THR D 301 -44.75 59.18 -24.41
CA THR D 301 -45.66 59.82 -25.36
C THR D 301 -45.04 59.97 -26.72
N GLY D 302 -43.72 59.79 -26.79
CA GLY D 302 -42.96 60.03 -28.01
C GLY D 302 -42.87 61.50 -28.38
N LYS D 303 -43.33 62.38 -27.49
CA LYS D 303 -43.43 63.82 -27.80
C LYS D 303 -42.11 64.50 -27.46
N PHE D 304 -41.64 65.40 -28.32
CA PHE D 304 -40.34 66.01 -28.16
C PHE D 304 -40.43 67.35 -27.44
N TYR D 305 -39.38 67.73 -26.74
CA TYR D 305 -39.33 69.06 -26.14
C TYR D 305 -37.89 69.62 -26.27
N PHE D 306 -37.78 70.86 -26.77
CA PHE D 306 -36.48 71.50 -26.87
C PHE D 306 -36.07 71.97 -25.49
N ILE D 307 -34.80 71.74 -25.12
CA ILE D 307 -34.25 72.30 -23.88
C ILE D 307 -33.16 73.35 -24.04
N GLU D 308 -32.30 73.25 -25.03
CA GLU D 308 -31.20 74.24 -25.16
C GLU D 308 -30.52 74.22 -26.52
N VAL D 309 -29.79 75.30 -26.77
CA VAL D 309 -28.85 75.26 -27.88
C VAL D 309 -27.40 75.34 -27.38
N ASN D 310 -26.57 74.41 -27.92
CA ASN D 310 -25.11 74.50 -27.82
C ASN D 310 -24.54 75.11 -29.12
N PRO D 311 -24.09 76.39 -29.04
CA PRO D 311 -23.64 77.17 -30.19
C PRO D 311 -22.18 76.92 -30.58
N ARG D 312 -21.90 75.66 -30.93
CA ARG D 312 -20.52 75.18 -31.08
C ARG D 312 -20.49 73.74 -31.53
N ILE D 313 -19.29 73.27 -31.85
CA ILE D 313 -19.05 71.85 -32.07
C ILE D 313 -19.22 71.18 -30.75
N GLN D 314 -19.54 69.89 -30.79
CA GLN D 314 -19.59 69.07 -29.58
C GLN D 314 -18.65 67.91 -29.67
N VAL D 315 -18.31 67.37 -28.50
CA VAL D 315 -17.48 66.17 -28.38
C VAL D 315 -18.06 65.01 -29.20
N GLU D 316 -19.35 64.82 -29.14
CA GLU D 316 -19.92 63.72 -29.92
C GLU D 316 -20.11 64.01 -31.41
N HIS D 317 -19.47 65.02 -31.96
CA HIS D 317 -19.78 65.31 -33.31
C HIS D 317 -19.28 64.16 -34.14
N THR D 318 -18.36 63.38 -33.57
CA THR D 318 -17.70 62.30 -34.34
C THR D 318 -18.64 61.20 -34.91
N VAL D 319 -19.67 60.78 -34.16
CA VAL D 319 -20.55 59.71 -34.66
C VAL D 319 -21.29 60.25 -35.90
N THR D 320 -21.66 61.54 -35.83
CA THR D 320 -22.32 62.25 -36.95
C THR D 320 -21.43 62.35 -38.23
N GLU D 321 -20.13 62.63 -38.08
CA GLU D 321 -19.21 62.62 -39.23
C GLU D 321 -19.16 61.23 -39.88
N VAL D 322 -19.05 60.16 -39.07
CA VAL D 322 -18.89 58.85 -39.66
C VAL D 322 -20.18 58.27 -40.35
N VAL D 323 -21.40 58.64 -39.91
CA VAL D 323 -22.68 58.15 -40.49
C VAL D 323 -23.16 58.95 -41.74
N THR D 324 -22.88 60.26 -41.78
CA THR D 324 -23.09 61.15 -42.94
C THR D 324 -21.87 61.28 -43.88
N GLY D 325 -20.66 61.00 -43.40
CA GLY D 325 -19.50 61.17 -44.26
C GLY D 325 -19.10 62.64 -44.42
N ILE D 326 -19.65 63.53 -43.57
CA ILE D 326 -19.30 64.97 -43.58
C ILE D 326 -18.36 65.44 -42.44
N ASP D 327 -17.25 66.05 -42.86
CA ASP D 327 -16.26 66.70 -41.99
C ASP D 327 -16.84 68.00 -41.46
N ILE D 328 -17.30 67.98 -40.21
CA ILE D 328 -17.92 69.15 -39.58
C ILE D 328 -16.98 70.33 -39.25
N VAL D 329 -15.75 69.99 -38.86
CA VAL D 329 -14.79 71.02 -38.52
C VAL D 329 -14.34 71.77 -39.80
N LYS D 330 -14.10 71.01 -40.88
CA LYS D 330 -13.88 71.62 -42.20
C LYS D 330 -15.06 72.49 -42.64
N ALA D 331 -16.27 72.02 -42.35
CA ALA D 331 -17.44 72.75 -42.73
C ALA D 331 -17.38 74.12 -42.05
N GLN D 332 -17.09 74.12 -40.75
CA GLN D 332 -16.98 75.34 -39.98
C GLN D 332 -15.98 76.29 -40.65
N ILE D 333 -14.81 75.77 -41.01
CA ILE D 333 -13.76 76.64 -41.59
C ILE D 333 -14.14 77.24 -42.96
N HIS D 334 -14.58 76.37 -43.87
CA HIS D 334 -15.04 76.76 -45.18
C HIS D 334 -16.14 77.76 -45.04
N ILE D 335 -17.07 77.54 -44.10
CA ILE D 335 -18.18 78.49 -43.91
C ILE D 335 -17.65 79.88 -43.49
N LEU D 336 -16.72 79.92 -42.55
CA LEU D 336 -16.22 81.22 -42.07
C LEU D 336 -15.30 81.89 -43.09
N ASP D 337 -14.82 81.09 -44.05
CA ASP D 337 -14.15 81.56 -45.26
C ASP D 337 -15.14 82.20 -46.26
N GLY D 338 -16.45 82.05 -46.06
CA GLY D 338 -17.45 82.53 -47.02
C GLY D 338 -18.10 81.53 -48.00
N ALA D 339 -17.65 80.29 -48.05
CA ALA D 339 -18.30 79.32 -48.95
C ALA D 339 -19.82 79.18 -48.72
N ALA D 340 -20.56 78.95 -49.80
CA ALA D 340 -21.97 78.58 -49.66
C ALA D 340 -22.16 77.07 -49.51
N ILE D 341 -23.05 76.66 -48.61
CA ILE D 341 -23.38 75.24 -48.40
C ILE D 341 -24.01 74.68 -49.67
N GLY D 342 -23.58 73.52 -50.14
CA GLY D 342 -24.18 72.95 -51.35
C GLY D 342 -23.24 72.98 -52.52
N THR D 343 -22.23 73.84 -52.45
CA THR D 343 -21.22 73.93 -53.49
C THR D 343 -20.03 73.12 -53.01
N PRO D 344 -19.28 72.48 -53.94
CA PRO D 344 -18.18 71.59 -53.47
C PRO D 344 -17.21 72.31 -52.51
N GLN D 345 -16.94 73.61 -52.69
CA GLN D 345 -15.99 74.32 -51.82
C GLN D 345 -16.50 74.65 -50.43
N SER D 346 -17.74 74.27 -50.13
CA SER D 346 -18.20 74.32 -48.75
C SER D 346 -17.94 73.04 -47.98
N GLY D 347 -17.58 71.96 -48.69
CA GLY D 347 -17.50 70.62 -48.04
C GLY D 347 -18.82 70.09 -47.45
N VAL D 348 -19.92 70.78 -47.77
CA VAL D 348 -21.24 70.40 -47.31
C VAL D 348 -22.17 70.27 -48.52
N PRO D 349 -22.71 69.05 -48.75
CA PRO D 349 -23.70 68.81 -49.81
C PRO D 349 -25.01 69.56 -49.52
N ASN D 350 -25.91 69.61 -50.52
CA ASN D 350 -27.30 70.11 -50.32
C ASN D 350 -28.08 69.15 -49.45
N GLN D 351 -29.19 69.62 -48.87
CA GLN D 351 -29.94 68.78 -47.94
C GLN D 351 -30.31 67.43 -48.57
N GLU D 352 -30.62 67.47 -49.86
CA GLU D 352 -31.11 66.32 -50.63
C GLU D 352 -30.10 65.16 -50.71
N ASP D 353 -28.79 65.50 -50.69
CA ASP D 353 -27.70 64.53 -50.87
C ASP D 353 -27.05 64.13 -49.51
N ILE D 354 -27.53 64.74 -48.43
CA ILE D 354 -27.01 64.44 -47.10
C ILE D 354 -27.81 63.24 -46.59
N ARG D 355 -27.14 62.08 -46.43
CA ARG D 355 -27.80 60.79 -46.24
C ARG D 355 -27.18 60.05 -45.09
N LEU D 356 -28.00 59.27 -44.41
CA LEU D 356 -27.53 58.38 -43.36
C LEU D 356 -26.88 57.11 -43.96
N ASN D 357 -25.74 56.69 -43.41
CA ASN D 357 -25.15 55.37 -43.76
C ASN D 357 -24.67 54.62 -42.50
N GLY D 358 -25.33 53.49 -42.19
CA GLY D 358 -25.06 52.70 -40.99
C GLY D 358 -25.13 53.46 -39.66
N HIS D 359 -24.40 52.98 -38.65
CA HIS D 359 -24.57 53.38 -37.24
C HIS D 359 -23.27 53.61 -36.49
N ALA D 360 -23.29 54.53 -35.53
CA ALA D 360 -22.08 54.80 -34.78
C ALA D 360 -22.32 55.11 -33.31
N LEU D 361 -21.40 54.66 -32.48
CA LEU D 361 -21.38 55.10 -31.08
C LEU D 361 -20.02 55.61 -30.69
N GLN D 362 -19.96 56.54 -29.75
CA GLN D 362 -18.68 56.93 -29.21
C GLN D 362 -18.61 56.87 -27.68
N CYS D 363 -17.38 56.52 -27.25
CA CYS D 363 -17.00 56.26 -25.86
C CYS D 363 -15.75 57.06 -25.55
N ARG D 364 -15.66 57.56 -24.33
CA ARG D 364 -14.50 58.31 -23.94
C ARG D 364 -13.72 57.57 -22.86
N VAL D 365 -12.48 57.24 -23.23
CA VAL D 365 -11.53 56.45 -22.42
C VAL D 365 -10.84 57.41 -21.47
N THR D 366 -10.99 57.16 -20.18
CA THR D 366 -10.50 58.10 -19.21
C THR D 366 -9.67 57.43 -18.14
N THR D 367 -9.04 58.20 -17.27
CA THR D 367 -8.32 57.60 -16.16
C THR D 367 -9.23 57.42 -14.92
N GLU D 368 -10.53 57.68 -15.05
CA GLU D 368 -11.43 57.44 -13.94
C GLU D 368 -11.43 55.98 -13.50
N ASP D 369 -10.78 55.72 -12.39
CA ASP D 369 -10.59 54.33 -11.99
C ASP D 369 -11.87 53.65 -11.43
N PRO D 370 -12.46 52.78 -12.23
CA PRO D 370 -13.73 52.17 -11.79
C PRO D 370 -13.55 51.38 -10.46
N GLU D 371 -12.33 50.99 -10.14
CA GLU D 371 -12.09 50.30 -8.87
C GLU D 371 -11.63 51.19 -7.69
N HIS D 372 -11.57 52.49 -7.91
CA HIS D 372 -11.24 53.39 -6.82
C HIS D 372 -12.11 54.60 -6.93
N ASN D 373 -13.43 54.41 -6.91
CA ASN D 373 -14.40 55.50 -6.87
C ASN D 373 -14.29 56.42 -8.05
N PHE D 374 -13.83 55.89 -9.18
CA PHE D 374 -13.77 56.68 -10.38
C PHE D 374 -12.88 57.88 -10.18
N ILE D 375 -12.10 57.90 -9.11
CA ILE D 375 -11.09 58.93 -8.94
C ILE D 375 -10.08 58.93 -10.12
N PRO D 376 -9.87 60.10 -10.78
CA PRO D 376 -8.97 60.03 -11.96
C PRO D 376 -7.51 59.67 -11.56
N ASP D 377 -6.97 58.63 -12.20
CA ASP D 377 -5.57 58.33 -12.03
C ASP D 377 -4.73 59.37 -12.82
N TYR D 378 -3.47 59.46 -12.46
CA TYR D 378 -2.50 60.20 -13.24
C TYR D 378 -1.09 59.66 -13.04
N GLY D 379 -0.12 60.22 -13.76
CA GLY D 379 1.28 59.79 -13.68
C GLY D 379 1.73 59.37 -15.07
N ARG D 380 2.81 58.58 -15.16
CA ARG D 380 3.35 58.25 -16.46
C ARG D 380 2.61 57.09 -17.13
N ILE D 381 2.34 57.19 -18.44
CA ILE D 381 1.85 56.02 -19.17
C ILE D 381 3.07 55.37 -19.74
N THR D 382 3.35 54.16 -19.27
CA THR D 382 4.61 53.56 -19.67
C THR D 382 4.48 52.75 -20.94
N ALA D 383 3.26 52.31 -21.27
CA ALA D 383 3.06 51.58 -22.50
C ALA D 383 1.60 51.79 -22.84
N TYR D 384 1.35 51.95 -24.14
CA TYR D 384 0.05 52.39 -24.66
C TYR D 384 -0.21 51.76 -26.02
N ARG D 385 -1.25 50.92 -26.13
CA ARG D 385 -1.65 50.35 -27.42
C ARG D 385 -3.16 50.42 -27.58
N SER D 386 -3.57 51.03 -28.68
CA SER D 386 -4.96 51.36 -28.92
C SER D 386 -5.40 50.41 -30.03
N ALA D 387 -6.69 50.21 -30.15
CA ALA D 387 -7.18 49.21 -31.08
C ALA D 387 -7.55 49.94 -32.34
N SER D 388 -7.16 49.45 -33.51
CA SER D 388 -7.71 50.03 -34.76
C SER D 388 -8.64 49.12 -35.61
N GLY D 389 -8.44 49.04 -36.92
CA GLY D 389 -9.17 48.12 -37.78
C GLY D 389 -10.35 48.74 -38.52
N PHE D 390 -11.06 47.93 -39.30
CA PHE D 390 -12.29 48.41 -39.96
C PHE D 390 -13.34 49.01 -38.98
N GLY D 391 -13.93 50.13 -39.38
CA GLY D 391 -14.99 50.79 -38.62
C GLY D 391 -14.53 51.38 -37.29
N ILE D 392 -13.22 51.43 -37.07
CA ILE D 392 -12.78 52.12 -35.84
C ILE D 392 -12.27 53.54 -36.08
N ARG D 393 -12.80 54.50 -35.31
CA ARG D 393 -12.20 55.85 -35.36
C ARG D 393 -11.62 56.25 -34.01
N LEU D 394 -10.46 56.90 -34.01
CA LEU D 394 -9.84 57.39 -32.79
C LEU D 394 -9.57 58.89 -32.87
N ASP D 395 -9.84 59.56 -31.76
CA ASP D 395 -9.52 60.96 -31.63
C ASP D 395 -8.76 61.07 -30.31
N GLY D 396 -7.43 60.87 -30.35
CA GLY D 396 -6.55 60.89 -29.15
C GLY D 396 -6.53 62.27 -28.52
N GLY D 397 -6.64 62.32 -27.18
CA GLY D 397 -6.60 63.55 -26.37
C GLY D 397 -5.21 63.76 -25.80
N THR D 398 -4.76 62.82 -24.97
CA THR D 398 -3.51 63.01 -24.24
C THR D 398 -2.57 61.78 -24.24
N SER D 399 -3.07 60.60 -24.64
CA SER D 399 -2.29 59.38 -24.48
C SER D 399 -1.36 58.95 -25.68
N TYR D 400 -0.20 58.46 -25.32
CA TYR D 400 0.79 57.83 -26.19
C TYR D 400 1.77 57.15 -25.20
N SER D 401 2.72 56.40 -25.73
CA SER D 401 3.54 55.63 -24.86
C SER D 401 4.61 56.56 -24.30
N GLY D 402 4.63 56.77 -22.98
CA GLY D 402 5.54 57.77 -22.43
C GLY D 402 4.80 59.05 -21.96
N ALA D 403 3.49 59.16 -22.17
CA ALA D 403 2.81 60.45 -21.82
C ALA D 403 2.75 60.73 -20.34
N ILE D 404 2.85 62.01 -19.99
CA ILE D 404 2.66 62.43 -18.61
C ILE D 404 1.24 62.97 -18.52
N ILE D 405 0.46 62.38 -17.64
CA ILE D 405 -0.91 62.76 -17.42
C ILE D 405 -0.94 63.49 -16.08
N THR D 406 -1.54 64.65 -16.07
CA THR D 406 -1.50 65.38 -14.83
C THR D 406 -2.87 65.36 -14.13
N ARG D 407 -2.93 65.86 -12.90
CA ARG D 407 -4.20 65.99 -12.15
C ARG D 407 -4.96 67.30 -12.45
N TYR D 408 -4.41 68.22 -13.27
CA TYR D 408 -4.99 69.61 -13.44
C TYR D 408 -6.23 69.80 -14.31
N TYR D 409 -6.50 68.85 -15.21
CA TYR D 409 -7.47 69.01 -16.28
C TYR D 409 -8.51 67.91 -16.17
N ASP D 410 -9.27 67.67 -17.23
CA ASP D 410 -10.27 66.63 -17.29
C ASP D 410 -9.52 65.29 -17.41
N PRO D 411 -10.18 64.14 -17.17
CA PRO D 411 -9.49 62.80 -17.28
C PRO D 411 -9.30 62.17 -18.72
N LEU D 412 -9.72 62.86 -19.74
CA LEU D 412 -9.81 62.24 -21.05
C LEU D 412 -8.50 61.72 -21.51
N LEU D 413 -8.49 60.46 -22.00
CA LEU D 413 -7.34 59.89 -22.72
C LEU D 413 -7.52 60.00 -24.29
N VAL D 414 -8.54 59.30 -24.81
CA VAL D 414 -8.78 59.12 -26.25
C VAL D 414 -10.28 58.82 -26.47
N LYS D 415 -10.87 59.36 -27.52
CA LYS D 415 -12.28 59.04 -27.77
C LYS D 415 -12.23 57.98 -28.81
N VAL D 416 -13.16 57.04 -28.74
CA VAL D 416 -13.27 55.93 -29.64
C VAL D 416 -14.67 55.97 -30.24
N THR D 417 -14.71 55.90 -31.56
CA THR D 417 -15.97 55.87 -32.34
C THR D 417 -15.95 54.56 -33.15
N ALA D 418 -17.07 53.83 -33.11
CA ALA D 418 -17.21 52.52 -33.77
C ALA D 418 -18.34 52.61 -34.76
N TRP D 419 -18.05 52.24 -36.00
CA TRP D 419 -19.05 52.24 -37.10
C TRP D 419 -19.50 50.84 -37.57
N ALA D 420 -20.77 50.68 -37.96
CA ALA D 420 -21.23 49.42 -38.58
C ALA D 420 -22.51 49.64 -39.42
N PRO D 421 -22.83 48.71 -40.35
CA PRO D 421 -24.10 48.90 -41.07
C PRO D 421 -25.26 48.88 -40.09
N ASN D 422 -25.21 48.07 -39.04
CA ASN D 422 -26.28 48.24 -38.05
C ASN D 422 -25.85 48.43 -36.63
N PRO D 423 -26.79 48.78 -35.75
CA PRO D 423 -26.52 49.20 -34.41
C PRO D 423 -25.81 48.18 -33.56
N LEU D 424 -26.27 46.92 -33.58
CA LEU D 424 -25.73 45.87 -32.69
C LEU D 424 -24.32 45.42 -33.10
N GLU D 425 -24.06 45.44 -34.40
CA GLU D 425 -22.74 45.17 -34.92
C GLU D 425 -21.71 46.19 -34.43
N ALA D 426 -22.12 47.46 -34.52
CA ALA D 426 -21.29 48.58 -34.09
C ALA D 426 -21.00 48.46 -32.63
N ILE D 427 -21.98 48.02 -31.84
CA ILE D 427 -21.73 47.70 -30.42
C ILE D 427 -20.68 46.61 -30.32
N SER D 428 -20.85 45.51 -31.05
CA SER D 428 -19.89 44.44 -30.89
C SER D 428 -18.54 44.90 -31.40
N ARG D 429 -18.52 45.82 -32.35
CA ARG D 429 -17.25 46.35 -32.82
C ARG D 429 -16.58 47.28 -31.77
N MET D 430 -17.38 48.03 -31.01
CA MET D 430 -16.86 48.88 -29.96
C MET D 430 -16.36 48.02 -28.84
N ASP D 431 -17.08 46.96 -28.57
CA ASP D 431 -16.75 46.09 -27.48
C ASP D 431 -15.39 45.45 -27.73
N ARG D 432 -15.15 45.01 -28.97
CA ARG D 432 -13.87 44.43 -29.39
C ARG D 432 -12.72 45.48 -29.29
N ALA D 433 -12.90 46.68 -29.86
CA ALA D 433 -11.88 47.73 -29.70
C ALA D 433 -11.51 48.01 -28.25
N LEU D 434 -12.51 48.26 -27.39
CA LEU D 434 -12.30 48.55 -25.95
C LEU D 434 -11.50 47.43 -25.22
N ARG D 435 -11.91 46.17 -25.32
CA ARG D 435 -11.14 45.06 -24.74
C ARG D 435 -9.76 44.89 -25.38
N GLU D 436 -9.52 45.48 -26.53
CA GLU D 436 -8.23 45.27 -27.15
C GLU D 436 -7.21 46.32 -26.67
N PHE D 437 -7.71 47.43 -26.17
CA PHE D 437 -6.79 48.46 -25.69
C PHE D 437 -5.84 47.86 -24.67
N ARG D 438 -4.62 48.38 -24.60
CA ARG D 438 -3.67 48.06 -23.48
C ARG D 438 -2.95 49.31 -22.96
N ILE D 439 -3.32 49.72 -21.73
CA ILE D 439 -2.84 50.92 -21.10
C ILE D 439 -2.19 50.62 -19.78
N ARG D 440 -0.88 50.94 -19.68
CA ARG D 440 -0.12 50.67 -18.46
C ARG D 440 0.44 51.91 -17.83
N GLY D 441 0.50 51.96 -16.51
CA GLY D 441 0.99 53.16 -15.85
C GLY D 441 -0.15 53.94 -15.20
N VAL D 442 -1.31 54.05 -15.85
CA VAL D 442 -2.53 54.61 -15.22
C VAL D 442 -3.71 53.66 -15.36
N ALA D 443 -4.56 53.69 -14.32
CA ALA D 443 -5.82 52.95 -14.37
C ALA D 443 -6.68 53.65 -15.38
N THR D 444 -7.67 52.96 -15.95
CA THR D 444 -8.65 53.59 -16.81
C THR D 444 -10.07 53.11 -16.51
N ASN D 445 -11.02 53.70 -17.23
CA ASN D 445 -12.44 53.29 -17.15
C ASN D 445 -12.92 52.24 -18.15
N LEU D 446 -12.03 51.65 -18.96
CA LEU D 446 -12.45 50.63 -19.94
C LEU D 446 -13.51 49.64 -19.38
N THR D 447 -13.30 49.05 -18.20
CA THR D 447 -14.27 48.01 -17.77
C THR D 447 -15.68 48.59 -17.61
N PHE D 448 -15.76 49.87 -17.25
CA PHE D 448 -17.03 50.52 -17.06
C PHE D 448 -17.71 50.79 -18.43
N LEU D 449 -16.91 51.19 -19.43
CA LEU D 449 -17.47 51.34 -20.78
C LEU D 449 -17.94 49.97 -21.31
N GLU D 450 -17.17 48.90 -21.09
CA GLU D 450 -17.59 47.50 -21.47
C GLU D 450 -18.91 47.09 -20.85
N ALA D 451 -19.04 47.26 -19.54
CA ALA D 451 -20.33 47.08 -18.83
C ALA D 451 -21.50 47.92 -19.43
N ILE D 452 -21.37 49.25 -19.61
CA ILE D 452 -22.46 50.02 -20.25
C ILE D 452 -22.98 49.39 -21.55
N ILE D 453 -22.09 49.27 -22.54
CA ILE D 453 -22.48 48.83 -23.89
C ILE D 453 -22.79 47.34 -24.02
N GLY D 454 -22.44 46.54 -23.02
CA GLY D 454 -22.88 45.15 -23.04
C GLY D 454 -24.12 44.95 -22.22
N HIS D 455 -24.73 46.02 -21.70
CA HIS D 455 -25.98 45.93 -20.90
C HIS D 455 -27.22 45.73 -21.77
N PRO D 456 -28.07 44.74 -21.39
CA PRO D 456 -29.29 44.48 -22.20
C PRO D 456 -30.11 45.73 -22.52
N LYS D 457 -30.28 46.62 -21.53
CA LYS D 457 -31.06 47.87 -21.74
C LYS D 457 -30.41 48.75 -22.83
N PHE D 458 -29.10 48.58 -23.04
CA PHE D 458 -28.43 49.38 -24.05
C PHE D 458 -28.59 48.73 -25.44
N ARG D 459 -28.54 47.40 -25.45
CA ARG D 459 -28.63 46.59 -26.66
C ARG D 459 -29.99 46.75 -27.34
N ASP D 460 -31.03 46.98 -26.54
CA ASP D 460 -32.39 47.19 -27.05
C ASP D 460 -32.97 48.61 -26.80
N ASN D 461 -32.10 49.61 -26.66
CA ASN D 461 -32.52 51.03 -26.56
C ASN D 461 -33.65 51.35 -25.55
N SER D 462 -33.81 50.55 -24.49
CA SER D 462 -34.84 50.87 -23.51
C SER D 462 -34.40 51.87 -22.45
N TYR D 463 -33.14 52.31 -22.47
CA TYR D 463 -32.62 53.19 -21.40
C TYR D 463 -33.18 54.58 -21.44
N THR D 464 -33.26 55.22 -20.27
CA THR D 464 -33.54 56.67 -20.19
C THR D 464 -32.28 57.50 -19.83
N THR D 465 -32.45 58.81 -19.56
CA THR D 465 -31.35 59.58 -18.96
C THR D 465 -31.07 59.10 -17.52
N ARG D 466 -32.01 58.40 -16.90
CA ARG D 466 -31.81 58.00 -15.53
C ARG D 466 -31.15 56.61 -15.45
N PHE D 467 -30.79 56.02 -16.61
CA PHE D 467 -30.19 54.63 -16.70
C PHE D 467 -29.00 54.28 -15.80
N ILE D 468 -27.81 54.79 -16.15
CA ILE D 468 -26.59 54.59 -15.38
C ILE D 468 -26.77 54.85 -13.88
N ASP D 469 -27.49 55.93 -13.58
CA ASP D 469 -27.68 56.44 -12.24
C ASP D 469 -28.56 55.51 -11.46
N THR D 470 -29.24 54.60 -12.15
CA THR D 470 -30.17 53.68 -11.49
C THR D 470 -29.74 52.25 -11.70
N THR D 471 -28.49 52.05 -12.10
CA THR D 471 -28.00 50.72 -12.33
C THR D 471 -26.72 50.46 -11.52
N PRO D 472 -26.83 49.64 -10.44
CA PRO D 472 -25.68 49.21 -9.66
C PRO D 472 -24.88 48.09 -10.34
N GLU D 473 -25.53 47.26 -11.16
CA GLU D 473 -24.86 46.20 -11.96
C GLU D 473 -23.62 46.76 -12.72
N LEU D 474 -23.58 48.07 -12.89
CA LEU D 474 -22.52 48.81 -13.61
C LEU D 474 -21.32 49.20 -12.77
N PHE D 475 -21.50 49.27 -11.46
CA PHE D 475 -20.44 49.68 -10.55
C PHE D 475 -20.03 48.50 -9.71
N GLN D 476 -18.83 48.57 -9.17
CA GLN D 476 -18.34 47.55 -8.25
C GLN D 476 -19.11 47.69 -6.95
N GLN D 477 -19.79 46.62 -6.56
CA GLN D 477 -20.48 46.64 -5.27
C GLN D 477 -19.48 46.45 -4.10
N VAL D 478 -18.38 45.74 -4.38
CA VAL D 478 -17.33 45.45 -3.36
C VAL D 478 -15.96 45.18 -3.97
N LYS D 479 -14.92 45.33 -3.17
CA LYS D 479 -13.57 44.80 -3.48
C LYS D 479 -13.64 43.32 -3.94
N ARG D 480 -12.99 43.00 -5.08
CA ARG D 480 -12.91 41.62 -5.57
C ARG D 480 -12.09 40.68 -4.70
N GLN D 481 -12.72 39.55 -4.39
CA GLN D 481 -12.20 38.56 -3.50
C GLN D 481 -11.77 37.22 -4.12
N ASP D 482 -11.74 37.03 -5.42
CA ASP D 482 -11.34 35.69 -5.97
C ASP D 482 -9.85 35.42 -5.67
N ARG D 483 -9.45 34.15 -5.80
CA ARG D 483 -8.14 33.66 -5.39
C ARG D 483 -7.06 34.35 -6.24
N ALA D 484 -7.34 34.56 -7.52
CA ALA D 484 -6.41 35.15 -8.49
C ALA D 484 -6.07 36.62 -8.12
N THR D 485 -7.09 37.40 -7.82
CA THR D 485 -6.91 38.74 -7.37
C THR D 485 -6.08 38.75 -6.10
N LYS D 486 -6.36 37.82 -5.19
CA LYS D 486 -5.53 37.82 -3.95
C LYS D 486 -4.05 37.51 -4.23
N LEU D 487 -3.80 36.62 -5.18
CA LEU D 487 -2.46 36.26 -5.54
C LEU D 487 -1.79 37.43 -6.25
N LEU D 488 -2.53 38.20 -7.08
CA LEU D 488 -1.88 39.43 -7.69
C LEU D 488 -1.52 40.41 -6.63
N THR D 489 -2.38 40.48 -5.62
CA THR D 489 -2.16 41.42 -4.54
C THR D 489 -0.84 41.09 -3.77
N TYR D 490 -0.58 39.79 -3.55
CA TYR D 490 0.64 39.34 -2.95
C TYR D 490 1.79 39.68 -3.86
N LEU D 491 1.71 39.35 -5.15
CA LEU D 491 2.87 39.64 -6.08
C LEU D 491 3.19 41.12 -6.23
N ALA D 492 2.16 41.96 -6.21
CA ALA D 492 2.35 43.42 -6.30
C ALA D 492 3.05 43.85 -5.01
N ASP D 493 2.55 43.41 -3.86
CA ASP D 493 3.06 43.88 -2.54
C ASP D 493 4.50 43.47 -2.29
N VAL D 494 4.84 42.23 -2.69
CA VAL D 494 6.21 41.72 -2.52
C VAL D 494 7.06 42.31 -3.63
N THR D 495 6.51 42.50 -4.84
CA THR D 495 7.34 43.15 -5.88
C THR D 495 7.70 44.63 -5.50
N VAL D 496 6.74 45.38 -5.00
CA VAL D 496 7.02 46.78 -4.65
C VAL D 496 7.85 46.91 -3.36
N ASN D 497 7.69 45.96 -2.41
CA ASN D 497 8.24 46.15 -1.07
C ASN D 497 9.24 45.14 -0.59
N GLY D 498 9.38 44.01 -1.25
CA GLY D 498 10.28 43.00 -0.74
C GLY D 498 9.51 42.21 0.30
N HIS D 499 10.09 41.07 0.67
CA HIS D 499 9.55 40.28 1.73
C HIS D 499 10.43 40.53 2.96
N PRO D 500 9.82 40.79 4.13
CA PRO D 500 10.52 41.11 5.38
C PRO D 500 11.65 40.13 5.74
N GLU D 501 11.54 38.87 5.38
CA GLU D 501 12.60 37.87 5.74
C GLU D 501 13.74 37.81 4.76
N ALA D 502 13.51 38.35 3.58
CA ALA D 502 14.50 38.26 2.55
C ALA D 502 15.14 39.60 2.30
N LYS D 503 14.43 40.67 2.61
CA LYS D 503 14.78 41.99 2.02
C LYS D 503 16.20 42.56 2.24
N ASP D 504 16.80 42.35 3.41
CA ASP D 504 18.16 42.90 3.61
C ASP D 504 19.21 41.81 3.82
N ARG D 505 18.97 40.65 3.20
CA ARG D 505 19.83 39.47 3.32
C ARG D 505 20.40 39.12 1.91
N PRO D 506 21.50 38.31 1.83
CA PRO D 506 22.01 37.96 0.47
C PRO D 506 20.91 37.40 -0.40
N LYS D 507 21.06 37.63 -1.70
CA LYS D 507 20.12 37.24 -2.73
C LYS D 507 20.79 36.11 -3.48
N PRO D 508 20.02 35.22 -4.11
CA PRO D 508 20.56 34.16 -4.91
C PRO D 508 21.23 34.69 -6.16
N LEU D 509 22.28 34.00 -6.62
CA LEU D 509 22.97 34.27 -7.88
C LEU D 509 21.89 34.48 -8.92
N GLU D 510 21.93 35.62 -9.61
CA GLU D 510 20.75 36.11 -10.40
C GLU D 510 20.37 35.27 -11.65
N ASN D 511 21.34 34.44 -12.11
CA ASN D 511 21.12 33.50 -13.21
C ASN D 511 20.20 32.36 -12.77
N ALA D 512 20.75 31.48 -11.90
CA ALA D 512 19.98 30.48 -11.12
C ALA D 512 19.09 29.57 -11.96
N ALA D 513 19.61 28.40 -12.28
CA ALA D 513 18.78 27.34 -12.92
C ALA D 513 17.67 26.89 -11.91
N ARG D 514 16.39 27.00 -12.34
CA ARG D 514 15.18 26.56 -11.62
C ARG D 514 15.18 25.01 -11.37
N PRO D 515 14.74 24.58 -10.18
CA PRO D 515 14.92 23.16 -9.85
C PRO D 515 14.10 22.27 -10.80
N VAL D 516 14.60 21.11 -11.20
CA VAL D 516 13.82 20.27 -12.11
C VAL D 516 13.49 18.95 -11.42
N VAL D 517 12.24 18.54 -11.44
CA VAL D 517 11.82 17.31 -10.77
C VAL D 517 12.37 16.18 -11.63
N PRO D 518 13.18 15.27 -11.05
CA PRO D 518 13.71 14.23 -11.96
C PRO D 518 12.56 13.43 -12.62
N TYR D 519 12.71 13.13 -13.91
CA TYR D 519 11.76 12.31 -14.70
C TYR D 519 11.73 10.85 -14.24
N ALA D 520 10.54 10.32 -13.99
CA ALA D 520 10.43 8.88 -13.67
C ALA D 520 10.82 7.96 -14.88
N ASN D 521 9.96 7.68 -15.88
CA ASN D 521 8.50 7.96 -15.91
C ASN D 521 7.66 6.73 -15.48
N GLY D 522 8.37 5.63 -15.15
CA GLY D 522 7.81 4.36 -14.64
C GLY D 522 6.30 4.21 -14.56
N ASN D 523 5.76 4.27 -13.33
CA ASN D 523 4.30 4.38 -13.09
C ASN D 523 3.80 3.93 -11.72
N GLY D 524 3.65 2.61 -11.54
CA GLY D 524 3.20 2.02 -10.26
C GLY D 524 4.33 1.93 -9.23
N VAL D 525 3.97 2.09 -7.96
CA VAL D 525 4.97 2.27 -6.87
C VAL D 525 5.08 1.03 -5.93
N LYS D 526 6.27 0.51 -5.63
CA LYS D 526 6.32 -0.55 -4.65
C LYS D 526 5.74 -0.15 -3.29
N ASP D 527 5.12 -1.14 -2.65
CA ASP D 527 4.65 -1.07 -1.28
C ASP D 527 5.92 -0.91 -0.44
N GLY D 528 5.88 -0.12 0.63
CA GLY D 528 7.05 0.03 1.42
C GLY D 528 6.63 -0.07 2.88
N THR D 529 7.35 0.64 3.75
CA THR D 529 7.12 0.51 5.17
C THR D 529 5.71 1.03 5.60
N LYS D 530 5.13 1.91 4.77
CA LYS D 530 3.77 2.34 5.02
C LYS D 530 2.79 1.11 4.91
N GLN D 531 2.92 0.35 3.84
CA GLN D 531 2.01 -0.77 3.69
C GLN D 531 2.23 -1.76 4.82
N LEU D 532 3.47 -1.85 5.27
CA LEU D 532 3.90 -2.78 6.26
C LEU D 532 3.41 -2.31 7.64
N LEU D 533 3.42 -1.01 7.90
CA LEU D 533 2.93 -0.62 9.22
C LEU D 533 1.38 -0.91 9.27
N ASP D 534 0.70 -0.57 8.19
CA ASP D 534 -0.72 -0.84 8.11
C ASP D 534 -1.05 -2.29 8.29
N THR D 535 -0.21 -3.20 7.75
CA THR D 535 -0.60 -4.57 7.92
C THR D 535 -0.24 -5.02 9.32
N LEU D 536 0.93 -4.64 9.86
CA LEU D 536 1.39 -5.20 11.14
C LEU D 536 0.83 -4.51 12.44
N GLY D 537 0.57 -3.20 12.42
CA GLY D 537 0.38 -2.53 13.66
C GLY D 537 1.73 -2.05 14.16
N PRO D 538 1.73 -1.04 15.02
CA PRO D 538 2.99 -0.41 15.42
C PRO D 538 3.92 -1.33 16.20
N LYS D 539 3.35 -2.17 17.05
CA LYS D 539 4.15 -2.96 17.92
C LYS D 539 4.90 -3.94 17.08
N LYS D 540 4.21 -4.63 16.18
CA LYS D 540 4.84 -5.70 15.41
C LYS D 540 5.72 -5.08 14.33
N PHE D 541 5.40 -3.84 13.96
CA PHE D 541 6.23 -3.11 13.03
C PHE D 541 7.59 -2.90 13.66
N GLY D 542 7.63 -2.54 14.95
CA GLY D 542 8.92 -2.22 15.59
C GLY D 542 9.67 -3.54 15.76
N GLU D 543 8.95 -4.64 16.05
CA GLU D 543 9.65 -5.88 16.11
C GLU D 543 10.22 -6.27 14.78
N TRP D 544 9.49 -5.91 13.69
CA TRP D 544 10.01 -6.17 12.36
C TRP D 544 11.31 -5.40 12.15
N MET D 545 11.43 -4.17 12.66
CA MET D 545 12.63 -3.33 12.43
C MET D 545 13.80 -4.00 13.13
N ARG D 546 13.51 -4.55 14.30
CA ARG D 546 14.48 -5.15 15.18
C ARG D 546 15.04 -6.35 14.39
N ASN D 547 14.14 -7.08 13.73
CA ASN D 547 14.49 -8.31 13.12
C ASN D 547 15.27 -8.14 11.80
N GLU D 548 15.23 -6.95 11.15
CA GLU D 548 15.86 -6.79 9.81
C GLU D 548 17.36 -6.76 9.93
N LYS D 549 17.98 -7.51 9.03
CA LYS D 549 19.41 -7.50 8.82
C LYS D 549 19.90 -6.09 8.30
N ARG D 550 19.33 -5.59 7.21
CA ARG D 550 19.82 -4.41 6.61
C ARG D 550 19.58 -3.26 7.56
N VAL D 551 20.48 -2.24 7.57
CA VAL D 551 20.18 -1.04 8.34
C VAL D 551 19.04 -0.28 7.61
N LEU D 552 18.21 0.39 8.37
CA LEU D 552 17.05 1.11 7.82
C LEU D 552 17.36 2.58 7.86
N LEU D 553 16.92 3.33 6.84
CA LEU D 553 17.29 4.73 6.73
C LEU D 553 16.16 5.72 6.73
N THR D 554 16.28 6.78 7.52
CA THR D 554 15.37 7.90 7.43
C THR D 554 16.07 9.07 6.78
N ASP D 555 15.45 9.68 5.76
CA ASP D 555 15.87 10.92 5.16
C ASP D 555 15.25 12.05 5.95
N THR D 556 16.05 13.00 6.40
CA THR D 556 15.65 14.17 7.16
C THR D 556 15.71 15.45 6.37
N THR D 557 15.94 15.35 5.08
CA THR D 557 15.97 16.53 4.23
C THR D 557 14.78 17.47 4.39
N MET D 558 13.57 16.92 4.44
CA MET D 558 12.35 17.75 4.51
C MET D 558 12.07 18.41 5.87
N ARG D 559 12.88 18.10 6.89
CA ARG D 559 12.66 18.73 8.18
C ARG D 559 13.99 19.14 8.77
N ASP D 560 14.70 18.23 9.44
CA ASP D 560 15.94 18.64 10.13
C ASP D 560 17.00 19.25 9.17
N GLY D 561 17.05 18.77 7.92
CA GLY D 561 17.99 19.24 6.91
C GLY D 561 17.86 20.79 6.78
N HIS D 562 16.67 21.31 6.52
CA HIS D 562 16.62 22.76 6.29
C HIS D 562 16.43 23.49 7.60
N GLN D 563 15.84 22.86 8.58
CA GLN D 563 15.87 23.45 9.94
C GLN D 563 17.31 23.74 10.40
N SER D 564 18.24 22.82 10.16
CA SER D 564 19.58 23.06 10.67
C SER D 564 20.27 24.06 9.78
N LEU D 565 19.96 24.12 8.50
CA LEU D 565 20.87 24.86 7.59
C LEU D 565 20.32 26.18 7.07
N LEU D 566 18.99 26.30 7.04
CA LEU D 566 18.28 27.37 6.36
C LEU D 566 17.21 27.90 7.26
N ALA D 567 17.40 27.78 8.57
CA ALA D 567 16.47 28.36 9.53
C ALA D 567 15.05 27.89 9.21
N THR D 568 14.95 26.67 8.68
CA THR D 568 13.63 26.02 8.44
C THR D 568 12.75 26.78 7.45
N ARG D 569 13.36 27.55 6.55
CA ARG D 569 12.56 28.33 5.59
C ARG D 569 12.18 27.57 4.32
N MET D 570 12.51 26.30 4.23
CA MET D 570 12.19 25.57 3.02
C MET D 570 10.66 25.48 2.84
N ARG D 571 10.18 25.81 1.64
CA ARG D 571 8.73 25.88 1.27
C ARG D 571 8.05 24.63 0.73
N THR D 572 6.76 24.53 1.02
CA THR D 572 5.95 23.41 0.57
C THR D 572 6.15 23.19 -0.93
N TYR D 573 6.21 24.27 -1.71
CA TYR D 573 6.35 24.15 -3.16
C TYR D 573 7.49 23.20 -3.58
N ASP D 574 8.63 23.29 -2.89
CA ASP D 574 9.86 22.66 -3.26
C ASP D 574 9.85 21.30 -2.63
N ILE D 575 9.20 21.19 -1.47
CA ILE D 575 9.15 19.95 -0.73
C ILE D 575 8.12 19.00 -1.30
N ALA D 576 6.90 19.46 -1.54
CA ALA D 576 5.86 18.64 -2.15
C ALA D 576 6.25 18.09 -3.49
N ARG D 577 6.84 18.93 -4.33
CA ARG D 577 7.17 18.51 -5.70
C ARG D 577 8.13 17.31 -5.82
N ILE D 578 8.93 16.98 -4.80
CA ILE D 578 9.90 15.93 -4.89
C ILE D 578 9.37 14.61 -4.25
N ALA D 579 8.23 14.69 -3.54
CA ALA D 579 7.68 13.52 -2.86
C ALA D 579 7.46 12.28 -3.73
N GLY D 580 6.85 12.44 -4.91
CA GLY D 580 6.59 11.32 -5.77
C GLY D 580 7.94 10.74 -6.29
N THR D 581 8.94 11.58 -6.54
CA THR D 581 10.24 11.01 -6.85
C THR D 581 10.79 10.03 -5.80
N TYR D 582 10.72 10.40 -4.51
CA TYR D 582 11.19 9.51 -3.44
C TYR D 582 10.44 8.20 -3.41
N SER D 583 9.16 8.37 -3.65
CA SER D 583 8.20 7.27 -3.70
C SER D 583 8.46 6.22 -4.71
N HIS D 584 8.68 6.58 -5.96
CA HIS D 584 9.14 5.54 -6.90
C HIS D 584 10.62 5.24 -6.96
N ALA D 585 11.49 6.17 -6.59
CA ALA D 585 12.93 5.92 -6.66
C ALA D 585 13.61 5.36 -5.40
N LEU D 586 13.11 5.66 -4.20
CA LEU D 586 13.71 5.07 -3.01
C LEU D 586 12.65 4.37 -2.16
N PRO D 587 11.99 3.37 -2.74
CA PRO D 587 10.83 2.86 -2.03
C PRO D 587 11.25 2.01 -0.81
N ASN D 588 12.55 1.95 -0.52
CA ASN D 588 13.06 1.18 0.64
C ASN D 588 13.39 2.00 1.85
N LEU D 589 13.36 3.30 1.76
CA LEU D 589 13.49 4.18 2.93
C LEU D 589 12.55 3.78 4.09
N LEU D 590 13.01 3.95 5.30
CA LEU D 590 12.17 3.65 6.43
C LEU D 590 11.14 4.71 6.40
N SER D 591 11.56 5.98 6.33
CA SER D 591 10.63 7.11 6.51
C SER D 591 11.27 8.39 5.96
N LEU D 592 10.43 9.37 5.78
CA LEU D 592 10.78 10.74 5.56
C LEU D 592 10.40 11.53 6.81
N GLU D 593 11.41 12.08 7.47
CA GLU D 593 11.14 13.05 8.53
C GLU D 593 10.83 14.38 7.83
N CYS D 594 9.60 14.85 8.00
CA CYS D 594 9.15 15.86 7.18
C CYS D 594 8.23 16.83 7.91
N TRP D 595 8.12 16.74 9.26
CA TRP D 595 7.14 17.54 10.01
C TRP D 595 7.52 17.70 11.43
N GLY D 596 6.87 18.64 12.10
CA GLY D 596 7.24 18.93 13.48
C GLY D 596 8.49 19.76 13.56
N GLY D 597 9.13 19.77 14.74
CA GLY D 597 10.19 20.72 15.11
C GLY D 597 9.68 22.13 14.75
N ALA D 598 10.48 22.96 14.07
CA ALA D 598 10.17 24.39 13.90
C ALA D 598 9.30 24.66 12.65
N THR D 599 9.01 23.61 11.86
CA THR D 599 8.33 23.81 10.58
C THR D 599 6.93 24.22 10.80
N PHE D 600 6.38 23.81 11.95
CA PHE D 600 4.95 24.02 12.21
C PHE D 600 4.66 25.51 12.37
N ASP D 601 5.37 26.18 13.28
CA ASP D 601 5.09 27.62 13.32
C ASP D 601 5.77 28.49 12.28
N VAL D 602 6.99 28.15 11.94
CA VAL D 602 7.72 28.83 10.90
C VAL D 602 6.94 28.85 9.60
N SER D 603 6.40 27.72 9.16
CA SER D 603 5.64 27.72 7.90
C SER D 603 4.54 28.81 7.89
N MET D 604 3.80 28.96 8.98
CA MET D 604 2.82 30.04 9.08
C MET D 604 3.39 31.45 9.25
N ARG D 605 4.24 31.62 10.25
CA ARG D 605 4.81 32.89 10.70
C ARG D 605 5.68 33.56 9.61
N PHE D 606 6.52 32.76 8.95
CA PHE D 606 7.49 33.25 8.05
C PHE D 606 7.30 32.88 6.54
N LEU D 607 6.49 31.85 6.23
CA LEU D 607 6.31 31.42 4.84
C LEU D 607 4.88 31.63 4.35
N THR D 608 4.01 32.08 5.25
CA THR D 608 2.61 32.32 4.92
C THR D 608 1.96 31.04 4.38
N GLU D 609 2.22 29.91 5.03
CA GLU D 609 1.65 28.72 4.50
C GLU D 609 1.26 27.71 5.58
N ASP D 610 0.43 26.76 5.20
CA ASP D 610 -0.22 25.89 6.21
C ASP D 610 0.52 24.60 6.31
N PRO D 611 0.99 24.24 7.48
CA PRO D 611 1.78 23.01 7.62
C PRO D 611 0.93 21.76 7.32
N TRP D 612 -0.38 21.88 7.45
CA TRP D 612 -1.25 20.68 7.27
C TRP D 612 -1.34 20.40 5.78
N GLU D 613 -1.45 21.45 4.98
CA GLU D 613 -1.40 21.27 3.52
C GLU D 613 -0.09 20.63 3.09
N ARG D 614 1.03 21.00 3.73
CA ARG D 614 2.29 20.41 3.30
C ARG D 614 2.23 18.92 3.58
N LEU D 615 1.75 18.55 4.76
CA LEU D 615 1.76 17.17 5.14
C LEU D 615 0.85 16.38 4.22
N ALA D 616 -0.31 16.96 3.85
CA ALA D 616 -1.28 16.26 3.01
C ALA D 616 -0.62 16.05 1.68
N LEU D 617 0.12 17.02 1.18
CA LEU D 617 0.75 16.90 -0.19
C LEU D 617 1.82 15.85 -0.25
N ILE D 618 2.65 15.74 0.79
CA ILE D 618 3.68 14.71 0.92
C ILE D 618 3.03 13.34 1.05
N ARG D 619 1.94 13.27 1.83
CA ARG D 619 1.20 12.05 2.07
C ARG D 619 0.67 11.51 0.72
N GLU D 620 0.19 12.42 -0.16
CA GLU D 620 -0.36 11.99 -1.44
C GLU D 620 0.80 11.60 -2.42
N GLY D 621 1.93 12.30 -2.32
CA GLY D 621 3.03 12.02 -3.21
C GLY D 621 3.78 10.72 -2.91
N ALA D 622 3.80 10.31 -1.65
CA ALA D 622 4.64 9.16 -1.16
C ALA D 622 3.76 8.26 -0.28
N PRO D 623 2.79 7.56 -0.88
CA PRO D 623 1.86 6.74 -0.07
C PRO D 623 2.49 5.43 0.35
N ASN D 624 3.73 5.15 -0.04
CA ASN D 624 4.36 3.88 0.34
C ASN D 624 5.43 3.99 1.46
N LEU D 625 5.70 5.19 1.97
CA LEU D 625 6.70 5.43 2.98
C LEU D 625 6.08 6.00 4.22
N LEU D 626 6.64 5.68 5.37
CA LEU D 626 6.21 6.33 6.60
C LEU D 626 6.57 7.82 6.58
N LEU D 627 5.67 8.65 7.10
CA LEU D 627 6.00 10.05 7.37
C LEU D 627 6.25 10.21 8.83
N GLN D 628 7.34 10.90 9.16
CA GLN D 628 7.82 10.95 10.52
C GLN D 628 7.78 12.40 10.98
N MET D 629 7.37 12.68 12.23
CA MET D 629 7.51 14.05 12.67
C MET D 629 8.39 14.03 13.92
N LEU D 630 8.95 15.18 14.26
CA LEU D 630 9.44 15.25 15.61
C LEU D 630 8.38 15.89 16.50
N LEU D 631 8.15 15.35 17.68
CA LEU D 631 7.15 15.88 18.59
C LEU D 631 7.79 16.12 20.00
N ARG D 632 7.65 17.31 20.54
CA ARG D 632 7.91 17.51 21.95
C ARG D 632 6.80 16.88 22.84
N GLY D 633 7.14 15.94 23.73
CA GLY D 633 6.17 15.25 24.62
C GLY D 633 5.36 16.22 25.51
N ALA D 634 5.99 17.16 26.15
CA ALA D 634 5.19 18.06 26.96
C ALA D 634 4.27 18.89 26.05
N ASN D 635 4.67 19.24 24.84
CA ASN D 635 3.77 20.18 24.23
C ASN D 635 3.52 20.12 22.71
N GLY D 636 3.69 18.94 22.13
CA GLY D 636 3.39 18.73 20.71
C GLY D 636 4.35 19.55 19.84
N VAL D 637 3.89 20.65 19.28
CA VAL D 637 4.79 21.43 18.39
C VAL D 637 4.77 22.88 18.89
N GLY D 638 4.20 23.06 20.08
CA GLY D 638 3.98 24.38 20.65
C GLY D 638 5.17 25.10 21.26
N TYR D 639 4.87 26.24 21.86
CA TYR D 639 5.85 27.15 22.43
C TYR D 639 5.67 27.28 23.97
N THR D 640 4.63 26.68 24.53
CA THR D 640 4.41 26.80 25.96
C THR D 640 3.90 25.45 26.49
N ASN D 641 3.30 25.46 27.67
CA ASN D 641 2.67 24.25 28.14
C ASN D 641 1.17 24.29 27.84
N TYR D 642 0.59 23.14 27.54
CA TYR D 642 -0.85 23.11 27.27
C TYR D 642 -1.44 22.00 28.14
N PRO D 643 -2.76 22.07 28.42
CA PRO D 643 -3.44 20.97 29.13
C PRO D 643 -3.36 19.63 28.40
N ASP D 644 -3.41 18.54 29.16
CA ASP D 644 -3.42 17.23 28.56
C ASP D 644 -4.33 17.12 27.34
N ASN D 645 -5.57 17.60 27.45
CA ASN D 645 -6.50 17.38 26.34
C ASN D 645 -6.12 18.14 25.05
N VAL D 646 -5.36 19.24 25.11
CA VAL D 646 -4.91 19.90 23.93
C VAL D 646 -3.76 19.11 23.23
N VAL D 647 -2.86 18.55 24.06
CA VAL D 647 -1.81 17.68 23.57
C VAL D 647 -2.42 16.45 22.88
N LYS D 648 -3.32 15.75 23.57
CA LYS D 648 -4.01 14.64 22.90
C LYS D 648 -4.75 15.07 21.61
N TYR D 649 -5.41 16.23 21.60
CA TYR D 649 -6.15 16.59 20.40
C TYR D 649 -5.13 16.86 19.28
N PHE D 650 -4.00 17.46 19.61
CA PHE D 650 -3.01 17.66 18.52
C PHE D 650 -2.55 16.31 17.89
N VAL D 651 -2.25 15.34 18.73
CA VAL D 651 -1.66 14.11 18.24
C VAL D 651 -2.75 13.38 17.46
N ARG D 652 -3.96 13.45 17.93
CA ARG D 652 -5.03 12.94 17.12
C ARG D 652 -5.12 13.54 15.67
N GLN D 653 -4.99 14.84 15.54
CA GLN D 653 -5.09 15.45 14.23
C GLN D 653 -3.81 15.12 13.38
N ALA D 654 -2.67 15.05 14.06
CA ALA D 654 -1.44 14.79 13.34
C ALA D 654 -1.56 13.39 12.72
N ALA D 655 -1.94 12.37 13.46
CA ALA D 655 -2.24 11.06 12.88
C ALA D 655 -3.32 11.10 11.73
N LYS D 656 -4.37 11.89 11.86
CA LYS D 656 -5.36 11.97 10.82
C LYS D 656 -4.73 12.59 9.61
N GLY D 657 -3.81 13.51 9.82
CA GLY D 657 -3.32 14.27 8.68
C GLY D 657 -2.24 13.53 7.85
N GLY D 658 -1.67 12.45 8.39
CA GLY D 658 -0.75 11.61 7.65
C GLY D 658 0.49 11.15 8.42
N ILE D 659 0.73 11.61 9.66
CA ILE D 659 1.96 11.13 10.34
C ILE D 659 1.77 9.66 10.76
N ASP D 660 2.76 8.81 10.55
CA ASP D 660 2.71 7.42 10.93
C ASP D 660 3.73 7.22 12.08
N LEU D 661 4.75 8.07 12.17
CA LEU D 661 5.92 7.82 13.08
C LEU D 661 6.27 9.07 13.90
N PHE D 662 5.98 9.04 15.20
CA PHE D 662 6.25 10.15 16.07
C PHE D 662 7.50 9.94 16.86
N ARG D 663 8.53 10.73 16.57
CA ARG D 663 9.69 10.69 17.44
C ARG D 663 9.40 11.67 18.55
N VAL D 664 9.14 11.17 19.76
CA VAL D 664 8.79 12.06 20.88
C VAL D 664 9.94 12.24 21.88
N PHE D 665 10.26 13.48 22.26
CA PHE D 665 11.41 13.70 23.15
C PHE D 665 11.05 14.70 24.25
N ASP D 666 11.92 14.80 25.26
CA ASP D 666 11.74 15.74 26.29
C ASP D 666 13.00 16.44 26.50
N CYS D 667 12.96 17.79 26.63
CA CYS D 667 14.22 18.53 26.63
C CYS D 667 15.08 18.30 27.87
N LEU D 668 14.56 17.55 28.82
CA LEU D 668 15.36 17.17 29.97
C LEU D 668 15.34 15.62 30.14
N ASN D 669 14.88 14.87 29.13
CA ASN D 669 14.84 13.40 29.27
C ASN D 669 14.06 13.03 30.58
N TRP D 670 13.05 13.83 30.91
CA TRP D 670 12.06 13.47 31.95
C TRP D 670 10.96 12.59 31.39
N VAL D 671 10.94 11.32 31.79
CA VAL D 671 9.99 10.38 31.25
C VAL D 671 8.56 10.83 31.65
N GLU D 672 8.39 11.31 32.86
CA GLU D 672 7.08 11.74 33.33
C GLU D 672 6.40 12.70 32.34
N ASN D 673 7.10 13.70 31.86
CA ASN D 673 6.66 14.64 30.80
C ASN D 673 6.43 14.09 29.38
N MET D 674 6.60 12.77 29.14
CA MET D 674 6.44 12.21 27.80
C MET D 674 5.25 11.26 27.76
N ARG D 675 4.77 10.84 28.94
CA ARG D 675 3.71 9.80 29.02
C ARG D 675 2.42 10.15 28.28
N VAL D 676 1.99 11.40 28.41
CA VAL D 676 0.71 11.77 27.86
C VAL D 676 0.75 11.60 26.35
N SER D 677 1.80 12.12 25.70
CA SER D 677 2.04 11.99 24.21
C SER D 677 2.18 10.58 23.82
N MET D 678 2.94 9.84 24.59
CA MET D 678 3.20 8.46 24.22
C MET D 678 1.91 7.66 24.29
N ASP D 679 1.04 7.92 25.32
CA ASP D 679 -0.26 7.23 25.42
C ASP D 679 -1.20 7.67 24.27
N ALA D 680 -1.24 8.96 23.97
CA ALA D 680 -2.06 9.43 22.86
C ALA D 680 -1.59 8.82 21.51
N ILE D 681 -0.27 8.71 21.29
CA ILE D 681 0.22 8.07 20.06
C ILE D 681 -0.20 6.58 19.94
N ALA D 682 -0.05 5.80 21.01
CA ALA D 682 -0.51 4.41 21.04
C ALA D 682 -2.02 4.36 20.80
N GLU D 683 -2.77 5.29 21.34
CA GLU D 683 -4.18 5.26 21.10
C GLU D 683 -4.60 5.67 19.64
N GLU D 684 -3.80 6.42 18.94
CA GLU D 684 -4.12 6.59 17.54
C GLU D 684 -3.57 5.38 16.77
N ASN D 685 -2.95 4.40 17.45
CA ASN D 685 -2.36 3.29 16.72
C ASN D 685 -1.25 3.64 15.77
N LYS D 686 -0.45 4.64 16.09
CA LYS D 686 0.73 5.01 15.31
C LYS D 686 1.99 4.60 16.06
N LEU D 687 3.12 4.82 15.41
CA LEU D 687 4.39 4.42 15.97
C LEU D 687 4.86 5.43 16.95
N CYS D 688 5.29 4.93 18.08
CA CYS D 688 5.72 5.83 19.09
C CYS D 688 7.21 5.62 19.24
N GLU D 689 8.01 6.56 18.74
CA GLU D 689 9.41 6.36 18.84
C GLU D 689 9.87 7.21 19.98
N ALA D 690 10.25 6.58 21.09
CA ALA D 690 10.56 7.45 22.25
C ALA D 690 12.03 7.76 22.22
N ALA D 691 12.37 9.04 22.27
CA ALA D 691 13.78 9.45 22.19
C ALA D 691 14.38 9.72 23.55
N ILE D 692 15.63 9.33 23.69
CA ILE D 692 16.57 9.70 24.77
C ILE D 692 17.58 10.72 24.15
N CYS D 693 17.62 11.93 24.69
CA CYS D 693 18.64 12.89 24.16
C CYS D 693 20.01 12.49 24.69
N TYR D 694 21.02 12.52 23.80
CA TYR D 694 22.40 12.16 24.21
C TYR D 694 23.20 13.39 24.64
N THR D 695 23.97 13.33 25.72
CA THR D 695 24.77 14.53 26.07
C THR D 695 26.01 14.09 26.84
N GLY D 696 26.99 14.93 27.09
CA GLY D 696 28.14 14.43 27.84
C GLY D 696 28.92 13.41 27.02
N ASP D 697 29.50 12.46 27.73
CA ASP D 697 30.33 11.51 27.10
C ASP D 697 30.35 10.26 27.93
N ILE D 698 29.71 9.20 27.49
CA ILE D 698 29.71 7.94 28.30
C ILE D 698 31.07 7.30 28.63
N LEU D 699 32.11 7.63 27.87
CA LEU D 699 33.48 7.06 28.04
C LEU D 699 34.39 8.00 28.82
N ASN D 700 33.89 9.16 29.20
CA ASN D 700 34.66 10.04 30.07
C ASN D 700 34.22 9.80 31.51
N SER D 701 35.07 9.22 32.34
CA SER D 701 34.62 8.81 33.69
C SER D 701 34.43 10.01 34.58
N ALA D 702 34.87 11.14 34.08
CA ALA D 702 34.72 12.36 34.79
C ALA D 702 33.60 13.22 34.20
N ARG D 703 32.50 12.59 33.82
CA ARG D 703 31.20 13.25 33.72
C ARG D 703 30.05 12.24 34.01
N PRO D 704 29.97 11.78 35.29
CA PRO D 704 29.36 10.47 35.56
C PRO D 704 27.85 10.55 35.59
N LYS D 705 27.30 11.76 35.66
CA LYS D 705 25.85 11.92 35.55
C LYS D 705 25.35 11.23 34.26
N TYR D 706 26.11 11.34 33.16
CA TYR D 706 25.65 10.71 31.93
C TYR D 706 26.51 9.53 31.55
N ASP D 707 26.36 8.47 32.29
CA ASP D 707 27.16 7.29 32.02
C ASP D 707 26.24 6.33 31.27
N LEU D 708 26.74 5.14 30.99
CA LEU D 708 26.06 4.14 30.21
C LEU D 708 24.73 3.71 30.87
N LYS D 709 24.75 3.54 32.18
CA LYS D 709 23.59 3.15 33.01
C LYS D 709 22.46 4.14 32.81
N TYR D 710 22.80 5.42 32.70
CA TYR D 710 21.82 6.44 32.50
C TYR D 710 20.97 6.18 31.28
N TYR D 711 21.58 5.77 30.15
CA TYR D 711 20.89 5.53 28.90
C TYR D 711 20.16 4.20 28.94
N THR D 712 20.83 3.16 29.40
CA THR D 712 20.13 1.85 29.39
C THR D 712 18.98 1.86 30.36
N ASN D 713 19.09 2.54 31.51
CA ASN D 713 17.83 2.71 32.40
C ASN D 713 16.69 3.49 31.72
N LEU D 714 17.01 4.55 31.00
CA LEU D 714 15.91 5.27 30.43
C LEU D 714 15.26 4.39 29.35
N ALA D 715 16.09 3.63 28.61
CA ALA D 715 15.57 2.81 27.56
C ALA D 715 14.54 1.82 28.11
N VAL D 716 14.87 1.17 29.20
CA VAL D 716 13.98 0.19 29.84
C VAL D 716 12.75 0.88 30.41
N GLU D 717 12.94 2.04 30.98
CA GLU D 717 11.86 2.86 31.42
C GLU D 717 10.86 3.26 30.28
N LEU D 718 11.36 3.54 29.06
CA LEU D 718 10.50 4.02 27.98
C LEU D 718 9.79 2.90 27.29
N GLU D 719 10.47 1.75 27.17
CA GLU D 719 9.83 0.47 26.94
C GLU D 719 8.64 0.22 27.87
N LYS D 720 8.81 0.29 29.20
CA LYS D 720 7.62 0.16 30.07
C LYS D 720 6.53 1.20 29.81
N ALA D 721 6.90 2.38 29.36
CA ALA D 721 5.89 3.41 29.15
C ALA D 721 5.16 3.19 27.81
N GLY D 722 5.55 2.14 27.07
CA GLY D 722 4.82 1.79 25.81
C GLY D 722 5.52 2.13 24.49
N ALA D 723 6.81 2.51 24.50
CA ALA D 723 7.52 2.81 23.25
C ALA D 723 7.40 1.59 22.27
N HIS D 724 7.31 1.86 20.98
CA HIS D 724 7.50 0.85 19.99
C HIS D 724 8.92 0.81 19.45
N ILE D 725 9.66 1.90 19.65
CA ILE D 725 10.98 2.07 19.12
C ILE D 725 11.68 2.99 20.11
N ILE D 726 13.01 2.85 20.29
CA ILE D 726 13.77 3.77 21.14
C ILE D 726 14.69 4.53 20.14
N ALA D 727 14.74 5.85 20.28
CA ALA D 727 15.64 6.70 19.44
C ALA D 727 16.72 7.20 20.34
N VAL D 728 17.94 7.29 19.80
CA VAL D 728 18.94 8.06 20.46
C VAL D 728 19.06 9.37 19.70
N KCX D 729 18.79 10.47 20.39
CA KCX D 729 18.72 11.78 19.73
CB KCX D 729 17.42 12.53 20.12
CG KCX D 729 17.33 13.97 19.49
CD KCX D 729 15.99 14.68 19.73
CE KCX D 729 16.04 16.15 19.35
NZ KCX D 729 15.51 16.21 17.99
C KCX D 729 19.93 12.55 20.16
O KCX D 729 19.97 13.10 21.29
CX KCX D 729 16.35 16.39 16.98
OQ1 KCX D 729 17.58 16.62 17.13
OQ2 KCX D 729 15.84 16.45 15.74
N ASP D 730 20.89 12.61 19.25
CA ASP D 730 22.17 13.26 19.48
C ASP D 730 22.02 14.65 18.86
N MET D 731 21.24 15.53 19.50
CA MET D 731 20.91 16.86 18.90
C MET D 731 22.15 17.76 18.61
N ALA D 732 23.22 17.59 19.42
CA ALA D 732 24.43 18.35 19.17
C ALA D 732 25.52 17.58 18.37
N GLY D 733 25.38 16.28 18.10
CA GLY D 733 26.44 15.61 17.32
C GLY D 733 27.57 15.22 18.25
N LEU D 734 27.24 14.87 19.49
CA LEU D 734 28.27 14.66 20.51
C LEU D 734 28.76 13.20 20.54
N LEU D 735 27.96 12.24 20.12
CA LEU D 735 28.42 10.87 20.28
C LEU D 735 29.62 10.52 19.34
N LYS D 736 30.66 10.00 19.96
CA LYS D 736 31.88 9.63 19.24
C LYS D 736 31.80 8.18 18.83
N PRO D 737 32.61 7.79 17.84
CA PRO D 737 32.50 6.40 17.40
C PRO D 737 32.77 5.29 18.42
N ALA D 738 33.79 5.41 19.26
CA ALA D 738 34.07 4.34 20.18
C ALA D 738 32.89 4.29 21.16
N ALA D 739 32.32 5.46 21.53
CA ALA D 739 31.16 5.43 22.44
C ALA D 739 29.91 4.78 21.74
N ALA D 740 29.73 5.02 20.43
CA ALA D 740 28.60 4.42 19.72
C ALA D 740 28.72 2.89 19.77
N LYS D 741 29.93 2.39 19.76
CA LYS D 741 30.08 0.97 19.76
C LYS D 741 29.66 0.35 21.12
N VAL D 742 29.92 1.06 22.20
CA VAL D 742 29.49 0.59 23.51
C VAL D 742 27.99 0.88 23.71
N LEU D 743 27.54 2.10 23.42
CA LEU D 743 26.13 2.48 23.57
C LEU D 743 25.16 1.55 22.86
N PHE D 744 25.37 1.25 21.59
CA PHE D 744 24.35 0.51 20.87
C PHE D 744 24.35 -0.95 21.19
N LYS D 745 25.50 -1.47 21.56
CA LYS D 745 25.53 -2.82 22.05
C LYS D 745 24.76 -2.83 23.40
N ALA D 746 25.06 -1.96 24.33
CA ALA D 746 24.38 -2.03 25.62
C ALA D 746 22.84 -1.76 25.45
N LEU D 747 22.47 -0.86 24.55
CA LEU D 747 21.07 -0.61 24.35
C LEU D 747 20.36 -1.85 23.85
N ARG D 748 20.95 -2.57 22.91
CA ARG D 748 20.30 -3.76 22.37
C ARG D 748 20.31 -4.93 23.29
N GLU D 749 21.16 -4.93 24.29
CA GLU D 749 21.00 -5.89 25.39
C GLU D 749 20.01 -5.51 26.50
N ALA D 750 19.73 -4.24 26.63
CA ALA D 750 18.90 -3.77 27.74
C ALA D 750 17.40 -3.82 27.34
N THR D 751 17.07 -3.50 26.11
CA THR D 751 15.68 -3.56 25.60
C THR D 751 15.70 -4.39 24.30
N GLY D 752 14.65 -5.18 24.09
CA GLY D 752 14.43 -5.91 22.82
C GLY D 752 13.81 -5.01 21.71
N LEU D 753 13.40 -3.78 22.00
CA LEU D 753 12.98 -2.82 20.94
C LEU D 753 14.10 -2.41 19.94
N PRO D 754 13.74 -2.07 18.69
CA PRO D 754 14.72 -1.48 17.71
C PRO D 754 15.19 -0.11 18.24
N ILE D 755 16.35 0.35 17.79
CA ILE D 755 16.92 1.58 18.22
C ILE D 755 17.14 2.36 16.96
N HIS D 756 16.87 3.64 17.01
CA HIS D 756 16.96 4.50 15.89
C HIS D 756 17.84 5.68 16.24
N PHE D 757 18.85 5.99 15.40
CA PHE D 757 19.90 6.85 15.86
C PHE D 757 19.87 8.08 14.96
N HIS D 758 19.80 9.26 15.56
CA HIS D 758 19.78 10.53 14.88
C HIS D 758 20.96 11.33 15.36
N THR D 759 21.77 11.90 14.50
CA THR D 759 22.86 12.78 14.97
C THR D 759 23.05 13.99 13.99
N HIS D 760 24.05 14.83 14.27
CA HIS D 760 24.31 16.04 13.57
C HIS D 760 25.76 16.01 13.33
N ASP D 761 26.19 16.65 12.27
CA ASP D 761 27.52 16.44 11.82
C ASP D 761 28.39 17.65 12.16
N THR D 762 28.04 18.41 13.18
CA THR D 762 28.74 19.64 13.48
C THR D 762 30.27 19.42 13.65
N SER D 763 30.67 18.24 14.15
CA SER D 763 32.05 17.93 14.46
C SER D 763 32.83 17.53 13.21
N GLY D 764 32.07 17.22 12.13
CA GLY D 764 32.61 16.70 10.91
C GLY D 764 33.02 15.23 10.99
N ILE D 765 32.59 14.52 12.01
CA ILE D 765 32.85 13.08 12.02
C ILE D 765 31.66 12.20 12.30
N ALA D 766 30.48 12.79 12.24
CA ALA D 766 29.22 11.98 12.45
C ALA D 766 28.99 10.75 11.55
N ALA D 767 29.45 10.81 10.29
CA ALA D 767 29.41 9.62 9.41
C ALA D 767 30.21 8.50 10.08
N ALA D 768 31.37 8.81 10.67
CA ALA D 768 32.03 7.82 11.47
C ALA D 768 31.17 7.22 12.61
N THR D 769 30.48 8.03 13.38
CA THR D 769 29.71 7.49 14.51
C THR D 769 28.54 6.72 13.93
N VAL D 770 27.95 7.24 12.87
CA VAL D 770 26.96 6.45 12.19
C VAL D 770 27.42 5.07 11.75
N LEU D 771 28.57 4.92 11.03
CA LEU D 771 28.94 3.57 10.58
C LEU D 771 29.31 2.74 11.81
N ALA D 772 29.89 3.39 12.83
CA ALA D 772 30.15 2.57 14.04
C ALA D 772 28.80 2.05 14.60
N ALA D 773 27.72 2.83 14.56
CA ALA D 773 26.43 2.39 15.17
C ALA D 773 25.89 1.18 14.38
N VAL D 774 26.15 1.28 13.07
CA VAL D 774 25.61 0.30 12.12
C VAL D 774 26.34 -1.04 12.33
N GLU D 775 27.65 -0.93 12.51
CA GLU D 775 28.47 -2.13 12.80
C GLU D 775 28.04 -2.74 14.16
N ALA D 776 27.65 -1.91 15.13
CA ALA D 776 27.22 -2.37 16.42
C ALA D 776 25.81 -2.85 16.46
N GLY D 777 25.05 -2.76 15.37
CA GLY D 777 23.75 -3.36 15.34
C GLY D 777 22.56 -2.38 15.37
N VAL D 778 22.80 -1.07 15.29
CA VAL D 778 21.67 -0.22 15.37
C VAL D 778 20.68 -0.54 14.22
N ASP D 779 19.40 -0.43 14.48
CA ASP D 779 18.36 -0.80 13.53
C ASP D 779 18.07 0.23 12.49
N ALA D 780 18.14 1.52 12.81
CA ALA D 780 17.78 2.57 11.85
C ALA D 780 18.67 3.76 12.07
N VAL D 781 18.98 4.52 11.02
CA VAL D 781 19.74 5.79 11.17
C VAL D 781 19.11 6.85 10.36
N ASP D 782 19.32 8.13 10.73
CA ASP D 782 18.89 9.30 9.98
C ASP D 782 20.04 9.82 9.14
N ALA D 783 19.73 10.31 7.98
CA ALA D 783 20.74 11.04 7.14
C ALA D 783 20.02 12.08 6.26
N ALA D 784 20.75 13.09 5.85
CA ALA D 784 20.18 14.04 4.95
C ALA D 784 20.83 13.90 3.55
N MET D 785 20.07 14.24 2.53
CA MET D 785 20.56 14.29 1.18
C MET D 785 21.80 15.18 1.12
N ASP D 786 22.75 14.76 0.29
CA ASP D 786 24.04 15.38 0.23
C ASP D 786 23.96 16.87 0.22
N ALA D 787 23.14 17.43 -0.67
CA ALA D 787 23.12 18.86 -0.91
C ALA D 787 22.62 19.60 0.32
N LEU D 788 22.06 18.89 1.30
CA LEU D 788 21.60 19.58 2.50
C LEU D 788 22.11 18.84 3.75
N SER D 789 23.33 18.27 3.67
CA SER D 789 23.92 17.51 4.78
C SER D 789 25.22 18.18 5.26
N GLY D 790 25.89 17.66 6.30
CA GLY D 790 27.14 18.22 6.73
C GLY D 790 26.84 19.32 7.74
N ASN D 791 27.93 19.86 8.33
CA ASN D 791 27.93 20.91 9.30
C ASN D 791 26.82 20.66 10.33
N THR D 792 25.88 21.61 10.58
CA THR D 792 24.93 21.46 11.70
C THR D 792 23.80 20.52 11.34
N SER D 793 23.84 19.99 10.11
CA SER D 793 22.79 19.11 9.61
C SER D 793 23.12 17.63 9.89
N GLN D 794 22.37 16.70 9.32
CA GLN D 794 22.72 15.28 9.43
C GLN D 794 23.90 14.97 8.49
N PRO D 795 24.62 13.88 8.75
CA PRO D 795 25.69 13.53 7.80
C PRO D 795 25.06 13.07 6.48
N CYS D 796 25.91 12.99 5.45
CA CYS D 796 25.53 12.79 4.09
C CYS D 796 24.92 11.41 3.81
N LEU D 797 23.70 11.39 3.30
CA LEU D 797 23.03 10.13 2.96
C LEU D 797 23.72 9.35 1.81
N GLY D 798 24.16 10.03 0.75
CA GLY D 798 24.68 9.28 -0.46
C GLY D 798 25.95 8.59 -0.01
N SER D 799 26.79 9.24 0.81
CA SER D 799 28.13 8.68 1.20
C SER D 799 28.06 7.54 2.24
N ILE D 800 27.09 7.63 3.17
CA ILE D 800 26.85 6.57 4.12
C ILE D 800 26.38 5.32 3.41
N VAL D 801 25.49 5.47 2.45
CA VAL D 801 24.97 4.38 1.69
C VAL D 801 26.08 3.81 0.79
N GLU D 802 26.88 4.70 0.18
CA GLU D 802 28.00 4.22 -0.60
C GLU D 802 29.00 3.43 0.26
C GLU D 802 29.00 3.43 0.26
N ALA D 803 29.30 3.87 1.48
CA ALA D 803 30.24 3.14 2.32
C ALA D 803 29.71 1.74 2.69
N LEU D 804 28.39 1.52 2.62
CA LEU D 804 27.77 0.31 3.20
C LEU D 804 27.46 -0.65 2.07
N SER D 805 27.67 -0.14 0.86
CA SER D 805 27.38 -0.85 -0.37
C SER D 805 28.14 -2.15 -0.40
N GLY D 806 27.45 -3.27 -0.61
CA GLY D 806 28.22 -4.53 -0.58
C GLY D 806 28.40 -5.10 0.83
N SER D 807 28.11 -4.35 1.91
CA SER D 807 28.28 -4.97 3.26
C SER D 807 27.11 -5.90 3.69
N GLU D 808 27.26 -6.61 4.79
CA GLU D 808 26.17 -7.48 5.23
C GLU D 808 24.96 -6.62 5.51
N ARG D 809 25.19 -5.40 6.03
CA ARG D 809 24.06 -4.52 6.41
C ARG D 809 23.58 -3.52 5.34
N ASP D 810 24.21 -3.56 4.16
CA ASP D 810 23.80 -2.83 2.98
C ASP D 810 22.32 -2.45 2.98
N PRO D 811 22.01 -1.16 2.88
CA PRO D 811 20.61 -0.75 2.94
C PRO D 811 19.86 -0.78 1.61
N GLY D 812 20.55 -1.07 0.49
CA GLY D 812 19.93 -1.30 -0.81
C GLY D 812 19.22 -0.06 -1.34
N LEU D 813 19.79 1.11 -1.18
CA LEU D 813 19.22 2.29 -1.89
C LEU D 813 20.02 2.62 -3.17
N ASP D 814 19.33 2.99 -4.24
CA ASP D 814 20.01 3.23 -5.53
C ASP D 814 20.79 4.56 -5.56
N PRO D 815 22.15 4.52 -5.59
CA PRO D 815 23.05 5.69 -5.54
C PRO D 815 22.83 6.68 -6.75
N ALA D 816 22.51 6.12 -7.90
CA ALA D 816 22.11 6.96 -9.05
C ALA D 816 20.87 7.79 -8.69
N TRP D 817 19.95 7.24 -7.91
CA TRP D 817 18.77 8.05 -7.55
C TRP D 817 18.97 9.03 -6.44
N ILE D 818 19.80 8.65 -5.48
CA ILE D 818 20.20 9.60 -4.45
C ILE D 818 20.89 10.81 -5.03
N ARG D 819 21.86 10.60 -5.91
CA ARG D 819 22.49 11.72 -6.62
C ARG D 819 21.51 12.65 -7.36
N ARG D 820 20.51 12.08 -8.04
CA ARG D 820 19.55 12.94 -8.75
C ARG D 820 18.70 13.74 -7.84
N ILE D 821 18.21 13.09 -6.79
CA ILE D 821 17.36 13.72 -5.82
C ILE D 821 18.21 14.79 -5.19
N SER D 822 19.51 14.51 -4.99
CA SER D 822 20.38 15.44 -4.31
C SER D 822 20.60 16.73 -5.15
N PHE D 823 20.79 16.52 -6.42
CA PHE D 823 21.02 17.63 -7.33
C PHE D 823 19.72 18.52 -7.45
N TYR D 824 18.54 17.88 -7.43
CA TYR D 824 17.30 18.65 -7.31
C TYR D 824 17.36 19.53 -6.00
N TRP D 825 17.74 18.90 -4.87
CA TRP D 825 17.82 19.65 -3.59
C TRP D 825 18.88 20.73 -3.64
N GLU D 826 19.92 20.51 -4.42
CA GLU D 826 20.98 21.50 -4.51
C GLU D 826 20.41 22.71 -5.23
N ALA D 827 19.75 22.50 -6.39
CA ALA D 827 19.07 23.62 -7.06
C ALA D 827 18.04 24.31 -6.12
N VAL D 828 17.32 23.53 -5.30
CA VAL D 828 16.29 24.12 -4.39
C VAL D 828 17.01 25.03 -3.43
N ARG D 829 18.13 24.56 -2.94
CA ARG D 829 18.82 25.27 -1.91
C ARG D 829 19.41 26.58 -2.45
N ASN D 830 19.81 26.60 -3.72
CA ASN D 830 20.25 27.91 -4.23
C ASN D 830 19.24 29.07 -4.06
N GLN D 831 17.94 28.77 -3.93
CA GLN D 831 16.95 29.83 -3.90
C GLN D 831 16.85 30.44 -2.47
N TYR D 832 17.55 29.86 -1.50
CA TYR D 832 17.40 30.27 -0.12
C TYR D 832 18.72 30.89 0.39
N ALA D 833 19.49 31.43 -0.55
CA ALA D 833 20.70 32.20 -0.22
C ALA D 833 20.43 33.17 0.94
N ALA D 834 19.26 33.79 1.02
CA ALA D 834 18.97 34.70 2.19
C ALA D 834 19.23 34.08 3.51
N PHE D 835 19.17 32.75 3.62
CA PHE D 835 19.07 32.13 4.94
C PHE D 835 20.31 31.33 5.36
N GLU D 836 21.38 31.37 4.52
CA GLU D 836 22.58 30.61 4.75
C GLU D 836 23.31 31.19 5.94
N SER D 837 23.79 30.36 6.85
CA SER D 837 24.69 30.85 7.92
C SER D 837 26.07 31.11 7.36
N ASP D 838 26.94 31.70 8.17
CA ASP D 838 28.34 31.91 7.77
C ASP D 838 29.34 30.86 8.34
N LEU D 839 28.83 29.80 8.96
CA LEU D 839 29.61 28.60 9.32
C LEU D 839 30.25 27.85 8.10
N LYS D 840 31.58 27.77 8.08
CA LYS D 840 32.22 27.20 6.93
C LYS D 840 32.43 25.70 7.02
N GLY D 841 32.44 25.10 8.23
CA GLY D 841 32.67 23.64 8.30
C GLY D 841 32.74 23.08 9.70
N PRO D 842 33.47 22.01 9.88
CA PRO D 842 33.37 21.17 11.05
C PRO D 842 33.89 21.99 12.22
N ALA D 843 33.47 21.70 13.42
CA ALA D 843 33.93 22.49 14.54
C ALA D 843 34.03 21.56 15.74
N SER D 844 35.25 21.11 16.08
CA SER D 844 35.40 20.25 17.24
C SER D 844 35.07 20.96 18.59
N GLU D 845 34.97 22.30 18.57
CA GLU D 845 34.62 23.06 19.76
C GLU D 845 33.23 22.60 20.30
N VAL D 846 32.43 21.95 19.45
CA VAL D 846 31.12 21.47 19.95
C VAL D 846 31.32 20.49 21.11
N TYR D 847 32.45 19.80 21.18
CA TYR D 847 32.69 18.89 22.32
C TYR D 847 32.86 19.64 23.62
N LEU D 848 33.21 20.93 23.55
CA LEU D 848 33.34 21.76 24.77
C LEU D 848 32.00 22.36 25.19
N HIS D 849 31.33 23.01 24.25
CA HIS D 849 30.13 23.67 24.67
C HIS D 849 28.85 22.86 24.65
N GLU D 850 28.67 22.04 23.63
CA GLU D 850 27.50 21.17 23.46
C GLU D 850 26.34 21.92 22.86
N MET D 851 26.59 22.95 22.07
CA MET D 851 25.46 23.66 21.47
C MET D 851 24.89 22.83 20.34
N PRO D 852 23.57 22.61 20.34
CA PRO D 852 22.85 21.74 19.37
C PRO D 852 22.76 22.31 17.95
N GLY D 853 22.87 21.47 16.92
CA GLY D 853 22.67 21.88 15.52
C GLY D 853 22.43 23.35 15.15
N GLY D 854 21.23 23.65 14.67
CA GLY D 854 20.95 25.05 14.26
C GLY D 854 21.13 26.11 15.36
N GLN D 855 20.89 25.69 16.60
CA GLN D 855 21.07 26.60 17.75
C GLN D 855 22.52 27.18 17.85
N PHE D 856 23.51 26.37 17.45
CA PHE D 856 24.93 26.79 17.38
C PHE D 856 25.15 28.02 16.44
N THR D 857 24.57 27.95 15.24
CA THR D 857 24.74 29.08 14.30
C THR D 857 24.07 30.35 14.77
N ASN D 858 22.81 30.24 15.26
CA ASN D 858 22.11 31.36 15.96
C ASN D 858 22.92 31.89 17.04
N LEU D 859 23.44 31.02 17.89
CA LEU D 859 24.12 31.57 19.02
C LEU D 859 25.34 32.41 18.53
N LYS D 860 26.06 31.89 17.56
CA LYS D 860 27.19 32.65 17.00
C LYS D 860 26.79 34.01 16.36
N GLU D 861 25.65 34.04 15.69
CA GLU D 861 25.21 35.23 14.99
C GLU D 861 24.68 36.27 16.00
N GLN D 862 23.86 35.78 16.95
CA GLN D 862 23.39 36.59 18.04
C GLN D 862 24.60 37.23 18.79
N ALA D 863 25.71 36.50 18.94
CA ALA D 863 26.93 37.10 19.59
C ALA D 863 27.72 38.15 18.75
N ARG D 864 27.82 37.92 17.44
CA ARG D 864 28.26 38.95 16.50
C ARG D 864 27.37 40.19 16.67
N SER D 865 26.05 39.98 16.69
CA SER D 865 25.13 41.11 16.65
C SER D 865 25.05 41.85 18.00
N LEU D 866 25.72 41.29 19.01
CA LEU D 866 25.76 41.89 20.34
C LEU D 866 27.20 42.29 20.70
N GLY D 867 28.03 42.52 19.69
CA GLY D 867 29.39 43.02 19.96
C GLY D 867 30.46 42.03 20.41
N LEU D 868 30.10 40.74 20.59
CA LEU D 868 31.03 39.79 21.22
C LEU D 868 31.67 38.88 20.21
N GLU D 869 31.36 39.10 18.92
CA GLU D 869 32.04 38.40 17.80
C GLU D 869 33.50 38.14 18.20
N THR D 870 34.04 39.13 18.88
CA THR D 870 35.36 39.13 19.47
C THR D 870 35.68 38.00 20.49
N ARG D 871 34.79 37.72 21.46
CA ARG D 871 35.17 36.87 22.61
C ARG D 871 34.41 35.52 22.62
N TRP D 872 34.17 34.99 21.42
CA TRP D 872 33.39 33.78 21.21
C TRP D 872 33.87 32.62 22.06
N HIS D 873 35.17 32.60 22.32
CA HIS D 873 35.75 31.59 23.20
C HIS D 873 35.27 31.74 24.64
N GLN D 874 34.94 32.96 25.03
CA GLN D 874 34.41 33.17 26.37
C GLN D 874 32.92 32.78 26.43
N VAL D 875 32.17 33.08 25.35
CA VAL D 875 30.82 32.61 25.24
C VAL D 875 30.73 31.05 25.41
N ALA D 876 31.38 30.33 24.48
CA ALA D 876 31.65 28.90 24.55
C ALA D 876 32.00 28.43 25.94
N GLN D 877 32.95 29.07 26.60
CA GLN D 877 33.33 28.59 27.91
C GLN D 877 32.17 28.91 28.98
N ALA D 878 31.48 30.05 28.77
CA ALA D 878 30.34 30.49 29.64
C ALA D 878 29.16 29.51 29.45
N TYR D 879 29.00 29.02 28.22
CA TYR D 879 27.90 28.08 27.94
C TYR D 879 28.16 26.76 28.65
N ALA D 880 29.38 26.27 28.62
CA ALA D 880 29.64 25.05 29.40
C ALA D 880 29.60 25.36 30.88
N ASP D 881 29.98 26.56 31.27
CA ASP D 881 30.00 26.80 32.71
C ASP D 881 28.59 26.92 33.21
N ALA D 882 27.74 27.57 32.41
CA ALA D 882 26.33 27.75 32.76
C ALA D 882 25.65 26.38 32.79
N ASN D 883 25.96 25.53 31.83
CA ASN D 883 25.42 24.18 31.80
C ASN D 883 25.67 23.59 33.12
N GLN D 884 26.92 23.65 33.56
CA GLN D 884 27.34 23.06 34.88
C GLN D 884 26.66 23.70 36.09
N MET D 885 26.51 25.02 36.05
CA MET D 885 25.82 25.76 37.13
C MET D 885 24.35 25.30 37.28
N PHE D 886 23.71 24.99 36.14
CA PHE D 886 22.36 24.52 36.17
C PHE D 886 22.26 23.09 36.58
N GLY D 887 23.39 22.42 36.79
CA GLY D 887 23.33 21.03 37.30
C GLY D 887 23.71 20.00 36.25
N ASP D 888 24.15 20.50 35.09
CA ASP D 888 24.62 19.71 33.90
C ASP D 888 23.41 19.08 33.19
N ILE D 889 22.84 19.78 32.22
CA ILE D 889 21.47 19.43 31.83
C ILE D 889 21.44 19.05 30.37
N VAL D 890 20.39 18.33 29.92
CA VAL D 890 20.20 18.09 28.52
C VAL D 890 19.91 19.47 27.84
N LYS D 891 20.60 19.77 26.73
CA LYS D 891 20.43 21.08 26.03
C LYS D 891 19.93 20.93 24.59
N VAL D 892 18.62 21.12 24.41
CA VAL D 892 17.96 20.92 23.14
C VAL D 892 16.72 21.81 23.18
N ALA D 893 16.31 22.41 22.06
CA ALA D 893 14.96 23.09 21.96
C ALA D 893 13.98 22.88 23.14
N PRO D 894 13.76 23.89 24.02
CA PRO D 894 14.38 25.19 24.38
C PRO D 894 15.28 25.19 25.61
N SER D 895 15.54 24.05 26.25
CA SER D 895 16.63 24.12 27.30
C SER D 895 17.96 24.80 26.79
N SER D 896 18.35 24.60 25.51
CA SER D 896 19.63 25.26 25.04
C SER D 896 19.56 26.79 24.89
N LYS D 897 18.52 27.26 24.25
CA LYS D 897 18.16 28.65 24.32
C LYS D 897 18.45 29.23 25.73
N VAL D 898 17.91 28.59 26.75
CA VAL D 898 18.17 29.04 28.13
C VAL D 898 19.68 29.12 28.48
N VAL D 899 20.47 28.12 28.11
CA VAL D 899 21.90 28.17 28.45
C VAL D 899 22.59 29.26 27.65
N GLY D 900 22.12 29.42 26.41
CA GLY D 900 22.59 30.52 25.58
C GLY D 900 22.35 31.90 26.20
N ASP D 901 21.10 32.15 26.61
CA ASP D 901 20.72 33.47 27.11
C ASP D 901 21.58 33.73 28.30
N MET D 902 21.78 32.68 29.11
CA MET D 902 22.65 32.81 30.27
C MET D 902 24.11 33.03 29.93
N ALA D 903 24.62 32.31 28.94
CA ALA D 903 26.01 32.46 28.50
C ALA D 903 26.30 33.90 28.05
N LEU D 904 25.52 34.42 27.08
CA LEU D 904 25.59 35.81 26.58
C LEU D 904 25.63 36.95 27.69
N MET D 905 24.79 36.81 28.73
CA MET D 905 24.78 37.76 29.83
C MET D 905 26.04 37.62 30.68
N MET D 906 26.46 36.37 30.84
CA MET D 906 27.60 36.15 31.68
C MET D 906 28.76 36.93 31.11
N VAL D 907 28.80 37.03 29.77
CA VAL D 907 29.93 37.61 29.09
C VAL D 907 29.71 39.11 28.90
N SER D 908 28.52 39.52 28.48
CA SER D 908 28.24 40.99 28.45
C SER D 908 28.46 41.65 29.80
N GLN D 909 27.97 41.07 30.87
CA GLN D 909 28.15 41.74 32.17
C GLN D 909 29.44 41.29 32.85
N ASP D 910 30.20 40.38 32.25
CA ASP D 910 31.46 39.99 32.85
C ASP D 910 31.30 39.29 34.25
N LEU D 911 30.50 38.20 34.31
CA LEU D 911 30.24 37.45 35.55
C LEU D 911 30.81 36.02 35.55
N THR D 912 31.40 35.60 36.64
CA THR D 912 31.70 34.21 36.76
C THR D 912 30.53 33.46 37.43
N VAL D 913 30.49 32.13 37.29
CA VAL D 913 29.39 31.46 37.95
C VAL D 913 29.32 31.73 39.48
N ALA D 914 30.47 32.02 40.12
CA ALA D 914 30.48 32.31 41.55
C ALA D 914 29.87 33.67 41.74
N ASP D 915 30.01 34.55 40.74
CA ASP D 915 29.31 35.82 40.72
C ASP D 915 27.83 35.62 40.56
N VAL D 916 27.45 34.79 39.57
CA VAL D 916 26.06 34.48 39.25
C VAL D 916 25.30 33.97 40.48
N VAL D 917 25.85 32.97 41.18
CA VAL D 917 25.21 32.36 42.38
C VAL D 917 25.49 33.06 43.71
N SER D 918 26.31 34.13 43.68
CA SER D 918 26.66 34.84 44.92
C SER D 918 25.46 35.60 45.48
N PRO D 919 25.20 35.46 46.80
CA PRO D 919 24.17 36.31 47.45
C PRO D 919 24.38 37.82 47.17
N ASP D 920 25.64 38.27 47.15
CA ASP D 920 25.96 39.71 47.17
C ASP D 920 25.92 40.43 45.81
N ARG D 921 25.87 39.70 44.71
CA ARG D 921 25.94 40.37 43.41
C ARG D 921 24.60 40.44 42.63
N GLU D 922 24.07 41.66 42.42
CA GLU D 922 22.75 41.80 41.75
C GLU D 922 22.84 41.33 40.33
N VAL D 923 21.93 40.44 39.96
CA VAL D 923 21.92 39.90 38.63
C VAL D 923 20.48 39.91 38.16
N SER D 924 20.24 40.58 37.05
CA SER D 924 18.92 40.51 36.51
C SER D 924 18.90 39.39 35.46
N PHE D 925 18.41 38.21 35.85
CA PHE D 925 18.39 37.01 35.03
C PHE D 925 17.46 37.06 33.82
N PRO D 926 17.87 36.45 32.69
CA PRO D 926 16.97 36.40 31.53
C PRO D 926 15.63 35.73 31.86
N GLU D 927 14.60 36.12 31.12
CA GLU D 927 13.25 35.61 31.23
C GLU D 927 13.22 34.07 31.14
N SER D 928 14.00 33.54 30.23
CA SER D 928 13.93 32.13 29.95
C SER D 928 14.64 31.34 31.03
N VAL D 929 15.60 31.94 31.73
CA VAL D 929 16.24 31.29 32.88
C VAL D 929 15.27 31.26 34.11
N VAL D 930 14.67 32.41 34.44
CA VAL D 930 13.67 32.47 35.51
C VAL D 930 12.62 31.35 35.30
N SER D 931 12.15 31.24 34.05
CA SER D 931 11.02 30.39 33.71
C SER D 931 11.35 28.88 33.77
N MET D 932 12.53 28.53 33.27
CA MET D 932 13.11 27.21 33.48
C MET D 932 13.34 26.88 34.99
N LEU D 933 13.94 27.80 35.73
CA LEU D 933 14.11 27.58 37.16
C LEU D 933 12.72 27.49 37.93
N LYS D 934 11.71 28.16 37.38
CA LYS D 934 10.39 28.08 37.92
C LYS D 934 9.82 26.63 37.74
N GLY D 935 10.24 25.92 36.67
CA GLY D 935 9.79 24.56 36.38
C GLY D 935 8.98 24.42 35.09
N ASP D 936 8.90 25.50 34.29
CA ASP D 936 8.11 25.51 33.02
C ASP D 936 8.66 24.51 31.99
N LEU D 937 9.95 24.18 32.04
CA LEU D 937 10.37 23.11 31.10
C LEU D 937 10.40 21.75 31.73
N GLY D 938 9.83 21.59 32.94
CA GLY D 938 9.99 20.31 33.68
C GLY D 938 11.18 20.25 34.65
N GLN D 939 11.52 19.05 35.13
CA GLN D 939 12.58 18.82 36.13
C GLN D 939 13.72 17.92 35.62
N PRO D 940 14.98 18.31 35.86
CA PRO D 940 16.17 17.48 35.74
C PRO D 940 16.14 16.42 36.85
N PRO D 941 16.88 15.32 36.71
CA PRO D 941 16.75 14.23 37.70
C PRO D 941 17.03 14.64 39.15
N SER D 942 17.92 15.62 39.37
CA SER D 942 18.03 16.12 40.78
C SER D 942 17.38 17.50 41.11
N GLY D 943 16.37 17.95 40.36
CA GLY D 943 15.81 19.24 40.67
C GLY D 943 16.80 20.34 40.36
N TRP D 944 16.32 21.58 40.46
CA TRP D 944 17.09 22.79 40.12
C TRP D 944 17.91 23.22 41.32
N PRO D 945 19.10 23.79 41.10
CA PRO D 945 19.89 24.16 42.30
C PRO D 945 19.26 25.31 43.08
N GLU D 946 19.13 25.13 44.41
CA GLU D 946 18.28 26.05 45.21
C GLU D 946 18.78 27.48 45.24
N ALA D 947 20.07 27.63 45.56
CA ALA D 947 20.64 28.96 45.75
C ALA D 947 20.33 29.78 44.50
N LEU D 948 20.62 29.17 43.35
CA LEU D 948 20.51 29.87 42.08
C LEU D 948 19.06 30.17 41.79
N GLN D 949 18.21 29.18 42.06
CA GLN D 949 16.78 29.35 41.99
C GLN D 949 16.25 30.52 42.86
N LYS D 950 16.60 30.54 44.15
CA LYS D 950 16.09 31.60 45.02
C LYS D 950 16.56 32.96 44.51
N LYS D 951 17.85 33.10 44.22
CA LYS D 951 18.38 34.36 43.66
C LYS D 951 17.64 34.81 42.37
N ALA D 952 17.42 33.86 41.45
CA ALA D 952 16.91 34.21 40.15
C ALA D 952 15.43 34.49 40.16
N LEU D 953 14.69 33.84 41.07
CA LEU D 953 13.26 33.95 40.99
C LEU D 953 12.61 35.27 41.52
N LYS D 954 13.28 35.97 42.44
CA LYS D 954 12.76 37.22 43.05
C LYS D 954 11.22 37.20 43.29
N GLY D 955 10.77 36.27 44.13
CA GLY D 955 9.35 36.25 44.50
C GLY D 955 8.43 35.39 43.64
N GLU D 956 8.84 35.02 42.42
CA GLU D 956 8.13 33.94 41.73
C GLU D 956 8.29 32.62 42.49
N LYS D 957 7.24 31.81 42.48
CA LYS D 957 7.20 30.54 43.23
C LYS D 957 7.51 29.43 42.28
N PRO D 958 8.52 28.59 42.58
CA PRO D 958 8.72 27.39 41.72
C PRO D 958 7.72 26.29 42.00
N TYR D 959 7.60 25.30 41.13
CA TYR D 959 6.82 24.09 41.43
C TYR D 959 7.60 22.90 40.84
N THR D 960 7.35 21.68 41.26
CA THR D 960 8.20 20.56 40.80
C THR D 960 7.39 19.43 40.16
N VAL D 961 6.07 19.64 40.00
CA VAL D 961 5.23 18.72 39.25
C VAL D 961 5.30 18.96 37.72
N ARG D 962 4.81 17.98 36.95
CA ARG D 962 4.74 18.14 35.48
C ARG D 962 3.82 19.39 35.17
N PRO D 963 4.31 20.42 34.46
CA PRO D 963 3.57 21.63 34.15
C PRO D 963 2.16 21.31 33.67
N GLY D 964 2.11 20.39 32.72
CA GLY D 964 0.85 19.97 32.18
C GLY D 964 -0.16 19.55 33.20
N SER D 965 0.27 19.08 34.36
CA SER D 965 -0.71 18.57 35.30
C SER D 965 -1.28 19.76 36.05
N LEU D 966 -0.71 20.97 35.90
CA LEU D 966 -1.27 22.18 36.58
C LEU D 966 -2.38 22.88 35.80
N LEU D 967 -2.47 22.57 34.53
CA LEU D 967 -3.35 23.29 33.59
C LEU D 967 -4.74 22.73 33.60
N LYS D 968 -5.75 23.57 33.87
CA LYS D 968 -7.17 23.21 33.65
C LYS D 968 -7.36 22.67 32.23
N GLU D 969 -8.03 21.55 32.10
CA GLU D 969 -8.55 21.03 30.83
C GLU D 969 -9.12 22.18 30.01
N ALA D 970 -8.78 22.23 28.73
CA ALA D 970 -9.24 23.27 27.83
C ALA D 970 -10.71 23.03 27.50
N ASP D 971 -11.51 24.08 27.44
CA ASP D 971 -12.88 23.87 27.01
C ASP D 971 -12.88 23.95 25.47
N LEU D 972 -12.79 22.79 24.82
CA LEU D 972 -12.60 22.81 23.37
C LEU D 972 -13.75 23.43 22.55
N ASP D 973 -14.99 23.10 22.88
CA ASP D 973 -16.19 23.78 22.32
C ASP D 973 -16.12 25.29 22.41
N ALA D 974 -15.81 25.81 23.59
CA ALA D 974 -15.79 27.25 23.73
C ALA D 974 -14.67 27.81 22.92
N GLU D 975 -13.48 27.20 22.97
CA GLU D 975 -12.34 27.79 22.34
C GLU D 975 -12.51 27.76 20.86
N ARG D 976 -13.11 26.66 20.35
CA ARG D 976 -13.42 26.57 18.93
C ARG D 976 -14.26 27.79 18.51
N LYS D 977 -15.24 28.12 19.34
CA LYS D 977 -16.16 29.19 19.01
C LYS D 977 -15.50 30.56 19.05
N VAL D 978 -14.51 30.76 19.91
CA VAL D 978 -13.76 32.01 19.90
C VAL D 978 -13.10 32.16 18.57
N ILE D 979 -12.39 31.13 18.06
CA ILE D 979 -11.63 31.40 16.80
C ILE D 979 -12.61 31.55 15.62
N GLU D 980 -13.71 30.80 15.65
CA GLU D 980 -14.72 30.90 14.59
C GLU D 980 -15.36 32.29 14.51
N LYS D 981 -15.70 32.88 15.65
CA LYS D 981 -16.15 34.28 15.73
C LYS D 981 -15.12 35.27 15.25
N LYS D 982 -13.89 35.17 15.76
CA LYS D 982 -12.83 36.09 15.38
C LYS D 982 -12.64 36.10 13.87
N LEU D 983 -12.78 34.96 13.21
CA LEU D 983 -12.50 34.88 11.76
C LEU D 983 -13.75 34.96 10.90
N GLU D 984 -14.91 34.89 11.56
CA GLU D 984 -16.21 35.04 10.93
C GLU D 984 -16.46 33.92 9.96
N ARG D 985 -15.95 32.74 10.27
CA ARG D 985 -16.19 31.49 9.51
C ARG D 985 -15.98 30.26 10.38
N GLU D 986 -16.36 29.08 9.90
CA GLU D 986 -15.94 27.82 10.58
C GLU D 986 -14.47 27.54 10.26
N VAL D 987 -13.79 26.81 11.14
CA VAL D 987 -12.42 26.35 10.90
C VAL D 987 -12.40 24.82 10.92
N SER D 988 -11.49 24.24 10.18
CA SER D 988 -11.47 22.82 10.14
C SER D 988 -10.92 22.38 11.50
N ASP D 989 -11.02 21.10 11.78
CA ASP D 989 -10.33 20.49 12.91
C ASP D 989 -8.81 20.70 12.87
N PHE D 990 -8.24 20.64 11.69
CA PHE D 990 -6.80 20.90 11.57
C PHE D 990 -6.44 22.33 11.94
N GLU D 991 -7.18 23.31 11.38
CA GLU D 991 -6.96 24.69 11.72
C GLU D 991 -7.18 24.97 13.21
N PHE D 992 -8.09 24.23 13.86
CA PHE D 992 -8.32 24.43 15.25
C PHE D 992 -7.10 23.95 16.04
N ALA D 993 -6.45 22.91 15.53
CA ALA D 993 -5.25 22.35 16.21
C ALA D 993 -4.11 23.35 16.17
N SER D 994 -3.97 24.03 15.04
CA SER D 994 -3.06 25.16 14.87
C SER D 994 -3.36 26.30 15.84
N TYR D 995 -4.63 26.65 15.94
CA TYR D 995 -5.03 27.70 16.86
C TYR D 995 -4.67 27.35 18.30
N LEU D 996 -4.93 26.10 18.68
CA LEU D 996 -4.58 25.61 20.02
C LEU D 996 -3.06 25.70 20.35
N MET D 997 -2.17 25.24 19.47
CA MET D 997 -0.74 25.41 19.58
C MET D 997 -0.26 26.89 19.42
N TYR D 998 -0.75 27.61 18.40
CA TYR D 998 -0.27 28.96 18.12
C TYR D 998 -1.40 29.96 17.83
N PRO D 999 -2.19 30.33 18.87
CA PRO D 999 -3.38 31.14 18.64
C PRO D 999 -3.07 32.42 17.86
N LYS D 1000 -2.02 33.14 18.27
CA LYS D 1000 -1.68 34.41 17.61
C LYS D 1000 -1.15 34.13 16.23
N VAL D 1001 -0.18 33.26 16.12
CA VAL D 1001 0.42 33.04 14.81
C VAL D 1001 -0.62 32.48 13.78
N PHE D 1002 -1.49 31.55 14.22
CA PHE D 1002 -2.54 31.06 13.38
C PHE D 1002 -3.53 32.14 12.94
N THR D 1003 -4.09 32.85 13.92
CA THR D 1003 -4.90 34.02 13.61
C THR D 1003 -4.24 34.94 12.58
N ASP D 1004 -2.96 35.32 12.72
CA ASP D 1004 -2.30 36.21 11.69
C ASP D 1004 -2.20 35.53 10.32
N PHE D 1005 -1.87 34.23 10.33
CA PHE D 1005 -1.81 33.46 9.09
C PHE D 1005 -3.20 33.41 8.39
N ALA D 1006 -4.26 33.15 9.15
CA ALA D 1006 -5.57 33.02 8.55
C ALA D 1006 -6.01 34.35 7.87
N LEU D 1007 -5.71 35.48 8.52
CA LEU D 1007 -5.99 36.81 8.01
C LEU D 1007 -5.05 37.11 6.83
N ALA D 1008 -3.79 36.67 6.92
CA ALA D 1008 -2.88 36.80 5.80
C ALA D 1008 -3.46 36.07 4.56
N SER D 1009 -3.98 34.87 4.77
CA SER D 1009 -4.49 34.05 3.66
C SER D 1009 -5.67 34.70 2.98
N ASP D 1010 -6.42 35.40 3.79
CA ASP D 1010 -7.57 36.04 3.38
C ASP D 1010 -7.32 37.27 2.53
N THR D 1011 -6.25 37.98 2.82
CA THR D 1011 -5.82 39.05 1.95
C THR D 1011 -5.08 38.53 0.70
N TYR D 1012 -4.19 37.56 0.86
CA TYR D 1012 -3.21 37.24 -0.20
C TYR D 1012 -3.47 35.94 -0.90
N GLY D 1013 -4.35 35.13 -0.33
CA GLY D 1013 -4.72 33.86 -1.00
C GLY D 1013 -3.69 32.72 -0.88
N PRO D 1014 -3.66 31.83 -1.87
CA PRO D 1014 -2.94 30.56 -1.60
C PRO D 1014 -1.51 30.68 -2.07
N VAL D 1015 -0.76 31.56 -1.42
CA VAL D 1015 0.58 31.88 -1.89
C VAL D 1015 1.56 30.69 -1.89
N SER D 1016 1.22 29.62 -1.20
CA SER D 1016 2.09 28.53 -1.14
C SER D 1016 2.22 27.92 -2.53
N VAL D 1017 1.29 28.15 -3.46
CA VAL D 1017 1.42 27.62 -4.85
C VAL D 1017 2.46 28.41 -5.68
N LEU D 1018 2.93 29.51 -5.14
CA LEU D 1018 3.94 30.27 -5.83
C LEU D 1018 5.32 29.61 -5.77
N PRO D 1019 6.07 29.65 -6.89
CA PRO D 1019 7.51 29.20 -6.87
C PRO D 1019 8.29 30.10 -5.91
N THR D 1020 9.37 29.54 -5.33
CA THR D 1020 10.19 30.22 -4.31
C THR D 1020 10.70 31.66 -4.70
N PRO D 1021 11.31 31.82 -5.87
CA PRO D 1021 11.75 33.21 -6.24
C PRO D 1021 10.62 34.20 -6.24
N ALA D 1022 9.49 33.83 -6.82
CA ALA D 1022 8.32 34.76 -6.81
C ALA D 1022 7.77 34.95 -5.34
N TYR D 1023 7.79 33.91 -4.49
CA TYR D 1023 7.31 34.08 -3.13
C TYR D 1023 8.15 35.19 -2.45
N PHE D 1024 9.50 35.16 -2.64
CA PHE D 1024 10.38 35.99 -1.81
C PHE D 1024 10.73 37.31 -2.47
N TYR D 1025 10.67 37.36 -3.80
CA TYR D 1025 11.10 38.52 -4.54
C TYR D 1025 10.04 39.05 -5.54
N GLY D 1026 8.90 38.39 -5.72
CA GLY D 1026 7.94 38.92 -6.68
C GLY D 1026 8.48 38.89 -8.11
N LEU D 1027 8.05 39.80 -8.94
CA LEU D 1027 8.23 39.57 -10.35
C LEU D 1027 8.97 40.75 -10.91
N ALA D 1028 10.06 40.43 -11.62
CA ALA D 1028 10.77 41.48 -12.41
C ALA D 1028 9.82 42.03 -13.48
N ASP D 1029 10.11 43.25 -13.93
CA ASP D 1029 9.32 43.92 -14.96
C ASP D 1029 9.36 43.11 -16.27
N GLY D 1030 8.21 42.90 -16.92
CA GLY D 1030 8.18 42.05 -18.10
C GLY D 1030 8.13 40.52 -17.74
N GLU D 1031 8.51 40.12 -16.51
CA GLU D 1031 8.58 38.71 -16.17
C GLU D 1031 7.21 38.01 -16.20
N GLU D 1032 7.20 36.83 -16.78
CA GLU D 1032 6.03 35.98 -16.80
C GLU D 1032 6.15 34.82 -15.81
N LEU D 1033 5.06 34.59 -15.10
CA LEU D 1033 4.93 33.53 -14.13
C LEU D 1033 3.76 32.61 -14.47
N PHE D 1034 3.92 31.31 -14.31
CA PHE D 1034 2.80 30.36 -14.38
C PHE D 1034 2.46 29.88 -12.98
N ALA D 1035 1.29 30.18 -12.46
CA ALA D 1035 0.96 29.64 -11.15
C ALA D 1035 -0.16 28.61 -11.24
N ASP D 1036 0.06 27.46 -10.62
CA ASP D 1036 -1.00 26.45 -10.66
C ASP D 1036 -2.36 26.74 -10.05
N ILE D 1037 -2.49 27.09 -8.79
CA ILE D 1037 -3.82 27.51 -8.26
C ILE D 1037 -4.88 26.43 -8.19
N GLU D 1038 -4.43 25.18 -8.13
CA GLU D 1038 -5.28 23.97 -8.22
C GLU D 1038 -4.90 23.17 -9.47
N LYS D 1039 -5.28 21.88 -9.49
CA LYS D 1039 -4.96 20.95 -10.59
C LYS D 1039 -5.67 21.27 -11.93
N GLY D 1040 -4.85 21.41 -12.98
CA GLY D 1040 -5.30 21.79 -14.34
C GLY D 1040 -5.91 23.19 -14.45
N LYS D 1041 -5.30 24.17 -13.80
CA LYS D 1041 -5.88 25.51 -13.70
C LYS D 1041 -4.80 26.61 -13.64
N THR D 1042 -3.87 26.59 -14.60
CA THR D 1042 -2.76 27.53 -14.63
C THR D 1042 -3.22 28.95 -14.88
N LEU D 1043 -2.68 29.87 -14.07
CA LEU D 1043 -2.71 31.28 -14.31
C LEU D 1043 -1.41 31.76 -14.96
N VAL D 1044 -1.60 32.59 -16.00
CA VAL D 1044 -0.52 33.20 -16.72
C VAL D 1044 -0.54 34.63 -16.24
N ILE D 1045 0.54 35.03 -15.57
CA ILE D 1045 0.68 36.37 -15.01
C ILE D 1045 1.95 37.07 -15.53
N VAL D 1046 1.83 38.30 -16.01
CA VAL D 1046 3.01 39.13 -16.43
C VAL D 1046 2.96 40.47 -15.71
N ASN D 1047 4.09 40.88 -15.13
CA ASN D 1047 4.26 42.19 -14.57
C ASN D 1047 4.56 43.14 -15.71
N GLN D 1048 3.58 43.97 -16.03
CA GLN D 1048 3.78 44.85 -17.16
C GLN D 1048 4.28 46.19 -16.73
N ALA D 1049 3.95 46.68 -15.53
CA ALA D 1049 4.40 48.03 -15.13
C ALA D 1049 4.10 48.27 -13.67
N VAL D 1050 4.85 49.23 -13.12
CA VAL D 1050 4.71 49.65 -11.75
C VAL D 1050 4.81 51.17 -11.76
N SER D 1051 3.83 51.85 -11.13
CA SER D 1051 3.85 53.31 -11.08
C SER D 1051 4.76 53.78 -9.95
N ALA D 1052 5.02 55.09 -9.94
CA ALA D 1052 5.65 55.84 -8.83
C ALA D 1052 4.72 55.74 -7.64
N THR D 1053 5.22 56.00 -6.46
CA THR D 1053 4.26 56.10 -5.40
C THR D 1053 3.43 57.40 -5.47
N ASP D 1054 2.11 57.28 -5.35
CA ASP D 1054 1.24 58.46 -5.49
C ASP D 1054 1.06 59.27 -4.17
N SER D 1055 0.24 60.30 -4.19
CA SER D 1055 -0.24 60.94 -2.94
C SER D 1055 -1.01 59.89 -2.22
N GLN D 1056 -1.18 59.97 -0.93
CA GLN D 1056 -1.83 58.79 -0.33
C GLN D 1056 -0.87 57.56 -0.17
N GLY D 1057 0.29 57.59 -0.84
CA GLY D 1057 1.35 56.58 -0.61
C GLY D 1057 1.10 55.17 -1.17
N MET D 1058 0.36 55.05 -2.27
CA MET D 1058 0.03 53.75 -2.85
C MET D 1058 0.69 53.65 -4.20
N VAL D 1059 1.02 52.42 -4.61
CA VAL D 1059 1.76 52.12 -5.83
C VAL D 1059 0.81 51.22 -6.54
N THR D 1060 0.63 51.43 -7.85
CA THR D 1060 -0.20 50.59 -8.70
C THR D 1060 0.71 49.73 -9.55
N VAL D 1061 0.42 48.43 -9.58
CA VAL D 1061 1.17 47.51 -10.39
C VAL D 1061 0.15 46.97 -11.41
N PHE D 1062 0.61 46.84 -12.66
CA PHE D 1062 -0.21 46.51 -13.81
C PHE D 1062 0.19 45.14 -14.33
N PHE D 1063 -0.78 44.23 -14.41
CA PHE D 1063 -0.54 42.91 -14.86
C PHE D 1063 -1.32 42.61 -16.13
N GLU D 1064 -0.86 41.62 -16.91
CA GLU D 1064 -1.71 40.81 -17.83
C GLU D 1064 -2.03 39.56 -17.00
N LEU D 1065 -3.31 39.25 -16.79
CA LEU D 1065 -3.74 37.98 -16.11
C LEU D 1065 -4.55 37.10 -17.04
N ASN D 1066 -4.00 35.95 -17.42
CA ASN D 1066 -4.68 35.16 -18.46
C ASN D 1066 -5.18 36.04 -19.62
N GLY D 1067 -4.31 36.90 -20.12
CA GLY D 1067 -4.56 37.66 -21.34
C GLY D 1067 -5.57 38.77 -21.11
N GLN D 1068 -5.79 39.16 -19.86
CA GLN D 1068 -6.54 40.35 -19.51
C GLN D 1068 -5.73 41.36 -18.66
N PRO D 1069 -5.96 42.70 -18.85
CA PRO D 1069 -5.27 43.70 -18.03
C PRO D 1069 -5.89 43.86 -16.64
N ARG D 1070 -5.04 43.98 -15.64
CA ARG D 1070 -5.49 44.17 -14.25
C ARG D 1070 -4.55 45.16 -13.62
N ARG D 1071 -5.02 45.88 -12.60
CA ARG D 1071 -4.11 46.64 -11.79
C ARG D 1071 -4.37 46.39 -10.31
N ILE D 1072 -3.31 46.42 -9.54
CA ILE D 1072 -3.40 46.14 -8.08
C ILE D 1072 -2.72 47.31 -7.40
N LYS D 1073 -3.41 47.91 -6.45
CA LYS D 1073 -2.89 49.07 -5.77
C LYS D 1073 -2.41 48.46 -4.43
N VAL D 1074 -1.23 48.88 -3.99
CA VAL D 1074 -0.59 48.34 -2.83
C VAL D 1074 0.19 49.54 -2.17
N PRO D 1075 0.24 49.58 -0.82
CA PRO D 1075 0.96 50.63 -0.13
C PRO D 1075 2.45 50.47 -0.35
N ASP D 1076 3.11 51.62 -0.43
CA ASP D 1076 4.55 51.76 -0.40
C ASP D 1076 4.92 51.70 1.06
N ARG D 1077 5.62 50.63 1.46
CA ARG D 1077 5.86 50.36 2.86
C ARG D 1077 7.19 50.90 3.33
N ALA D 1078 7.96 51.51 2.42
CA ALA D 1078 9.29 52.08 2.77
C ALA D 1078 9.40 52.76 4.17
N HIS D 1079 8.35 53.46 4.59
CA HIS D 1079 8.42 54.16 5.87
C HIS D 1079 7.65 53.53 7.00
N GLY D 1080 7.25 52.28 6.80
CA GLY D 1080 6.45 51.53 7.77
C GLY D 1080 4.95 51.76 7.62
N ALA D 1081 4.51 52.32 6.48
CA ALA D 1081 3.06 52.50 6.22
C ALA D 1081 2.42 51.13 6.07
N THR D 1082 1.14 50.97 6.46
CA THR D 1082 0.40 49.71 6.20
C THR D 1082 -0.75 49.84 5.20
N GLY D 1083 -0.88 51.02 4.59
CA GLY D 1083 -2.00 51.27 3.69
C GLY D 1083 -2.15 52.74 3.38
N ALA D 1084 -3.30 53.07 2.79
CA ALA D 1084 -3.55 54.37 2.20
C ALA D 1084 -3.44 55.53 3.22
N ALA D 1085 -3.21 56.74 2.68
CA ALA D 1085 -3.36 57.99 3.42
C ALA D 1085 -2.17 58.18 4.36
N VAL D 1086 -2.48 58.35 5.64
CA VAL D 1086 -1.52 58.14 6.72
C VAL D 1086 -2.24 57.53 7.95
N ARG D 1087 -3.55 57.80 8.17
CA ARG D 1087 -4.47 58.54 7.27
C ARG D 1087 -4.50 60.06 7.57
N ARG D 1088 -5.61 60.72 7.22
CA ARG D 1088 -5.79 62.11 7.64
C ARG D 1088 -6.90 62.26 8.69
N LYS D 1089 -6.77 63.32 9.50
CA LYS D 1089 -7.66 63.64 10.64
C LYS D 1089 -9.17 63.40 10.42
N ALA D 1090 -9.78 62.65 11.32
CA ALA D 1090 -11.21 62.35 11.19
C ALA D 1090 -12.08 63.55 11.59
N GLU D 1091 -13.33 63.56 11.12
CA GLU D 1091 -14.26 64.66 11.39
C GLU D 1091 -14.65 64.70 12.86
N GLY D 1093 -16.57 63.85 16.31
CA GLY D 1093 -17.55 62.94 15.74
C GLY D 1093 -18.58 63.69 14.93
N ASN D 1094 -19.79 63.12 14.89
CA ASN D 1094 -20.96 63.72 14.23
C ASN D 1094 -21.75 64.65 15.18
N ALA D 1095 -21.03 65.32 16.08
CA ALA D 1095 -21.61 66.28 17.04
C ALA D 1095 -21.15 67.74 16.75
N ALA D 1096 -19.84 68.00 16.86
CA ALA D 1096 -19.24 69.34 16.69
C ALA D 1096 -19.41 69.93 15.29
N HIS D 1097 -19.38 71.27 15.19
CA HIS D 1097 -19.47 71.97 13.90
C HIS D 1097 -18.21 71.81 13.06
N VAL D 1098 -18.11 70.64 12.43
CA VAL D 1098 -17.01 70.31 11.53
C VAL D 1098 -17.58 69.94 10.15
N GLY D 1099 -16.92 70.35 9.09
CA GLY D 1099 -17.28 69.94 7.72
C GLY D 1099 -16.75 68.55 7.33
N ALA D 1100 -17.62 67.53 7.38
CA ALA D 1100 -17.30 66.16 6.93
C ALA D 1100 -17.74 65.87 5.49
N PRO D 1101 -16.88 65.18 4.72
CA PRO D 1101 -17.19 64.71 3.35
C PRO D 1101 -18.28 63.67 3.30
N MET D 1102 -19.31 63.96 2.53
CA MET D 1102 -20.38 63.00 2.33
C MET D 1102 -19.82 61.67 1.77
N PRO D 1103 -19.34 61.64 0.50
CA PRO D 1103 -18.85 60.35 0.02
C PRO D 1103 -17.32 60.35 0.04
N GLY D 1104 -16.67 59.19 -0.09
CA GLY D 1104 -15.20 59.15 -0.31
C GLY D 1104 -14.82 59.79 -1.67
N VAL D 1105 -13.57 60.23 -1.83
CA VAL D 1105 -13.04 60.64 -3.13
C VAL D 1105 -11.98 61.77 -3.14
N ILE D 1106 -11.91 62.56 -4.23
CA ILE D 1106 -10.86 63.59 -4.39
C ILE D 1106 -11.39 65.06 -4.38
N SER D 1107 -10.76 65.98 -3.62
CA SER D 1107 -11.17 67.41 -3.72
C SER D 1107 -10.81 67.98 -5.10
N ARG D 1108 -11.79 68.56 -5.77
CA ARG D 1108 -11.60 69.11 -7.08
C ARG D 1108 -11.11 70.58 -7.03
N VAL D 1109 -11.48 71.29 -5.95
CA VAL D 1109 -11.35 72.76 -5.79
C VAL D 1109 -12.11 73.00 -4.45
N PHE D 1110 -11.66 73.83 -3.48
CA PHE D 1110 -10.58 74.86 -3.46
C PHE D 1110 -11.19 76.26 -3.66
N VAL D 1111 -12.31 76.51 -2.95
CA VAL D 1111 -13.00 77.81 -2.91
C VAL D 1111 -13.10 78.24 -1.43
N SER D 1112 -12.62 79.44 -1.07
CA SER D 1112 -12.76 79.94 0.32
C SER D 1112 -11.72 79.48 1.36
N SER D 1113 -11.41 80.36 2.32
CA SER D 1113 -10.58 80.04 3.50
C SER D 1113 -10.98 80.91 4.70
N GLY D 1114 -11.77 81.98 4.42
CA GLY D 1114 -12.10 82.98 5.50
C GLY D 1114 -13.47 82.95 6.23
N GLN D 1115 -14.66 83.30 5.50
CA GLN D 1115 -16.01 83.46 6.12
C GLN D 1115 -17.25 83.61 5.06
N ALA D 1116 -18.20 82.76 5.42
CA ALA D 1116 -19.32 82.10 4.64
C ALA D 1116 -20.65 82.04 5.39
N VAL D 1117 -21.70 81.74 4.64
CA VAL D 1117 -23.03 81.49 5.18
C VAL D 1117 -23.73 80.31 4.24
N ASN D 1118 -24.97 79.92 4.58
CA ASN D 1118 -25.77 79.12 3.65
C ASN D 1118 -26.74 79.84 2.78
N ASP D 1121 -23.61 78.73 0.66
CA ASP D 1121 -22.36 78.96 -0.08
C ASP D 1121 -21.46 77.68 -0.27
N VAL D 1122 -20.74 77.67 -1.42
CA VAL D 1122 -19.92 76.54 -1.86
C VAL D 1122 -18.53 76.54 -1.18
N LEU D 1123 -18.31 75.63 -0.22
CA LEU D 1123 -16.97 75.50 0.40
C LEU D 1123 -15.99 74.58 -0.35
N VAL D 1124 -16.32 73.30 -0.52
CA VAL D 1124 -15.49 72.38 -1.35
C VAL D 1124 -16.34 71.58 -2.37
N SER D 1125 -15.74 71.21 -3.50
CA SER D 1125 -16.42 70.27 -4.38
C SER D 1125 -15.64 68.96 -4.32
N ILE D 1126 -16.35 67.84 -4.09
CA ILE D 1126 -15.70 66.54 -4.02
C ILE D 1126 -15.94 65.77 -5.34
N GLU D 1127 -14.86 65.38 -6.02
CA GLU D 1127 -14.93 64.61 -7.29
C GLU D 1127 -14.87 63.05 -7.14
N ALA D 1128 -15.94 62.38 -7.59
CA ALA D 1128 -16.13 60.94 -7.43
C ALA D 1128 -16.71 60.25 -8.66
N MET D 1129 -17.81 59.56 -8.40
CA MET D 1129 -18.37 58.55 -9.32
C MET D 1129 -18.83 59.16 -10.67
N LYS D 1130 -17.87 59.39 -11.58
CA LYS D 1130 -18.07 60.12 -12.84
C LYS D 1130 -18.93 61.40 -12.71
N MET D 1131 -18.84 62.05 -11.54
CA MET D 1131 -19.63 63.24 -11.21
C MET D 1131 -18.92 64.14 -10.16
N GLU D 1132 -19.53 65.27 -9.82
CA GLU D 1132 -18.96 66.24 -8.89
C GLU D 1132 -19.98 66.82 -7.92
N THR D 1133 -19.55 67.06 -6.69
CA THR D 1133 -20.45 67.43 -5.60
C THR D 1133 -19.86 68.57 -4.84
N ALA D 1134 -20.65 69.64 -4.69
CA ALA D 1134 -20.30 70.69 -3.77
C ALA D 1134 -20.77 70.22 -2.38
N ILE D 1135 -20.06 70.58 -1.32
CA ILE D 1135 -20.52 70.25 0.05
C ILE D 1135 -21.62 71.22 0.52
N HIS D 1136 -21.41 72.53 0.30
CA HIS D 1136 -22.32 73.59 0.74
C HIS D 1136 -22.25 73.87 2.21
N ALA D 1137 -22.86 74.99 2.59
CA ALA D 1137 -22.92 75.36 3.99
C ALA D 1137 -24.04 74.57 4.67
N GLU D 1138 -23.77 74.11 5.89
CA GLU D 1138 -24.81 73.57 6.78
C GLU D 1138 -25.52 74.71 7.58
N LYS D 1139 -24.74 75.51 8.33
CA LYS D 1139 -25.25 76.66 9.10
C LYS D 1139 -24.75 78.01 8.54
N ASP D 1140 -24.57 79.02 9.39
CA ASP D 1140 -24.02 80.29 8.93
C ASP D 1140 -22.64 80.69 9.78
N GLY D 1141 -21.42 80.78 9.19
CA GLY D 1141 -20.29 80.84 10.24
C GLY D 1141 -18.94 81.09 9.69
N THR D 1142 -17.88 81.51 10.37
CA THR D 1142 -16.49 81.65 9.93
C THR D 1142 -15.62 80.41 10.02
N ILE D 1143 -14.32 80.52 9.69
CA ILE D 1143 -13.47 79.34 9.52
C ILE D 1143 -14.21 78.05 9.94
N ALA D 1144 -13.98 77.56 11.20
CA ALA D 1144 -14.39 76.21 11.67
C ALA D 1144 -13.71 75.08 10.86
N GLU D 1145 -13.06 75.47 9.75
CA GLU D 1145 -12.41 74.62 8.71
C GLU D 1145 -12.96 73.21 8.36
N VAL D 1146 -12.67 72.80 7.14
CA VAL D 1146 -12.63 71.37 6.78
C VAL D 1146 -11.35 71.18 5.97
N LEU D 1147 -10.30 71.88 6.41
CA LEU D 1147 -9.09 72.20 5.63
C LEU D 1147 -8.39 71.05 4.91
N VAL D 1148 -8.32 71.22 3.59
CA VAL D 1148 -7.78 70.21 2.70
C VAL D 1148 -7.59 70.91 1.34
N LYS D 1149 -6.36 70.96 0.85
CA LYS D 1149 -6.06 71.54 -0.46
C LYS D 1149 -6.59 70.63 -1.60
N ALA D 1150 -6.20 70.91 -2.84
CA ALA D 1150 -6.69 70.16 -4.02
C ALA D 1150 -5.55 69.53 -4.86
N GLY D 1151 -5.77 68.36 -5.45
CA GLY D 1151 -6.84 67.46 -5.10
C GLY D 1151 -6.26 66.48 -4.10
N ASP D 1152 -6.50 66.74 -2.82
CA ASP D 1152 -6.24 65.75 -1.77
C ASP D 1152 -7.28 64.66 -1.81
N GLN D 1153 -6.89 63.44 -1.44
CA GLN D 1153 -7.88 62.40 -1.30
C GLN D 1153 -8.38 62.31 0.12
N ILE D 1154 -9.67 61.93 0.23
CA ILE D 1154 -10.42 61.97 1.48
C ILE D 1154 -11.43 60.79 1.52
N ASP D 1155 -12.05 60.50 2.67
CA ASP D 1155 -13.02 59.38 2.73
C ASP D 1155 -14.40 59.61 3.37
N ALA D 1156 -14.48 60.36 4.47
CA ALA D 1156 -15.76 60.53 5.19
C ALA D 1156 -15.51 61.24 6.51
N LYS D 1157 -14.45 62.07 6.50
CA LYS D 1157 -14.00 62.82 7.66
C LYS D 1157 -12.98 63.88 7.19
N ASP D 1158 -13.20 65.14 7.57
CA ASP D 1158 -12.34 66.27 7.14
C ASP D 1158 -11.47 66.79 8.27
CL CL E . -51.38 -13.84 -54.19
CL CL F . -6.94 -37.10 -19.02
PB ADP G . -36.89 0.81 -57.42
O1B ADP G . -38.09 0.39 -58.24
O2B ADP G . -36.37 -0.37 -56.61
O3B ADP G . -37.08 2.12 -56.67
PA ADP G . -34.52 2.27 -58.49
O1A ADP G . -33.47 1.63 -59.42
O2A ADP G . -34.98 3.71 -58.68
O3A ADP G . -35.75 1.19 -58.54
O5' ADP G . -33.97 2.25 -56.98
C5' ADP G . -33.23 3.34 -56.40
C4' ADP G . -31.93 2.75 -55.88
O4' ADP G . -31.33 1.93 -56.90
C3' ADP G . -30.88 3.81 -55.55
O3' ADP G . -30.92 4.19 -54.18
C2' ADP G . -29.59 3.09 -55.92
O2' ADP G . -29.18 2.14 -54.91
C1' ADP G . -29.99 2.33 -57.18
N9 ADP G . -29.87 3.24 -58.36
C8 ADP G . -30.87 3.83 -59.07
N7 ADP G . -30.41 4.62 -60.07
C5 ADP G . -29.06 4.54 -60.03
C6 ADP G . -27.91 5.12 -60.79
N6 ADP G . -28.12 5.94 -61.83
N1 ADP G . -26.64 4.80 -60.41
C2 ADP G . -26.40 3.97 -59.37
N3 ADP G . -27.38 3.41 -58.64
C4 ADP G . -28.70 3.65 -58.91
ZN ZN H . -2.34 -34.47 3.61
MG MG I . -36.54 4.09 -56.33
MG MG J . 8.18 -18.52 14.13
N1A COA K . -31.40 -11.25 -14.61
C2A COA K . -31.99 -12.46 -14.51
N3A COA K . -32.08 -13.37 -15.51
C4A COA K . -31.53 -13.09 -16.73
C5A COA K . -30.87 -11.78 -16.90
C6A COA K . -30.83 -10.84 -15.75
N6A COA K . -30.25 -9.63 -15.82
N7A COA K . -30.41 -11.75 -18.18
C8A COA K . -30.76 -12.92 -18.75
N9A COA K . -31.42 -13.74 -17.90
C1B COA K . -31.96 -15.11 -18.23
C2B COA K . -32.85 -15.06 -19.48
O2B COA K . -33.70 -16.19 -19.65
C3B COA K . -31.77 -15.13 -20.53
O3B COA K . -32.24 -15.22 -21.88
P3B COA K . -32.21 -13.79 -22.69
O7A COA K . -33.65 -13.75 -23.20
O8A COA K . -31.88 -12.65 -21.72
O9A COA K . -31.10 -13.93 -23.73
C4B COA K . -30.75 -16.14 -19.99
O4B COA K . -30.85 -15.96 -18.58
C5B COA K . -29.37 -15.65 -20.34
O5B COA K . -28.57 -16.69 -20.85
P1A COA K . -27.19 -16.10 -21.39
O1A COA K . -26.07 -17.01 -21.00
O2A COA K . -27.19 -14.61 -21.04
O3A COA K . -27.24 -16.44 -22.96
P2A COA K . -27.16 -15.43 -24.20
O4A COA K . -25.74 -15.13 -24.64
O5A COA K . -28.02 -16.35 -25.03
O6A COA K . -27.96 -14.06 -23.74
CCP COA K . -28.04 -12.82 -24.48
CL CL L . -69.89 -79.48 1.62
CL CL M . -37.46 -50.43 37.57
PB ADP N . -67.58 -98.80 10.37
O1B ADP N . -67.55 -97.43 11.04
O2B ADP N . -66.30 -99.36 9.81
O3B ADP N . -68.71 -98.99 9.41
PA ADP N . -67.47 -101.30 11.78
O1A ADP N . -66.47 -101.69 10.70
O2A ADP N . -68.70 -102.15 11.90
O3A ADP N . -67.94 -99.77 11.64
O5' ADP N . -66.79 -101.09 13.21
C5' ADP N . -65.73 -100.14 13.40
C4' ADP N . -64.88 -100.48 14.63
O4' ADP N . -65.66 -100.29 15.82
C3' ADP N . -64.41 -101.89 14.68
O3' ADP N . -63.12 -102.06 14.14
C2' ADP N . -64.26 -102.17 16.13
O2' ADP N . -62.94 -101.75 16.47
C1' ADP N . -65.31 -101.28 16.77
N9 ADP N . -66.52 -102.12 16.99
C8 ADP N . -67.54 -102.24 16.10
N7 ADP N . -68.51 -103.07 16.56
C5 ADP N . -68.09 -103.50 17.76
C6 ADP N . -68.63 -104.39 18.78
N6 ADP N . -69.80 -104.96 18.54
N1 ADP N . -67.94 -104.59 19.91
C2 ADP N . -66.75 -104.02 20.12
N3 ADP N . -66.19 -103.20 19.24
C4 ADP N . -66.79 -102.90 18.06
ZN ZN O . -16.75 -41.72 31.20
MG MG P . -65.06 -101.05 9.23
C11 BTI Q . -54.02 -91.04 11.57
O11 BTI Q . -52.88 -90.81 11.98
C10 BTI Q . -54.43 -90.65 10.15
C9 BTI Q . -55.74 -91.34 9.78
C8 BTI Q . -56.92 -90.56 10.34
C7 BTI Q . -57.25 -89.35 9.46
C2 BTI Q . -58.22 -89.74 8.36
S1 BTI Q . -57.66 -89.30 6.72
C6 BTI Q . -59.28 -89.37 5.98
C5 BTI Q . -60.35 -89.28 7.10
N3 BTI Q . -61.13 -88.04 7.10
C3 BTI Q . -60.93 -87.33 8.24
O3 BTI Q . -61.56 -86.29 8.54
N2 BTI Q . -59.97 -87.92 8.99
C4 BTI Q . -59.70 -89.28 8.50
MG MG R . 2.98 -44.33 40.08
CL CL S . 80.60 86.01 -5.95
CL CL T . 56.61 31.14 -15.88
PB ADP U . 96.83 75.10 1.87
O1B ADP U . 96.34 74.80 3.26
O2B ADP U . 97.02 76.57 1.63
O3B ADP U . 96.08 74.40 0.78
PA ADP U . 99.31 73.69 2.78
O1A ADP U . 100.76 74.01 2.51
O2A ADP U . 98.82 73.78 4.22
O3A ADP U . 98.37 74.54 1.74
O5' ADP U . 99.18 72.17 2.25
C5' ADP U . 97.98 71.44 2.52
C4' ADP U . 98.15 69.95 2.25
O4' ADP U . 98.78 69.64 0.99
C3' ADP U . 99.00 69.23 3.29
O3' ADP U . 98.22 68.82 4.39
C2' ADP U . 99.59 68.06 2.51
O2' ADP U . 98.80 66.87 2.56
C1' ADP U . 99.66 68.51 1.06
N9 ADP U . 101.06 68.94 0.88
C8 ADP U . 101.42 70.23 0.76
N7 ADP U . 102.76 70.35 0.64
C5 ADP U . 103.31 69.12 0.69
C6 ADP U . 104.69 68.55 0.62
N6 ADP U . 105.78 69.35 0.44
N1 ADP U . 104.83 67.20 0.71
C2 ADP U . 103.75 66.41 0.86
N3 ADP U . 102.47 66.86 0.94
C4 ADP U . 102.17 68.19 0.86
ZN ZN V . 45.67 16.74 -1.19
MG MG W . 97.22 74.95 5.16
P PAE X . 91.44 75.81 7.90
P PAE X . 93.98 75.60 4.51
O1P PAE X . 90.11 76.47 8.19
O1P PAE X . 95.15 75.46 5.45
O2P PAE X . 91.63 74.50 8.63
O2P PAE X . 93.55 74.32 3.83
O3P PAE X . 92.65 76.71 8.00
O3P PAE X . 94.13 76.78 3.56
C1P PAE X . 91.45 75.32 6.14
C1P PAE X . 92.60 75.97 5.65
C1 PAE X . 92.87 75.33 5.60
C1 PAE X . 91.22 76.15 5.04
O1 PAE X . 93.04 75.61 4.38
O1 PAE X . 90.43 76.95 5.61
O2 PAE X . 93.82 75.06 6.37
O2 PAE X . 90.91 75.51 4.00
N1A COA Y . 61.29 51.74 14.24
C2A COA Y . 60.28 51.86 13.34
N3A COA Y . 60.52 52.15 12.02
C4A COA Y . 61.78 52.33 11.50
C5A COA Y . 62.93 52.23 12.44
C6A COA Y . 62.59 51.91 13.87
N6A COA Y . 63.59 51.81 14.78
N7A COA Y . 64.06 52.47 11.71
C8A COA Y . 63.68 52.68 10.42
N9A COA Y . 62.32 52.59 10.29
C1B COA Y . 61.53 52.80 9.02
C2B COA Y . 61.76 54.21 8.51
O2B COA Y . 60.64 54.77 7.83
C3B COA Y . 62.91 54.01 7.53
O3B COA Y . 62.85 54.96 6.46
P3B COA Y . 63.57 56.38 6.74
O7A COA Y . 63.81 56.99 5.37
O8A COA Y . 62.47 57.09 7.52
O9A COA Y . 64.88 56.04 7.52
C4B COA Y . 62.95 52.51 7.16
O4B COA Y . 61.92 51.91 7.95
C5B COA Y . 64.34 51.91 7.53
O5B COA Y . 64.87 50.89 6.68
P1A COA Y . 64.80 51.08 5.08
O1A COA Y . 63.52 51.79 4.68
O2A COA Y . 65.12 49.75 4.42
O3A COA Y . 66.04 52.12 4.95
P2A COA Y . 66.90 52.34 3.59
O4A COA Y . 66.19 51.60 2.47
O5A COA Y . 67.15 53.83 3.46
O6A COA Y . 68.27 51.57 4.05
CBP COA Y . 70.29 50.40 3.38
CCP COA Y . 68.76 50.35 3.46
CL CL Z . -7.28 77.26 -12.65
CL CL AA . 1.14 32.22 19.03
PB ADP BA . -26.30 71.51 -19.94
O1B ADP BA . -26.21 73.00 -19.99
O2B ADP BA . -26.10 70.81 -21.26
O3B ADP BA . -25.48 71.05 -18.76
PA ADP BA . -29.05 70.68 -20.48
O1A ADP BA . -28.64 70.36 -21.90
O2A ADP BA . -30.17 71.63 -20.22
O3A ADP BA . -27.84 71.15 -19.52
O5' ADP BA . -29.51 69.31 -19.78
C5' ADP BA . -28.60 68.20 -19.69
C4' ADP BA . -29.35 66.94 -19.32
O4' ADP BA . -30.11 67.11 -18.10
C3' ADP BA . -30.39 66.53 -20.32
O3' ADP BA . -29.85 65.75 -21.37
C2' ADP BA . -31.36 65.72 -19.49
O2' ADP BA . -30.82 64.46 -19.13
C1' ADP BA . -31.37 66.43 -18.19
N9 ADP BA . -32.50 67.40 -18.10
C8 ADP BA . -32.42 68.73 -18.27
N7 ADP BA . -33.62 69.33 -18.09
C5 ADP BA . -34.51 68.35 -17.81
C6 ADP BA . -35.97 68.26 -17.52
N6 ADP BA . -36.74 69.37 -17.47
N1 ADP BA . -36.49 67.03 -17.28
C2 ADP BA . -35.75 65.91 -17.31
N3 ADP BA . -34.42 65.93 -17.58
C4 ADP BA . -33.76 67.08 -17.82
ZN ZN CA . 18.10 16.90 14.97
MG MG DA . -26.80 69.98 -22.98
MG MG EA . 17.47 -4.78 12.74
#